data_6EOS
#
_entry.id   6EOS
#
_cell.length_a   148.122
_cell.length_b   266.778
_cell.length_c   268.092
_cell.angle_alpha   90.00
_cell.angle_beta   90.00
_cell.angle_gamma   90.00
#
_symmetry.space_group_name_H-M   'P 21 21 21'
#
loop_
_entity.id
_entity.type
_entity.pdbx_description
1 polymer 'Dipeptidyl peptidase 8'
2 water water
#
_entity_poly.entity_id   1
_entity_poly.type   'polypeptide(L)'
_entity_poly.pdbx_seq_one_letter_code
;MWKRSEQMKIKSGKCNMAAAMETEQLGVEIFETADCEENIESQDRPKLEPFYVERYSWSQLKKLLADTRKYHGYMMAKAP
HDFMFVKRNDPDGPHSDRIYYLAMSGENRENTLFYSEIPKTINRAAVLMLSWKPLLDLFQATLDYGMYSREEELLRERKR
IGTVGIASYDYHQGSGTFLFQAGSGIYHVKDGGPQGFTQQPLRPNLVETSCPNIRMDPKLCPADPDWIAFIHSNDIWISN
IVTREERRLTYVHNELANMEEDARSAGVATFVLQEEFDRYSGYWWCPKAETTPSGGKILRILYEENDESEVEIIHVTSPM
LETRRADSFRYPKTGTANPKVTFKMSEIMIDAEGRIIDVIDKELIQPFEILFEGVEYIARAGWTPEGKYAWSILLDRSQT
RLQIVLISPELFIPVEDDVMERQRLIESVPDSVTPLIIYEETTDIWINIHDIFHVFPQSHEEEIEFIFASECKTGFRHLY
KITSILKESKYKRSSGGLPAPSDFKCPIKEEIAITSGEWEVLGRHGSNIQVDEVRRLVYFEGTKDSPLEHHLYVVSYVNP
GEVTRLTDRGYSHSCCISQHCDFFISKYSNQKNPHCVSLYKLSSPEDDPTCKTKEFWATILDSAGPLPDYTPPEIFSFES
TTGFTLYGMLYKPHDLQPGKKYPTVLFIYGGPQVQLVNNRFKGVKYFRLNTLASLGYVVVVIDNRGSCHRGLKFEGAFKY
KMGQIEIDDQVEGLQYLASRYDFIDLDRVGIHGWSYGGYLSLMALMQRSDIFRVAIAGAPVTLWIFYDTGYTERYMGHPD
QNEQGYYLGSVAMQAEKFPSEPNRLLLLHGFLDENVHFAHTSILLSFLVRAGKPYDLQIYPQERHSIRVPESGEHYELHL
LHYLQENLGSRIAALKVI
;
_entity_poly.pdbx_strand_id   A,C,D,E,F,B
#
# COMPACT_ATOMS: atom_id res chain seq x y z
N LEU A 48 77.05 55.53 -12.64
CA LEU A 48 75.79 55.43 -11.83
C LEU A 48 75.77 54.09 -11.05
N GLU A 49 75.17 54.13 -9.85
CA GLU A 49 75.13 52.98 -8.94
C GLU A 49 73.85 52.18 -9.17
N PRO A 50 73.90 50.83 -9.09
CA PRO A 50 72.69 50.02 -9.35
C PRO A 50 71.60 50.09 -8.26
N PHE A 51 70.34 49.96 -8.69
CA PHE A 51 69.19 49.76 -7.80
C PHE A 51 68.92 48.24 -7.73
N TYR A 52 68.54 47.77 -6.55
CA TYR A 52 68.14 46.37 -6.36
C TYR A 52 66.78 46.32 -5.66
N VAL A 53 65.88 45.51 -6.19
CA VAL A 53 64.48 45.44 -5.70
C VAL A 53 64.41 44.69 -4.38
N GLU A 54 63.39 44.99 -3.59
CA GLU A 54 63.21 44.39 -2.27
C GLU A 54 62.81 42.92 -2.38
N ARG A 55 63.64 42.03 -1.83
CA ARG A 55 63.32 40.60 -1.76
C ARG A 55 62.19 40.36 -0.76
N TYR A 56 61.02 40.03 -1.29
CA TYR A 56 59.94 39.42 -0.51
C TYR A 56 59.99 37.90 -0.74
N SER A 57 59.36 37.14 0.15
CA SER A 57 59.21 35.70 -0.05
C SER A 57 58.04 35.40 -0.97
N TRP A 58 57.97 34.15 -1.43
CA TRP A 58 56.85 33.65 -2.25
C TRP A 58 55.50 33.89 -1.55
N SER A 59 55.49 33.64 -0.24
CA SER A 59 54.29 33.85 0.59
C SER A 59 53.89 35.33 0.69
N GLN A 60 54.89 36.21 0.77
CA GLN A 60 54.66 37.66 0.85
C GLN A 60 54.16 38.26 -0.46
N LEU A 61 54.81 37.89 -1.57
CA LEU A 61 54.41 38.36 -2.91
C LEU A 61 52.99 37.93 -3.30
N LYS A 62 52.58 36.74 -2.86
CA LYS A 62 51.21 36.26 -3.09
C LYS A 62 50.19 37.19 -2.43
N LYS A 63 50.49 37.61 -1.20
CA LYS A 63 49.68 38.61 -0.49
C LYS A 63 49.78 40.00 -1.15
N LEU A 64 50.99 40.38 -1.56
CA LEU A 64 51.22 41.64 -2.28
C LEU A 64 50.30 41.70 -3.49
N LEU A 65 50.39 40.70 -4.36
CA LEU A 65 49.57 40.60 -5.57
C LEU A 65 48.07 40.48 -5.29
N ALA A 66 47.73 39.80 -4.20
CA ALA A 66 46.33 39.65 -3.79
C ALA A 66 45.73 41.00 -3.43
N ASP A 67 46.34 41.67 -2.46
CA ASP A 67 45.89 42.99 -2.02
C ASP A 67 45.82 43.96 -3.19
N THR A 68 46.91 44.01 -3.96
CA THR A 68 46.96 44.84 -5.17
C THR A 68 45.75 44.61 -6.07
N ARG A 69 45.28 43.36 -6.11
CA ARG A 69 44.07 42.97 -6.84
C ARG A 69 42.81 42.99 -5.97
N LYS A 70 42.97 43.23 -4.67
CA LYS A 70 41.82 43.31 -3.74
C LYS A 70 40.62 44.09 -4.30
N TYR A 71 40.89 44.94 -5.29
CA TYR A 71 39.87 45.79 -5.90
C TYR A 71 39.53 45.27 -7.29
N HIS A 72 39.09 46.18 -8.18
CA HIS A 72 38.81 45.85 -9.57
C HIS A 72 37.55 45.00 -9.68
N LYS A 78 32.42 43.97 -17.68
CA LYS A 78 32.31 44.13 -19.14
C LYS A 78 31.44 45.34 -19.49
N ALA A 79 31.92 46.15 -20.44
CA ALA A 79 31.18 47.31 -20.94
C ALA A 79 30.04 46.89 -21.86
N PRO A 80 29.07 47.79 -22.13
CA PRO A 80 27.99 47.46 -23.07
C PRO A 80 28.43 47.27 -24.52
N HIS A 81 27.59 46.59 -25.31
CA HIS A 81 27.92 46.24 -26.70
C HIS A 81 26.69 45.74 -27.48
N ASP A 82 26.88 45.54 -28.78
CA ASP A 82 25.82 45.08 -29.70
C ASP A 82 24.57 45.95 -29.57
N PHE A 83 24.77 47.25 -29.71
CA PHE A 83 23.69 48.23 -29.59
C PHE A 83 22.75 48.18 -30.77
N MET A 84 21.49 48.56 -30.53
CA MET A 84 20.49 48.67 -31.57
C MET A 84 19.57 49.84 -31.25
N PHE A 85 19.17 50.58 -32.27
CA PHE A 85 18.24 51.70 -32.14
C PHE A 85 16.93 51.33 -32.80
N VAL A 86 15.83 51.55 -32.09
CA VAL A 86 14.47 51.37 -32.63
C VAL A 86 13.68 52.62 -32.34
N LYS A 87 12.96 53.12 -33.34
CA LYS A 87 12.15 54.33 -33.21
C LYS A 87 10.87 54.04 -32.44
N ARG A 88 10.53 54.95 -31.53
CA ARG A 88 9.30 54.84 -30.75
C ARG A 88 8.06 55.15 -31.60
N ASN A 89 8.23 56.01 -32.62
CA ASN A 89 7.15 56.44 -33.52
C ASN A 89 5.94 56.97 -32.75
N ASP A 90 6.23 57.75 -31.72
CA ASP A 90 5.21 58.31 -30.82
C ASP A 90 5.34 59.84 -30.87
N PRO A 91 4.50 60.52 -31.68
CA PRO A 91 4.51 61.99 -31.74
C PRO A 91 4.23 62.66 -30.39
N ASP A 92 3.28 62.09 -29.64
CA ASP A 92 2.94 62.57 -28.30
C ASP A 92 4.00 62.23 -27.24
N GLY A 93 4.71 61.11 -27.45
CA GLY A 93 5.64 60.57 -26.45
C GLY A 93 6.91 61.38 -26.26
N PRO A 94 7.57 61.25 -25.10
CA PRO A 94 8.78 62.04 -24.81
C PRO A 94 10.10 61.47 -25.35
N HIS A 95 10.08 60.23 -25.83
CA HIS A 95 11.29 59.54 -26.31
C HIS A 95 11.22 59.32 -27.82
N SER A 96 12.35 59.54 -28.50
CA SER A 96 12.46 59.33 -29.95
C SER A 96 12.83 57.88 -30.22
N ASP A 97 14.00 57.47 -29.72
CA ASP A 97 14.51 56.12 -29.89
C ASP A 97 14.45 55.36 -28.57
N ARG A 98 14.63 54.05 -28.67
CA ARG A 98 14.98 53.19 -27.54
C ARG A 98 16.17 52.36 -27.99
N ILE A 99 17.21 52.31 -27.17
CA ILE A 99 18.39 51.49 -27.45
C ILE A 99 18.35 50.18 -26.67
N TYR A 100 18.66 49.07 -27.36
CA TYR A 100 18.85 47.76 -26.73
C TYR A 100 20.32 47.41 -26.82
N TYR A 101 20.82 46.68 -25.82
CA TYR A 101 22.24 46.36 -25.75
C TYR A 101 22.54 45.24 -24.75
N LEU A 102 23.67 44.58 -24.96
CA LEU A 102 24.16 43.56 -24.04
C LEU A 102 25.18 44.16 -23.09
N ALA A 103 25.08 43.78 -21.81
CA ALA A 103 26.00 44.25 -20.76
C ALA A 103 25.83 43.40 -19.50
N MET A 104 26.68 43.63 -18.50
CA MET A 104 26.61 42.93 -17.21
C MET A 104 25.84 43.72 -16.14
N SER A 105 25.33 43.00 -15.14
CA SER A 105 24.47 43.54 -14.06
C SER A 105 24.94 44.88 -13.48
N GLU A 110 26.69 38.59 -14.77
CA GLU A 110 25.68 37.99 -15.65
C GLU A 110 25.43 38.88 -16.88
N ASN A 111 25.90 38.44 -18.04
CA ASN A 111 25.83 39.21 -19.29
C ASN A 111 24.46 39.02 -19.98
N THR A 112 23.70 40.12 -20.11
CA THR A 112 22.29 40.05 -20.57
C THR A 112 21.80 41.31 -21.28
N LEU A 113 20.58 41.22 -21.84
CA LEU A 113 19.95 42.32 -22.57
C LEU A 113 19.33 43.40 -21.67
N PHE A 114 19.77 44.64 -21.87
CA PHE A 114 19.21 45.82 -21.22
C PHE A 114 18.60 46.74 -22.27
N TYR A 115 17.95 47.80 -21.80
CA TYR A 115 17.52 48.90 -22.68
C TYR A 115 17.44 50.23 -21.95
N SER A 116 17.51 51.31 -22.73
CA SER A 116 17.36 52.67 -22.25
C SER A 116 16.45 53.47 -23.16
N GLU A 117 15.88 54.53 -22.61
CA GLU A 117 14.99 55.43 -23.34
C GLU A 117 15.77 56.67 -23.78
N ILE A 118 15.76 56.96 -25.07
CA ILE A 118 16.45 58.11 -25.66
C ILE A 118 15.44 59.25 -25.79
N PRO A 119 15.59 60.31 -24.96
CA PRO A 119 14.60 61.40 -25.00
C PRO A 119 14.71 62.28 -26.24
N LYS A 120 13.61 62.96 -26.55
CA LYS A 120 13.55 63.89 -27.69
C LYS A 120 14.28 65.21 -27.41
N THR A 121 14.51 65.51 -26.13
CA THR A 121 15.26 66.68 -25.71
C THR A 121 15.95 66.42 -24.37
N ILE A 122 16.90 67.28 -24.02
CA ILE A 122 17.69 67.13 -22.79
C ILE A 122 17.90 68.46 -22.06
N ASN A 123 18.12 68.37 -20.76
CA ASN A 123 18.60 69.49 -19.95
C ASN A 123 20.09 69.64 -20.24
N ARG A 124 20.45 70.63 -21.05
CA ARG A 124 21.85 70.86 -21.44
C ARG A 124 22.73 71.50 -20.34
N ALA A 125 22.14 71.80 -19.19
CA ALA A 125 22.90 72.24 -18.00
C ALA A 125 23.69 71.09 -17.35
N ALA A 126 23.05 69.91 -17.24
CA ALA A 126 23.64 68.75 -16.55
C ALA A 126 23.71 67.49 -17.43
N VAL A 127 24.54 66.54 -17.00
CA VAL A 127 24.79 65.30 -17.72
C VAL A 127 23.71 64.28 -17.38
N LEU A 128 22.96 63.83 -18.39
CA LEU A 128 21.94 62.79 -18.23
C LEU A 128 22.59 61.40 -18.22
N MET A 129 22.40 60.66 -17.13
CA MET A 129 22.73 59.23 -17.07
C MET A 129 21.50 58.43 -17.52
N LEU A 130 21.72 57.37 -18.28
CA LEU A 130 20.62 56.56 -18.82
C LEU A 130 20.33 55.37 -17.92
N SER A 131 19.06 55.15 -17.61
CA SER A 131 18.62 54.05 -16.76
C SER A 131 18.71 52.74 -17.53
N TRP A 132 19.45 51.77 -16.97
CA TRP A 132 19.57 50.44 -17.57
C TRP A 132 18.37 49.58 -17.19
N LYS A 133 17.32 49.65 -18.00
CA LYS A 133 16.13 48.85 -17.78
C LYS A 133 16.41 47.43 -18.25
N PRO A 134 16.35 46.43 -17.33
CA PRO A 134 16.60 45.06 -17.80
C PRO A 134 15.42 44.54 -18.62
N LEU A 135 15.72 43.95 -19.77
CA LEU A 135 14.69 43.39 -20.65
C LEU A 135 14.17 42.03 -20.16
N LEU A 136 15.02 41.28 -19.45
CA LEU A 136 14.76 39.86 -19.13
C LEU A 136 14.74 39.55 -17.63
N ASP A 137 14.40 38.29 -17.32
CA ASP A 137 14.47 37.72 -15.97
C ASP A 137 14.41 36.20 -16.03
N LEU A 138 15.45 35.52 -15.53
CA LEU A 138 15.51 34.04 -15.53
C LEU A 138 16.46 33.50 -14.48
N GLY A 165 24.61 33.40 -19.74
CA GLY A 165 25.17 34.55 -20.47
C GLY A 165 24.73 34.59 -21.92
N ILE A 166 24.30 35.76 -22.38
CA ILE A 166 23.92 35.98 -23.78
C ILE A 166 25.11 36.65 -24.48
N ALA A 167 25.77 35.90 -25.35
CA ALA A 167 26.94 36.40 -26.08
C ALA A 167 26.53 37.38 -27.18
N SER A 168 25.55 36.96 -27.98
CA SER A 168 25.03 37.76 -29.10
C SER A 168 23.52 37.58 -29.21
N TYR A 169 22.91 38.37 -30.09
CA TYR A 169 21.47 38.22 -30.35
C TYR A 169 21.07 38.65 -31.76
N ASP A 170 19.95 38.08 -32.20
CA ASP A 170 19.35 38.37 -33.50
C ASP A 170 18.10 39.22 -33.26
N TYR A 171 17.64 39.91 -34.30
CA TYR A 171 16.44 40.75 -34.20
C TYR A 171 15.79 40.90 -35.56
N HIS A 172 14.46 40.83 -35.56
CA HIS A 172 13.66 41.11 -36.74
C HIS A 172 12.93 42.42 -36.50
N GLN A 173 13.24 43.42 -37.33
CA GLN A 173 12.67 44.78 -37.19
C GLN A 173 11.15 44.81 -37.32
N GLY A 174 10.62 44.00 -38.26
CA GLY A 174 9.20 44.01 -38.61
C GLY A 174 8.23 43.51 -37.55
N SER A 175 8.65 42.49 -36.80
CA SER A 175 7.84 41.87 -35.74
C SER A 175 8.32 42.16 -34.32
N GLY A 176 9.52 42.73 -34.19
CA GLY A 176 10.11 43.07 -32.90
C GLY A 176 10.70 41.88 -32.15
N THR A 177 10.98 40.80 -32.87
CA THR A 177 11.35 39.51 -32.28
C THR A 177 12.84 39.41 -31.96
N PHE A 178 13.18 39.22 -30.69
CA PHE A 178 14.55 38.87 -30.29
C PHE A 178 14.75 37.36 -30.34
N LEU A 179 15.95 36.94 -30.72
CA LEU A 179 16.37 35.54 -30.64
C LEU A 179 17.80 35.49 -30.13
N PHE A 180 18.09 34.58 -29.20
CA PHE A 180 19.39 34.52 -28.56
C PHE A 180 19.60 33.21 -27.80
N GLN A 181 20.76 32.59 -28.00
CA GLN A 181 21.16 31.46 -27.18
C GLN A 181 21.58 31.99 -25.81
N ALA A 182 21.18 31.28 -24.77
CA ALA A 182 21.60 31.56 -23.40
C ALA A 182 21.85 30.24 -22.69
N GLY A 183 23.11 29.80 -22.72
CA GLY A 183 23.49 28.49 -22.19
C GLY A 183 23.03 27.38 -23.13
N SER A 184 22.37 26.38 -22.57
CA SER A 184 21.80 25.28 -23.35
C SER A 184 20.68 25.75 -24.27
N GLY A 185 19.73 26.50 -23.68
CA GLY A 185 18.53 26.91 -24.39
C GLY A 185 18.70 28.03 -25.40
N ILE A 186 17.71 28.14 -26.28
CA ILE A 186 17.59 29.20 -27.27
C ILE A 186 16.22 29.83 -27.03
N TYR A 187 16.23 31.08 -26.58
CA TYR A 187 15.02 31.75 -26.12
C TYR A 187 14.63 32.86 -27.08
N HIS A 188 13.41 33.35 -26.92
CA HIS A 188 12.91 34.48 -27.72
C HIS A 188 11.89 35.31 -26.94
N VAL A 189 11.94 36.63 -27.14
CA VAL A 189 10.92 37.56 -26.64
C VAL A 189 10.56 38.54 -27.76
N LYS A 190 9.52 39.34 -27.53
CA LYS A 190 9.11 40.38 -28.47
C LYS A 190 9.05 41.75 -27.80
N ASP A 191 9.67 42.74 -28.44
CA ASP A 191 9.63 44.13 -27.97
C ASP A 191 9.99 45.12 -29.06
N GLY A 192 9.33 46.27 -29.05
CA GLY A 192 9.60 47.37 -29.97
C GLY A 192 9.10 47.21 -31.41
N GLY A 193 8.28 46.19 -31.66
CA GLY A 193 7.75 45.93 -32.99
C GLY A 193 6.44 46.66 -33.21
N PRO A 194 5.48 46.04 -33.92
CA PRO A 194 4.15 46.64 -34.02
C PRO A 194 3.35 46.51 -32.73
N GLN A 195 3.61 45.45 -31.97
CA GLN A 195 2.92 45.16 -30.71
C GLN A 195 3.46 45.94 -29.50
N GLY A 196 4.42 46.85 -29.72
CA GLY A 196 4.71 47.91 -28.75
C GLY A 196 5.92 47.71 -27.86
N PHE A 197 6.10 48.66 -26.94
CA PHE A 197 7.23 48.71 -26.02
C PHE A 197 6.80 48.39 -24.59
N THR A 198 7.44 47.40 -23.99
CA THR A 198 7.18 47.02 -22.59
C THR A 198 7.77 48.04 -21.61
N GLN A 199 7.16 48.15 -20.42
CA GLN A 199 7.68 48.95 -19.29
C GLN A 199 8.11 48.07 -18.10
N GLN A 200 8.49 46.83 -18.37
CA GLN A 200 9.00 45.91 -17.36
C GLN A 200 9.77 44.76 -18.02
N PRO A 201 10.43 43.89 -17.23
CA PRO A 201 11.02 42.69 -17.81
C PRO A 201 10.02 41.74 -18.50
N LEU A 202 10.53 40.97 -19.45
CA LEU A 202 9.77 39.98 -20.22
C LEU A 202 10.39 38.61 -20.01
N ARG A 203 9.55 37.58 -19.93
CA ARG A 203 10.02 36.22 -19.65
C ARG A 203 10.59 35.60 -20.93
N PRO A 204 11.83 35.06 -20.88
CA PRO A 204 12.37 34.34 -22.03
C PRO A 204 11.58 33.06 -22.36
N ASN A 205 11.21 32.91 -23.64
CA ASN A 205 10.40 31.80 -24.11
C ASN A 205 11.28 30.78 -24.83
N LEU A 206 11.54 29.65 -24.16
CA LEU A 206 12.31 28.55 -24.72
C LEU A 206 11.73 28.06 -26.05
N VAL A 207 12.61 27.73 -26.99
CA VAL A 207 12.22 26.99 -28.20
C VAL A 207 12.40 25.52 -27.84
N GLU A 208 11.32 24.75 -27.87
CA GLU A 208 11.38 23.33 -27.51
C GLU A 208 12.14 22.51 -28.56
N THR A 209 12.60 21.31 -28.18
CA THR A 209 13.41 20.50 -29.09
C THR A 209 13.39 18.98 -28.85
N SER A 210 13.48 18.26 -29.97
CA SER A 210 13.74 16.82 -29.99
C SER A 210 15.24 16.49 -29.98
N CYS A 211 16.09 17.51 -30.12
CA CYS A 211 17.54 17.33 -30.21
C CYS A 211 18.13 16.94 -28.85
N PRO A 212 18.98 15.90 -28.82
CA PRO A 212 19.62 15.52 -27.56
C PRO A 212 20.68 16.52 -27.08
N ASN A 213 21.45 17.04 -28.03
CA ASN A 213 22.63 17.85 -27.75
C ASN A 213 22.32 19.33 -27.73
N ILE A 214 23.32 20.10 -27.30
CA ILE A 214 23.23 21.56 -27.22
C ILE A 214 23.12 22.18 -28.62
N ARG A 215 22.21 23.13 -28.76
CA ARG A 215 21.92 23.77 -30.04
C ARG A 215 22.71 25.07 -30.17
N MET A 216 23.64 25.09 -31.13
CA MET A 216 24.53 26.22 -31.34
C MET A 216 24.13 27.06 -32.55
N ASP A 217 24.42 28.36 -32.48
CA ASP A 217 24.30 29.30 -33.60
C ASP A 217 22.85 29.48 -34.06
N PRO A 218 22.01 30.10 -33.21
CA PRO A 218 20.65 30.42 -33.62
C PRO A 218 20.61 31.64 -34.54
N LYS A 219 19.76 31.58 -35.56
CA LYS A 219 19.53 32.72 -36.47
C LYS A 219 18.06 32.82 -36.88
N LEU A 220 17.46 33.98 -36.61
CA LEU A 220 16.13 34.34 -37.14
C LEU A 220 16.15 34.45 -38.66
N CYS A 221 15.18 33.79 -39.31
CA CYS A 221 14.94 34.00 -40.74
C CYS A 221 14.38 35.43 -40.92
N PRO A 222 15.08 36.28 -41.71
CA PRO A 222 14.59 37.66 -41.87
C PRO A 222 13.24 37.80 -42.56
N ALA A 223 12.94 36.88 -43.48
CA ALA A 223 11.68 36.89 -44.22
C ALA A 223 10.50 36.51 -43.34
N ASP A 224 10.63 35.41 -42.60
CA ASP A 224 9.61 34.94 -41.66
C ASP A 224 10.19 34.83 -40.24
N PRO A 225 9.77 35.73 -39.32
CA PRO A 225 10.26 35.65 -37.93
C PRO A 225 9.68 34.50 -37.09
N ASP A 226 8.68 33.79 -37.62
CA ASP A 226 8.21 32.53 -37.03
C ASP A 226 9.27 31.42 -37.13
N TRP A 227 10.01 31.38 -38.24
CA TRP A 227 11.10 30.41 -38.44
C TRP A 227 12.45 30.89 -37.90
N ILE A 228 13.22 29.94 -37.36
CA ILE A 228 14.64 30.12 -37.03
C ILE A 228 15.45 28.92 -37.53
N ALA A 229 16.77 29.09 -37.54
CA ALA A 229 17.71 27.99 -37.81
C ALA A 229 18.69 27.86 -36.66
N PHE A 230 19.27 26.67 -36.53
CA PHE A 230 20.38 26.44 -35.61
C PHE A 230 21.18 25.21 -36.03
N ILE A 231 22.34 25.05 -35.42
CA ILE A 231 23.18 23.89 -35.65
C ILE A 231 22.97 22.88 -34.53
N HIS A 232 23.02 21.60 -34.90
CA HIS A 232 23.00 20.50 -33.94
C HIS A 232 23.88 19.38 -34.50
N SER A 233 24.94 19.03 -33.76
CA SER A 233 25.91 18.01 -34.18
C SER A 233 26.40 18.26 -35.62
N ASN A 234 26.78 19.51 -35.89
CA ASN A 234 27.29 19.95 -37.19
C ASN A 234 26.34 19.71 -38.37
N ASP A 235 25.05 19.90 -38.10
CA ASP A 235 24.01 19.86 -39.13
C ASP A 235 22.98 20.95 -38.84
N ILE A 236 22.42 21.50 -39.91
CA ILE A 236 21.51 22.64 -39.81
C ILE A 236 20.11 22.11 -39.53
N TRP A 237 19.50 22.63 -38.46
CA TRP A 237 18.11 22.35 -38.13
C TRP A 237 17.34 23.66 -38.17
N ILE A 238 16.06 23.58 -38.53
CA ILE A 238 15.16 24.74 -38.46
C ILE A 238 13.95 24.40 -37.59
N SER A 239 13.48 25.40 -36.86
CA SER A 239 12.42 25.23 -35.88
C SER A 239 11.50 26.43 -35.96
N ASN A 240 10.19 26.16 -36.05
CA ASN A 240 9.19 27.21 -35.95
C ASN A 240 8.88 27.45 -34.48
N ILE A 241 8.71 28.72 -34.09
CA ILE A 241 8.50 29.09 -32.69
C ILE A 241 7.02 29.38 -32.34
N VAL A 242 6.10 29.09 -33.27
CA VAL A 242 4.65 29.07 -32.99
C VAL A 242 3.94 27.75 -33.35
N THR A 243 4.35 27.10 -34.44
CA THR A 243 3.81 25.78 -34.82
C THR A 243 4.53 24.64 -34.09
N ARG A 244 5.69 24.95 -33.50
CA ARG A 244 6.55 23.98 -32.78
C ARG A 244 7.13 22.87 -33.68
N GLU A 245 7.17 23.12 -34.99
CA GLU A 245 7.68 22.15 -35.94
C GLU A 245 9.19 22.25 -35.98
N GLU A 246 9.87 21.10 -35.94
CA GLU A 246 11.33 21.04 -36.01
C GLU A 246 11.73 20.12 -37.15
N ARG A 247 12.88 20.39 -37.76
CA ARG A 247 13.33 19.63 -38.92
C ARG A 247 14.83 19.74 -39.15
N ARG A 248 15.49 18.59 -39.24
CA ARG A 248 16.89 18.50 -39.65
C ARG A 248 16.99 18.73 -41.16
N LEU A 249 17.87 19.65 -41.57
CA LEU A 249 18.05 20.01 -42.99
C LEU A 249 19.26 19.39 -43.68
N THR A 250 20.29 19.01 -42.92
CA THR A 250 21.46 18.31 -43.47
C THR A 250 21.72 17.00 -42.74
N TYR A 251 22.14 15.99 -43.49
CA TYR A 251 22.43 14.66 -42.95
C TYR A 251 23.85 14.29 -43.36
N VAL A 252 24.79 15.01 -42.75
CA VAL A 252 26.21 14.97 -43.10
C VAL A 252 27.01 14.30 -41.99
N HIS A 253 26.94 14.87 -40.79
CA HIS A 253 27.64 14.34 -39.63
C HIS A 253 26.71 13.44 -38.82
N ASN A 254 27.14 12.19 -38.62
CA ASN A 254 26.46 11.25 -37.74
C ASN A 254 27.20 11.24 -36.39
N GLU A 255 26.51 11.66 -35.34
CA GLU A 255 27.14 11.87 -34.02
C GLU A 255 27.55 10.58 -33.30
N LEU A 256 26.85 9.48 -33.57
CA LEU A 256 27.13 8.18 -32.92
C LEU A 256 28.45 7.56 -33.39
N ALA A 257 28.78 7.76 -34.67
CA ALA A 257 30.11 7.37 -35.20
C ALA A 257 31.20 8.31 -34.68
N ASN A 258 32.42 7.80 -34.56
CA ASN A 258 33.52 8.52 -33.89
C ASN A 258 34.29 9.49 -34.82
N MET A 259 35.38 10.06 -34.30
CA MET A 259 36.24 11.04 -35.00
C MET A 259 36.62 10.70 -36.45
N GLU A 260 37.53 9.73 -36.63
CA GLU A 260 38.16 9.47 -37.93
C GLU A 260 37.21 8.99 -39.03
N GLU A 261 36.29 8.10 -38.66
CA GLU A 261 35.38 7.48 -39.64
C GLU A 261 34.29 8.42 -40.23
N ASP A 262 34.02 9.54 -39.56
CA ASP A 262 33.04 10.54 -40.06
C ASP A 262 33.73 11.87 -40.45
N ALA A 263 33.70 12.87 -39.56
CA ALA A 263 34.39 14.17 -39.77
C ALA A 263 34.00 14.95 -41.04
N ARG A 264 32.70 15.13 -41.22
CA ARG A 264 32.17 16.12 -42.16
C ARG A 264 31.25 17.05 -41.37
N SER A 265 30.82 18.14 -42.00
CA SER A 265 30.00 19.14 -41.33
C SER A 265 29.33 20.11 -42.30
N ALA A 266 28.23 20.70 -41.84
CA ALA A 266 27.44 21.66 -42.62
C ALA A 266 26.92 22.75 -41.71
N GLY A 267 27.04 24.00 -42.16
CA GLY A 267 26.60 25.17 -41.38
C GLY A 267 27.63 25.72 -40.40
N VAL A 268 28.79 25.09 -40.32
CA VAL A 268 29.80 25.40 -39.29
C VAL A 268 31.11 25.83 -39.94
N ALA A 269 31.80 26.75 -39.27
CA ALA A 269 33.11 27.23 -39.70
C ALA A 269 34.17 26.35 -39.07
N THR A 270 35.17 25.95 -39.87
CA THR A 270 36.27 25.12 -39.38
C THR A 270 37.21 25.90 -38.45
N PHE A 271 38.12 25.18 -37.80
CA PHE A 271 39.09 25.77 -36.87
C PHE A 271 39.80 27.00 -37.42
N VAL A 272 40.35 26.86 -38.63
CA VAL A 272 41.16 27.90 -39.25
C VAL A 272 40.34 29.17 -39.52
N LEU A 273 39.10 28.99 -39.99
CA LEU A 273 38.22 30.12 -40.26
C LEU A 273 37.78 30.88 -39.00
N GLN A 274 37.75 30.20 -37.86
CA GLN A 274 37.38 30.84 -36.60
C GLN A 274 38.55 31.53 -35.90
N GLU A 275 39.70 30.86 -35.84
CA GLU A 275 40.88 31.41 -35.17
C GLU A 275 41.57 32.49 -36.00
N GLU A 276 41.74 32.25 -37.29
CA GLU A 276 42.52 33.15 -38.17
C GLU A 276 41.70 34.17 -38.92
N PHE A 277 40.49 33.80 -39.34
CA PHE A 277 39.61 34.68 -40.14
C PHE A 277 38.41 35.26 -39.39
N ASP A 278 38.16 34.81 -38.16
CA ASP A 278 37.05 35.32 -37.33
C ASP A 278 35.69 35.25 -38.05
N ARG A 279 35.45 34.14 -38.75
CA ARG A 279 34.16 33.85 -39.34
C ARG A 279 33.60 32.69 -38.51
N TYR A 280 32.57 32.97 -37.72
CA TYR A 280 32.09 32.02 -36.71
C TYR A 280 30.87 31.20 -37.13
N SER A 281 30.09 31.73 -38.08
CA SER A 281 28.94 31.03 -38.65
C SER A 281 29.30 30.47 -40.03
N GLY A 282 28.57 29.42 -40.43
CA GLY A 282 28.70 28.81 -41.76
C GLY A 282 27.39 28.59 -42.51
N TYR A 283 26.36 29.36 -42.16
CA TYR A 283 25.08 29.35 -42.91
C TYR A 283 24.43 30.73 -42.86
N TRP A 284 23.68 31.05 -43.91
CA TRP A 284 23.14 32.40 -44.12
C TRP A 284 21.74 32.37 -44.72
N TRP A 285 20.76 32.85 -43.95
CA TRP A 285 19.37 32.94 -44.38
C TRP A 285 19.22 33.87 -45.57
N CYS A 286 18.54 33.41 -46.63
CA CYS A 286 18.15 34.28 -47.73
C CYS A 286 17.09 35.26 -47.22
N PRO A 287 17.39 36.58 -47.27
CA PRO A 287 16.58 37.57 -46.53
C PRO A 287 15.13 37.76 -47.02
N LYS A 288 14.85 37.37 -48.26
CA LYS A 288 13.47 37.45 -48.81
C LYS A 288 12.91 36.07 -49.12
N ALA A 289 11.58 36.02 -49.23
CA ALA A 289 10.84 34.78 -49.46
C ALA A 289 10.14 34.80 -50.83
N GLU A 290 10.37 33.74 -51.61
CA GLU A 290 9.69 33.53 -52.89
C GLU A 290 8.28 32.99 -52.63
N THR A 291 7.30 33.42 -53.41
CA THR A 291 5.91 32.97 -53.27
C THR A 291 5.59 31.87 -54.29
N THR A 292 5.16 30.69 -53.82
CA THR A 292 4.70 29.60 -54.70
C THR A 292 3.31 29.91 -55.27
N PRO A 293 2.93 29.27 -56.39
CA PRO A 293 1.58 29.45 -56.98
C PRO A 293 0.42 29.21 -56.02
N SER A 294 0.55 28.17 -55.19
CA SER A 294 -0.51 27.75 -54.25
C SER A 294 -0.86 28.74 -53.14
N GLY A 295 0.03 29.68 -52.84
CA GLY A 295 -0.14 30.62 -51.72
C GLY A 295 0.82 30.38 -50.57
N GLY A 296 1.72 29.41 -50.72
CA GLY A 296 2.80 29.18 -49.76
C GLY A 296 4.02 30.04 -50.07
N LYS A 297 5.20 29.54 -49.70
CA LYS A 297 6.46 30.25 -49.95
C LYS A 297 7.71 29.39 -49.80
N ILE A 298 8.77 29.81 -50.48
CA ILE A 298 10.09 29.15 -50.42
C ILE A 298 11.08 30.02 -49.65
N LEU A 299 11.66 29.45 -48.60
CA LEU A 299 12.80 30.04 -47.89
C LEU A 299 14.07 29.35 -48.33
N ARG A 300 15.20 30.03 -48.12
CA ARG A 300 16.50 29.53 -48.57
C ARG A 300 17.60 29.76 -47.53
N ILE A 301 18.46 28.76 -47.37
CA ILE A 301 19.67 28.88 -46.55
C ILE A 301 20.88 28.41 -47.37
N LEU A 302 21.73 29.36 -47.73
CA LEU A 302 23.09 29.07 -48.22
C LEU A 302 23.90 28.57 -47.04
N TYR A 303 24.73 27.55 -47.26
CA TYR A 303 25.59 27.00 -46.22
C TYR A 303 26.89 26.41 -46.75
N GLU A 304 27.93 26.48 -45.92
CA GLU A 304 29.24 25.90 -46.23
C GLU A 304 29.22 24.43 -45.81
N GLU A 305 29.59 23.52 -46.72
CA GLU A 305 29.74 22.11 -46.40
C GLU A 305 31.21 21.71 -46.43
N ASN A 306 31.75 21.40 -45.25
CA ASN A 306 33.16 21.08 -45.09
C ASN A 306 33.32 19.56 -45.00
N ASP A 307 34.41 19.08 -45.58
CA ASP A 307 34.85 17.70 -45.45
C ASP A 307 36.28 17.75 -44.92
N GLU A 308 36.48 17.29 -43.69
CA GLU A 308 37.78 17.35 -43.01
C GLU A 308 38.50 15.99 -43.00
N SER A 309 38.16 15.09 -43.92
CA SER A 309 38.79 13.76 -44.00
C SER A 309 40.30 13.83 -44.13
N GLU A 310 40.76 14.73 -45.01
CA GLU A 310 42.19 14.86 -45.33
C GLU A 310 42.99 15.72 -44.35
N VAL A 311 42.32 16.41 -43.43
CA VAL A 311 42.97 17.30 -42.46
C VAL A 311 43.66 16.47 -41.36
N GLU A 312 44.81 16.97 -40.90
CA GLU A 312 45.64 16.28 -39.90
C GLU A 312 44.89 16.13 -38.57
N ILE A 313 44.78 14.89 -38.09
CA ILE A 313 44.14 14.59 -36.81
C ILE A 313 45.21 14.72 -35.74
N ILE A 314 45.08 15.77 -34.92
CA ILE A 314 46.06 16.08 -33.88
C ILE A 314 45.44 15.74 -32.51
N HIS A 315 46.26 15.23 -31.60
CA HIS A 315 45.84 14.91 -30.23
C HIS A 315 46.34 15.96 -29.24
N VAL A 316 45.43 16.50 -28.43
CA VAL A 316 45.78 17.34 -27.28
C VAL A 316 45.17 16.69 -26.03
N THR A 317 45.87 16.84 -24.89
CA THR A 317 45.46 16.22 -23.64
C THR A 317 44.06 16.69 -23.22
N SER A 318 43.25 15.75 -22.72
CA SER A 318 41.89 16.04 -22.29
C SER A 318 41.93 16.80 -20.95
N PRO A 319 41.13 17.89 -20.82
CA PRO A 319 41.00 18.66 -19.57
C PRO A 319 40.84 17.81 -18.31
N MET A 320 40.05 16.74 -18.42
CA MET A 320 39.97 15.70 -17.39
C MET A 320 41.32 14.97 -17.34
N LEU A 321 42.26 15.49 -16.58
CA LEU A 321 43.59 14.87 -16.39
C LEU A 321 43.45 13.51 -15.73
N GLU A 322 42.56 13.46 -14.73
CA GLU A 322 41.96 12.24 -14.17
C GLU A 322 41.98 11.01 -15.10
N THR A 323 41.42 11.18 -16.29
CA THR A 323 41.27 10.09 -17.27
C THR A 323 42.57 9.73 -17.99
N ARG A 324 43.49 10.69 -18.10
CA ARG A 324 44.80 10.50 -18.75
C ARG A 324 44.67 10.18 -20.24
N ARG A 325 43.66 10.78 -20.86
CA ARG A 325 43.35 10.60 -22.29
C ARG A 325 43.68 11.90 -23.03
N ALA A 326 43.54 11.84 -24.36
CA ALA A 326 43.74 12.99 -25.23
C ALA A 326 42.59 13.09 -26.23
N ASP A 327 42.02 14.29 -26.36
CA ASP A 327 40.98 14.57 -27.36
C ASP A 327 41.62 14.75 -28.74
N SER A 328 40.95 14.24 -29.77
CA SER A 328 41.36 14.41 -31.17
C SER A 328 40.60 15.59 -31.79
N PHE A 329 41.31 16.44 -32.54
CA PHE A 329 40.63 17.36 -33.48
C PHE A 329 41.45 17.75 -34.72
N ARG A 330 40.74 18.28 -35.70
CA ARG A 330 41.30 18.60 -37.02
C ARG A 330 42.08 19.90 -36.97
N TYR A 331 43.33 19.86 -37.43
CA TYR A 331 44.25 21.00 -37.38
C TYR A 331 45.07 21.04 -38.66
N PRO A 332 44.71 21.92 -39.62
CA PRO A 332 45.53 22.03 -40.83
C PRO A 332 46.87 22.68 -40.52
N LYS A 333 47.91 21.86 -40.42
CA LYS A 333 49.28 22.33 -40.22
C LYS A 333 49.75 23.07 -41.48
N THR A 334 50.65 24.03 -41.28
CA THR A 334 51.32 24.74 -42.38
C THR A 334 51.75 23.74 -43.47
N GLY A 335 51.25 23.94 -44.68
CA GLY A 335 51.59 23.07 -45.81
C GLY A 335 50.71 21.84 -46.04
N THR A 336 50.00 21.39 -44.99
CA THR A 336 49.10 20.22 -45.12
C THR A 336 47.81 20.57 -45.84
N ALA A 337 46.98 19.55 -46.05
CA ALA A 337 45.63 19.74 -46.57
C ALA A 337 44.78 20.59 -45.63
N ASN A 338 44.12 21.60 -46.20
CA ASN A 338 43.04 22.33 -45.53
C ASN A 338 41.74 21.52 -45.66
N PRO A 339 40.64 21.99 -45.04
CA PRO A 339 39.35 21.37 -45.31
C PRO A 339 38.93 21.53 -46.78
N LYS A 340 38.21 20.54 -47.28
CA LYS A 340 37.67 20.59 -48.65
C LYS A 340 36.25 21.12 -48.54
N VAL A 341 35.99 22.24 -49.21
CA VAL A 341 34.77 23.04 -49.00
C VAL A 341 33.91 23.17 -50.25
N THR A 342 32.65 23.52 -50.02
CA THR A 342 31.70 23.79 -51.10
C THR A 342 30.44 24.48 -50.56
N PHE A 343 29.80 25.28 -51.41
CA PHE A 343 28.51 25.89 -51.09
C PHE A 343 27.40 24.91 -51.41
N LYS A 344 26.35 24.99 -50.60
CA LYS A 344 25.13 24.21 -50.77
C LYS A 344 23.98 25.12 -50.41
N MET A 345 22.80 24.83 -50.96
CA MET A 345 21.59 25.58 -50.62
C MET A 345 20.44 24.65 -50.28
N SER A 346 19.68 25.02 -49.25
CA SER A 346 18.51 24.27 -48.82
C SER A 346 17.26 25.11 -49.09
N GLU A 347 16.50 24.69 -50.11
CA GLU A 347 15.18 25.26 -50.37
C GLU A 347 14.16 24.59 -49.46
N ILE A 348 13.53 25.40 -48.59
CA ILE A 348 12.45 24.92 -47.72
C ILE A 348 11.14 25.45 -48.29
N MET A 349 10.33 24.56 -48.88
CA MET A 349 8.99 24.91 -49.34
C MET A 349 8.00 24.80 -48.17
N ILE A 350 7.36 25.93 -47.85
CA ILE A 350 6.39 26.02 -46.76
C ILE A 350 5.02 26.40 -47.35
N ASP A 351 3.98 25.65 -46.96
CA ASP A 351 2.60 25.95 -47.39
C ASP A 351 2.05 27.24 -46.73
N ALA A 352 0.82 27.61 -47.07
CA ALA A 352 0.21 28.84 -46.53
C ALA A 352 -0.13 28.83 -45.03
N GLU A 353 -0.02 27.67 -44.39
CA GLU A 353 -0.30 27.52 -42.94
C GLU A 353 0.94 27.79 -42.07
N GLY A 354 2.14 27.68 -42.67
CA GLY A 354 3.42 27.72 -41.94
C GLY A 354 3.95 26.34 -41.61
N ARG A 355 3.75 25.40 -42.53
CA ARG A 355 4.12 23.98 -42.35
C ARG A 355 5.01 23.55 -43.50
N ILE A 356 6.03 22.75 -43.18
CA ILE A 356 7.03 22.33 -44.18
C ILE A 356 6.41 21.31 -45.14
N ILE A 357 6.29 21.70 -46.41
CA ILE A 357 5.86 20.79 -47.47
C ILE A 357 6.99 19.80 -47.72
N ASP A 358 8.12 20.33 -48.15
CA ASP A 358 9.27 19.52 -48.54
C ASP A 358 10.55 20.38 -48.51
N VAL A 359 11.68 19.74 -48.24
CA VAL A 359 12.98 20.40 -48.20
C VAL A 359 13.89 19.73 -49.22
N ILE A 360 14.32 20.48 -50.22
CA ILE A 360 15.26 20.01 -51.22
C ILE A 360 16.63 20.54 -50.85
N ASP A 361 17.63 19.65 -50.86
CA ASP A 361 19.02 20.03 -50.64
C ASP A 361 19.73 20.06 -51.98
N LYS A 362 20.45 21.15 -52.25
CA LYS A 362 20.98 21.43 -53.59
C LYS A 362 22.50 21.63 -53.62
N GLU A 363 23.18 20.79 -54.40
CA GLU A 363 24.61 20.95 -54.70
C GLU A 363 24.80 21.96 -55.83
N LEU A 364 26.03 22.43 -55.99
CA LEU A 364 26.40 23.31 -57.11
C LEU A 364 26.36 22.54 -58.42
N ILE A 365 25.98 23.23 -59.49
CA ILE A 365 25.84 22.62 -60.82
C ILE A 365 27.15 22.02 -61.36
N GLN A 366 28.28 22.63 -60.98
CA GLN A 366 29.62 22.05 -61.20
C GLN A 366 30.38 22.08 -59.87
N PRO A 367 31.50 21.33 -59.77
CA PRO A 367 32.27 21.36 -58.52
C PRO A 367 32.80 22.74 -58.14
N PHE A 368 32.92 22.98 -56.83
CA PHE A 368 33.53 24.19 -56.29
C PHE A 368 34.93 24.44 -56.86
N GLU A 369 35.70 23.37 -57.08
CA GLU A 369 37.02 23.45 -57.70
C GLU A 369 37.02 24.15 -59.07
N ILE A 370 35.96 23.92 -59.85
CA ILE A 370 35.87 24.40 -61.24
C ILE A 370 35.22 25.78 -61.36
N LEU A 371 34.11 26.02 -60.66
CA LEU A 371 33.44 27.32 -60.65
C LEU A 371 34.28 28.41 -60.00
N PHE A 372 34.97 28.05 -58.92
CA PHE A 372 35.83 28.96 -58.18
C PHE A 372 37.27 28.46 -58.21
N GLU A 373 37.90 28.59 -59.37
CA GLU A 373 39.27 28.13 -59.60
C GLU A 373 40.24 28.86 -58.69
N GLY A 374 41.06 28.09 -57.98
CA GLY A 374 42.11 28.65 -57.12
C GLY A 374 41.74 28.91 -55.67
N VAL A 375 40.44 28.91 -55.36
CA VAL A 375 39.95 29.31 -54.03
C VAL A 375 40.24 28.24 -52.97
N GLU A 376 40.80 28.67 -51.84
CA GLU A 376 41.08 27.80 -50.69
C GLU A 376 40.16 28.09 -49.50
N TYR A 377 39.92 29.36 -49.20
CA TYR A 377 39.08 29.77 -48.06
C TYR A 377 37.87 30.58 -48.51
N ILE A 378 36.69 30.23 -47.98
CA ILE A 378 35.52 31.10 -48.03
C ILE A 378 35.64 32.02 -46.82
N ALA A 379 36.12 33.23 -47.06
CA ALA A 379 36.41 34.19 -45.99
C ALA A 379 35.13 34.70 -45.35
N ARG A 380 34.22 35.20 -46.18
CA ARG A 380 32.93 35.73 -45.73
C ARG A 380 31.85 35.41 -46.75
N ALA A 381 30.60 35.40 -46.30
CA ALA A 381 29.46 35.15 -47.18
C ALA A 381 28.19 35.83 -46.68
N GLY A 382 27.20 35.87 -47.56
CA GLY A 382 25.91 36.50 -47.25
C GLY A 382 25.00 36.60 -48.46
N TRP A 383 24.10 37.57 -48.42
CA TRP A 383 23.12 37.80 -49.48
C TRP A 383 22.98 39.29 -49.78
N THR A 384 22.65 39.59 -51.03
CA THR A 384 22.30 40.94 -51.43
C THR A 384 20.98 41.34 -50.74
N PRO A 385 20.71 42.66 -50.59
CA PRO A 385 19.45 43.15 -50.00
C PRO A 385 18.17 42.50 -50.57
N GLU A 386 18.16 42.31 -51.89
CA GLU A 386 17.00 41.79 -52.61
C GLU A 386 16.81 40.28 -52.44
N GLY A 387 17.88 39.57 -52.08
CA GLY A 387 17.89 38.11 -52.04
C GLY A 387 18.02 37.51 -53.43
N LYS A 388 18.49 38.32 -54.38
CA LYS A 388 18.61 37.91 -55.78
C LYS A 388 19.85 37.04 -55.96
N TYR A 389 20.98 37.55 -55.44
CA TYR A 389 22.24 36.82 -55.42
C TYR A 389 22.74 36.63 -53.99
N ALA A 390 23.36 35.48 -53.74
CA ALA A 390 24.22 35.28 -52.59
C ALA A 390 25.59 35.81 -52.97
N TRP A 391 26.23 36.56 -52.06
CA TRP A 391 27.61 37.02 -52.27
C TRP A 391 28.58 36.21 -51.42
N SER A 392 29.85 36.30 -51.80
CA SER A 392 30.91 35.54 -51.14
C SER A 392 32.28 36.19 -51.40
N ILE A 393 33.11 36.24 -50.36
CA ILE A 393 34.47 36.76 -50.46
C ILE A 393 35.45 35.58 -50.36
N LEU A 394 36.31 35.44 -51.36
CA LEU A 394 37.10 34.21 -51.58
C LEU A 394 38.60 34.48 -51.77
N LEU A 395 39.40 33.80 -50.97
CA LEU A 395 40.87 33.86 -51.06
C LEU A 395 41.42 32.57 -51.66
N ASP A 396 42.47 32.70 -52.46
CA ASP A 396 43.29 31.54 -52.84
C ASP A 396 44.17 31.16 -51.65
N ARG A 397 44.86 30.03 -51.76
CA ARG A 397 45.65 29.49 -50.65
C ARG A 397 46.77 30.44 -50.16
N SER A 398 47.40 31.14 -51.09
CA SER A 398 48.47 32.08 -50.75
C SER A 398 47.95 33.34 -50.06
N GLN A 399 46.67 33.64 -50.25
CA GLN A 399 45.98 34.81 -49.68
C GLN A 399 46.50 36.14 -50.26
N THR A 400 46.96 36.05 -51.52
CA THR A 400 47.36 37.20 -52.32
C THR A 400 46.17 37.70 -53.15
N ARG A 401 45.44 36.77 -53.75
CA ARG A 401 44.23 37.09 -54.53
C ARG A 401 42.96 37.01 -53.68
N LEU A 402 42.17 38.08 -53.72
CA LEU A 402 40.80 38.10 -53.15
C LEU A 402 39.79 38.34 -54.26
N GLN A 403 38.65 37.66 -54.17
CA GLN A 403 37.52 37.86 -55.08
C GLN A 403 36.25 38.12 -54.30
N ILE A 404 35.34 38.92 -54.87
CA ILE A 404 33.96 39.04 -54.39
C ILE A 404 33.08 38.48 -55.49
N VAL A 405 32.44 37.34 -55.23
CA VAL A 405 31.68 36.61 -56.25
C VAL A 405 30.19 36.57 -55.90
N LEU A 406 29.35 36.99 -56.84
CA LEU A 406 27.90 36.81 -56.74
C LEU A 406 27.53 35.42 -57.27
N ILE A 407 26.71 34.72 -56.50
CA ILE A 407 26.27 33.36 -56.81
C ILE A 407 24.74 33.39 -56.84
N SER A 408 24.17 33.08 -58.01
CA SER A 408 22.72 32.97 -58.15
C SER A 408 22.24 31.65 -57.54
N PRO A 409 21.02 31.62 -56.96
CA PRO A 409 20.41 30.36 -56.50
C PRO A 409 20.23 29.31 -57.62
N GLU A 410 20.06 29.79 -58.86
CA GLU A 410 19.95 28.93 -60.04
C GLU A 410 21.17 28.05 -60.33
N LEU A 411 22.35 28.44 -59.82
CA LEU A 411 23.55 27.58 -59.87
C LEU A 411 23.45 26.29 -59.07
N PHE A 412 22.56 26.26 -58.07
CA PHE A 412 22.35 25.08 -57.24
C PHE A 412 21.23 24.20 -57.80
N ILE A 413 21.54 22.91 -57.99
CA ILE A 413 20.56 21.91 -58.45
C ILE A 413 20.41 20.83 -57.38
N PRO A 414 19.23 20.18 -57.29
CA PRO A 414 19.03 19.14 -56.28
C PRO A 414 20.04 18.01 -56.31
N VAL A 415 20.31 17.43 -55.13
CA VAL A 415 21.15 16.26 -55.02
C VAL A 415 20.34 15.07 -55.52
N GLU A 416 20.86 14.43 -56.58
CA GLU A 416 20.23 13.23 -57.15
C GLU A 416 21.28 12.13 -57.35
N ASP A 417 20.99 10.96 -56.79
CA ASP A 417 21.85 9.78 -56.96
C ASP A 417 21.73 9.25 -58.39
N ASP A 418 20.50 9.28 -58.91
CA ASP A 418 20.18 8.89 -60.29
C ASP A 418 20.97 9.72 -61.31
N VAL A 419 21.86 9.06 -62.05
CA VAL A 419 22.76 9.73 -63.00
C VAL A 419 22.05 10.30 -64.24
N MET A 420 21.00 9.62 -64.70
CA MET A 420 20.19 10.09 -65.83
C MET A 420 19.36 11.33 -65.45
N GLU A 421 18.92 11.37 -64.19
CA GLU A 421 18.14 12.51 -63.66
C GLU A 421 19.01 13.75 -63.47
N ARG A 422 20.18 13.59 -62.87
CA ARG A 422 21.16 14.69 -62.69
C ARG A 422 21.51 15.34 -64.02
N GLN A 423 21.89 14.51 -64.99
CA GLN A 423 22.22 14.97 -66.35
C GLN A 423 21.15 15.86 -66.99
N ARG A 424 19.88 15.56 -66.72
CA ARG A 424 18.75 16.39 -67.15
C ARG A 424 18.68 17.71 -66.37
N LEU A 425 18.88 17.63 -65.04
CA LEU A 425 18.89 18.81 -64.17
C LEU A 425 20.05 19.77 -64.46
N ILE A 426 21.18 19.22 -64.89
CA ILE A 426 22.31 20.04 -65.37
C ILE A 426 21.89 20.83 -66.63
N GLU A 427 21.28 20.12 -67.57
CA GLU A 427 20.83 20.71 -68.84
C GLU A 427 19.59 21.62 -68.73
N SER A 428 18.85 21.49 -67.62
CA SER A 428 17.72 22.39 -67.32
C SER A 428 18.14 23.85 -67.08
N VAL A 429 19.32 24.03 -66.48
CA VAL A 429 19.83 25.37 -66.11
C VAL A 429 20.52 26.00 -67.32
N PRO A 430 20.23 27.29 -67.63
CA PRO A 430 20.88 27.92 -68.79
C PRO A 430 22.40 28.10 -68.63
N ASP A 431 23.12 28.09 -69.75
CA ASP A 431 24.55 28.42 -69.76
C ASP A 431 24.83 29.85 -69.31
N SER A 432 23.90 30.76 -69.59
CA SER A 432 23.99 32.18 -69.20
C SER A 432 24.06 32.40 -67.69
N VAL A 433 23.47 31.48 -66.92
CA VAL A 433 23.65 31.48 -65.46
C VAL A 433 25.05 30.96 -65.16
N THR A 434 25.77 31.73 -64.34
CA THR A 434 27.21 31.58 -64.19
C THR A 434 27.69 32.48 -63.03
N PRO A 435 28.73 32.06 -62.28
CA PRO A 435 29.19 32.96 -61.21
C PRO A 435 29.73 34.29 -61.75
N LEU A 436 29.67 35.31 -60.91
CA LEU A 436 29.99 36.68 -61.30
C LEU A 436 31.03 37.28 -60.34
N ILE A 437 32.30 37.21 -60.72
CA ILE A 437 33.37 37.84 -59.96
C ILE A 437 33.21 39.36 -60.13
N ILE A 438 32.43 39.98 -59.25
CA ILE A 438 32.16 41.43 -59.35
C ILE A 438 33.33 42.31 -58.90
N TYR A 439 34.32 41.73 -58.21
CA TYR A 439 35.54 42.45 -57.84
C TYR A 439 36.66 41.47 -57.53
N GLU A 440 37.85 41.75 -58.06
CA GLU A 440 39.05 40.94 -57.84
C GLU A 440 40.27 41.85 -57.67
N GLU A 441 41.15 41.48 -56.75
CA GLU A 441 42.35 42.26 -56.43
C GLU A 441 43.48 41.35 -55.98
N THR A 442 44.71 41.76 -56.28
CA THR A 442 45.91 41.04 -55.83
C THR A 442 46.78 41.94 -54.96
N THR A 443 47.74 41.30 -54.30
CA THR A 443 48.81 42.02 -53.61
C THR A 443 49.99 41.09 -53.37
N ASP A 444 51.19 41.67 -53.39
CA ASP A 444 52.43 40.94 -53.14
C ASP A 444 52.73 40.80 -51.63
N ILE A 445 52.02 41.56 -50.78
CA ILE A 445 52.09 41.38 -49.32
C ILE A 445 51.04 40.34 -48.89
N TRP A 446 49.84 40.77 -48.51
CA TRP A 446 48.73 39.84 -48.19
C TRP A 446 47.39 40.57 -48.08
N ILE A 447 46.32 39.79 -48.24
CA ILE A 447 44.97 40.28 -48.05
C ILE A 447 44.61 40.14 -46.58
N ASN A 448 44.30 41.26 -45.94
CA ASN A 448 43.70 41.28 -44.61
C ASN A 448 42.18 41.27 -44.78
N ILE A 449 41.53 40.19 -44.33
CA ILE A 449 40.07 40.09 -44.39
C ILE A 449 39.44 41.05 -43.38
N HIS A 450 38.31 41.64 -43.77
CA HIS A 450 37.58 42.60 -42.94
C HIS A 450 36.08 42.50 -43.20
N ASP A 451 35.32 43.08 -42.27
CA ASP A 451 33.86 42.95 -42.22
C ASP A 451 33.11 44.06 -42.99
N ILE A 452 33.85 45.02 -43.55
CA ILE A 452 33.27 46.05 -44.43
C ILE A 452 32.88 45.48 -45.80
N PHE A 453 31.58 45.42 -46.05
CA PHE A 453 31.03 45.17 -47.40
C PHE A 453 29.54 45.54 -47.40
N HIS A 454 29.21 46.57 -48.19
CA HIS A 454 27.86 47.11 -48.23
C HIS A 454 27.37 47.14 -49.67
N VAL A 455 26.26 46.44 -49.91
CA VAL A 455 25.60 46.43 -51.22
C VAL A 455 24.39 47.36 -51.18
N PHE A 456 24.18 48.08 -52.28
CA PHE A 456 23.09 49.05 -52.40
C PHE A 456 21.85 48.40 -53.02
N PRO A 457 20.72 49.12 -53.03
CA PRO A 457 19.58 48.72 -53.86
C PRO A 457 19.95 48.70 -55.34
N GLN A 458 19.40 47.73 -56.07
CA GLN A 458 19.72 47.53 -57.48
C GLN A 458 19.00 48.59 -58.33
N SER A 459 19.72 49.64 -58.69
CA SER A 459 19.18 50.75 -59.49
C SER A 459 19.02 50.32 -60.96
N HIS A 460 20.14 50.00 -61.60
CA HIS A 460 20.15 49.42 -62.95
C HIS A 460 20.08 47.89 -62.80
N GLU A 461 19.31 47.23 -63.67
CA GLU A 461 19.00 45.79 -63.51
C GLU A 461 20.16 44.83 -63.86
N GLU A 462 21.11 45.28 -64.67
CA GLU A 462 22.30 44.48 -65.00
C GLU A 462 23.60 45.10 -64.46
N GLU A 463 23.50 45.77 -63.32
CA GLU A 463 24.66 46.32 -62.62
C GLU A 463 24.50 46.10 -61.12
N ILE A 464 25.57 46.37 -60.39
CA ILE A 464 25.53 46.38 -58.93
C ILE A 464 26.54 47.39 -58.39
N GLU A 465 26.08 48.21 -57.47
CA GLU A 465 26.93 49.16 -56.74
C GLU A 465 27.26 48.55 -55.39
N PHE A 466 28.44 48.88 -54.87
CA PHE A 466 28.79 48.50 -53.50
C PHE A 466 29.98 49.31 -52.98
N ILE A 467 30.14 49.32 -51.67
CA ILE A 467 31.33 49.87 -51.01
C ILE A 467 32.16 48.71 -50.48
N PHE A 468 33.46 48.78 -50.70
CA PHE A 468 34.41 47.77 -50.22
C PHE A 468 35.70 48.46 -49.79
N ALA A 469 36.40 47.83 -48.85
CA ALA A 469 37.68 48.32 -48.34
C ALA A 469 38.84 47.49 -48.88
N SER A 470 39.98 48.14 -49.10
CA SER A 470 41.17 47.47 -49.61
C SER A 470 42.45 48.26 -49.36
N GLU A 471 43.51 47.52 -49.01
CA GLU A 471 44.87 48.04 -48.96
C GLU A 471 45.61 47.84 -50.30
N CYS A 472 45.04 47.05 -51.20
CA CYS A 472 45.69 46.68 -52.46
C CYS A 472 46.02 47.85 -53.40
N LYS A 473 45.26 48.94 -53.31
CA LYS A 473 45.45 50.09 -54.20
C LYS A 473 46.63 50.94 -53.73
N THR A 474 46.49 51.57 -52.56
CA THR A 474 47.48 52.53 -52.05
C THR A 474 48.46 51.94 -51.03
N GLY A 475 48.19 50.73 -50.55
CA GLY A 475 48.90 50.16 -49.38
C GLY A 475 48.27 50.49 -48.03
N PHE A 476 47.14 51.22 -48.04
CA PHE A 476 46.40 51.59 -46.83
C PHE A 476 44.92 51.33 -47.04
N ARG A 477 44.24 50.87 -45.99
CA ARG A 477 42.86 50.39 -46.11
C ARG A 477 41.88 51.54 -46.29
N HIS A 478 41.30 51.63 -47.49
CA HIS A 478 40.38 52.72 -47.83
C HIS A 478 39.10 52.21 -48.47
N LEU A 479 38.08 53.08 -48.45
CA LEU A 479 36.76 52.75 -49.00
C LEU A 479 36.68 53.14 -50.48
N TYR A 480 36.08 52.25 -51.27
CA TYR A 480 35.93 52.42 -52.72
C TYR A 480 34.50 52.08 -53.11
N LYS A 481 33.83 53.00 -53.80
CA LYS A 481 32.45 52.77 -54.27
C LYS A 481 32.45 52.18 -55.69
N ILE A 482 32.64 50.86 -55.76
CA ILE A 482 32.73 50.15 -57.01
C ILE A 482 31.34 49.91 -57.60
N THR A 483 31.22 50.10 -58.92
CA THR A 483 30.07 49.64 -59.70
C THR A 483 30.57 48.59 -60.69
N SER A 484 29.88 47.44 -60.75
CA SER A 484 30.26 46.32 -61.61
C SER A 484 29.11 45.93 -62.52
N ILE A 485 29.43 45.52 -63.75
CA ILE A 485 28.42 45.21 -64.78
C ILE A 485 28.20 43.70 -64.84
N LEU A 486 26.98 43.27 -64.55
CA LEU A 486 26.63 41.84 -64.53
C LEU A 486 26.40 41.33 -65.95
N LYS A 487 27.50 41.07 -66.64
CA LYS A 487 27.51 40.64 -68.03
C LYS A 487 27.25 39.14 -68.13
N GLU A 488 26.75 38.70 -69.28
CA GLU A 488 26.67 37.27 -69.59
C GLU A 488 28.08 36.75 -69.85
N SER A 489 28.37 35.54 -69.36
CA SER A 489 29.69 34.94 -69.54
C SER A 489 29.80 34.32 -70.94
N LYS A 490 31.02 34.29 -71.45
CA LYS A 490 31.34 33.56 -72.69
C LYS A 490 31.39 32.04 -72.46
N TYR A 491 31.40 31.61 -71.20
CA TYR A 491 31.41 30.19 -70.85
C TYR A 491 30.03 29.54 -70.93
N LYS A 492 29.96 28.48 -71.75
CA LYS A 492 28.80 27.60 -71.79
C LYS A 492 29.24 26.22 -71.30
N ARG A 493 28.54 25.72 -70.28
CA ARG A 493 28.77 24.36 -69.76
C ARG A 493 28.51 23.30 -70.83
N SER A 494 27.42 23.50 -71.58
CA SER A 494 27.02 22.68 -72.73
C SER A 494 28.21 22.19 -73.57
N SER A 495 29.04 23.14 -74.00
CA SER A 495 30.23 22.86 -74.82
C SER A 495 31.14 21.76 -74.25
N GLY A 496 31.20 21.66 -72.92
CA GLY A 496 31.82 20.51 -72.24
C GLY A 496 33.14 20.76 -71.54
N GLY A 497 33.91 21.73 -72.06
CA GLY A 497 35.23 22.08 -71.50
C GLY A 497 35.18 22.93 -70.25
N LEU A 498 36.35 23.13 -69.64
CA LEU A 498 36.50 23.95 -68.44
C LEU A 498 36.53 25.44 -68.80
N PRO A 499 36.15 26.34 -67.86
CA PRO A 499 36.21 27.78 -68.12
C PRO A 499 37.64 28.33 -68.00
N ALA A 500 37.92 29.40 -68.74
CA ALA A 500 39.21 30.10 -68.66
C ALA A 500 39.29 30.91 -67.37
N PRO A 501 40.51 31.35 -66.98
CA PRO A 501 40.68 32.14 -65.74
C PRO A 501 39.83 33.43 -65.65
N SER A 502 39.65 34.13 -66.77
CA SER A 502 38.91 35.41 -66.80
C SER A 502 37.44 35.31 -67.21
N ASP A 503 36.91 34.10 -67.41
CA ASP A 503 35.56 33.90 -67.97
C ASP A 503 34.41 34.44 -67.10
N PHE A 504 34.59 34.41 -65.78
CA PHE A 504 33.56 34.91 -64.85
C PHE A 504 33.74 36.37 -64.41
N LYS A 505 34.83 37.01 -64.83
CA LYS A 505 35.18 38.35 -64.33
C LYS A 505 34.35 39.46 -64.98
N CYS A 506 33.56 40.14 -64.17
CA CYS A 506 32.72 41.24 -64.61
C CYS A 506 33.57 42.47 -64.93
N PRO A 507 33.10 43.33 -65.87
CA PRO A 507 33.78 44.62 -66.05
C PRO A 507 33.40 45.61 -64.95
N ILE A 508 34.39 46.36 -64.46
CA ILE A 508 34.17 47.42 -63.47
C ILE A 508 33.76 48.69 -64.22
N LYS A 509 32.53 49.15 -64.01
CA LYS A 509 32.04 50.37 -64.68
C LYS A 509 32.66 51.64 -64.08
N GLU A 510 32.78 51.69 -62.77
CA GLU A 510 33.54 52.73 -62.08
C GLU A 510 34.03 52.25 -60.71
N GLU A 511 35.06 52.94 -60.22
CA GLU A 511 35.71 52.58 -58.96
C GLU A 511 36.14 53.88 -58.28
N ILE A 512 35.17 54.58 -57.70
CA ILE A 512 35.41 55.85 -57.03
C ILE A 512 36.06 55.63 -55.67
N ALA A 513 37.26 56.18 -55.48
CA ALA A 513 37.94 56.16 -54.18
C ALA A 513 37.28 57.18 -53.25
N ILE A 514 36.73 56.68 -52.13
CA ILE A 514 35.99 57.51 -51.17
C ILE A 514 36.95 58.15 -50.16
N THR A 515 37.91 57.35 -49.67
CA THR A 515 38.96 57.84 -48.79
C THR A 515 40.33 57.55 -49.36
N SER A 516 41.32 58.26 -48.84
CA SER A 516 42.70 58.17 -49.30
C SER A 516 43.63 58.89 -48.34
N GLY A 517 44.89 58.49 -48.35
CA GLY A 517 45.90 59.03 -47.44
C GLY A 517 46.73 57.94 -46.81
N GLU A 518 47.70 58.35 -45.99
CA GLU A 518 48.57 57.42 -45.28
C GLU A 518 48.01 57.17 -43.88
N TRP A 519 46.88 56.47 -43.89
CA TRP A 519 46.13 56.08 -42.68
C TRP A 519 45.06 55.10 -43.16
N GLU A 520 44.60 54.23 -42.26
CA GLU A 520 43.65 53.17 -42.63
C GLU A 520 42.27 53.29 -41.98
N VAL A 521 41.25 52.91 -42.74
CA VAL A 521 39.91 52.63 -42.23
C VAL A 521 39.93 51.27 -41.54
N LEU A 522 39.17 51.14 -40.47
CA LEU A 522 39.13 49.91 -39.66
C LEU A 522 37.94 49.03 -40.01
N GLY A 523 38.18 47.72 -40.09
CA GLY A 523 37.15 46.75 -40.50
C GLY A 523 37.13 45.41 -39.78
N ARG A 524 37.66 45.37 -38.55
CA ARG A 524 37.69 44.16 -37.74
C ARG A 524 37.36 44.50 -36.29
N HIS A 525 37.08 43.47 -35.50
CA HIS A 525 36.76 43.60 -34.07
C HIS A 525 35.62 44.60 -33.83
N GLY A 526 34.59 44.49 -34.66
CA GLY A 526 33.40 45.34 -34.57
C GLY A 526 33.46 46.66 -35.31
N SER A 527 34.66 47.09 -35.73
CA SER A 527 34.79 48.30 -36.54
C SER A 527 34.26 48.01 -37.94
N ASN A 528 33.46 48.94 -38.45
CA ASN A 528 32.69 48.74 -39.69
C ASN A 528 32.08 50.07 -40.13
N ILE A 529 31.67 50.13 -41.40
CA ILE A 529 30.97 51.29 -41.94
C ILE A 529 29.47 51.26 -41.64
N GLN A 530 28.88 52.46 -41.71
CA GLN A 530 27.42 52.66 -41.66
C GLN A 530 27.10 53.62 -42.79
N VAL A 531 26.18 53.23 -43.67
CA VAL A 531 25.88 54.01 -44.88
C VAL A 531 24.50 54.67 -44.79
N ASP A 532 24.49 56.00 -44.78
CA ASP A 532 23.27 56.79 -44.87
C ASP A 532 22.88 56.87 -46.35
N GLU A 533 22.03 55.94 -46.78
CA GLU A 533 21.62 55.84 -48.19
C GLU A 533 20.76 57.01 -48.68
N VAL A 534 20.07 57.69 -47.77
CA VAL A 534 19.22 58.84 -48.11
C VAL A 534 20.11 60.05 -48.36
N ARG A 535 20.92 60.42 -47.37
CA ARG A 535 21.85 61.55 -47.48
C ARG A 535 23.11 61.24 -48.30
N ARG A 536 23.33 59.96 -48.62
CA ARG A 536 24.45 59.49 -49.44
C ARG A 536 25.80 59.80 -48.78
N LEU A 537 25.93 59.28 -47.55
CA LEU A 537 27.11 59.43 -46.70
C LEU A 537 27.53 58.07 -46.16
N VAL A 538 28.74 58.01 -45.60
CA VAL A 538 29.24 56.81 -44.94
C VAL A 538 30.03 57.19 -43.68
N TYR A 539 29.67 56.57 -42.56
CA TYR A 539 30.38 56.74 -41.28
C TYR A 539 31.35 55.58 -41.13
N PHE A 540 32.52 55.85 -40.55
CA PHE A 540 33.57 54.82 -40.44
C PHE A 540 34.63 55.16 -39.40
N GLU A 541 35.28 54.13 -38.87
CA GLU A 541 36.39 54.28 -37.93
C GLU A 541 37.71 54.29 -38.70
N GLY A 542 38.68 55.04 -38.20
CA GLY A 542 39.98 55.17 -38.87
C GLY A 542 41.08 55.81 -38.03
N THR A 543 42.29 55.78 -38.58
CA THR A 543 43.48 56.32 -37.91
C THR A 543 43.98 57.62 -38.57
N LYS A 544 43.06 58.46 -39.04
CA LYS A 544 43.44 59.64 -39.84
C LYS A 544 44.19 60.66 -38.99
N ASP A 545 43.63 61.00 -37.84
CA ASP A 545 44.27 61.95 -36.92
C ASP A 545 45.56 61.39 -36.32
N SER A 546 45.54 60.10 -35.96
CA SER A 546 46.69 59.47 -35.32
C SER A 546 46.62 57.94 -35.39
N PRO A 547 47.78 57.26 -35.49
CA PRO A 547 47.82 55.80 -35.35
C PRO A 547 47.49 55.31 -33.94
N LEU A 548 47.66 56.19 -32.95
CA LEU A 548 47.39 55.88 -31.54
C LEU A 548 45.94 56.12 -31.10
N GLU A 549 45.10 56.70 -31.97
CA GLU A 549 43.70 56.97 -31.66
C GLU A 549 42.76 56.59 -32.81
N HIS A 550 41.83 55.69 -32.53
CA HIS A 550 40.73 55.36 -33.43
C HIS A 550 39.67 56.46 -33.30
N HIS A 551 39.13 56.91 -34.42
CA HIS A 551 38.12 57.97 -34.43
C HIS A 551 37.04 57.70 -35.45
N LEU A 552 35.81 58.10 -35.13
CA LEU A 552 34.70 58.02 -36.06
C LEU A 552 34.87 59.17 -37.05
N TYR A 553 34.47 58.91 -38.29
CA TYR A 553 34.46 59.94 -39.33
C TYR A 553 33.21 59.77 -40.18
N VAL A 554 32.91 60.80 -40.94
CA VAL A 554 31.83 60.78 -41.94
C VAL A 554 32.33 61.40 -43.24
N VAL A 555 31.82 60.90 -44.36
CA VAL A 555 32.17 61.42 -45.68
C VAL A 555 31.11 61.01 -46.71
N SER A 556 30.94 61.84 -47.73
CA SER A 556 30.04 61.51 -48.86
C SER A 556 30.66 60.39 -49.71
N TYR A 557 29.80 59.57 -50.31
CA TYR A 557 30.23 58.60 -51.33
C TYR A 557 29.83 58.99 -52.76
N VAL A 558 29.18 60.15 -52.92
CA VAL A 558 28.84 60.68 -54.24
C VAL A 558 30.00 61.50 -54.77
N ASN A 559 30.23 62.67 -54.16
CA ASN A 559 31.35 63.54 -54.49
C ASN A 559 32.24 63.59 -53.25
N PRO A 560 33.09 62.56 -53.07
CA PRO A 560 33.86 62.45 -51.83
C PRO A 560 34.95 63.51 -51.72
N GLY A 561 35.11 64.09 -50.54
CA GLY A 561 36.10 65.13 -50.31
C GLY A 561 36.53 65.23 -48.87
N GLU A 562 35.91 66.15 -48.14
CA GLU A 562 36.29 66.43 -46.74
C GLU A 562 35.82 65.32 -45.80
N VAL A 563 36.78 64.59 -45.24
CA VAL A 563 36.52 63.58 -44.23
C VAL A 563 36.37 64.29 -42.88
N THR A 564 35.14 64.48 -42.45
CA THR A 564 34.81 65.18 -41.21
C THR A 564 34.92 64.20 -40.04
N ARG A 565 35.65 64.62 -39.00
CA ARG A 565 35.79 63.84 -37.77
C ARG A 565 34.65 64.18 -36.81
N LEU A 566 34.06 63.14 -36.22
CA LEU A 566 32.93 63.28 -35.30
C LEU A 566 33.34 63.11 -33.83
N THR A 567 34.26 62.19 -33.56
CA THR A 567 34.70 61.93 -32.18
C THR A 567 35.74 62.94 -31.70
N ASP A 568 35.71 63.24 -30.40
CA ASP A 568 36.58 64.23 -29.79
C ASP A 568 38.01 63.69 -29.68
N ARG A 569 38.99 64.59 -29.86
CA ARG A 569 40.40 64.22 -29.79
C ARG A 569 40.84 63.86 -28.38
N GLY A 570 41.99 63.18 -28.29
CA GLY A 570 42.60 62.81 -27.01
C GLY A 570 42.19 61.47 -26.40
N TYR A 571 41.07 60.92 -26.86
CA TYR A 571 40.63 59.57 -26.48
C TYR A 571 40.60 58.67 -27.74
N SER A 572 40.80 57.36 -27.55
CA SER A 572 40.60 56.36 -28.61
C SER A 572 39.16 55.86 -28.56
N HIS A 573 38.58 55.56 -29.72
CA HIS A 573 37.14 55.26 -29.84
C HIS A 573 36.85 53.96 -30.59
N SER A 574 36.23 53.02 -29.88
CA SER A 574 35.41 51.98 -30.51
C SER A 574 34.02 52.60 -30.63
N CYS A 575 33.39 52.44 -31.79
CA CYS A 575 32.16 53.19 -32.11
C CYS A 575 31.03 52.35 -32.67
N CYS A 576 29.84 52.93 -32.59
CA CYS A 576 28.61 52.34 -33.11
C CYS A 576 27.71 53.46 -33.58
N ILE A 577 27.19 53.33 -34.79
CA ILE A 577 26.30 54.33 -35.40
C ILE A 577 24.90 53.75 -35.49
N SER A 578 23.89 54.56 -35.18
CA SER A 578 22.49 54.16 -35.29
C SER A 578 22.17 53.76 -36.72
N GLN A 579 21.22 52.84 -36.90
CA GLN A 579 20.79 52.42 -38.24
C GLN A 579 20.13 53.57 -39.03
N HIS A 580 19.54 54.52 -38.31
CA HIS A 580 18.90 55.71 -38.89
C HIS A 580 19.86 56.90 -39.06
N CYS A 581 21.11 56.73 -38.62
CA CYS A 581 22.19 57.71 -38.81
C CYS A 581 21.94 59.08 -38.15
N ASP A 582 21.20 59.05 -37.04
CA ASP A 582 20.89 60.25 -36.25
C ASP A 582 21.44 60.19 -34.82
N PHE A 583 22.21 59.15 -34.52
CA PHE A 583 22.85 58.96 -33.22
C PHE A 583 24.10 58.11 -33.42
N PHE A 584 25.07 58.26 -32.53
CA PHE A 584 26.19 57.32 -32.45
C PHE A 584 26.69 57.19 -31.02
N ILE A 585 27.11 55.97 -30.67
CA ILE A 585 27.60 55.65 -29.34
C ILE A 585 29.09 55.39 -29.47
N SER A 586 29.84 55.84 -28.47
CA SER A 586 31.27 55.56 -28.38
C SER A 586 31.64 54.99 -27.03
N LYS A 587 32.48 53.97 -27.06
CA LYS A 587 33.19 53.45 -25.90
C LYS A 587 34.61 54.00 -26.04
N TYR A 588 34.92 55.04 -25.26
CA TYR A 588 36.21 55.74 -25.39
C TYR A 588 37.03 55.74 -24.10
N SER A 589 38.35 55.85 -24.26
CA SER A 589 39.28 55.93 -23.14
C SER A 589 40.57 56.59 -23.58
N ASN A 590 41.45 56.84 -22.61
CA ASN A 590 42.83 57.25 -22.90
C ASN A 590 43.77 56.75 -21.81
N GLN A 591 45.07 56.97 -22.01
CA GLN A 591 46.11 56.43 -21.14
C GLN A 591 45.87 56.66 -19.64
N LYS A 592 45.25 57.79 -19.28
CA LYS A 592 44.89 58.10 -17.89
C LYS A 592 43.45 57.68 -17.50
N ASN A 593 42.47 58.06 -18.32
CA ASN A 593 41.04 57.90 -17.97
C ASN A 593 40.50 56.54 -18.45
N PRO A 594 39.92 55.72 -17.53
CA PRO A 594 39.27 54.46 -17.93
C PRO A 594 38.10 54.60 -18.91
N HIS A 595 37.62 53.46 -19.38
CA HIS A 595 36.64 53.43 -20.48
C HIS A 595 35.26 53.97 -20.06
N CYS A 596 34.80 54.95 -20.81
CA CYS A 596 33.49 55.58 -20.65
C CYS A 596 32.69 55.34 -21.93
N VAL A 597 31.36 55.26 -21.80
CA VAL A 597 30.48 55.05 -22.94
C VAL A 597 29.44 56.17 -22.97
N SER A 598 29.42 56.92 -24.07
CA SER A 598 28.54 58.10 -24.21
C SER A 598 27.73 58.04 -25.50
N LEU A 599 26.47 58.47 -25.42
CA LEU A 599 25.62 58.66 -26.60
C LEU A 599 25.83 60.07 -27.13
N TYR A 600 25.81 60.20 -28.45
CA TYR A 600 25.87 61.50 -29.13
C TYR A 600 24.79 61.56 -30.20
N LYS A 601 24.14 62.72 -30.32
CA LYS A 601 23.11 62.95 -31.34
C LYS A 601 23.69 63.66 -32.56
N LEU A 602 23.45 63.09 -33.73
CA LEU A 602 23.89 63.65 -35.01
C LEU A 602 22.82 64.55 -35.63
N SER A 603 23.11 65.85 -35.67
CA SER A 603 22.30 66.84 -36.39
C SER A 603 23.00 67.21 -37.70
N SER A 604 22.24 67.91 -38.55
CA SER A 604 22.79 68.51 -39.77
C SER A 604 22.11 69.86 -40.04
N PRO A 605 22.89 70.86 -40.50
CA PRO A 605 22.29 72.14 -40.87
C PRO A 605 21.52 72.03 -42.19
N GLU A 606 20.42 72.78 -42.31
CA GLU A 606 19.51 72.68 -43.46
C GLU A 606 20.16 73.06 -44.80
N ASP A 607 21.12 73.98 -44.75
CA ASP A 607 21.82 74.45 -45.96
C ASP A 607 22.71 73.39 -46.63
N ASP A 608 23.12 72.36 -45.89
CA ASP A 608 23.99 71.30 -46.43
C ASP A 608 23.86 69.99 -45.62
N PRO A 609 22.95 69.08 -46.03
CA PRO A 609 22.84 67.71 -45.49
C PRO A 609 24.11 66.84 -45.55
N THR A 610 25.03 67.14 -46.47
CA THR A 610 26.37 66.51 -46.50
C THR A 610 27.12 66.74 -45.17
N CYS A 611 26.95 67.92 -44.59
CA CYS A 611 27.58 68.26 -43.33
C CYS A 611 26.82 67.67 -42.15
N LYS A 612 27.57 67.10 -41.21
CA LYS A 612 27.01 66.51 -40.00
C LYS A 612 27.73 67.07 -38.78
N THR A 613 26.98 67.24 -37.69
CA THR A 613 27.52 67.73 -36.42
C THR A 613 26.92 66.93 -35.27
N LYS A 614 27.76 66.62 -34.29
CA LYS A 614 27.32 65.84 -33.12
C LYS A 614 26.83 66.73 -31.98
N GLU A 615 26.38 66.08 -30.90
CA GLU A 615 26.10 66.76 -29.62
C GLU A 615 26.04 65.73 -28.50
N PHE A 616 26.74 66.00 -27.39
CA PHE A 616 26.67 65.16 -26.18
C PHE A 616 25.21 65.04 -25.74
N TRP A 617 24.63 63.85 -25.95
CA TRP A 617 23.23 63.61 -25.62
C TRP A 617 23.06 63.06 -24.21
N ALA A 618 23.85 62.04 -23.88
CA ALA A 618 23.79 61.37 -22.58
C ALA A 618 25.04 60.52 -22.33
N THR A 619 25.11 59.98 -21.11
CA THR A 619 26.09 58.97 -20.73
C THR A 619 25.35 57.64 -20.51
N ILE A 620 25.86 56.58 -21.14
CA ILE A 620 25.36 55.21 -20.93
C ILE A 620 26.11 54.57 -19.77
N LEU A 621 27.45 54.62 -19.83
CA LEU A 621 28.30 54.14 -18.74
C LEU A 621 29.33 55.23 -18.39
N ASP A 622 29.40 55.55 -17.10
CA ASP A 622 30.34 56.54 -16.60
C ASP A 622 31.70 55.89 -16.31
N SER A 623 32.75 56.68 -16.43
CA SER A 623 34.11 56.21 -16.19
C SER A 623 34.31 55.79 -14.74
N ALA A 624 35.19 54.81 -14.52
CA ALA A 624 35.58 54.39 -13.17
C ALA A 624 36.48 55.43 -12.45
N GLY A 625 37.07 56.35 -13.22
CA GLY A 625 37.92 57.41 -12.66
C GLY A 625 39.34 56.90 -12.47
N PRO A 626 40.36 57.78 -12.69
CA PRO A 626 41.77 57.36 -12.59
C PRO A 626 42.05 56.42 -11.41
N LEU A 627 42.60 55.25 -11.73
CA LEU A 627 42.65 54.11 -10.80
C LEU A 627 43.66 54.36 -9.66
N PRO A 628 43.30 53.96 -8.42
CA PRO A 628 44.24 54.15 -7.30
C PRO A 628 45.51 53.30 -7.41
N ASP A 629 46.65 53.94 -7.17
CA ASP A 629 47.98 53.31 -7.28
C ASP A 629 48.30 52.76 -8.68
N TYR A 630 47.79 53.45 -9.71
CA TYR A 630 48.15 53.16 -11.11
C TYR A 630 48.71 54.41 -11.77
N THR A 631 50.03 54.53 -11.76
CA THR A 631 50.75 55.48 -12.62
C THR A 631 50.72 54.96 -14.06
N PRO A 632 49.98 55.64 -14.96
CA PRO A 632 50.00 55.18 -16.35
C PRO A 632 51.34 55.51 -17.02
N PRO A 633 51.73 54.73 -18.03
CA PRO A 633 52.99 54.99 -18.72
C PRO A 633 52.90 56.19 -19.65
N GLU A 634 54.03 56.58 -20.22
CA GLU A 634 54.08 57.67 -21.20
C GLU A 634 54.36 57.10 -22.59
N ILE A 635 53.60 57.56 -23.58
CA ILE A 635 53.77 57.12 -24.95
C ILE A 635 54.92 57.91 -25.58
N PHE A 636 56.03 57.23 -25.81
CA PHE A 636 57.18 57.80 -26.52
C PHE A 636 57.19 57.35 -27.98
N SER A 637 58.13 57.89 -28.75
CA SER A 637 58.38 57.44 -30.11
C SER A 637 59.78 57.83 -30.56
N PHE A 638 60.25 57.15 -31.60
CA PHE A 638 61.56 57.45 -32.19
C PHE A 638 61.58 57.20 -33.68
N GLU A 639 62.37 58.01 -34.39
CA GLU A 639 62.54 57.87 -35.83
C GLU A 639 63.55 56.76 -36.06
N SER A 640 63.09 55.63 -36.58
CA SER A 640 63.94 54.46 -36.74
C SER A 640 64.88 54.58 -37.93
N THR A 641 65.96 53.80 -37.89
CA THR A 641 66.91 53.69 -38.99
C THR A 641 66.34 52.93 -40.19
N THR A 642 65.28 52.17 -39.97
CA THR A 642 64.57 51.45 -41.04
C THR A 642 63.59 52.32 -41.83
N GLY A 643 63.29 53.51 -41.32
CA GLY A 643 62.48 54.51 -42.05
C GLY A 643 61.24 54.96 -41.31
N PHE A 644 60.72 54.09 -40.44
CA PHE A 644 59.42 54.32 -39.78
C PHE A 644 59.54 54.96 -38.39
N THR A 645 58.45 55.59 -37.96
CA THR A 645 58.35 56.22 -36.63
C THR A 645 57.78 55.22 -35.62
N LEU A 646 58.66 54.44 -34.99
CA LEU A 646 58.23 53.42 -34.03
C LEU A 646 57.78 54.01 -32.70
N TYR A 647 56.61 53.58 -32.24
CA TYR A 647 56.05 54.01 -30.95
C TYR A 647 56.31 52.99 -29.86
N GLY A 648 56.27 53.46 -28.63
CA GLY A 648 56.40 52.60 -27.46
C GLY A 648 55.68 53.16 -26.25
N MET A 649 55.89 52.50 -25.12
CA MET A 649 55.36 52.93 -23.82
C MET A 649 56.46 52.78 -22.78
N LEU A 650 56.56 53.76 -21.87
CA LEU A 650 57.56 53.73 -20.81
C LEU A 650 56.90 53.82 -19.44
N TYR A 651 57.17 52.81 -18.61
CA TYR A 651 56.84 52.83 -17.19
C TYR A 651 58.10 53.17 -16.39
N LYS A 652 58.19 54.41 -15.94
CA LYS A 652 59.25 54.84 -15.02
C LYS A 652 58.97 54.24 -13.64
N PRO A 653 60.02 53.74 -12.94
CA PRO A 653 59.86 53.33 -11.55
C PRO A 653 59.33 54.45 -10.64
N HIS A 654 58.47 54.10 -9.69
CA HIS A 654 57.84 55.08 -8.81
C HIS A 654 58.84 55.47 -7.71
N ASP A 655 58.90 56.76 -7.42
CA ASP A 655 59.96 57.36 -6.59
C ASP A 655 61.35 57.08 -7.17
N LEU A 656 61.71 57.85 -8.19
CA LEU A 656 63.03 57.77 -8.82
C LEU A 656 64.10 58.29 -7.86
N GLN A 657 65.23 57.59 -7.82
CA GLN A 657 66.39 57.96 -7.00
C GLN A 657 67.55 58.37 -7.91
N PRO A 658 67.65 59.67 -8.25
CA PRO A 658 68.80 60.17 -9.02
C PRO A 658 70.13 59.69 -8.47
N GLY A 659 70.93 59.06 -9.34
CA GLY A 659 72.14 58.34 -8.93
C GLY A 659 72.01 56.84 -9.11
N LYS A 660 70.80 56.31 -8.92
CA LYS A 660 70.53 54.88 -9.03
C LYS A 660 69.87 54.49 -10.37
N LYS A 661 70.34 53.38 -10.95
CA LYS A 661 69.86 52.85 -12.23
C LYS A 661 69.10 51.54 -12.02
N TYR A 662 67.90 51.46 -12.59
CA TYR A 662 66.93 50.40 -12.29
C TYR A 662 67.02 49.23 -13.28
N PRO A 663 66.54 48.03 -12.87
CA PRO A 663 66.44 46.88 -13.77
C PRO A 663 65.25 47.03 -14.72
N THR A 664 65.43 46.59 -15.97
CA THR A 664 64.44 46.82 -17.02
C THR A 664 63.74 45.53 -17.45
N VAL A 665 62.43 45.62 -17.63
CA VAL A 665 61.59 44.52 -18.10
C VAL A 665 60.90 44.96 -19.38
N LEU A 666 61.20 44.28 -20.47
CA LEU A 666 60.63 44.58 -21.78
C LEU A 666 59.44 43.65 -22.05
N PHE A 667 58.23 44.21 -22.06
CA PHE A 667 57.05 43.44 -22.43
C PHE A 667 56.80 43.53 -23.93
N ILE A 668 56.33 42.44 -24.53
CA ILE A 668 56.19 42.35 -25.98
C ILE A 668 55.10 41.35 -26.43
N TYR A 669 54.43 41.71 -27.51
CA TYR A 669 53.75 40.76 -28.41
C TYR A 669 54.49 40.87 -29.74
N GLY A 670 54.50 42.09 -30.31
CA GLY A 670 55.35 42.43 -31.45
C GLY A 670 55.17 41.60 -32.72
N GLY A 671 53.96 41.07 -32.88
CA GLY A 671 53.59 40.22 -34.01
C GLY A 671 52.42 40.86 -34.74
N PRO A 672 51.92 40.20 -35.80
CA PRO A 672 50.91 40.79 -36.67
C PRO A 672 49.51 40.85 -36.05
N GLN A 673 48.72 41.77 -36.58
CA GLN A 673 47.32 42.01 -36.17
C GLN A 673 47.15 42.62 -34.78
N VAL A 674 48.21 43.17 -34.21
CA VAL A 674 48.21 43.64 -32.81
C VAL A 674 49.04 44.91 -32.63
N GLN A 675 48.41 45.91 -32.01
CA GLN A 675 49.07 47.14 -31.56
C GLN A 675 48.88 47.26 -30.05
N LEU A 676 49.95 47.06 -29.29
CA LEU A 676 49.94 47.27 -27.84
C LEU A 676 49.97 48.77 -27.51
N VAL A 677 50.80 49.49 -28.27
CA VAL A 677 51.11 50.90 -28.01
C VAL A 677 50.11 51.81 -28.72
N ASN A 678 49.18 52.35 -27.94
CA ASN A 678 48.20 53.32 -28.42
C ASN A 678 47.61 54.06 -27.23
N ASN A 679 46.81 55.09 -27.50
CA ASN A 679 46.23 55.93 -26.45
C ASN A 679 44.91 55.37 -25.93
N ARG A 680 45.01 54.25 -25.21
CA ARG A 680 43.89 53.66 -24.47
C ARG A 680 44.33 53.43 -23.03
N PHE A 681 43.35 53.20 -22.16
CA PHE A 681 43.63 52.97 -20.74
C PHE A 681 44.18 51.56 -20.54
N LYS A 682 45.49 51.47 -20.33
CA LYS A 682 46.18 50.18 -20.15
C LYS A 682 46.18 49.67 -18.70
N GLY A 683 45.42 50.32 -17.82
CA GLY A 683 45.33 49.92 -16.42
C GLY A 683 44.57 48.64 -16.14
N VAL A 684 43.60 48.31 -16.99
CA VAL A 684 42.82 47.09 -16.81
C VAL A 684 43.66 45.88 -17.21
N LYS A 685 43.96 45.79 -18.50
CA LYS A 685 44.63 44.60 -19.05
C LYS A 685 46.08 44.49 -18.59
N TYR A 686 46.85 45.56 -18.79
CA TYR A 686 48.28 45.58 -18.46
C TYR A 686 48.52 46.27 -17.11
N PHE A 687 47.83 45.75 -16.09
CA PHE A 687 47.92 46.28 -14.72
C PHE A 687 49.26 45.97 -14.08
N ARG A 688 49.74 44.74 -14.24
CA ARG A 688 50.98 44.29 -13.60
C ARG A 688 52.26 44.92 -14.14
N LEU A 689 52.19 45.54 -15.32
CA LEU A 689 53.28 46.40 -15.80
C LEU A 689 53.49 47.56 -14.83
N ASN A 690 52.40 48.10 -14.28
CA ASN A 690 52.47 49.10 -13.23
C ASN A 690 53.03 48.52 -11.93
N THR A 691 52.49 47.38 -11.51
CA THR A 691 52.96 46.67 -10.32
C THR A 691 54.46 46.34 -10.39
N LEU A 692 54.97 46.10 -11.60
CA LEU A 692 56.42 45.99 -11.80
C LEU A 692 57.13 47.32 -11.52
N ALA A 693 56.58 48.41 -12.06
CA ALA A 693 57.13 49.76 -11.82
C ALA A 693 57.12 50.20 -10.35
N SER A 694 56.10 49.80 -9.60
CA SER A 694 56.02 50.10 -8.16
C SER A 694 57.06 49.36 -7.32
N LEU A 695 57.57 48.23 -7.82
CA LEU A 695 58.64 47.46 -7.17
C LEU A 695 60.06 47.79 -7.68
N GLY A 696 60.17 48.81 -8.53
CA GLY A 696 61.46 49.28 -9.02
C GLY A 696 61.94 48.57 -10.27
N TYR A 697 61.06 48.43 -11.25
CA TYR A 697 61.42 47.96 -12.60
C TYR A 697 61.06 49.03 -13.61
N VAL A 698 61.94 49.25 -14.59
CA VAL A 698 61.60 50.04 -15.78
C VAL A 698 60.87 49.07 -16.68
N VAL A 699 59.70 49.45 -17.16
CA VAL A 699 58.96 48.59 -18.09
C VAL A 699 58.78 49.30 -19.42
N VAL A 700 59.25 48.65 -20.48
CA VAL A 700 59.20 49.18 -21.84
C VAL A 700 58.35 48.24 -22.68
N VAL A 701 57.54 48.82 -23.56
CA VAL A 701 56.78 48.08 -24.57
C VAL A 701 56.97 48.83 -25.87
N ILE A 702 57.34 48.11 -26.93
CA ILE A 702 57.53 48.71 -28.26
C ILE A 702 56.72 47.91 -29.27
N ASP A 703 56.15 48.62 -30.24
CA ASP A 703 55.46 48.01 -31.38
C ASP A 703 56.39 48.03 -32.59
N ASN A 704 57.06 46.90 -32.81
CA ASN A 704 58.00 46.76 -33.93
C ASN A 704 57.30 46.61 -35.29
N ARG A 705 58.08 46.71 -36.36
CA ARG A 705 57.61 46.54 -37.73
C ARG A 705 56.90 45.18 -37.86
N GLY A 706 55.63 45.21 -38.27
CA GLY A 706 54.75 44.04 -38.22
C GLY A 706 53.39 44.32 -37.61
N SER A 707 53.33 45.34 -36.74
CA SER A 707 52.10 45.74 -36.04
C SER A 707 51.00 46.23 -36.98
N CYS A 708 49.77 46.20 -36.47
CA CYS A 708 48.62 46.76 -37.19
C CYS A 708 48.54 48.28 -37.04
N HIS A 709 47.59 48.87 -37.79
CA HIS A 709 47.23 50.30 -37.73
C HIS A 709 48.21 51.29 -38.37
N ARG A 710 49.29 50.80 -38.98
CA ARG A 710 50.28 51.65 -39.66
C ARG A 710 50.52 51.25 -41.12
N GLY A 711 49.47 50.71 -41.76
CA GLY A 711 49.51 50.36 -43.19
C GLY A 711 50.12 49.02 -43.49
N LEU A 712 50.01 48.62 -44.76
CA LEU A 712 50.46 47.30 -45.22
C LEU A 712 51.98 47.21 -45.39
N LYS A 713 52.61 48.29 -45.89
CA LYS A 713 54.08 48.36 -46.00
C LYS A 713 54.78 48.09 -44.67
N PHE A 714 54.33 48.77 -43.63
CA PHE A 714 54.83 48.58 -42.26
C PHE A 714 54.65 47.13 -41.80
N GLU A 715 53.42 46.64 -41.92
CA GLU A 715 53.03 45.27 -41.52
C GLU A 715 53.85 44.21 -42.27
N GLY A 716 53.95 44.39 -43.59
CA GLY A 716 54.66 43.48 -44.49
C GLY A 716 56.14 43.22 -44.20
N ALA A 717 56.80 44.20 -43.58
CA ALA A 717 58.22 44.15 -43.17
C ALA A 717 58.84 42.76 -42.96
N PHE A 718 58.20 41.93 -42.14
CA PHE A 718 58.69 40.57 -41.85
C PHE A 718 58.12 39.44 -42.72
N LYS A 719 57.53 39.75 -43.87
CA LYS A 719 57.01 38.72 -44.76
C LYS A 719 58.15 37.78 -45.17
N TYR A 720 57.92 36.48 -45.02
CA TYR A 720 58.94 35.44 -45.19
C TYR A 720 60.09 35.48 -44.17
N LYS A 721 59.99 36.31 -43.14
CA LYS A 721 61.12 36.63 -42.26
C LYS A 721 60.75 36.72 -40.77
N MET A 722 59.69 36.02 -40.36
CA MET A 722 59.24 36.12 -38.97
C MET A 722 60.35 35.69 -38.02
N GLY A 723 60.54 36.49 -36.96
CA GLY A 723 61.66 36.32 -36.02
C GLY A 723 62.92 37.11 -36.35
N GLN A 724 63.13 37.45 -37.63
CA GLN A 724 64.41 38.00 -38.09
C GLN A 724 64.61 39.48 -37.83
N ILE A 725 63.53 40.26 -37.77
CA ILE A 725 63.62 41.73 -37.70
C ILE A 725 63.07 42.42 -36.44
N GLU A 726 62.36 41.67 -35.59
CA GLU A 726 61.56 42.28 -34.52
C GLU A 726 62.43 42.78 -33.36
N ILE A 727 63.41 41.97 -32.97
CA ILE A 727 64.31 42.33 -31.87
C ILE A 727 65.14 43.57 -32.21
N ASP A 728 65.56 43.70 -33.46
CA ASP A 728 66.29 44.89 -33.94
C ASP A 728 65.54 46.19 -33.65
N ASP A 729 64.22 46.15 -33.79
CA ASP A 729 63.36 47.30 -33.46
C ASP A 729 63.24 47.50 -31.96
N GLN A 730 63.04 46.40 -31.23
CA GLN A 730 62.91 46.44 -29.77
C GLN A 730 64.20 46.99 -29.12
N VAL A 731 65.35 46.51 -29.60
CA VAL A 731 66.66 46.98 -29.12
C VAL A 731 66.83 48.46 -29.39
N GLU A 732 66.68 48.86 -30.66
CA GLU A 732 66.79 50.26 -31.08
C GLU A 732 65.97 51.22 -30.21
N GLY A 733 64.75 50.80 -29.86
CA GLY A 733 63.91 51.56 -28.95
C GLY A 733 64.45 51.56 -27.54
N LEU A 734 64.98 50.42 -27.11
CA LEU A 734 65.62 50.29 -25.79
C LEU A 734 66.88 51.14 -25.67
N GLN A 735 67.69 51.16 -26.74
CA GLN A 735 68.88 52.02 -26.81
C GLN A 735 68.53 53.51 -26.92
N TYR A 736 67.46 53.83 -27.66
CA TYR A 736 66.92 55.20 -27.68
C TYR A 736 66.59 55.67 -26.26
N LEU A 737 65.91 54.83 -25.49
CA LEU A 737 65.56 55.15 -24.12
C LEU A 737 66.78 55.24 -23.19
N ALA A 738 67.79 54.41 -23.48
CA ALA A 738 69.05 54.40 -22.70
C ALA A 738 69.86 55.70 -22.78
N SER A 739 69.82 56.38 -23.93
CA SER A 739 70.49 57.67 -24.10
C SER A 739 69.71 58.81 -23.43
N ARG A 740 68.40 58.87 -23.70
CA ARG A 740 67.51 59.85 -23.06
C ARG A 740 67.34 59.66 -21.55
N TYR A 741 67.47 58.42 -21.09
CA TYR A 741 67.34 58.07 -19.67
C TYR A 741 68.44 57.09 -19.27
N ASP A 742 69.39 57.56 -18.47
CA ASP A 742 70.49 56.71 -17.97
C ASP A 742 70.09 55.77 -16.82
N PHE A 743 68.89 55.93 -16.27
CA PHE A 743 68.38 55.01 -15.22
C PHE A 743 68.04 53.59 -15.71
N ILE A 744 68.06 53.37 -17.02
CA ILE A 744 67.99 52.02 -17.59
C ILE A 744 69.33 51.31 -17.44
N ASP A 745 69.41 50.36 -16.51
CA ASP A 745 70.57 49.49 -16.37
C ASP A 745 70.56 48.47 -17.51
N LEU A 746 71.36 48.72 -18.54
CA LEU A 746 71.43 47.84 -19.71
C LEU A 746 72.07 46.48 -19.43
N ASP A 747 72.88 46.37 -18.38
CA ASP A 747 73.47 45.08 -17.97
C ASP A 747 72.48 44.15 -17.24
N ARG A 748 71.32 44.67 -16.86
CA ARG A 748 70.23 43.86 -16.29
C ARG A 748 68.89 44.22 -16.96
N VAL A 749 68.65 43.61 -18.11
CA VAL A 749 67.40 43.79 -18.87
C VAL A 749 66.78 42.42 -19.16
N GLY A 750 65.49 42.30 -18.88
CA GLY A 750 64.72 41.07 -19.15
C GLY A 750 63.62 41.30 -20.16
N ILE A 751 63.12 40.21 -20.74
CA ILE A 751 62.04 40.27 -21.74
C ILE A 751 60.96 39.21 -21.44
N HIS A 752 59.71 39.55 -21.74
CA HIS A 752 58.57 38.67 -21.44
C HIS A 752 57.41 38.87 -22.42
N GLY A 753 56.75 37.77 -22.78
CA GLY A 753 55.58 37.83 -23.65
C GLY A 753 54.86 36.50 -23.86
N TRP A 754 53.69 36.58 -24.48
CA TRP A 754 52.82 35.41 -24.72
C TRP A 754 52.46 35.22 -26.20
N SER A 755 52.29 33.95 -26.59
CA SER A 755 52.04 33.55 -27.98
C SER A 755 53.20 33.97 -28.92
N TYR A 756 53.02 35.04 -29.69
CA TYR A 756 54.09 35.63 -30.50
C TYR A 756 55.07 36.41 -29.62
N GLY A 757 54.56 36.92 -28.49
CA GLY A 757 55.41 37.55 -27.48
C GLY A 757 56.46 36.61 -26.92
N GLY A 758 56.05 35.38 -26.65
CA GLY A 758 56.94 34.33 -26.17
C GLY A 758 57.90 33.85 -27.24
N TYR A 759 57.45 33.86 -28.48
CA TYR A 759 58.29 33.56 -29.65
C TYR A 759 59.46 34.54 -29.74
N LEU A 760 59.14 35.82 -29.73
CA LEU A 760 60.16 36.88 -29.76
C LEU A 760 60.98 36.96 -28.47
N SER A 761 60.39 36.58 -27.35
CA SER A 761 61.12 36.48 -26.10
C SER A 761 62.20 35.39 -26.17
N LEU A 762 61.91 34.28 -26.83
CA LEU A 762 62.92 33.25 -27.11
C LEU A 762 63.97 33.75 -28.10
N MET A 763 63.53 34.46 -29.14
CA MET A 763 64.42 35.04 -30.14
C MET A 763 65.37 36.10 -29.56
N ALA A 764 64.88 36.89 -28.60
CA ALA A 764 65.71 37.88 -27.91
C ALA A 764 66.95 37.24 -27.28
N LEU A 765 66.74 36.17 -26.52
CA LEU A 765 67.82 35.44 -25.86
C LEU A 765 68.73 34.70 -26.85
N MET A 766 68.13 34.20 -27.92
CA MET A 766 68.83 33.40 -28.93
C MET A 766 69.70 34.25 -29.85
N GLN A 767 69.26 35.49 -30.10
CA GLN A 767 69.92 36.41 -31.02
C GLN A 767 70.76 37.47 -30.29
N ARG A 768 70.17 38.08 -29.27
CA ARG A 768 70.83 39.16 -28.50
C ARG A 768 71.03 38.78 -27.02
N SER A 769 71.91 37.81 -26.79
CA SER A 769 72.32 37.44 -25.42
C SER A 769 72.82 38.65 -24.64
N ASP A 770 73.71 39.40 -25.28
CA ASP A 770 74.30 40.63 -24.73
C ASP A 770 73.29 41.67 -24.18
N ILE A 771 72.16 41.84 -24.85
CA ILE A 771 71.12 42.80 -24.40
C ILE A 771 70.26 42.21 -23.28
N PHE A 772 69.86 40.95 -23.43
CA PHE A 772 68.83 40.35 -22.57
C PHE A 772 69.34 39.30 -21.59
N ARG A 773 69.22 39.59 -20.29
CA ARG A 773 69.62 38.67 -19.22
C ARG A 773 68.68 37.48 -19.16
N VAL A 774 67.40 37.75 -18.91
CA VAL A 774 66.37 36.71 -18.84
C VAL A 774 65.34 36.86 -19.96
N ALA A 775 64.76 35.73 -20.33
CA ALA A 775 63.68 35.67 -21.32
C ALA A 775 62.61 34.74 -20.78
N ILE A 776 61.41 35.28 -20.58
CA ILE A 776 60.28 34.55 -20.00
C ILE A 776 59.22 34.36 -21.09
N ALA A 777 59.14 33.15 -21.64
CA ALA A 777 58.38 32.87 -22.86
C ALA A 777 57.09 32.09 -22.61
N GLY A 778 55.95 32.74 -22.82
CA GLY A 778 54.62 32.13 -22.66
C GLY A 778 54.05 31.59 -23.95
N ALA A 779 53.66 30.31 -23.94
CA ALA A 779 53.06 29.64 -25.11
C ALA A 779 53.78 30.02 -26.42
N PRO A 780 55.10 29.76 -26.48
CA PRO A 780 55.89 30.28 -27.58
C PRO A 780 55.80 29.40 -28.82
N VAL A 781 55.66 30.04 -29.99
CA VAL A 781 55.67 29.31 -31.27
C VAL A 781 57.11 28.98 -31.60
N THR A 782 57.52 27.75 -31.30
CA THR A 782 58.92 27.34 -31.45
C THR A 782 59.31 26.86 -32.85
N LEU A 783 58.32 26.49 -33.66
CA LEU A 783 58.55 25.74 -34.90
C LEU A 783 57.35 25.96 -35.83
N TRP A 784 57.54 26.74 -36.88
CA TRP A 784 56.42 27.23 -37.71
C TRP A 784 55.64 26.18 -38.49
N ILE A 785 56.26 25.03 -38.76
CA ILE A 785 55.52 23.92 -39.39
C ILE A 785 54.43 23.35 -38.47
N PHE A 786 54.54 23.55 -37.16
CA PHE A 786 53.51 23.12 -36.20
C PHE A 786 52.31 24.09 -36.02
N TYR A 787 52.33 25.25 -36.68
CA TYR A 787 51.21 26.20 -36.61
C TYR A 787 50.30 26.05 -37.84
N ASP A 788 49.12 26.66 -37.78
CA ASP A 788 48.07 26.45 -38.79
C ASP A 788 48.32 27.15 -40.13
N THR A 789 47.61 26.66 -41.15
CA THR A 789 47.73 27.15 -42.53
C THR A 789 47.40 28.63 -42.69
N GLY A 790 46.20 29.00 -42.23
CA GLY A 790 45.64 30.34 -42.43
C GLY A 790 46.52 31.50 -42.00
N TYR A 791 47.23 31.32 -40.89
CA TYR A 791 48.14 32.32 -40.34
C TYR A 791 49.52 32.20 -40.96
N THR A 792 50.11 31.01 -40.81
CA THR A 792 51.51 30.78 -41.11
C THR A 792 51.85 31.01 -42.58
N GLU A 793 51.00 30.50 -43.45
CA GLU A 793 51.18 30.70 -44.90
C GLU A 793 50.88 32.14 -45.35
N ARG A 794 50.00 32.83 -44.63
CA ARG A 794 49.72 34.25 -44.89
C ARG A 794 51.00 35.08 -44.83
N TYR A 795 51.74 34.91 -43.73
CA TYR A 795 52.92 35.72 -43.44
C TYR A 795 54.25 35.10 -43.93
N MET A 796 54.33 33.76 -43.96
CA MET A 796 55.58 33.04 -44.35
C MET A 796 55.53 32.23 -45.64
N GLY A 797 54.36 32.17 -46.29
CA GLY A 797 54.20 31.37 -47.52
C GLY A 797 54.24 29.88 -47.27
N HIS A 798 54.37 29.10 -48.35
CA HIS A 798 54.46 27.65 -48.23
C HIS A 798 55.88 27.29 -47.73
N PRO A 799 56.01 26.28 -46.83
CA PRO A 799 57.32 25.83 -46.31
C PRO A 799 58.36 25.49 -47.38
N ASP A 800 57.94 24.75 -48.40
CA ASP A 800 58.75 24.46 -49.59
C ASP A 800 59.27 25.73 -50.29
N GLN A 801 58.44 26.76 -50.35
CA GLN A 801 58.80 28.04 -50.99
C GLN A 801 59.65 28.99 -50.13
N ASN A 802 59.94 28.63 -48.88
CA ASN A 802 60.69 29.47 -47.97
C ASN A 802 61.46 28.66 -46.92
N GLU A 803 62.22 27.67 -47.38
CA GLU A 803 63.09 26.85 -46.53
C GLU A 803 63.81 27.65 -45.44
N GLN A 804 64.48 28.72 -45.87
CA GLN A 804 65.35 29.52 -45.02
C GLN A 804 64.58 30.33 -43.98
N GLY A 805 63.51 30.99 -44.40
CA GLY A 805 62.67 31.80 -43.51
C GLY A 805 62.06 31.00 -42.37
N TYR A 806 61.65 29.76 -42.68
CA TYR A 806 61.14 28.82 -41.67
C TYR A 806 62.23 28.41 -40.68
N TYR A 807 63.37 27.95 -41.19
CA TYR A 807 64.51 27.59 -40.34
C TYR A 807 64.93 28.75 -39.44
N LEU A 808 65.22 29.89 -40.05
CA LEU A 808 65.65 31.09 -39.31
C LEU A 808 64.58 31.60 -38.36
N GLY A 809 63.31 31.40 -38.72
CA GLY A 809 62.19 31.76 -37.86
C GLY A 809 61.70 30.73 -36.86
N SER A 810 62.40 29.61 -36.71
CA SER A 810 61.98 28.52 -35.83
C SER A 810 63.03 28.23 -34.74
N VAL A 811 62.79 28.76 -33.54
CA VAL A 811 63.73 28.60 -32.40
C VAL A 811 64.01 27.14 -31.99
N ALA A 812 63.06 26.24 -32.24
CA ALA A 812 63.27 24.80 -31.99
C ALA A 812 64.39 24.21 -32.83
N MET A 813 64.56 24.70 -34.06
CA MET A 813 65.61 24.22 -34.96
C MET A 813 66.99 24.83 -34.69
N GLN A 814 67.06 25.83 -33.80
CA GLN A 814 68.29 26.55 -33.46
C GLN A 814 68.57 26.51 -31.95
N ALA A 815 68.40 25.33 -31.35
CA ALA A 815 68.55 25.15 -29.89
C ALA A 815 69.99 25.38 -29.41
N GLU A 816 70.95 24.92 -30.20
CA GLU A 816 72.39 25.15 -29.96
C GLU A 816 72.78 26.62 -29.71
N LYS A 817 72.02 27.55 -30.27
CA LYS A 817 72.28 29.00 -30.13
C LYS A 817 71.73 29.65 -28.85
N PHE A 818 71.23 28.83 -27.91
CA PHE A 818 70.78 29.34 -26.61
C PHE A 818 71.93 29.42 -25.60
N PRO A 819 71.76 30.20 -24.51
CA PRO A 819 72.80 30.31 -23.47
C PRO A 819 73.07 28.99 -22.73
N SER A 820 74.34 28.76 -22.39
CA SER A 820 74.75 27.70 -21.48
C SER A 820 74.60 28.12 -20.00
N GLU A 821 74.41 29.42 -19.77
CA GLU A 821 74.12 29.93 -18.43
C GLU A 821 72.65 29.62 -18.07
N PRO A 822 72.41 29.04 -16.88
CA PRO A 822 71.04 28.86 -16.40
C PRO A 822 70.48 30.15 -15.80
N ASN A 823 69.26 30.08 -15.28
CA ASN A 823 68.55 31.25 -14.69
C ASN A 823 68.36 32.40 -15.70
N ARG A 824 68.22 32.05 -16.97
CA ARG A 824 67.98 33.00 -18.05
C ARG A 824 66.73 32.65 -18.85
N LEU A 825 66.60 31.38 -19.23
CA LEU A 825 65.45 30.88 -19.99
C LEU A 825 64.34 30.37 -19.07
N LEU A 826 63.16 30.96 -19.17
CA LEU A 826 61.94 30.46 -18.50
C LEU A 826 60.83 30.25 -19.52
N LEU A 827 60.39 29.00 -19.66
CA LEU A 827 59.24 28.66 -20.49
C LEU A 827 57.99 28.54 -19.63
N LEU A 828 56.91 29.18 -20.07
CA LEU A 828 55.57 28.97 -19.54
C LEU A 828 54.70 28.46 -20.68
N HIS A 829 53.78 27.56 -20.38
CA HIS A 829 52.87 27.02 -21.40
C HIS A 829 51.65 26.35 -20.78
N GLY A 830 50.48 26.69 -21.31
CA GLY A 830 49.24 25.99 -20.95
C GLY A 830 49.23 24.61 -21.60
N PHE A 831 48.99 23.59 -20.79
CA PHE A 831 49.16 22.18 -21.21
C PHE A 831 48.10 21.70 -22.21
N LEU A 832 46.92 22.33 -22.15
CA LEU A 832 45.78 21.96 -23.00
C LEU A 832 45.59 22.89 -24.21
N ASP A 833 46.65 23.62 -24.59
CA ASP A 833 46.58 24.65 -25.64
C ASP A 833 46.17 24.02 -26.98
N GLU A 834 45.20 24.66 -27.62
CA GLU A 834 44.68 24.23 -28.94
C GLU A 834 45.39 24.95 -30.09
N ASN A 835 45.61 26.26 -29.93
CA ASN A 835 46.34 27.10 -30.92
C ASN A 835 47.80 26.69 -31.04
N VAL A 836 48.60 27.12 -30.06
CA VAL A 836 50.03 26.86 -30.01
C VAL A 836 50.18 25.60 -29.17
N HIS A 837 50.13 24.43 -29.82
CA HIS A 837 50.16 23.15 -29.10
C HIS A 837 51.43 23.03 -28.22
N PHE A 838 51.28 22.38 -27.07
CA PHE A 838 52.39 22.21 -26.09
C PHE A 838 53.64 21.54 -26.67
N ALA A 839 53.46 20.74 -27.73
CA ALA A 839 54.58 20.12 -28.46
C ALA A 839 55.60 21.10 -29.03
N HIS A 840 55.19 22.35 -29.25
CA HIS A 840 56.13 23.46 -29.49
C HIS A 840 57.16 23.51 -28.37
N THR A 841 56.66 23.60 -27.14
CA THR A 841 57.51 23.71 -25.96
C THR A 841 58.25 22.39 -25.66
N SER A 842 57.55 21.26 -25.77
CA SER A 842 58.20 19.96 -25.49
C SER A 842 59.35 19.66 -26.46
N ILE A 843 59.17 19.95 -27.74
CA ILE A 843 60.21 19.69 -28.75
C ILE A 843 61.39 20.67 -28.65
N LEU A 844 61.11 21.90 -28.21
CA LEU A 844 62.17 22.86 -27.86
C LEU A 844 63.03 22.30 -26.73
N LEU A 845 62.36 21.78 -25.69
CA LEU A 845 63.04 21.12 -24.58
C LEU A 845 63.83 19.89 -25.02
N SER A 846 63.26 19.12 -25.95
CA SER A 846 63.94 17.96 -26.53
C SER A 846 65.33 18.34 -27.07
N PHE A 847 65.37 19.41 -27.86
CA PHE A 847 66.62 19.91 -28.45
C PHE A 847 67.51 20.69 -27.48
N LEU A 848 66.91 21.37 -26.51
CA LEU A 848 67.67 22.03 -25.43
C LEU A 848 68.41 21.02 -24.56
N VAL A 849 67.78 19.89 -24.30
CA VAL A 849 68.39 18.79 -23.55
C VAL A 849 69.58 18.22 -24.32
N ARG A 850 69.33 17.74 -25.55
CA ARG A 850 70.40 17.15 -26.38
C ARG A 850 71.38 18.16 -27.02
N ALA A 851 71.28 19.43 -26.62
CA ALA A 851 72.34 20.44 -26.79
C ALA A 851 72.94 20.91 -25.45
N GLY A 852 72.64 20.18 -24.37
CA GLY A 852 73.14 20.49 -23.01
C GLY A 852 72.84 21.87 -22.44
N LYS A 853 71.73 22.48 -22.86
CA LYS A 853 71.36 23.84 -22.45
C LYS A 853 70.32 23.82 -21.32
N PRO A 854 70.50 24.65 -20.27
CA PRO A 854 69.57 24.66 -19.14
C PRO A 854 68.30 25.47 -19.40
N TYR A 855 67.19 24.99 -18.84
CA TYR A 855 65.90 25.70 -18.87
C TYR A 855 65.21 25.64 -17.52
N ASP A 856 64.29 26.58 -17.31
CA ASP A 856 63.29 26.50 -16.25
C ASP A 856 61.93 26.42 -16.92
N LEU A 857 60.99 25.71 -16.29
CA LEU A 857 59.67 25.46 -16.89
C LEU A 857 58.55 25.54 -15.87
N GLN A 858 57.44 26.16 -16.28
CA GLN A 858 56.17 26.11 -15.57
C GLN A 858 55.06 25.66 -16.52
N ILE A 859 54.31 24.64 -16.11
CA ILE A 859 53.12 24.17 -16.83
C ILE A 859 51.88 24.65 -16.08
N TYR A 860 50.83 24.92 -16.83
CA TYR A 860 49.52 25.27 -16.27
C TYR A 860 48.50 24.23 -16.77
N PRO A 861 48.44 23.05 -16.10
CA PRO A 861 47.78 21.84 -16.63
C PRO A 861 46.30 21.97 -16.95
N GLN A 862 45.62 22.92 -16.33
CA GLN A 862 44.19 23.14 -16.53
C GLN A 862 43.89 24.28 -17.53
N GLU A 863 44.91 24.73 -18.29
CA GLU A 863 44.80 25.92 -19.14
C GLU A 863 45.06 25.64 -20.62
N ARG A 864 44.35 26.39 -21.47
CA ARG A 864 44.51 26.33 -22.92
C ARG A 864 45.50 27.43 -23.38
N HIS A 865 45.19 28.17 -24.43
CA HIS A 865 46.11 29.17 -25.00
C HIS A 865 46.35 30.34 -24.06
N SER A 866 45.26 30.94 -23.60
CA SER A 866 45.29 31.99 -22.58
C SER A 866 44.85 31.41 -21.25
N ILE A 867 45.40 31.94 -20.16
CA ILE A 867 45.13 31.45 -18.81
C ILE A 867 43.75 31.93 -18.33
N ARG A 868 42.85 30.97 -18.09
CA ARG A 868 41.43 31.23 -17.82
C ARG A 868 41.06 31.18 -16.33
N VAL A 869 41.50 30.13 -15.63
CA VAL A 869 41.17 29.93 -14.22
C VAL A 869 41.94 30.95 -13.34
N PRO A 870 41.23 31.67 -12.43
CA PRO A 870 41.90 32.69 -11.59
C PRO A 870 43.06 32.20 -10.73
N GLU A 871 42.92 31.02 -10.14
CA GLU A 871 43.99 30.41 -9.34
C GLU A 871 45.25 30.12 -10.17
N SER A 872 45.06 29.75 -11.45
CA SER A 872 46.18 29.55 -12.38
C SER A 872 46.85 30.86 -12.81
N GLY A 873 46.04 31.90 -13.00
CA GLY A 873 46.54 33.23 -13.35
C GLY A 873 47.40 33.88 -12.28
N GLU A 874 46.97 33.76 -11.03
CA GLU A 874 47.72 34.27 -9.87
C GLU A 874 49.09 33.60 -9.73
N HIS A 875 49.12 32.28 -9.88
CA HIS A 875 50.36 31.49 -9.82
C HIS A 875 51.36 31.83 -10.94
N TYR A 876 50.84 32.26 -12.09
CA TYR A 876 51.67 32.79 -13.17
C TYR A 876 52.22 34.16 -12.81
N GLU A 877 51.34 35.06 -12.37
CA GLU A 877 51.74 36.40 -11.91
C GLU A 877 52.77 36.32 -10.78
N LEU A 878 52.61 35.35 -9.89
CA LEU A 878 53.52 35.14 -8.77
C LEU A 878 54.89 34.63 -9.23
N HIS A 879 54.89 33.52 -9.97
CA HIS A 879 56.14 32.94 -10.49
C HIS A 879 56.85 33.85 -11.52
N LEU A 880 56.14 34.83 -12.08
CA LEU A 880 56.77 35.88 -12.88
C LEU A 880 57.59 36.83 -12.01
N LEU A 881 56.95 37.43 -11.02
CA LEU A 881 57.62 38.42 -10.14
C LEU A 881 58.78 37.83 -9.36
N HIS A 882 58.59 36.62 -8.82
CA HIS A 882 59.65 35.91 -8.12
C HIS A 882 60.83 35.57 -9.03
N TYR A 883 60.55 35.16 -10.27
CA TYR A 883 61.61 34.85 -11.23
C TYR A 883 62.43 36.10 -11.58
N LEU A 884 61.72 37.18 -11.91
CA LEU A 884 62.34 38.49 -12.14
C LEU A 884 63.16 38.96 -10.94
N GLN A 885 62.62 38.76 -9.75
CA GLN A 885 63.30 39.14 -8.50
C GLN A 885 64.61 38.39 -8.31
N GLU A 886 64.56 37.06 -8.37
CA GLU A 886 65.75 36.22 -8.15
C GLU A 886 66.77 36.19 -9.29
N ASN A 887 66.37 36.62 -10.49
CA ASN A 887 67.24 36.54 -11.69
C ASN A 887 67.44 37.85 -12.46
N LEU A 888 67.00 38.98 -11.90
CA LEU A 888 67.15 40.28 -12.56
C LEU A 888 67.16 41.45 -11.57
N GLY A 889 66.08 41.58 -10.79
CA GLY A 889 65.90 42.71 -9.89
C GLY A 889 66.87 42.82 -8.74
N SER A 890 66.73 41.94 -7.75
CA SER A 890 67.42 42.07 -6.46
C SER A 890 68.89 41.66 -6.51
N ARG A 891 69.62 42.01 -5.46
CA ARG A 891 71.07 41.79 -5.37
C ARG A 891 71.49 40.32 -5.31
N ILE A 892 70.59 39.45 -4.86
CA ILE A 892 70.82 37.99 -4.89
C ILE A 892 70.99 37.51 -6.34
N ALA A 893 70.29 38.14 -7.28
CA ALA A 893 70.44 37.87 -8.71
C ALA A 893 71.82 38.25 -9.23
N ALA A 894 72.27 39.45 -8.86
CA ALA A 894 73.62 39.93 -9.22
C ALA A 894 74.73 39.01 -8.72
N LEU A 895 74.61 38.58 -7.47
CA LEU A 895 75.55 37.62 -6.84
C LEU A 895 75.74 36.29 -7.61
N LYS A 896 74.68 35.82 -8.28
CA LYS A 896 74.69 34.49 -8.94
C LYS A 896 75.71 34.27 -10.08
N VAL A 897 76.29 35.34 -10.62
CA VAL A 897 77.33 35.22 -11.67
C VAL A 897 78.46 34.25 -11.31
N LEU B 48 -2.67 46.41 37.69
CA LEU B 48 -1.71 45.82 36.71
C LEU B 48 -2.16 46.15 35.28
N GLU B 49 -1.24 46.64 34.45
CA GLU B 49 -1.52 46.90 33.03
C GLU B 49 -1.09 45.68 32.20
N PRO B 50 -1.88 45.32 31.16
CA PRO B 50 -1.46 44.22 30.28
C PRO B 50 -0.29 44.60 29.36
N PHE B 51 0.81 43.86 29.48
CA PHE B 51 1.92 43.95 28.53
C PHE B 51 1.51 43.29 27.21
N TYR B 52 2.11 43.76 26.11
CA TYR B 52 1.90 43.17 24.78
C TYR B 52 3.24 43.02 24.08
N VAL B 53 3.48 41.86 23.46
CA VAL B 53 4.75 41.59 22.79
C VAL B 53 4.88 42.35 21.48
N GLU B 54 6.11 42.47 21.02
CA GLU B 54 6.44 43.19 19.79
C GLU B 54 5.79 42.50 18.60
N ARG B 55 4.95 43.23 17.86
CA ARG B 55 4.36 42.72 16.63
C ARG B 55 5.41 42.66 15.52
N TYR B 56 6.17 41.58 15.51
CA TYR B 56 7.09 41.30 14.41
C TYR B 56 6.32 40.61 13.28
N SER B 57 6.70 40.90 12.04
CA SER B 57 6.12 40.23 10.88
C SER B 57 6.67 38.82 10.75
N TRP B 58 6.12 38.08 9.79
CA TRP B 58 6.57 36.73 9.45
C TRP B 58 8.05 36.73 9.09
N SER B 59 8.43 37.60 8.16
CA SER B 59 9.83 37.74 7.71
C SER B 59 10.76 38.21 8.82
N GLN B 60 10.27 39.09 9.69
CA GLN B 60 11.03 39.56 10.86
C GLN B 60 11.27 38.44 11.86
N LEU B 61 10.22 37.67 12.16
CA LEU B 61 10.32 36.54 13.09
C LEU B 61 11.27 35.45 12.60
N LYS B 62 11.31 35.21 11.28
CA LYS B 62 12.26 34.24 10.70
C LYS B 62 13.70 34.66 10.93
N LYS B 63 13.99 35.96 10.75
CA LYS B 63 15.30 36.54 11.01
C LYS B 63 15.67 36.48 12.50
N LEU B 64 14.71 36.82 13.36
CA LEU B 64 14.88 36.76 14.81
C LEU B 64 15.35 35.38 15.27
N LEU B 65 14.72 34.34 14.70
CA LEU B 65 15.07 32.96 15.00
C LEU B 65 16.44 32.57 14.44
N ALA B 66 16.65 32.83 13.15
CA ALA B 66 17.87 32.43 12.43
C ALA B 66 19.18 32.93 13.06
N ASP B 67 19.14 34.13 13.64
CA ASP B 67 20.28 34.70 14.35
C ASP B 67 20.58 33.90 15.63
N THR B 68 19.55 33.72 16.45
CA THR B 68 19.66 33.03 17.74
C THR B 68 19.99 31.53 17.64
N ARG B 69 19.65 30.91 16.51
CA ARG B 69 19.90 29.47 16.28
C ARG B 69 21.39 29.08 16.16
N LYS B 70 22.26 30.05 15.87
CA LYS B 70 23.69 29.77 15.60
C LYS B 70 24.51 29.19 16.77
N TYR B 71 23.97 29.26 18.00
CA TYR B 71 24.63 28.68 19.18
C TYR B 71 24.15 27.24 19.41
N LYS B 78 26.18 15.93 20.50
CA LYS B 78 25.99 14.69 21.25
C LYS B 78 27.28 14.24 21.93
N ALA B 79 27.23 14.09 23.25
CA ALA B 79 28.37 13.65 24.06
C ALA B 79 28.73 12.18 23.79
N PRO B 80 29.89 11.71 24.30
CA PRO B 80 30.23 10.30 24.11
C PRO B 80 29.31 9.33 24.85
N HIS B 81 29.39 8.05 24.49
CA HIS B 81 28.58 7.01 25.13
C HIS B 81 29.14 5.62 24.86
N ASP B 82 28.49 4.61 25.45
CA ASP B 82 28.91 3.21 25.33
C ASP B 82 30.39 3.06 25.65
N PHE B 83 30.75 3.46 26.87
CA PHE B 83 32.12 3.35 27.34
C PHE B 83 32.45 1.90 27.66
N MET B 84 33.73 1.55 27.55
CA MET B 84 34.19 0.19 27.84
C MET B 84 35.65 0.23 28.25
N PHE B 85 35.93 -0.23 29.47
CA PHE B 85 37.26 -0.22 30.05
C PHE B 85 37.97 -1.52 29.73
N VAL B 86 39.20 -1.43 29.25
CA VAL B 86 40.06 -2.61 29.06
C VAL B 86 41.42 -2.32 29.71
N LYS B 87 41.95 -3.32 30.39
CA LYS B 87 43.22 -3.18 31.13
C LYS B 87 44.42 -3.40 30.23
N ARG B 88 45.44 -2.58 30.43
CA ARG B 88 46.67 -2.62 29.62
C ARG B 88 47.57 -3.79 30.04
N ASN B 89 47.58 -4.09 31.35
CA ASN B 89 48.45 -5.15 31.92
C ASN B 89 49.90 -4.81 31.59
N ASP B 90 50.31 -3.64 32.04
CA ASP B 90 51.49 -2.94 31.53
C ASP B 90 52.32 -2.40 32.72
N PRO B 91 53.04 -3.29 33.43
CA PRO B 91 53.76 -2.88 34.65
C PRO B 91 54.85 -1.83 34.42
N ASP B 92 55.63 -1.98 33.35
CA ASP B 92 56.67 -1.02 32.99
C ASP B 92 56.08 0.30 32.48
N GLY B 93 55.05 0.21 31.64
CA GLY B 93 54.39 1.38 31.06
C GLY B 93 53.49 2.16 32.01
N PRO B 94 52.96 3.32 31.55
CA PRO B 94 52.30 4.29 32.40
C PRO B 94 50.76 4.26 32.46
N HIS B 95 50.13 3.43 31.63
CA HIS B 95 48.67 3.44 31.48
C HIS B 95 48.02 2.22 32.11
N SER B 96 46.97 2.46 32.89
CA SER B 96 46.25 1.41 33.62
C SER B 96 45.17 0.79 32.74
N ASP B 97 44.28 1.65 32.22
CA ASP B 97 43.19 1.27 31.33
C ASP B 97 43.27 2.01 29.99
N ARG B 98 42.63 1.44 28.99
CA ARG B 98 42.23 2.16 27.78
C ARG B 98 40.71 2.09 27.71
N ILE B 99 40.05 3.25 27.71
CA ILE B 99 38.59 3.29 27.49
C ILE B 99 38.28 3.41 26.00
N TYR B 100 37.21 2.74 25.57
CA TYR B 100 36.70 2.82 24.20
C TYR B 100 35.29 3.37 24.24
N TYR B 101 34.91 4.18 23.26
CA TYR B 101 33.61 4.85 23.26
C TYR B 101 33.20 5.38 21.90
N LEU B 102 31.89 5.65 21.77
CA LEU B 102 31.32 6.29 20.60
C LEU B 102 31.08 7.75 20.92
N ALA B 103 31.51 8.64 20.04
CA ALA B 103 31.27 10.08 20.16
C ALA B 103 31.27 10.72 18.78
N MET B 104 31.02 12.02 18.71
CA MET B 104 30.95 12.74 17.43
C MET B 104 32.20 13.59 17.13
N SER B 105 32.99 13.11 16.16
CA SER B 105 34.15 13.83 15.61
C SER B 105 35.16 14.32 16.66
N GLU B 110 29.36 12.98 12.78
CA GLU B 110 28.66 11.73 13.08
C GLU B 110 29.44 10.83 14.05
N ASN B 111 28.74 9.81 14.56
CA ASN B 111 29.32 8.90 15.57
C ASN B 111 30.35 7.92 14.99
N THR B 112 31.52 7.86 15.63
CA THR B 112 32.55 6.85 15.32
C THR B 112 33.26 6.43 16.61
N LEU B 113 33.99 5.31 16.53
CA LEU B 113 34.74 4.79 17.67
C LEU B 113 36.01 5.60 17.96
N PHE B 114 36.10 6.10 19.19
CA PHE B 114 37.31 6.74 19.71
C PHE B 114 37.85 5.92 20.87
N TYR B 115 39.01 6.33 21.38
CA TYR B 115 39.55 5.79 22.63
C TYR B 115 40.40 6.82 23.36
N SER B 116 40.53 6.61 24.67
CA SER B 116 41.37 7.44 25.53
C SER B 116 42.19 6.55 26.47
N GLU B 117 43.34 7.08 26.89
CA GLU B 117 44.27 6.39 27.76
C GLU B 117 44.08 6.89 29.19
N ILE B 118 43.71 6.00 30.11
CA ILE B 118 43.58 6.35 31.52
C ILE B 118 44.94 6.15 32.19
N PRO B 119 45.56 7.24 32.68
CA PRO B 119 46.90 7.11 33.27
C PRO B 119 46.88 6.54 34.68
N LYS B 120 47.92 5.77 35.02
CA LYS B 120 48.06 5.16 36.35
C LYS B 120 48.08 6.19 37.47
N THR B 121 48.66 7.35 37.17
CA THR B 121 48.78 8.46 38.12
C THR B 121 48.46 9.78 37.42
N ILE B 122 48.03 10.78 38.21
CA ILE B 122 47.77 12.14 37.71
C ILE B 122 48.45 13.20 38.57
N ASN B 123 48.69 14.35 37.96
CA ASN B 123 49.07 15.54 38.70
C ASN B 123 47.78 16.16 39.25
N ARG B 124 47.55 15.97 40.54
CA ARG B 124 46.31 16.44 41.19
C ARG B 124 46.21 17.96 41.37
N ALA B 125 47.33 18.67 41.22
CA ALA B 125 47.34 20.13 41.16
C ALA B 125 46.70 20.67 39.87
N ALA B 126 46.85 19.92 38.79
CA ALA B 126 46.29 20.24 37.47
C ALA B 126 45.00 19.44 37.18
N VAL B 127 44.42 19.70 36.01
CA VAL B 127 43.23 18.99 35.52
C VAL B 127 43.52 18.39 34.15
N LEU B 128 43.62 17.05 34.09
CA LEU B 128 43.87 16.34 32.83
C LEU B 128 42.63 16.34 31.92
N MET B 129 42.84 16.62 30.64
CA MET B 129 41.86 16.42 29.58
C MET B 129 42.33 15.25 28.71
N LEU B 130 41.50 14.22 28.60
CA LEU B 130 41.82 13.05 27.76
C LEU B 130 41.58 13.41 26.31
N SER B 131 42.61 13.28 25.48
CA SER B 131 42.47 13.51 24.04
C SER B 131 41.82 12.28 23.39
N TRP B 132 40.91 12.54 22.47
CA TRP B 132 40.13 11.49 21.82
C TRP B 132 40.95 10.94 20.64
N LYS B 133 41.45 9.72 20.78
CA LYS B 133 42.16 9.05 19.70
C LYS B 133 41.14 8.30 18.87
N PRO B 134 41.00 8.62 17.57
CA PRO B 134 40.04 7.88 16.75
C PRO B 134 40.54 6.46 16.47
N LEU B 135 39.69 5.47 16.75
CA LEU B 135 40.04 4.06 16.58
C LEU B 135 40.15 3.65 15.12
N LEU B 136 39.40 4.33 14.25
CA LEU B 136 39.24 3.93 12.86
C LEU B 136 39.81 4.97 11.88
N ASP B 137 40.39 4.50 10.77
CA ASP B 137 40.81 5.36 9.65
C ASP B 137 39.60 5.56 8.74
N LEU B 138 39.24 6.80 8.46
CA LEU B 138 37.97 7.15 7.82
C LEU B 138 38.20 7.99 6.55
N PHE B 139 37.51 9.12 6.38
CA PHE B 139 37.76 10.01 5.23
C PHE B 139 37.24 11.42 5.52
N GLN B 140 38.14 12.41 5.48
CA GLN B 140 37.84 13.83 5.77
C GLN B 140 37.23 14.02 7.18
N GLU B 153 33.07 11.09 -3.94
CA GLU B 153 32.72 12.49 -4.09
C GLU B 153 31.20 12.68 -4.26
N LEU B 154 30.66 12.26 -5.41
CA LEU B 154 29.22 12.39 -5.69
C LEU B 154 28.42 11.33 -4.93
N LEU B 155 28.41 10.09 -5.42
CA LEU B 155 27.71 8.96 -4.78
C LEU B 155 28.63 7.90 -4.16
N ARG B 156 29.95 8.12 -4.22
CA ARG B 156 30.94 7.26 -3.54
C ARG B 156 30.75 7.38 -2.02
N GLU B 157 30.54 8.61 -1.56
CA GLU B 157 30.09 8.87 -0.19
C GLU B 157 28.60 8.53 -0.04
N ARG B 158 28.17 8.34 1.21
CA ARG B 158 26.80 7.98 1.66
C ARG B 158 26.74 6.52 2.12
N LYS B 159 27.80 5.76 1.83
CA LYS B 159 28.10 4.51 2.53
C LYS B 159 29.40 4.54 3.34
N ARG B 160 30.24 5.56 3.17
CA ARG B 160 31.47 5.73 3.96
C ARG B 160 31.11 5.93 5.44
N ILE B 161 31.78 5.18 6.31
CA ILE B 161 31.36 5.05 7.72
C ILE B 161 31.52 6.33 8.53
N GLY B 162 32.38 7.23 8.08
CA GLY B 162 32.49 8.58 8.64
C GLY B 162 31.20 9.38 8.57
N THR B 163 30.47 9.22 7.46
CA THR B 163 29.23 9.95 7.20
C THR B 163 27.94 9.20 7.59
N VAL B 164 27.97 7.87 7.64
CA VAL B 164 26.80 7.09 8.04
C VAL B 164 26.62 7.12 9.56
N GLY B 165 27.66 6.67 10.26
CA GLY B 165 27.68 6.62 11.72
C GLY B 165 27.58 5.21 12.28
N ILE B 166 28.27 4.98 13.39
CA ILE B 166 28.15 3.75 14.18
C ILE B 166 27.17 4.00 15.32
N ALA B 167 26.19 3.11 15.45
CA ALA B 167 25.12 3.23 16.46
C ALA B 167 25.49 2.49 17.73
N SER B 168 25.90 1.24 17.59
CA SER B 168 26.36 0.40 18.70
C SER B 168 27.53 -0.45 18.24
N TYR B 169 28.14 -1.17 19.17
CA TYR B 169 29.22 -2.09 18.83
C TYR B 169 29.31 -3.25 19.83
N ASP B 170 29.59 -4.44 19.30
CA ASP B 170 29.86 -5.62 20.11
C ASP B 170 31.38 -5.71 20.30
N TYR B 171 31.81 -6.47 21.30
CA TYR B 171 33.23 -6.62 21.62
C TYR B 171 33.50 -7.93 22.36
N HIS B 172 34.31 -8.80 21.76
CA HIS B 172 34.75 -10.02 22.42
C HIS B 172 36.03 -9.73 23.21
N GLN B 173 35.93 -9.84 24.53
CA GLN B 173 37.06 -9.57 25.44
C GLN B 173 38.29 -10.42 25.16
N GLY B 174 38.08 -11.73 25.05
CA GLY B 174 39.15 -12.71 24.92
C GLY B 174 40.14 -12.49 23.78
N SER B 175 39.63 -12.05 22.63
CA SER B 175 40.42 -11.85 21.40
C SER B 175 40.75 -10.40 21.08
N GLY B 176 39.96 -9.47 21.62
CA GLY B 176 40.05 -8.05 21.28
C GLY B 176 39.15 -7.60 20.13
N THR B 177 38.35 -8.53 19.59
CA THR B 177 37.57 -8.29 18.38
C THR B 177 36.40 -7.32 18.61
N PHE B 178 36.43 -6.19 17.92
CA PHE B 178 35.27 -5.30 17.79
C PHE B 178 34.40 -5.74 16.62
N LEU B 179 33.11 -5.46 16.73
CA LEU B 179 32.16 -5.71 15.65
C LEU B 179 31.11 -4.61 15.69
N PHE B 180 30.78 -4.07 14.52
CA PHE B 180 29.80 -2.99 14.42
C PHE B 180 29.25 -2.83 13.01
N GLN B 181 27.98 -2.46 12.93
CA GLN B 181 27.35 -2.07 11.67
C GLN B 181 27.59 -0.59 11.43
N ALA B 182 27.74 -0.23 10.16
CA ALA B 182 27.81 1.17 9.73
C ALA B 182 27.22 1.28 8.33
N GLY B 183 25.91 1.43 8.28
CA GLY B 183 25.16 1.45 7.02
C GLY B 183 25.02 0.05 6.46
N SER B 184 25.19 -0.08 5.14
CA SER B 184 25.14 -1.37 4.45
C SER B 184 26.25 -2.34 4.90
N GLY B 185 27.39 -1.78 5.29
CA GLY B 185 28.55 -2.57 5.71
C GLY B 185 28.55 -2.94 7.19
N ILE B 186 29.05 -4.14 7.47
CA ILE B 186 29.33 -4.62 8.82
C ILE B 186 30.83 -4.87 8.89
N TYR B 187 31.50 -4.19 9.82
CA TYR B 187 32.96 -4.17 9.90
C TYR B 187 33.47 -4.69 11.23
N HIS B 188 34.72 -5.16 11.24
CA HIS B 188 35.39 -5.62 12.45
C HIS B 188 36.84 -5.15 12.52
N VAL B 189 37.33 -4.92 13.75
CA VAL B 189 38.75 -4.71 14.02
C VAL B 189 39.14 -5.48 15.29
N LYS B 190 40.44 -5.53 15.58
CA LYS B 190 40.95 -6.11 16.83
C LYS B 190 41.80 -5.10 17.58
N ASP B 191 41.46 -4.85 18.85
CA ASP B 191 42.27 -4.00 19.72
C ASP B 191 41.99 -4.24 21.21
N GLY B 192 43.04 -4.10 22.02
CA GLY B 192 42.97 -4.35 23.45
C GLY B 192 42.94 -5.81 23.87
N GLY B 193 43.21 -6.71 22.92
CA GLY B 193 43.23 -8.15 23.19
C GLY B 193 44.64 -8.61 23.48
N PRO B 194 44.86 -9.93 23.59
CA PRO B 194 46.18 -10.55 23.71
C PRO B 194 47.19 -10.08 22.64
N GLN B 195 46.72 -9.83 21.42
CA GLN B 195 47.56 -9.31 20.34
C GLN B 195 48.25 -8.00 20.74
N GLY B 196 47.48 -7.07 21.30
CA GLY B 196 48.02 -5.84 21.87
C GLY B 196 47.16 -4.61 21.65
N PHE B 197 47.80 -3.45 21.74
CA PHE B 197 47.12 -2.15 21.65
C PHE B 197 47.74 -1.29 20.53
N THR B 198 46.90 -0.76 19.64
CA THR B 198 47.34 0.15 18.58
C THR B 198 47.62 1.56 19.11
N GLN B 199 48.61 2.22 18.50
CA GLN B 199 48.95 3.62 18.81
C GLN B 199 48.53 4.57 17.67
N GLN B 200 47.77 4.05 16.70
CA GLN B 200 47.34 4.81 15.53
C GLN B 200 46.07 4.18 14.97
N PRO B 201 45.33 4.92 14.11
CA PRO B 201 44.03 4.41 13.66
C PRO B 201 44.09 3.07 12.91
N LEU B 202 42.97 2.35 12.95
CA LEU B 202 42.85 1.01 12.38
C LEU B 202 41.98 1.04 11.13
N ARG B 203 42.28 0.14 10.20
CA ARG B 203 41.48 -0.03 8.99
C ARG B 203 40.27 -0.90 9.31
N PRO B 204 39.04 -0.42 8.99
CA PRO B 204 37.87 -1.31 9.11
C PRO B 204 37.93 -2.46 8.11
N ASN B 205 37.70 -3.68 8.60
CA ASN B 205 37.68 -4.87 7.74
C ASN B 205 36.24 -5.26 7.46
N LEU B 206 35.83 -5.11 6.20
CA LEU B 206 34.47 -5.46 5.78
C LEU B 206 34.25 -6.96 5.87
N VAL B 207 33.09 -7.35 6.43
CA VAL B 207 32.67 -8.74 6.45
C VAL B 207 32.05 -9.06 5.09
N GLU B 208 32.49 -10.17 4.50
CA GLU B 208 32.00 -10.61 3.20
C GLU B 208 30.56 -11.09 3.32
N THR B 209 29.80 -10.93 2.24
CA THR B 209 28.43 -11.45 2.19
C THR B 209 27.95 -11.71 0.77
N SER B 210 27.16 -12.77 0.63
CA SER B 210 26.38 -13.05 -0.58
C SER B 210 24.91 -12.62 -0.41
N CYS B 211 24.56 -12.08 0.76
CA CYS B 211 23.21 -11.57 1.02
C CYS B 211 23.00 -10.24 0.29
N PRO B 212 21.89 -10.10 -0.46
CA PRO B 212 21.68 -8.90 -1.29
C PRO B 212 21.23 -7.61 -0.58
N ASN B 213 20.87 -7.68 0.71
CA ASN B 213 20.22 -6.55 1.39
C ASN B 213 20.96 -6.12 2.65
N ILE B 214 20.60 -4.93 3.11
CA ILE B 214 21.10 -4.34 4.37
C ILE B 214 21.03 -5.35 5.54
N ARG B 215 22.20 -5.77 6.00
CA ARG B 215 22.30 -6.70 7.13
C ARG B 215 22.15 -5.94 8.44
N MET B 216 21.17 -6.35 9.25
CA MET B 216 20.84 -5.66 10.51
C MET B 216 21.32 -6.43 11.74
N ASP B 217 21.64 -5.66 12.80
CA ASP B 217 21.86 -6.18 14.16
C ASP B 217 22.95 -7.27 14.21
N PRO B 218 24.21 -6.87 13.95
CA PRO B 218 25.31 -7.84 14.06
C PRO B 218 25.70 -8.09 15.51
N LYS B 219 26.00 -9.35 15.82
CA LYS B 219 26.45 -9.76 17.15
C LYS B 219 27.55 -10.82 17.05
N LEU B 220 28.64 -10.59 17.78
CA LEU B 220 29.71 -11.59 17.95
C LEU B 220 29.22 -12.73 18.82
N CYS B 221 29.59 -13.95 18.44
CA CYS B 221 29.41 -15.10 19.31
C CYS B 221 30.42 -14.99 20.44
N PRO B 222 29.96 -14.88 21.72
CA PRO B 222 30.92 -14.81 22.82
C PRO B 222 31.77 -16.08 23.00
N ALA B 223 31.25 -17.22 22.52
CA ALA B 223 32.03 -18.47 22.51
C ALA B 223 33.16 -18.48 21.46
N ASP B 224 32.91 -17.91 20.28
CA ASP B 224 33.91 -17.89 19.19
C ASP B 224 33.82 -16.59 18.34
N PRO B 225 34.80 -15.67 18.49
CA PRO B 225 34.73 -14.38 17.78
C PRO B 225 34.96 -14.46 16.27
N ASP B 226 35.40 -15.61 15.78
CA ASP B 226 35.38 -15.91 14.35
C ASP B 226 33.95 -15.93 13.80
N TRP B 227 33.02 -16.53 14.55
CA TRP B 227 31.60 -16.58 14.16
C TRP B 227 30.84 -15.32 14.63
N ILE B 228 30.00 -14.81 13.74
CA ILE B 228 29.04 -13.74 14.08
C ILE B 228 27.66 -14.11 13.56
N ALA B 229 26.66 -13.36 14.01
CA ALA B 229 25.29 -13.52 13.53
C ALA B 229 24.67 -12.17 13.27
N PHE B 230 23.83 -12.13 12.22
CA PHE B 230 23.06 -10.95 11.87
C PHE B 230 21.71 -11.36 11.31
N ILE B 231 20.85 -10.37 11.18
CA ILE B 231 19.54 -10.54 10.59
C ILE B 231 19.60 -10.06 9.14
N HIS B 232 18.97 -10.81 8.24
CA HIS B 232 18.81 -10.40 6.84
C HIS B 232 17.39 -10.74 6.37
N SER B 233 16.65 -9.71 5.95
CA SER B 233 15.26 -9.83 5.51
C SER B 233 14.41 -10.63 6.50
N ASN B 234 14.48 -10.21 7.77
CA ASN B 234 13.76 -10.85 8.88
C ASN B 234 14.03 -12.36 9.02
N ASP B 235 15.29 -12.74 8.85
CA ASP B 235 15.77 -14.09 9.11
C ASP B 235 17.18 -14.05 9.67
N ILE B 236 17.49 -15.02 10.54
CA ILE B 236 18.79 -15.09 11.19
C ILE B 236 19.78 -15.78 10.26
N TRP B 237 20.92 -15.13 10.08
CA TRP B 237 22.06 -15.69 9.37
C TRP B 237 23.27 -15.71 10.30
N ILE B 238 24.24 -16.55 9.99
CA ILE B 238 25.58 -16.49 10.60
C ILE B 238 26.64 -16.37 9.53
N SER B 239 27.84 -15.96 9.93
CA SER B 239 28.94 -15.71 9.00
C SER B 239 30.28 -15.73 9.71
N ASN B 240 31.20 -16.56 9.21
CA ASN B 240 32.56 -16.65 9.77
C ASN B 240 33.44 -15.56 9.16
N ILE B 241 34.00 -14.70 10.02
CA ILE B 241 34.84 -13.58 9.55
C ILE B 241 36.25 -13.96 9.06
N VAL B 242 36.73 -15.17 9.40
CA VAL B 242 38.04 -15.65 8.90
C VAL B 242 37.90 -16.57 7.68
N THR B 243 36.99 -17.55 7.76
CA THR B 243 36.79 -18.53 6.66
C THR B 243 35.80 -18.07 5.58
N ARG B 244 35.17 -16.90 5.77
CA ARG B 244 34.18 -16.34 4.83
C ARG B 244 32.93 -17.20 4.60
N GLU B 245 32.73 -18.21 5.46
CA GLU B 245 31.60 -19.12 5.34
C GLU B 245 30.35 -18.41 5.84
N GLU B 246 29.23 -18.67 5.19
CA GLU B 246 27.98 -17.94 5.45
C GLU B 246 26.77 -18.86 5.26
N ARG B 247 25.89 -18.89 6.27
CA ARG B 247 24.74 -19.79 6.26
C ARG B 247 23.48 -19.14 6.84
N ARG B 248 22.33 -19.50 6.25
CA ARG B 248 21.01 -19.04 6.66
C ARG B 248 20.42 -20.02 7.69
N LEU B 249 20.39 -19.59 8.96
CA LEU B 249 19.88 -20.43 10.05
C LEU B 249 18.37 -20.65 10.03
N THR B 250 17.63 -19.64 9.55
CA THR B 250 16.16 -19.67 9.57
C THR B 250 15.57 -19.37 8.19
N TYR B 251 14.51 -20.08 7.84
CA TYR B 251 13.80 -19.90 6.56
C TYR B 251 12.31 -19.65 6.85
N VAL B 252 12.00 -18.39 7.13
CA VAL B 252 10.69 -17.99 7.66
C VAL B 252 10.03 -16.88 6.83
N HIS B 253 10.80 -15.82 6.54
CA HIS B 253 10.34 -14.71 5.70
C HIS B 253 10.82 -14.91 4.26
N ASN B 254 9.87 -15.11 3.36
CA ASN B 254 10.12 -15.05 1.92
C ASN B 254 10.16 -13.58 1.51
N GLU B 255 11.35 -13.08 1.16
CA GLU B 255 11.53 -11.68 0.75
C GLU B 255 10.87 -11.34 -0.59
N LEU B 256 10.78 -12.32 -1.48
CA LEU B 256 10.26 -12.14 -2.84
C LEU B 256 8.77 -11.81 -2.84
N ALA B 257 8.01 -12.57 -2.06
CA ALA B 257 6.59 -12.30 -1.83
C ALA B 257 6.40 -11.10 -0.91
N ASN B 258 5.25 -10.43 -1.04
CA ASN B 258 4.97 -9.20 -0.29
C ASN B 258 4.56 -9.47 1.18
N MET B 259 4.36 -8.38 1.92
CA MET B 259 3.95 -8.42 3.34
C MET B 259 2.64 -9.19 3.59
N GLU B 260 1.58 -8.75 2.91
CA GLU B 260 0.19 -9.19 3.18
C GLU B 260 0.02 -10.72 3.34
N GLU B 261 0.67 -11.47 2.45
CA GLU B 261 0.60 -12.94 2.44
C GLU B 261 1.71 -13.64 3.21
N ASP B 262 2.85 -12.96 3.43
CA ASP B 262 3.99 -13.53 4.20
C ASP B 262 3.95 -13.15 5.69
N ALA B 263 4.53 -12.00 6.05
CA ALA B 263 4.53 -11.45 7.42
C ALA B 263 4.84 -12.42 8.57
N ARG B 264 5.92 -13.19 8.41
CA ARG B 264 6.57 -13.90 9.54
C ARG B 264 8.02 -13.42 9.62
N SER B 265 8.61 -13.58 10.80
CA SER B 265 9.97 -13.09 11.04
C SER B 265 10.66 -13.88 12.15
N ALA B 266 11.98 -13.99 12.05
CA ALA B 266 12.79 -14.72 13.02
C ALA B 266 13.94 -13.85 13.52
N GLY B 267 14.14 -13.84 14.83
CA GLY B 267 15.24 -13.09 15.47
C GLY B 267 15.07 -11.58 15.48
N VAL B 268 13.83 -11.12 15.30
CA VAL B 268 13.52 -9.70 15.14
C VAL B 268 12.45 -9.29 16.14
N ALA B 269 12.63 -8.12 16.73
CA ALA B 269 11.65 -7.55 17.64
C ALA B 269 10.51 -6.92 16.84
N THR B 270 9.28 -7.18 17.28
CA THR B 270 8.09 -6.56 16.68
C THR B 270 8.10 -5.04 16.97
N PHE B 271 7.34 -4.30 16.17
CA PHE B 271 7.09 -2.88 16.40
C PHE B 271 6.82 -2.51 17.86
N VAL B 272 5.91 -3.25 18.48
CA VAL B 272 5.46 -2.96 19.86
C VAL B 272 6.63 -3.07 20.85
N LEU B 273 7.43 -4.11 20.71
CA LEU B 273 8.56 -4.36 21.59
C LEU B 273 9.71 -3.36 21.44
N GLN B 274 9.83 -2.75 20.26
CA GLN B 274 10.80 -1.68 20.03
C GLN B 274 10.27 -0.36 20.58
N GLU B 275 9.09 0.05 20.12
CA GLU B 275 8.51 1.35 20.47
C GLU B 275 7.99 1.48 21.89
N GLU B 276 7.56 0.37 22.50
CA GLU B 276 6.94 0.41 23.84
C GLU B 276 7.63 -0.40 24.95
N PHE B 277 8.58 -1.26 24.60
CA PHE B 277 9.40 -1.96 25.61
C PHE B 277 10.92 -1.84 25.42
N ASP B 278 11.36 -1.18 24.35
CA ASP B 278 12.80 -0.96 24.06
C ASP B 278 13.64 -2.24 24.08
N ARG B 279 13.10 -3.30 23.48
CA ARG B 279 13.88 -4.49 23.13
C ARG B 279 14.01 -4.46 21.61
N TYR B 280 15.25 -4.39 21.13
CA TYR B 280 15.54 -4.10 19.73
C TYR B 280 16.01 -5.33 18.96
N SER B 281 16.91 -6.10 19.57
CA SER B 281 17.27 -7.43 19.08
C SER B 281 16.22 -8.45 19.50
N GLY B 282 16.13 -9.54 18.72
CA GLY B 282 15.26 -10.68 19.04
C GLY B 282 15.94 -12.05 18.99
N TYR B 283 17.27 -12.08 19.05
CA TYR B 283 18.06 -13.31 19.11
C TYR B 283 19.26 -13.12 20.03
N TRP B 284 19.70 -14.21 20.67
CA TRP B 284 20.74 -14.17 21.69
C TRP B 284 21.66 -15.40 21.63
N TRP B 285 22.94 -15.17 21.30
CA TRP B 285 23.97 -16.21 21.32
C TRP B 285 24.06 -16.84 22.70
N CYS B 286 24.27 -18.15 22.75
CA CYS B 286 24.60 -18.83 23.99
C CYS B 286 26.09 -18.56 24.29
N PRO B 287 26.40 -17.99 25.47
CA PRO B 287 27.75 -17.50 25.75
C PRO B 287 28.85 -18.58 25.78
N LYS B 288 28.45 -19.82 26.08
CA LYS B 288 29.35 -20.98 26.00
C LYS B 288 28.96 -21.93 24.88
N ALA B 289 29.95 -22.68 24.41
CA ALA B 289 29.76 -23.72 23.40
C ALA B 289 29.99 -25.09 24.03
N GLU B 290 29.06 -26.02 23.79
CA GLU B 290 29.24 -27.41 24.20
C GLU B 290 30.25 -28.09 23.27
N THR B 291 30.92 -29.12 23.78
CA THR B 291 31.89 -29.91 23.01
C THR B 291 31.22 -31.15 22.42
N THR B 292 31.56 -31.47 21.17
CA THR B 292 31.24 -32.76 20.55
C THR B 292 32.41 -33.72 20.83
N PRO B 293 32.13 -34.98 21.22
CA PRO B 293 33.19 -35.95 21.57
C PRO B 293 34.36 -36.09 20.58
N SER B 294 34.10 -35.91 19.27
CA SER B 294 35.13 -36.03 18.23
C SER B 294 35.68 -34.66 17.78
N GLY B 295 36.25 -33.92 18.74
CA GLY B 295 37.03 -32.70 18.46
C GLY B 295 36.34 -31.56 17.75
N GLY B 296 35.08 -31.29 18.10
CA GLY B 296 34.32 -30.16 17.55
C GLY B 296 33.61 -29.37 18.63
N LYS B 297 32.58 -28.62 18.24
CA LYS B 297 31.75 -27.86 19.19
C LYS B 297 30.35 -27.53 18.66
N ILE B 298 29.47 -27.16 19.59
CA ILE B 298 28.07 -26.83 19.27
C ILE B 298 27.74 -25.42 19.78
N LEU B 299 27.55 -24.49 18.86
CA LEU B 299 27.09 -23.14 19.16
C LEU B 299 25.56 -23.11 19.11
N ARG B 300 24.95 -22.34 20.02
CA ARG B 300 23.50 -22.21 20.11
C ARG B 300 23.07 -20.75 20.06
N ILE B 301 21.90 -20.51 19.47
CA ILE B 301 21.30 -19.17 19.37
C ILE B 301 19.81 -19.25 19.68
N LEU B 302 19.43 -18.71 20.82
CA LEU B 302 18.02 -18.51 21.17
C LEU B 302 17.44 -17.41 20.29
N TYR B 303 16.16 -17.53 19.89
CA TYR B 303 15.49 -16.49 19.11
C TYR B 303 13.95 -16.47 19.20
N GLU B 304 13.38 -15.27 19.18
CA GLU B 304 11.91 -15.07 19.14
C GLU B 304 11.44 -15.20 17.69
N GLU B 305 10.54 -16.15 17.45
CA GLU B 305 9.88 -16.30 16.14
C GLU B 305 8.49 -15.67 16.21
N ASN B 306 8.19 -14.77 15.27
CA ASN B 306 6.94 -14.00 15.27
C ASN B 306 6.10 -14.31 14.02
N ASP B 307 4.86 -14.72 14.24
CA ASP B 307 3.84 -14.78 13.20
C ASP B 307 2.90 -13.58 13.43
N GLU B 308 2.92 -12.64 12.49
CA GLU B 308 2.11 -11.41 12.57
C GLU B 308 0.95 -11.40 11.57
N SER B 309 0.53 -12.58 11.11
CA SER B 309 -0.54 -12.69 10.10
C SER B 309 -1.89 -12.18 10.58
N GLU B 310 -2.17 -12.37 11.88
CA GLU B 310 -3.43 -11.92 12.49
C GLU B 310 -3.42 -10.46 12.96
N VAL B 311 -2.25 -9.82 12.94
CA VAL B 311 -2.12 -8.42 13.33
C VAL B 311 -2.73 -7.53 12.24
N GLU B 312 -3.37 -6.43 12.63
CA GLU B 312 -3.95 -5.48 11.68
C GLU B 312 -2.89 -4.80 10.82
N ILE B 313 -3.26 -4.53 9.57
CA ILE B 313 -2.41 -3.84 8.61
C ILE B 313 -2.88 -2.39 8.49
N ILE B 314 -1.93 -1.46 8.61
CA ILE B 314 -2.20 -0.03 8.59
C ILE B 314 -1.40 0.56 7.43
N HIS B 315 -2.06 1.37 6.59
CA HIS B 315 -1.39 2.11 5.52
C HIS B 315 -1.05 3.51 6.00
N VAL B 316 0.23 3.86 5.93
CA VAL B 316 0.69 5.24 6.12
C VAL B 316 1.35 5.70 4.82
N THR B 317 1.26 7.01 4.57
CA THR B 317 1.76 7.61 3.32
C THR B 317 3.26 7.34 3.11
N SER B 318 3.63 7.07 1.86
CA SER B 318 5.04 6.90 1.49
C SER B 318 5.71 8.28 1.43
N PRO B 319 6.93 8.42 2.01
CA PRO B 319 7.68 9.68 1.93
C PRO B 319 7.93 10.18 0.51
N MET B 320 8.04 9.27 -0.45
CA MET B 320 8.12 9.62 -1.87
C MET B 320 6.74 10.10 -2.33
N LEU B 321 6.39 11.33 -1.94
CA LEU B 321 5.05 11.90 -2.18
C LEU B 321 4.70 12.03 -3.67
N GLU B 322 5.73 12.03 -4.52
CA GLU B 322 5.59 11.94 -5.98
C GLU B 322 4.72 10.76 -6.43
N THR B 323 4.92 9.60 -5.80
CA THR B 323 4.20 8.37 -6.15
C THR B 323 2.73 8.39 -5.75
N ARG B 324 2.43 9.00 -4.60
CA ARG B 324 1.07 9.10 -4.05
C ARG B 324 0.51 7.72 -3.73
N ARG B 325 1.32 6.95 -3.01
CA ARG B 325 1.04 5.58 -2.58
C ARG B 325 1.30 5.48 -1.08
N ALA B 326 1.01 4.33 -0.49
CA ALA B 326 1.14 4.14 0.96
C ALA B 326 1.83 2.82 1.32
N ASP B 327 2.70 2.89 2.33
CA ASP B 327 3.41 1.73 2.83
C ASP B 327 2.55 1.02 3.88
N SER B 328 2.26 -0.26 3.64
CA SER B 328 1.54 -1.08 4.62
C SER B 328 2.49 -1.49 5.74
N PHE B 329 2.03 -1.41 6.98
CA PHE B 329 2.79 -2.02 8.10
C PHE B 329 1.89 -2.49 9.26
N ARG B 330 2.43 -3.43 10.03
CA ARG B 330 1.68 -4.16 11.06
C ARG B 330 1.55 -3.35 12.36
N TYR B 331 0.32 -2.96 12.70
CA TYR B 331 0.04 -2.14 13.87
C TYR B 331 -0.98 -2.80 14.80
N PRO B 332 -0.50 -3.41 15.91
CA PRO B 332 -1.43 -3.97 16.90
C PRO B 332 -2.23 -2.88 17.60
N LYS B 333 -3.37 -2.54 16.98
CA LYS B 333 -4.36 -1.63 17.54
C LYS B 333 -4.82 -2.11 18.92
N THR B 334 -5.14 -1.17 19.81
CA THR B 334 -5.59 -1.49 21.17
C THR B 334 -6.78 -2.46 21.16
N GLY B 335 -6.62 -3.57 21.87
CA GLY B 335 -7.63 -4.62 21.95
C GLY B 335 -7.74 -5.52 20.73
N THR B 336 -6.74 -5.48 19.85
CA THR B 336 -6.66 -6.34 18.68
C THR B 336 -5.46 -7.26 18.84
N ALA B 337 -5.29 -8.21 17.93
CA ALA B 337 -4.26 -9.25 18.05
C ALA B 337 -2.84 -8.69 18.07
N ASN B 338 -2.07 -9.10 19.08
CA ASN B 338 -0.60 -8.99 19.06
C ASN B 338 -0.04 -10.13 18.18
N PRO B 339 1.26 -10.08 17.88
CA PRO B 339 1.89 -11.22 17.20
C PRO B 339 1.84 -12.51 18.02
N LYS B 340 1.67 -13.63 17.32
CA LYS B 340 1.80 -14.95 17.93
C LYS B 340 3.30 -15.22 18.04
N VAL B 341 3.77 -15.45 19.27
CA VAL B 341 5.21 -15.57 19.54
C VAL B 341 5.58 -16.91 20.16
N THR B 342 6.86 -17.23 20.04
CA THR B 342 7.44 -18.44 20.63
C THR B 342 8.96 -18.40 20.53
N PHE B 343 9.62 -19.09 21.46
CA PHE B 343 11.07 -19.22 21.47
C PHE B 343 11.52 -20.36 20.55
N LYS B 344 12.74 -20.23 20.05
CA LYS B 344 13.35 -21.20 19.14
C LYS B 344 14.84 -21.24 19.40
N MET B 345 15.45 -22.39 19.17
CA MET B 345 16.90 -22.58 19.33
C MET B 345 17.50 -23.15 18.04
N SER B 346 18.58 -22.55 17.57
CA SER B 346 19.28 -22.99 16.35
C SER B 346 20.67 -23.50 16.71
N GLU B 347 20.82 -24.82 16.76
CA GLU B 347 22.10 -25.48 17.10
C GLU B 347 22.98 -25.56 15.87
N ILE B 348 24.19 -25.01 15.98
CA ILE B 348 25.19 -25.04 14.92
C ILE B 348 26.33 -25.96 15.37
N MET B 349 26.48 -27.11 14.70
CA MET B 349 27.63 -28.01 14.94
C MET B 349 28.81 -27.58 14.07
N ILE B 350 30.00 -27.59 14.67
CA ILE B 350 31.25 -27.20 14.00
C ILE B 350 32.36 -28.21 14.32
N ASP B 351 33.03 -28.72 13.29
CA ASP B 351 34.19 -29.62 13.44
C ASP B 351 35.45 -28.83 13.82
N ALA B 352 36.54 -29.55 14.11
CA ALA B 352 37.84 -28.94 14.49
C ALA B 352 38.32 -27.77 13.63
N GLU B 353 37.99 -27.81 12.34
CA GLU B 353 38.47 -26.83 11.36
C GLU B 353 37.79 -25.45 11.49
N GLY B 354 36.54 -25.44 11.93
CA GLY B 354 35.70 -24.24 11.92
C GLY B 354 34.59 -24.27 10.86
N ARG B 355 34.48 -25.38 10.13
CA ARG B 355 33.41 -25.56 9.14
C ARG B 355 32.10 -25.91 9.83
N ILE B 356 30.99 -25.55 9.20
CA ILE B 356 29.66 -25.96 9.67
C ILE B 356 29.45 -27.41 9.24
N ILE B 357 29.14 -28.27 10.20
CA ILE B 357 28.75 -29.65 9.92
C ILE B 357 27.30 -29.65 9.42
N ASP B 358 26.42 -29.18 10.29
CA ASP B 358 24.98 -29.34 10.13
C ASP B 358 24.27 -28.42 11.13
N VAL B 359 23.20 -27.76 10.68
CA VAL B 359 22.44 -26.81 11.49
C VAL B 359 21.08 -27.41 11.82
N ILE B 360 20.85 -27.68 13.10
CA ILE B 360 19.56 -28.21 13.58
C ILE B 360 18.75 -27.06 14.16
N ASP B 361 17.67 -26.67 13.47
CA ASP B 361 16.70 -25.71 14.01
C ASP B 361 15.78 -26.47 14.96
N LYS B 362 15.46 -25.86 16.10
CA LYS B 362 14.68 -26.53 17.15
C LYS B 362 13.49 -25.72 17.68
N GLU B 363 12.39 -26.43 17.93
CA GLU B 363 11.15 -25.85 18.46
C GLU B 363 10.88 -26.37 19.86
N LEU B 364 10.03 -25.68 20.61
CA LEU B 364 9.66 -26.09 21.97
C LEU B 364 8.89 -27.42 21.96
N ILE B 365 9.16 -28.24 22.97
CA ILE B 365 8.55 -29.58 23.09
C ILE B 365 7.01 -29.55 23.17
N GLN B 366 6.48 -28.52 23.83
CA GLN B 366 5.05 -28.21 23.79
C GLN B 366 4.92 -26.78 23.28
N PRO B 367 3.71 -26.37 22.84
CA PRO B 367 3.58 -24.98 22.37
C PRO B 367 3.86 -23.92 23.43
N PHE B 368 4.16 -22.71 22.97
CA PHE B 368 4.40 -21.55 23.84
C PHE B 368 3.19 -21.24 24.74
N GLU B 369 2.00 -21.39 24.17
CA GLU B 369 0.74 -21.13 24.89
C GLU B 369 0.50 -22.06 26.10
N ILE B 370 1.10 -23.26 26.05
CA ILE B 370 0.99 -24.25 27.14
C ILE B 370 2.06 -24.04 28.22
N LEU B 371 3.32 -24.00 27.81
CA LEU B 371 4.46 -23.86 28.72
C LEU B 371 4.46 -22.54 29.47
N PHE B 372 4.35 -21.45 28.72
CA PHE B 372 4.33 -20.09 29.27
C PHE B 372 2.90 -19.57 29.21
N GLU B 373 2.05 -20.25 29.96
CA GLU B 373 0.60 -20.00 29.95
C GLU B 373 0.32 -18.59 30.47
N GLY B 374 -0.53 -17.87 29.73
CA GLY B 374 -0.89 -16.50 30.07
C GLY B 374 -0.03 -15.41 29.46
N VAL B 375 1.15 -15.75 28.96
CA VAL B 375 2.12 -14.77 28.47
C VAL B 375 1.67 -14.18 27.14
N GLU B 376 1.70 -12.85 27.05
CA GLU B 376 1.46 -12.12 25.80
C GLU B 376 2.76 -11.57 25.21
N TYR B 377 3.57 -10.91 26.05
CA TYR B 377 4.81 -10.24 25.60
C TYR B 377 6.07 -10.90 26.16
N ILE B 378 7.06 -11.08 25.30
CA ILE B 378 8.43 -11.42 25.71
C ILE B 378 9.18 -10.10 25.85
N ALA B 379 9.32 -9.63 27.08
CA ALA B 379 9.89 -8.31 27.39
C ALA B 379 11.40 -8.28 27.22
N ARG B 380 12.08 -9.24 27.85
CA ARG B 380 13.54 -9.39 27.78
C ARG B 380 13.92 -10.86 27.75
N ALA B 381 15.16 -11.13 27.34
CA ALA B 381 15.69 -12.49 27.33
C ALA B 381 17.20 -12.52 27.20
N GLY B 382 17.79 -13.63 27.65
CA GLY B 382 19.22 -13.85 27.50
C GLY B 382 19.64 -15.23 28.00
N TRP B 383 20.82 -15.29 28.58
CA TRP B 383 21.38 -16.54 29.13
C TRP B 383 22.02 -16.31 30.49
N THR B 384 22.23 -17.40 31.21
CA THR B 384 23.02 -17.38 32.44
C THR B 384 24.50 -17.26 32.03
N PRO B 385 25.35 -16.70 32.91
CA PRO B 385 26.79 -16.57 32.61
C PRO B 385 27.48 -17.88 32.17
N GLU B 386 27.24 -18.94 32.92
CA GLU B 386 27.76 -20.28 32.60
C GLU B 386 27.13 -20.90 31.35
N GLY B 387 25.95 -20.43 30.96
CA GLY B 387 25.31 -20.78 29.69
C GLY B 387 24.42 -22.01 29.75
N LYS B 388 24.01 -22.41 30.96
CA LYS B 388 23.24 -23.64 31.16
C LYS B 388 21.78 -23.44 30.76
N TYR B 389 21.15 -22.41 31.33
CA TYR B 389 19.76 -22.05 31.00
C TYR B 389 19.69 -20.69 30.30
N ALA B 390 18.81 -20.58 29.32
CA ALA B 390 18.43 -19.29 28.75
C ALA B 390 17.30 -18.71 29.60
N TRP B 391 17.41 -17.44 29.98
CA TRP B 391 16.36 -16.77 30.78
C TRP B 391 15.47 -15.91 29.90
N SER B 392 14.35 -15.50 30.48
CA SER B 392 13.37 -14.66 29.81
C SER B 392 12.43 -14.00 30.81
N ILE B 393 12.09 -12.74 30.54
CA ILE B 393 11.16 -11.96 31.37
C ILE B 393 9.85 -11.78 30.60
N LEU B 394 8.74 -12.24 31.18
CA LEU B 394 7.49 -12.48 30.44
C LEU B 394 6.26 -11.85 31.09
N LEU B 395 5.57 -11.01 30.33
CA LEU B 395 4.34 -10.34 30.78
C LEU B 395 3.08 -10.99 30.23
N ASP B 396 1.99 -10.88 31.00
CA ASP B 396 0.64 -11.16 30.49
C ASP B 396 0.11 -9.94 29.75
N ARG B 397 -0.99 -10.10 29.04
CA ARG B 397 -1.56 -9.03 28.19
C ARG B 397 -1.90 -7.74 28.93
N SER B 398 -2.42 -7.88 30.15
CA SER B 398 -2.74 -6.72 31.01
C SER B 398 -1.49 -6.05 31.61
N GLN B 399 -0.35 -6.76 31.58
CA GLN B 399 0.95 -6.25 32.05
C GLN B 399 0.96 -5.96 33.55
N THR B 400 0.26 -6.81 34.30
CA THR B 400 0.20 -6.75 35.76
C THR B 400 0.89 -7.95 36.42
N ARG B 401 1.50 -8.85 35.63
CA ARG B 401 2.18 -10.03 36.15
C ARG B 401 3.47 -10.28 35.37
N LEU B 402 4.60 -10.06 36.05
CA LEU B 402 5.92 -10.31 35.49
C LEU B 402 6.41 -11.68 35.94
N GLN B 403 7.15 -12.36 35.06
CA GLN B 403 7.74 -13.67 35.36
C GLN B 403 9.15 -13.75 34.78
N ILE B 404 10.13 -14.06 35.62
CA ILE B 404 11.46 -14.43 35.15
C ILE B 404 11.45 -15.94 35.02
N VAL B 405 11.83 -16.46 33.85
CA VAL B 405 11.74 -17.90 33.59
C VAL B 405 13.04 -18.43 32.99
N LEU B 406 13.65 -19.40 33.67
CA LEU B 406 14.75 -20.18 33.11
C LEU B 406 14.20 -21.23 32.16
N ILE B 407 14.83 -21.32 30.99
CA ILE B 407 14.39 -22.16 29.88
C ILE B 407 15.60 -22.99 29.44
N SER B 408 15.64 -24.25 29.86
CA SER B 408 16.75 -25.15 29.51
C SER B 408 16.74 -25.45 28.00
N PRO B 409 17.92 -25.66 27.39
CA PRO B 409 17.96 -26.07 25.98
C PRO B 409 17.31 -27.44 25.71
N GLU B 410 17.25 -28.30 26.73
CA GLU B 410 16.57 -29.59 26.65
C GLU B 410 15.05 -29.51 26.44
N LEU B 411 14.45 -28.36 26.74
CA LEU B 411 13.04 -28.09 26.39
C LEU B 411 12.74 -28.04 24.88
N PHE B 412 13.78 -27.82 24.07
CA PHE B 412 13.66 -27.76 22.61
C PHE B 412 13.98 -29.10 21.94
N ILE B 413 13.34 -29.36 20.80
CA ILE B 413 13.59 -30.56 19.98
C ILE B 413 13.69 -30.21 18.50
N PRO B 414 14.31 -31.09 17.68
CA PRO B 414 14.33 -30.84 16.24
C PRO B 414 12.95 -30.73 15.61
N VAL B 415 12.83 -29.89 14.59
CA VAL B 415 11.58 -29.69 13.87
C VAL B 415 11.48 -30.76 12.79
N GLU B 416 10.54 -31.69 12.96
CA GLU B 416 10.31 -32.79 11.99
C GLU B 416 8.88 -32.75 11.45
N ASP B 417 8.75 -32.83 10.12
CA ASP B 417 7.45 -32.98 9.45
C ASP B 417 6.86 -34.37 9.71
N ASP B 418 7.72 -35.38 9.74
CA ASP B 418 7.34 -36.76 10.07
C ASP B 418 6.78 -36.83 11.49
N VAL B 419 5.49 -37.13 11.61
CA VAL B 419 4.80 -37.17 12.92
C VAL B 419 5.29 -38.33 13.82
N MET B 420 5.82 -39.40 13.22
CA MET B 420 6.40 -40.53 13.96
C MET B 420 7.73 -40.19 14.63
N GLU B 421 8.55 -39.39 13.95
CA GLU B 421 9.82 -38.93 14.52
C GLU B 421 9.62 -37.90 15.64
N ARG B 422 8.70 -36.96 15.44
CA ARG B 422 8.31 -36.00 16.51
C ARG B 422 7.75 -36.72 17.74
N GLN B 423 6.87 -37.69 17.50
CA GLN B 423 6.34 -38.57 18.56
C GLN B 423 7.46 -39.21 19.39
N ARG B 424 8.47 -39.72 18.70
CA ARG B 424 9.63 -40.35 19.33
C ARG B 424 10.52 -39.33 20.05
N LEU B 425 10.75 -38.18 19.40
CA LEU B 425 11.59 -37.10 19.96
C LEU B 425 11.00 -36.47 21.23
N ILE B 426 9.67 -36.37 21.30
CA ILE B 426 8.99 -35.89 22.50
C ILE B 426 9.20 -36.85 23.67
N GLU B 427 9.07 -38.15 23.41
CA GLU B 427 9.24 -39.19 24.43
C GLU B 427 10.68 -39.31 24.95
N SER B 428 11.65 -38.98 24.09
CA SER B 428 13.08 -39.03 24.47
C SER B 428 13.49 -37.95 25.49
N VAL B 429 12.76 -36.83 25.51
CA VAL B 429 12.97 -35.78 26.52
C VAL B 429 12.29 -36.20 27.82
N PRO B 430 12.98 -36.04 28.99
CA PRO B 430 12.34 -36.39 30.26
C PRO B 430 11.18 -35.47 30.66
N ASP B 431 10.36 -35.94 31.61
CA ASP B 431 9.32 -35.12 32.23
C ASP B 431 9.90 -34.21 33.33
N SER B 432 11.10 -34.53 33.80
CA SER B 432 11.83 -33.70 34.76
C SER B 432 12.33 -32.38 34.16
N VAL B 433 12.61 -32.36 32.86
CA VAL B 433 12.91 -31.11 32.12
C VAL B 433 11.61 -30.32 31.97
N THR B 434 11.69 -29.04 32.28
CA THR B 434 10.49 -28.22 32.49
C THR B 434 10.91 -26.76 32.70
N PRO B 435 10.08 -25.80 32.23
CA PRO B 435 10.45 -24.40 32.46
C PRO B 435 10.38 -24.02 33.96
N LEU B 436 11.37 -23.26 34.41
CA LEU B 436 11.52 -22.91 35.83
C LEU B 436 11.28 -21.42 36.06
N ILE B 437 10.13 -21.09 36.65
CA ILE B 437 9.78 -19.70 36.99
C ILE B 437 10.51 -19.33 38.29
N ILE B 438 11.71 -18.79 38.15
CA ILE B 438 12.55 -18.41 39.30
C ILE B 438 12.08 -17.16 40.07
N TYR B 439 11.17 -16.40 39.46
CA TYR B 439 10.58 -15.23 40.13
C TYR B 439 9.27 -14.84 39.45
N GLU B 440 8.27 -14.49 40.25
CA GLU B 440 6.97 -14.06 39.77
C GLU B 440 6.43 -12.98 40.69
N GLU B 441 5.86 -11.93 40.10
CA GLU B 441 5.31 -10.81 40.87
C GLU B 441 4.08 -10.24 40.19
N THR B 442 3.20 -9.64 41.00
CA THR B 442 1.97 -9.02 40.53
C THR B 442 1.86 -7.59 41.07
N THR B 443 0.98 -6.82 40.44
CA THR B 443 0.68 -5.46 40.90
C THR B 443 -0.68 -5.00 40.36
N ASP B 444 -1.42 -4.29 41.22
CA ASP B 444 -2.71 -3.73 40.83
C ASP B 444 -2.61 -2.50 39.91
N ILE B 445 -1.42 -1.92 39.78
CA ILE B 445 -1.18 -0.73 38.94
C ILE B 445 -0.66 -1.16 37.55
N TRP B 446 0.66 -1.36 37.41
CA TRP B 446 1.24 -1.94 36.18
C TRP B 446 2.73 -2.25 36.37
N ILE B 447 3.22 -3.22 35.60
CA ILE B 447 4.63 -3.57 35.60
C ILE B 447 5.38 -2.65 34.65
N ASN B 448 6.52 -2.13 35.11
CA ASN B 448 7.45 -1.38 34.27
C ASN B 448 8.70 -2.23 34.04
N ILE B 449 9.06 -2.40 32.77
CA ILE B 449 10.20 -3.23 32.39
C ILE B 449 11.48 -2.43 32.55
N HIS B 450 12.58 -3.14 32.82
CA HIS B 450 13.89 -2.53 33.00
C HIS B 450 15.01 -3.48 32.58
N ASP B 451 16.21 -2.90 32.43
CA ASP B 451 17.40 -3.62 31.97
C ASP B 451 18.17 -4.30 33.11
N ILE B 452 17.84 -3.95 34.35
CA ILE B 452 18.50 -4.53 35.54
C ILE B 452 18.07 -5.98 35.75
N PHE B 453 19.05 -6.88 35.66
CA PHE B 453 18.89 -8.30 36.01
C PHE B 453 20.26 -8.96 35.96
N HIS B 454 20.80 -9.30 37.13
CA HIS B 454 22.15 -9.87 37.24
C HIS B 454 22.11 -11.26 37.86
N VAL B 455 22.71 -12.23 37.16
CA VAL B 455 22.74 -13.63 37.61
C VAL B 455 24.17 -13.99 38.04
N PHE B 456 24.32 -14.50 39.25
CA PHE B 456 25.63 -14.93 39.78
C PHE B 456 25.99 -16.34 39.27
N PRO B 457 27.30 -16.70 39.31
CA PRO B 457 27.69 -18.06 38.89
C PRO B 457 27.11 -19.17 39.78
N GLN B 458 26.89 -20.34 39.18
CA GLN B 458 26.16 -21.43 39.83
C GLN B 458 26.98 -22.04 40.97
N SER B 459 26.83 -21.44 42.16
CA SER B 459 27.58 -21.84 43.35
C SER B 459 27.12 -23.19 43.91
N HIS B 460 25.80 -23.30 44.12
CA HIS B 460 25.18 -24.53 44.60
C HIS B 460 24.56 -25.29 43.42
N GLU B 461 24.20 -26.56 43.66
CA GLU B 461 23.77 -27.48 42.59
C GLU B 461 22.43 -27.07 41.97
N GLU B 462 21.35 -27.15 42.75
CA GLU B 462 19.99 -26.87 42.28
C GLU B 462 19.48 -25.55 42.84
N GLU B 463 20.29 -24.51 42.70
CA GLU B 463 19.91 -23.14 43.08
C GLU B 463 20.41 -22.14 42.05
N ILE B 464 19.87 -20.93 42.13
CA ILE B 464 20.31 -19.80 41.30
C ILE B 464 20.16 -18.51 42.11
N GLU B 465 21.26 -17.78 42.28
CA GLU B 465 21.26 -16.47 42.93
C GLU B 465 21.23 -15.39 41.86
N PHE B 466 20.51 -14.31 42.15
CA PHE B 466 20.43 -13.16 41.23
C PHE B 466 19.91 -11.88 41.91
N ILE B 467 20.25 -10.74 41.32
CA ILE B 467 19.71 -9.43 41.72
C ILE B 467 18.66 -8.98 40.69
N PHE B 468 17.64 -8.27 41.16
CA PHE B 468 16.53 -7.84 40.32
C PHE B 468 15.83 -6.63 40.95
N ALA B 469 15.39 -5.70 40.11
CA ALA B 469 14.66 -4.52 40.56
C ALA B 469 13.16 -4.77 40.50
N SER B 470 12.41 -4.11 41.37
CA SER B 470 10.96 -4.22 41.38
C SER B 470 10.28 -3.11 42.18
N GLU B 471 9.25 -2.52 41.59
CA GLU B 471 8.34 -1.60 42.27
C GLU B 471 7.24 -2.35 43.02
N CYS B 472 6.94 -3.59 42.60
CA CYS B 472 5.78 -4.35 43.08
C CYS B 472 5.64 -4.50 44.60
N LYS B 473 6.75 -4.58 45.32
CA LYS B 473 6.73 -4.80 46.78
C LYS B 473 6.24 -3.55 47.51
N THR B 474 6.98 -2.45 47.33
CA THR B 474 6.80 -1.23 48.14
C THR B 474 6.13 -0.05 47.42
N GLY B 475 6.03 -0.11 46.09
CA GLY B 475 5.58 1.02 45.28
C GLY B 475 6.69 1.94 44.78
N PHE B 476 7.94 1.53 45.03
CA PHE B 476 9.15 2.24 44.59
C PHE B 476 10.18 1.19 44.16
N ARG B 477 10.89 1.48 43.07
CA ARG B 477 11.75 0.48 42.44
C ARG B 477 13.02 0.25 43.24
N HIS B 478 13.18 -0.95 43.77
CA HIS B 478 14.32 -1.29 44.61
C HIS B 478 14.94 -2.62 44.19
N LEU B 479 16.24 -2.75 44.43
CA LEU B 479 16.98 -3.96 44.10
C LEU B 479 16.70 -5.03 45.16
N TYR B 480 16.67 -6.29 44.74
CA TYR B 480 16.45 -7.43 45.63
C TYR B 480 17.33 -8.61 45.23
N LYS B 481 18.23 -9.04 46.12
CA LYS B 481 18.97 -10.29 45.91
C LYS B 481 18.03 -11.44 46.24
N ILE B 482 17.84 -12.32 45.26
CA ILE B 482 16.92 -13.43 45.39
C ILE B 482 17.65 -14.74 45.07
N THR B 483 17.37 -15.77 45.87
CA THR B 483 17.86 -17.12 45.64
C THR B 483 16.64 -18.02 45.44
N SER B 484 16.58 -18.69 44.30
CA SER B 484 15.45 -19.56 43.96
C SER B 484 15.92 -21.00 43.75
N ILE B 485 15.05 -21.94 44.10
CA ILE B 485 15.40 -23.36 44.16
C ILE B 485 14.90 -24.07 42.90
N LEU B 486 15.84 -24.67 42.16
CA LEU B 486 15.52 -25.39 40.93
C LEU B 486 15.00 -26.79 41.24
N LYS B 487 13.74 -26.83 41.66
CA LYS B 487 13.05 -28.06 42.02
C LYS B 487 12.56 -28.75 40.74
N GLU B 488 12.46 -30.08 40.80
CA GLU B 488 11.85 -30.85 39.72
C GLU B 488 10.35 -30.56 39.73
N SER B 489 9.81 -30.16 38.59
CA SER B 489 8.40 -29.76 38.50
C SER B 489 7.50 -30.98 38.63
N LYS B 490 6.38 -30.78 39.31
CA LYS B 490 5.42 -31.85 39.62
C LYS B 490 4.53 -32.20 38.42
N TYR B 491 4.58 -31.37 37.38
CA TYR B 491 3.97 -31.69 36.09
C TYR B 491 4.75 -32.79 35.37
N LYS B 492 4.00 -33.70 34.74
CA LYS B 492 4.55 -34.77 33.91
C LYS B 492 3.82 -34.75 32.57
N ARG B 493 4.57 -34.57 31.48
CA ARG B 493 4.01 -34.58 30.13
C ARG B 493 3.31 -35.88 29.76
N SER B 494 3.96 -37.00 30.10
CA SER B 494 3.46 -38.36 29.83
C SER B 494 2.00 -38.58 30.21
N SER B 495 1.57 -37.95 31.31
CA SER B 495 0.17 -37.93 31.74
C SER B 495 -0.84 -37.57 30.66
N GLY B 496 -0.45 -36.67 29.75
CA GLY B 496 -1.29 -36.30 28.61
C GLY B 496 -2.01 -34.97 28.81
N GLY B 497 -2.52 -34.76 30.02
CA GLY B 497 -3.16 -33.50 30.40
C GLY B 497 -2.18 -32.34 30.48
N LEU B 498 -2.74 -31.13 30.51
CA LEU B 498 -1.97 -29.88 30.47
C LEU B 498 -1.71 -29.36 31.90
N PRO B 499 -0.61 -28.59 32.11
CA PRO B 499 -0.15 -28.27 33.45
C PRO B 499 -1.03 -27.31 34.23
N ALA B 500 -0.96 -27.41 35.57
CA ALA B 500 -1.69 -26.54 36.48
C ALA B 500 -1.05 -25.14 36.54
N PRO B 501 -1.77 -24.14 37.11
CA PRO B 501 -1.26 -22.75 37.07
C PRO B 501 0.03 -22.43 37.83
N SER B 502 0.45 -23.30 38.74
CA SER B 502 1.67 -23.08 39.53
C SER B 502 2.57 -24.33 39.62
N ASP B 503 2.54 -25.17 38.58
CA ASP B 503 3.40 -26.34 38.50
C ASP B 503 4.86 -25.97 38.18
N PHE B 504 5.04 -24.91 37.39
CA PHE B 504 6.37 -24.42 37.01
C PHE B 504 7.04 -23.47 38.02
N LYS B 505 6.30 -23.04 39.04
CA LYS B 505 6.84 -22.08 40.02
C LYS B 505 7.92 -22.69 40.92
N CYS B 506 9.07 -22.02 40.97
CA CYS B 506 10.12 -22.32 41.92
C CYS B 506 9.84 -21.60 43.23
N PRO B 507 10.19 -22.22 44.38
CA PRO B 507 10.08 -21.51 45.66
C PRO B 507 11.27 -20.57 45.88
N ILE B 508 11.07 -19.60 46.77
CA ILE B 508 12.09 -18.58 47.07
C ILE B 508 12.80 -18.93 48.37
N LYS B 509 14.11 -19.15 48.30
CA LYS B 509 14.90 -19.52 49.50
C LYS B 509 15.13 -18.31 50.40
N GLU B 510 15.73 -17.26 49.85
CA GLU B 510 15.85 -15.96 50.52
C GLU B 510 15.50 -14.81 49.56
N GLU B 511 14.82 -13.79 50.09
CA GLU B 511 14.52 -12.56 49.34
C GLU B 511 14.93 -11.35 50.17
N ILE B 512 16.19 -10.96 50.02
CA ILE B 512 16.77 -9.83 50.75
C ILE B 512 16.42 -8.54 50.00
N ALA B 513 16.13 -7.48 50.76
CA ALA B 513 15.88 -6.15 50.19
C ALA B 513 17.16 -5.32 50.22
N ILE B 514 17.75 -5.09 49.05
CA ILE B 514 19.05 -4.40 48.95
C ILE B 514 18.91 -2.90 49.19
N THR B 515 17.90 -2.28 48.57
CA THR B 515 17.58 -0.86 48.79
C THR B 515 16.14 -0.73 49.27
N SER B 516 15.83 0.44 49.82
CA SER B 516 14.48 0.75 50.30
C SER B 516 14.31 2.24 50.59
N GLY B 517 13.06 2.69 50.52
CA GLY B 517 12.69 4.08 50.81
C GLY B 517 11.66 4.63 49.83
N GLU B 518 11.38 5.93 49.96
CA GLU B 518 10.48 6.65 49.06
C GLU B 518 11.30 7.38 47.99
N TRP B 519 11.92 6.56 47.15
CA TRP B 519 12.82 6.98 46.07
C TRP B 519 13.11 5.71 45.29
N GLU B 520 13.53 5.84 44.03
CA GLU B 520 13.66 4.66 43.16
C GLU B 520 15.04 4.48 42.53
N VAL B 521 15.40 3.23 42.32
CA VAL B 521 16.54 2.85 41.49
C VAL B 521 16.10 3.03 40.03
N LEU B 522 17.07 3.31 39.16
CA LEU B 522 16.81 3.51 37.73
C LEU B 522 17.36 2.36 36.89
N GLY B 523 16.54 1.87 35.97
CA GLY B 523 16.88 0.73 35.10
C GLY B 523 16.38 0.81 33.66
N ARG B 524 16.28 2.03 33.13
CA ARG B 524 15.89 2.26 31.73
C ARG B 524 16.77 3.35 31.12
N HIS B 525 16.79 3.40 29.80
CA HIS B 525 17.58 4.38 29.03
C HIS B 525 19.07 4.32 29.34
N GLY B 526 19.60 3.11 29.53
CA GLY B 526 21.03 2.91 29.84
C GLY B 526 21.38 2.87 31.31
N SER B 527 20.52 3.44 32.17
CA SER B 527 20.64 3.28 33.62
C SER B 527 20.58 1.80 33.95
N ASN B 528 21.49 1.35 34.82
CA ASN B 528 21.59 -0.06 35.16
C ASN B 528 22.37 -0.21 36.48
N ILE B 529 22.87 -1.40 36.73
CA ILE B 529 23.69 -1.68 37.90
C ILE B 529 25.01 -2.32 37.45
N GLN B 530 26.02 -2.20 38.30
CA GLN B 530 27.30 -2.89 38.11
C GLN B 530 27.62 -3.60 39.42
N VAL B 531 27.97 -4.88 39.32
CA VAL B 531 28.13 -5.75 40.49
C VAL B 531 29.60 -6.10 40.68
N ASP B 532 30.18 -5.64 41.79
CA ASP B 532 31.50 -6.07 42.23
C ASP B 532 31.32 -7.39 42.97
N GLU B 533 31.51 -8.51 42.25
CA GLU B 533 31.34 -9.84 42.85
C GLU B 533 32.43 -10.21 43.87
N VAL B 534 33.58 -9.54 43.81
CA VAL B 534 34.66 -9.76 44.78
C VAL B 534 34.32 -9.08 46.11
N ARG B 535 34.16 -7.77 46.08
CA ARG B 535 33.80 -6.99 47.27
C ARG B 535 32.35 -7.19 47.70
N ARG B 536 31.53 -7.76 46.81
CA ARG B 536 30.11 -8.02 47.04
C ARG B 536 29.34 -6.72 47.28
N LEU B 537 29.52 -5.82 46.30
CA LEU B 537 28.85 -4.51 46.23
C LEU B 537 28.06 -4.44 44.93
N VAL B 538 27.16 -3.46 44.86
CA VAL B 538 26.44 -3.17 43.62
C VAL B 538 26.26 -1.66 43.47
N TYR B 539 26.75 -1.13 42.35
CA TYR B 539 26.57 0.29 41.99
C TYR B 539 25.25 0.44 41.26
N PHE B 540 24.59 1.58 41.46
CA PHE B 540 23.28 1.83 40.83
C PHE B 540 22.92 3.32 40.82
N GLU B 541 22.11 3.72 39.83
CA GLU B 541 21.58 5.08 39.73
C GLU B 541 20.27 5.17 40.50
N GLY B 542 20.04 6.30 41.16
CA GLY B 542 18.82 6.50 41.95
C GLY B 542 18.45 7.95 42.21
N THR B 543 17.30 8.11 42.86
CA THR B 543 16.74 9.42 43.23
C THR B 543 16.63 9.58 44.75
N LYS B 544 17.58 9.01 45.50
CA LYS B 544 17.50 9.02 46.97
C LYS B 544 17.61 10.43 47.53
N ASP B 545 18.54 11.21 46.97
CA ASP B 545 18.71 12.60 47.38
C ASP B 545 17.59 13.51 46.89
N SER B 546 17.15 13.30 45.65
CA SER B 546 16.06 14.10 45.07
C SER B 546 15.45 13.40 43.85
N PRO B 547 14.14 13.64 43.60
CA PRO B 547 13.56 13.23 42.31
C PRO B 547 14.04 14.09 41.14
N LEU B 548 14.58 15.27 41.44
CA LEU B 548 15.10 16.18 40.43
C LEU B 548 16.53 15.87 39.96
N GLU B 549 17.23 14.97 40.65
CA GLU B 549 18.60 14.64 40.34
C GLU B 549 18.85 13.13 40.38
N HIS B 550 19.38 12.60 39.28
CA HIS B 550 19.81 11.22 39.19
C HIS B 550 21.23 11.16 39.71
N HIS B 551 21.49 10.26 40.66
CA HIS B 551 22.82 10.13 41.28
C HIS B 551 23.29 8.69 41.32
N LEU B 552 24.61 8.51 41.24
CA LEU B 552 25.23 7.20 41.40
C LEU B 552 25.40 6.91 42.88
N TYR B 553 25.00 5.71 43.30
CA TYR B 553 25.20 5.23 44.66
C TYR B 553 25.87 3.86 44.61
N VAL B 554 26.24 3.37 45.80
CA VAL B 554 26.74 2.00 45.98
C VAL B 554 26.20 1.45 47.30
N VAL B 555 26.04 0.13 47.35
CA VAL B 555 25.55 -0.57 48.53
C VAL B 555 25.97 -2.05 48.48
N SER B 556 26.06 -2.68 49.65
CA SER B 556 26.41 -4.10 49.74
C SER B 556 25.17 -4.98 49.59
N TYR B 557 25.28 -6.03 48.78
CA TYR B 557 24.18 -7.00 48.58
C TYR B 557 24.18 -8.18 49.59
N VAL B 558 25.25 -8.30 50.38
CA VAL B 558 25.34 -9.31 51.44
C VAL B 558 24.64 -8.79 52.71
N ASN B 559 25.14 -7.65 53.21
CA ASN B 559 24.58 -7.00 54.40
C ASN B 559 24.16 -5.57 54.04
N PRO B 560 22.93 -5.40 53.49
CA PRO B 560 22.34 -4.09 53.18
C PRO B 560 22.35 -3.07 54.31
N GLY B 561 22.38 -1.79 53.97
CA GLY B 561 22.34 -0.71 54.95
C GLY B 561 22.74 0.65 54.41
N GLU B 562 23.98 1.04 54.67
CA GLU B 562 24.50 2.37 54.28
C GLU B 562 24.64 2.49 52.76
N VAL B 563 23.66 3.14 52.13
CA VAL B 563 23.73 3.49 50.71
C VAL B 563 24.56 4.77 50.58
N THR B 564 25.83 4.61 50.21
CA THR B 564 26.77 5.72 50.09
C THR B 564 26.77 6.31 48.67
N ARG B 565 26.42 7.60 48.58
CA ARG B 565 26.37 8.32 47.30
C ARG B 565 27.75 8.60 46.74
N LEU B 566 27.91 8.48 45.42
CA LEU B 566 29.19 8.61 44.73
C LEU B 566 29.23 9.71 43.65
N THR B 567 28.37 10.72 43.76
CA THR B 567 28.31 11.81 42.76
C THR B 567 27.95 13.12 43.45
N ASP B 568 28.66 14.19 43.09
CA ASP B 568 28.52 15.49 43.76
C ASP B 568 27.12 16.09 43.52
N ARG B 569 26.51 16.60 44.59
CA ARG B 569 25.15 17.17 44.53
C ARG B 569 25.09 18.46 43.71
N GLY B 570 23.86 18.87 43.39
CA GLY B 570 23.63 20.05 42.53
C GLY B 570 23.80 19.81 41.03
N TYR B 571 23.85 18.54 40.64
CA TYR B 571 23.88 18.11 39.24
C TYR B 571 23.05 16.83 39.11
N SER B 572 22.47 16.61 37.94
CA SER B 572 21.85 15.32 37.58
C SER B 572 22.85 14.52 36.74
N HIS B 573 22.90 13.21 36.95
CA HIS B 573 23.97 12.35 36.38
C HIS B 573 23.41 11.16 35.61
N SER B 574 23.87 11.03 34.36
CA SER B 574 23.81 9.76 33.64
C SER B 574 25.19 9.15 33.82
N CYS B 575 25.24 7.99 34.47
CA CYS B 575 26.50 7.40 34.91
C CYS B 575 26.80 6.06 34.27
N CYS B 576 28.06 5.66 34.38
CA CYS B 576 28.56 4.43 33.79
C CYS B 576 29.75 3.96 34.63
N ILE B 577 29.75 2.68 35.00
CA ILE B 577 30.80 2.12 35.86
C ILE B 577 31.63 1.13 35.04
N SER B 578 32.94 1.14 35.27
CA SER B 578 33.83 0.16 34.66
C SER B 578 33.45 -1.24 35.10
N GLN B 579 33.63 -2.21 34.20
CA GLN B 579 33.43 -3.64 34.53
C GLN B 579 34.40 -4.12 35.62
N HIS B 580 35.55 -3.44 35.73
CA HIS B 580 36.55 -3.73 36.75
C HIS B 580 36.21 -3.13 38.13
N CYS B 581 35.27 -2.19 38.16
CA CYS B 581 34.77 -1.54 39.40
C CYS B 581 35.82 -0.70 40.15
N ASP B 582 36.80 -0.18 39.41
CA ASP B 582 37.79 0.76 39.95
C ASP B 582 37.70 2.14 39.28
N PHE B 583 36.66 2.35 38.47
CA PHE B 583 36.44 3.61 37.76
C PHE B 583 34.95 3.80 37.49
N PHE B 584 34.53 5.05 37.37
CA PHE B 584 33.20 5.38 36.85
C PHE B 584 33.17 6.73 36.11
N ILE B 585 32.39 6.77 35.05
CA ILE B 585 32.24 7.95 34.18
C ILE B 585 30.86 8.52 34.38
N SER B 586 30.75 9.85 34.29
CA SER B 586 29.49 10.54 34.49
C SER B 586 29.28 11.64 33.47
N LYS B 587 28.07 11.68 32.91
CA LYS B 587 27.62 12.77 32.04
C LYS B 587 26.64 13.60 32.87
N TYR B 588 27.12 14.73 33.39
CA TYR B 588 26.35 15.52 34.36
C TYR B 588 26.12 16.96 33.91
N SER B 589 25.02 17.54 34.39
CA SER B 589 24.64 18.90 34.08
C SER B 589 23.65 19.42 35.13
N ASN B 590 23.38 20.72 35.07
CA ASN B 590 22.33 21.33 35.88
C ASN B 590 21.61 22.41 35.07
N GLN B 591 20.61 23.02 35.70
CA GLN B 591 19.79 24.05 35.05
C GLN B 591 20.57 25.18 34.38
N LYS B 592 21.70 25.56 34.98
CA LYS B 592 22.54 26.66 34.48
C LYS B 592 23.63 26.19 33.51
N ASN B 593 24.33 25.12 33.87
CA ASN B 593 25.52 24.66 33.14
C ASN B 593 25.21 23.49 32.19
N PRO B 594 25.67 23.57 30.91
CA PRO B 594 25.51 22.41 30.00
C PRO B 594 26.35 21.20 30.40
N HIS B 595 26.09 20.07 29.75
CA HIS B 595 26.66 18.80 30.19
C HIS B 595 28.17 18.69 29.97
N CYS B 596 28.88 18.34 31.06
CA CYS B 596 30.28 17.92 30.99
C CYS B 596 30.29 16.40 31.06
N VAL B 597 31.46 15.82 30.83
CA VAL B 597 31.69 14.39 31.07
C VAL B 597 33.06 14.21 31.71
N SER B 598 33.09 13.51 32.85
CA SER B 598 34.30 13.35 33.66
C SER B 598 34.47 11.91 34.15
N LEU B 599 35.71 11.42 34.10
CA LEU B 599 36.08 10.13 34.67
C LEU B 599 36.37 10.32 36.16
N TYR B 600 35.98 9.34 36.97
CA TYR B 600 36.35 9.30 38.39
C TYR B 600 36.95 7.94 38.76
N LYS B 601 37.96 7.96 39.64
CA LYS B 601 38.61 6.74 40.13
C LYS B 601 38.06 6.32 41.50
N LEU B 602 37.48 5.13 41.55
CA LEU B 602 36.98 4.53 42.79
C LEU B 602 38.14 3.92 43.57
N SER B 603 38.25 4.29 44.85
CA SER B 603 39.20 3.70 45.78
C SER B 603 38.45 3.12 46.97
N SER B 604 39.16 2.32 47.76
CA SER B 604 38.64 1.78 49.02
C SER B 604 39.71 1.89 50.12
N PRO B 605 39.29 2.19 51.36
CA PRO B 605 40.21 2.10 52.50
C PRO B 605 40.76 0.68 52.73
N GLU B 606 41.98 0.57 53.24
CA GLU B 606 42.63 -0.72 53.52
C GLU B 606 41.85 -1.52 54.58
N ASP B 607 41.31 -0.81 55.57
CA ASP B 607 40.56 -1.40 56.68
C ASP B 607 39.21 -2.05 56.30
N ASP B 608 38.54 -1.52 55.28
CA ASP B 608 37.17 -1.93 54.94
C ASP B 608 36.90 -1.79 53.43
N PRO B 609 37.07 -2.91 52.67
CA PRO B 609 36.71 -2.97 51.25
C PRO B 609 35.28 -2.52 50.88
N THR B 610 34.31 -2.72 51.79
CA THR B 610 32.93 -2.25 51.62
C THR B 610 32.82 -0.77 51.25
N CYS B 611 33.60 0.08 51.91
CA CYS B 611 33.53 1.53 51.69
C CYS B 611 34.23 1.93 50.40
N LYS B 612 33.62 2.87 49.69
CA LYS B 612 34.11 3.35 48.39
C LYS B 612 34.21 4.87 48.38
N THR B 613 35.35 5.36 47.90
CA THR B 613 35.62 6.79 47.78
C THR B 613 36.00 7.11 46.34
N LYS B 614 35.47 8.21 45.82
CA LYS B 614 35.76 8.67 44.45
C LYS B 614 36.83 9.77 44.44
N GLU B 615 37.46 9.94 43.28
CA GLU B 615 38.38 11.04 43.05
C GLU B 615 38.33 11.47 41.58
N PHE B 616 38.34 12.78 41.35
CA PHE B 616 38.44 13.34 40.00
C PHE B 616 39.74 12.83 39.36
N TRP B 617 39.65 12.36 38.12
CA TRP B 617 40.82 11.85 37.40
C TRP B 617 41.12 12.71 36.19
N ALA B 618 40.16 12.79 35.27
CA ALA B 618 40.30 13.52 34.03
C ALA B 618 38.97 14.06 33.55
N THR B 619 39.01 14.84 32.48
CA THR B 619 37.82 15.30 31.77
C THR B 619 37.76 14.61 30.41
N ILE B 620 36.62 13.96 30.13
CA ILE B 620 36.36 13.32 28.83
C ILE B 620 35.69 14.31 27.86
N LEU B 621 34.76 15.11 28.37
CA LEU B 621 34.20 16.22 27.60
C LEU B 621 34.05 17.46 28.48
N ASP B 622 34.80 18.50 28.11
CA ASP B 622 34.67 19.82 28.73
C ASP B 622 33.32 20.39 28.32
N SER B 623 32.57 20.93 29.28
CA SER B 623 31.29 21.56 28.99
C SER B 623 31.50 22.84 28.18
N ALA B 624 30.50 23.19 27.36
CA ALA B 624 30.51 24.44 26.59
C ALA B 624 30.55 25.68 27.49
N GLY B 625 29.96 25.55 28.69
CA GLY B 625 29.92 26.63 29.68
C GLY B 625 28.62 27.40 29.54
N PRO B 626 28.26 28.21 30.55
CA PRO B 626 27.01 28.99 30.54
C PRO B 626 26.71 29.61 29.17
N LEU B 627 25.62 29.15 28.56
CA LEU B 627 25.32 29.43 27.14
C LEU B 627 24.94 30.90 26.96
N PRO B 628 25.52 31.57 25.93
CA PRO B 628 25.12 32.96 25.67
C PRO B 628 23.69 33.05 25.13
N ASP B 629 22.97 34.09 25.58
CA ASP B 629 21.55 34.28 25.25
C ASP B 629 20.68 33.12 25.78
N TYR B 630 20.78 32.87 27.09
CA TYR B 630 19.95 31.85 27.75
C TYR B 630 19.84 32.09 29.27
N THR B 631 18.74 32.72 29.67
CA THR B 631 18.35 32.81 31.09
C THR B 631 17.54 31.57 31.50
N PRO B 632 18.16 30.65 32.28
CA PRO B 632 17.46 29.40 32.62
C PRO B 632 16.21 29.60 33.49
N PRO B 633 15.33 28.58 33.57
CA PRO B 633 14.15 28.66 34.41
C PRO B 633 14.50 28.39 35.86
N GLU B 634 13.69 28.92 36.78
CA GLU B 634 13.81 28.60 38.20
C GLU B 634 12.78 27.54 38.57
N ILE B 635 13.24 26.47 39.21
CA ILE B 635 12.37 25.36 39.60
C ILE B 635 11.55 25.78 40.82
N PHE B 636 10.28 25.39 40.83
CA PHE B 636 9.39 25.63 41.96
C PHE B 636 8.65 24.35 42.33
N SER B 637 8.09 24.35 43.54
CA SER B 637 7.21 23.28 43.99
C SER B 637 6.07 23.84 44.84
N PHE B 638 5.06 23.01 45.02
CA PHE B 638 3.86 23.38 45.77
C PHE B 638 3.14 22.12 46.24
N GLU B 639 2.57 22.18 47.43
CA GLU B 639 1.82 21.05 47.98
C GLU B 639 0.43 20.98 47.36
N SER B 640 0.18 19.94 46.58
CA SER B 640 -1.09 19.74 45.89
C SER B 640 -2.17 19.26 46.86
N THR B 641 -3.42 19.63 46.56
CA THR B 641 -4.59 19.10 47.27
C THR B 641 -4.76 17.57 47.12
N THR B 642 -4.12 17.00 46.09
CA THR B 642 -4.03 15.55 45.93
C THR B 642 -2.99 14.86 46.84
N GLY B 643 -2.27 15.64 47.64
CA GLY B 643 -1.37 15.11 48.67
C GLY B 643 0.01 14.77 48.17
N PHE B 644 0.43 15.41 47.08
CA PHE B 644 1.77 15.27 46.54
C PHE B 644 2.41 16.65 46.45
N THR B 645 3.72 16.71 46.66
CA THR B 645 4.51 17.83 46.19
C THR B 645 4.50 17.69 44.67
N LEU B 646 4.23 18.78 43.95
CA LEU B 646 4.27 18.79 42.49
C LEU B 646 5.30 19.81 42.03
N TYR B 647 6.33 19.33 41.33
CA TYR B 647 7.39 20.21 40.85
C TYR B 647 7.02 20.87 39.53
N GLY B 648 7.68 21.99 39.24
CA GLY B 648 7.46 22.75 38.03
C GLY B 648 8.62 23.69 37.72
N MET B 649 8.79 24.01 36.44
CA MET B 649 9.78 25.02 36.00
C MET B 649 9.08 26.32 35.62
N LEU B 650 9.72 27.44 35.96
CA LEU B 650 9.23 28.77 35.63
C LEU B 650 10.30 29.57 34.90
N TYR B 651 10.02 29.92 33.66
CA TYR B 651 10.80 30.93 32.94
C TYR B 651 10.10 32.27 33.17
N LYS B 652 10.75 33.16 33.93
CA LYS B 652 10.28 34.54 34.09
C LYS B 652 10.42 35.26 32.76
N PRO B 653 9.50 36.21 32.44
CA PRO B 653 9.72 37.07 31.29
C PRO B 653 11.00 37.90 31.44
N HIS B 654 11.87 37.87 30.43
CA HIS B 654 13.12 38.63 30.46
C HIS B 654 12.80 40.11 30.57
N ASP B 655 13.54 40.82 31.42
CA ASP B 655 13.35 42.26 31.64
C ASP B 655 11.91 42.54 32.08
N LEU B 656 11.62 42.20 33.34
CA LEU B 656 10.28 42.41 33.92
C LEU B 656 9.99 43.90 34.12
N GLN B 657 8.92 44.39 33.48
CA GLN B 657 8.41 45.74 33.75
C GLN B 657 7.54 45.66 35.02
N PRO B 658 7.86 46.47 36.06
CA PRO B 658 7.00 46.46 37.26
C PRO B 658 5.57 46.95 36.99
N GLY B 659 4.61 46.36 37.70
CA GLY B 659 3.19 46.70 37.57
C GLY B 659 2.55 46.38 36.24
N LYS B 660 3.11 45.39 35.53
CA LYS B 660 2.63 44.97 34.20
C LYS B 660 2.46 43.45 34.13
N LYS B 661 1.27 43.00 33.75
CA LYS B 661 0.97 41.56 33.61
C LYS B 661 1.21 41.05 32.18
N TYR B 662 1.83 39.88 32.07
CA TYR B 662 2.27 39.29 30.80
C TYR B 662 1.44 38.08 30.40
N PRO B 663 1.37 37.77 29.08
CA PRO B 663 0.70 36.54 28.65
C PRO B 663 1.54 35.30 29.02
N THR B 664 0.90 34.14 29.10
CA THR B 664 1.54 32.95 29.65
C THR B 664 1.36 31.71 28.76
N VAL B 665 2.47 31.21 28.22
CA VAL B 665 2.48 29.94 27.49
C VAL B 665 2.79 28.84 28.50
N LEU B 666 2.03 27.76 28.45
CA LEU B 666 2.20 26.61 29.34
C LEU B 666 2.61 25.39 28.52
N PHE B 667 3.91 25.10 28.49
CA PHE B 667 4.40 23.92 27.77
C PHE B 667 4.19 22.65 28.60
N ILE B 668 3.79 21.58 27.92
CA ILE B 668 3.29 20.37 28.59
C ILE B 668 3.65 19.10 27.81
N TYR B 669 4.10 18.08 28.53
CA TYR B 669 4.02 16.70 28.06
C TYR B 669 3.08 15.98 29.02
N GLY B 670 3.49 15.89 30.28
CA GLY B 670 2.66 15.31 31.34
C GLY B 670 2.13 13.94 31.02
N GLY B 671 3.02 13.09 30.51
CA GLY B 671 2.67 11.75 30.07
C GLY B 671 3.51 10.76 30.84
N PRO B 672 3.17 9.46 30.74
CA PRO B 672 3.92 8.45 31.47
C PRO B 672 5.32 8.25 30.91
N GLN B 673 6.19 7.69 31.75
CA GLN B 673 7.60 7.40 31.41
C GLN B 673 8.48 8.64 31.19
N VAL B 674 8.01 9.82 31.60
CA VAL B 674 8.66 11.09 31.24
C VAL B 674 8.56 12.14 32.36
N GLN B 675 9.74 12.61 32.78
CA GLN B 675 9.87 13.79 33.65
C GLN B 675 10.49 14.93 32.84
N LEU B 676 9.81 16.07 32.80
CA LEU B 676 10.36 17.31 32.23
C LEU B 676 11.17 18.09 33.27
N VAL B 677 10.52 18.32 34.42
CA VAL B 677 11.07 19.17 35.49
C VAL B 677 12.15 18.43 36.28
N ASN B 678 13.40 18.86 36.12
CA ASN B 678 14.53 18.35 36.88
C ASN B 678 15.73 19.27 36.74
N ASN B 679 16.73 19.05 37.58
CA ASN B 679 17.95 19.87 37.57
C ASN B 679 18.91 19.38 36.47
N ARG B 680 18.54 19.70 35.23
CA ARG B 680 19.30 19.35 34.04
C ARG B 680 19.23 20.54 33.10
N PHE B 681 20.21 20.66 32.21
CA PHE B 681 20.30 21.81 31.31
C PHE B 681 19.24 21.74 30.22
N LYS B 682 18.26 22.65 30.29
CA LYS B 682 17.17 22.73 29.30
C LYS B 682 17.41 23.82 28.26
N GLY B 683 18.68 24.07 27.95
CA GLY B 683 19.11 25.10 27.00
C GLY B 683 19.32 24.58 25.59
N VAL B 684 19.81 23.35 25.49
CA VAL B 684 19.89 22.65 24.19
C VAL B 684 18.47 22.31 23.76
N LYS B 685 17.82 21.43 24.52
CA LYS B 685 16.56 20.80 24.10
C LYS B 685 15.40 21.79 24.02
N TYR B 686 15.08 22.44 25.15
CA TYR B 686 13.99 23.42 25.22
C TYR B 686 14.52 24.85 25.17
N PHE B 687 15.27 25.15 24.12
CA PHE B 687 15.84 26.48 23.89
C PHE B 687 14.77 27.53 23.61
N ARG B 688 13.76 27.15 22.85
CA ARG B 688 12.73 28.09 22.41
C ARG B 688 11.69 28.46 23.47
N LEU B 689 11.70 27.78 24.62
CA LEU B 689 11.01 28.29 25.80
C LEU B 689 11.71 29.54 26.33
N ASN B 690 13.04 29.58 26.20
CA ASN B 690 13.84 30.78 26.49
C ASN B 690 13.60 31.91 25.48
N THR B 691 13.45 31.55 24.21
CA THR B 691 13.12 32.52 23.15
C THR B 691 11.69 33.06 23.30
N LEU B 692 10.78 32.24 23.80
CA LEU B 692 9.45 32.72 24.21
C LEU B 692 9.56 33.74 25.34
N ALA B 693 10.36 33.42 26.36
CA ALA B 693 10.56 34.30 27.51
C ALA B 693 11.09 35.68 27.09
N SER B 694 12.09 35.69 26.21
CA SER B 694 12.70 36.94 25.74
C SER B 694 11.75 37.82 24.90
N LEU B 695 10.85 37.19 24.16
CA LEU B 695 9.71 37.90 23.53
C LEU B 695 8.81 38.59 24.57
N GLY B 696 8.63 37.91 25.71
CA GLY B 696 7.87 38.44 26.84
C GLY B 696 6.57 37.69 27.13
N TYR B 697 6.63 36.37 27.10
CA TYR B 697 5.58 35.52 27.65
C TYR B 697 6.13 34.89 28.92
N VAL B 698 5.24 34.60 29.87
CA VAL B 698 5.61 33.77 31.01
C VAL B 698 5.59 32.34 30.47
N VAL B 699 6.60 31.55 30.81
CA VAL B 699 6.69 30.17 30.34
C VAL B 699 6.74 29.22 31.53
N VAL B 700 5.70 28.41 31.67
CA VAL B 700 5.49 27.49 32.78
C VAL B 700 5.55 26.06 32.27
N VAL B 701 6.19 25.18 33.04
CA VAL B 701 6.21 23.75 32.78
C VAL B 701 5.91 23.05 34.09
N ILE B 702 4.88 22.20 34.12
CA ILE B 702 4.49 21.45 35.32
C ILE B 702 4.47 19.95 35.00
N ASP B 703 4.98 19.15 35.95
CA ASP B 703 4.90 17.69 35.88
C ASP B 703 3.75 17.19 36.74
N ASN B 704 2.62 16.93 36.08
CA ASN B 704 1.44 16.37 36.74
C ASN B 704 1.61 14.90 37.10
N ARG B 705 0.64 14.37 37.84
CA ARG B 705 0.59 12.97 38.23
C ARG B 705 0.54 12.08 37.00
N GLY B 706 1.47 11.13 36.94
CA GLY B 706 1.72 10.33 35.74
C GLY B 706 3.20 10.29 35.39
N SER B 707 3.90 11.39 35.63
CA SER B 707 5.32 11.49 35.30
C SER B 707 6.20 10.56 36.13
N CYS B 708 7.34 10.17 35.57
CA CYS B 708 8.24 9.18 36.16
C CYS B 708 9.13 9.77 37.26
N HIS B 709 9.92 8.90 37.87
CA HIS B 709 10.91 9.26 38.93
C HIS B 709 10.26 9.64 40.27
N ARG B 710 9.01 9.23 40.47
CA ARG B 710 8.23 9.60 41.67
C ARG B 710 7.38 8.48 42.27
N GLY B 711 7.73 7.23 41.98
CA GLY B 711 7.03 6.07 42.53
C GLY B 711 5.83 5.61 41.73
N LEU B 712 5.42 4.38 41.99
CA LEU B 712 4.36 3.72 41.23
C LEU B 712 2.95 4.24 41.56
N LYS B 713 2.72 4.64 42.81
CA LYS B 713 1.43 5.23 43.21
C LYS B 713 1.16 6.55 42.48
N PHE B 714 2.17 7.41 42.49
CA PHE B 714 2.15 8.70 41.78
C PHE B 714 1.83 8.51 40.29
N GLU B 715 2.64 7.66 39.65
CA GLU B 715 2.51 7.34 38.23
C GLU B 715 1.15 6.72 37.92
N GLY B 716 0.71 5.81 38.79
CA GLY B 716 -0.56 5.10 38.64
C GLY B 716 -1.83 5.88 38.94
N ALA B 717 -1.72 7.19 39.14
CA ALA B 717 -2.86 8.05 39.46
C ALA B 717 -3.89 8.14 38.34
N PHE B 718 -3.46 8.02 37.08
CA PHE B 718 -4.37 8.08 35.92
C PHE B 718 -4.75 6.75 35.27
N LYS B 719 -4.52 5.62 35.94
CA LYS B 719 -4.90 4.32 35.38
C LYS B 719 -6.40 4.30 35.09
N TYR B 720 -6.73 3.90 33.86
CA TYR B 720 -8.11 3.93 33.33
C TYR B 720 -8.75 5.34 33.20
N LYS B 721 -7.98 6.40 33.43
CA LYS B 721 -8.52 7.76 33.59
C LYS B 721 -7.69 8.82 32.85
N MET B 722 -7.12 8.47 31.70
CA MET B 722 -6.25 9.40 30.98
C MET B 722 -7.05 10.56 30.41
N GLY B 723 -6.42 11.73 30.36
CA GLY B 723 -7.09 12.99 30.03
C GLY B 723 -7.81 13.69 31.17
N GLN B 724 -8.29 12.92 32.15
CA GLN B 724 -9.20 13.43 33.18
C GLN B 724 -8.46 14.22 34.26
N ILE B 725 -7.44 13.61 34.86
CA ILE B 725 -6.79 14.19 36.06
C ILE B 725 -5.68 15.22 35.77
N GLU B 726 -5.15 15.23 34.55
CA GLU B 726 -3.87 15.92 34.28
C GLU B 726 -4.00 17.44 34.20
N ILE B 727 -5.14 17.92 33.70
CA ILE B 727 -5.38 19.36 33.58
C ILE B 727 -5.53 20.05 34.93
N ASP B 728 -6.19 19.39 35.87
CA ASP B 728 -6.32 19.88 37.26
C ASP B 728 -4.97 20.24 37.88
N ASP B 729 -3.97 19.37 37.65
CA ASP B 729 -2.61 19.56 38.16
C ASP B 729 -1.93 20.77 37.54
N GLN B 730 -2.15 20.96 36.24
CA GLN B 730 -1.59 22.10 35.51
C GLN B 730 -2.23 23.42 35.96
N VAL B 731 -3.54 23.42 36.17
CA VAL B 731 -4.27 24.62 36.61
C VAL B 731 -3.98 24.93 38.09
N GLU B 732 -3.94 23.90 38.93
CA GLU B 732 -3.58 24.07 40.35
C GLU B 732 -2.19 24.69 40.50
N GLY B 733 -1.23 24.17 39.73
CA GLY B 733 0.12 24.73 39.69
C GLY B 733 0.18 26.11 39.07
N LEU B 734 -0.65 26.35 38.08
CA LEU B 734 -0.75 27.66 37.41
C LEU B 734 -1.28 28.75 38.35
N GLN B 735 -2.42 28.46 38.98
CA GLN B 735 -3.04 29.38 39.95
C GLN B 735 -2.17 29.65 41.19
N TYR B 736 -1.39 28.65 41.59
CA TYR B 736 -0.38 28.83 42.65
C TYR B 736 0.65 29.90 42.26
N LEU B 737 1.13 29.84 41.02
CA LEU B 737 2.04 30.86 40.48
C LEU B 737 1.35 32.19 40.26
N ALA B 738 0.09 32.16 39.84
CA ALA B 738 -0.72 33.38 39.64
C ALA B 738 -0.90 34.21 40.92
N SER B 739 -1.10 33.53 42.05
CA SER B 739 -1.23 34.19 43.35
C SER B 739 0.10 34.76 43.84
N ARG B 740 1.14 33.91 43.82
CA ARG B 740 2.49 34.32 44.26
C ARG B 740 3.14 35.38 43.37
N TYR B 741 2.90 35.31 42.06
CA TYR B 741 3.45 36.27 41.09
C TYR B 741 2.33 37.06 40.42
N ASP B 742 2.29 38.36 40.70
CA ASP B 742 1.28 39.26 40.10
C ASP B 742 1.46 39.54 38.61
N PHE B 743 2.61 39.18 38.03
CA PHE B 743 2.87 39.37 36.58
C PHE B 743 2.22 38.36 35.61
N ILE B 744 1.64 37.28 36.13
CA ILE B 744 0.96 36.27 35.29
C ILE B 744 -0.47 36.71 34.97
N ASP B 745 -0.69 37.18 33.74
CA ASP B 745 -2.03 37.50 33.25
C ASP B 745 -2.75 36.20 32.92
N LEU B 746 -3.72 35.83 33.78
CA LEU B 746 -4.53 34.64 33.55
C LEU B 746 -5.53 34.78 32.39
N ASP B 747 -5.86 36.01 32.00
CA ASP B 747 -6.77 36.24 30.87
C ASP B 747 -6.16 35.95 29.49
N ARG B 748 -4.84 35.79 29.43
CA ARG B 748 -4.14 35.40 28.20
C ARG B 748 -3.16 34.26 28.50
N VAL B 749 -3.70 33.06 28.67
CA VAL B 749 -2.91 31.84 28.91
C VAL B 749 -3.08 30.86 27.73
N GLY B 750 -1.95 30.41 27.20
CA GLY B 750 -1.92 29.42 26.11
C GLY B 750 -1.25 28.12 26.55
N ILE B 751 -1.51 27.05 25.80
CA ILE B 751 -0.95 25.71 26.09
C ILE B 751 -0.43 25.05 24.82
N HIS B 752 0.63 24.25 24.95
CA HIS B 752 1.28 23.62 23.80
C HIS B 752 2.14 22.40 24.19
N GLY B 753 2.05 21.34 23.39
CA GLY B 753 2.82 20.12 23.61
C GLY B 753 2.80 19.16 22.43
N TRP B 754 3.72 18.20 22.44
CA TRP B 754 3.82 17.17 21.38
C TRP B 754 3.48 15.78 21.92
N SER B 755 2.82 14.97 21.09
CA SER B 755 2.38 13.61 21.42
C SER B 755 1.31 13.63 22.52
N TYR B 756 1.57 13.00 23.68
CA TYR B 756 0.71 13.12 24.85
C TYR B 756 0.50 14.57 25.29
N GLY B 757 1.54 15.38 25.13
CA GLY B 757 1.45 16.83 25.36
C GLY B 757 0.46 17.53 24.46
N GLY B 758 0.42 17.11 23.20
CA GLY B 758 -0.57 17.57 22.24
C GLY B 758 -1.97 17.12 22.60
N TYR B 759 -2.08 15.90 23.11
CA TYR B 759 -3.33 15.36 23.64
C TYR B 759 -3.86 16.21 24.80
N LEU B 760 -2.99 16.47 25.79
CA LEU B 760 -3.37 17.28 26.95
C LEU B 760 -3.65 18.75 26.59
N SER B 761 -2.93 19.29 25.61
CA SER B 761 -3.21 20.63 25.08
C SER B 761 -4.65 20.77 24.58
N LEU B 762 -5.11 19.78 23.81
CA LEU B 762 -6.50 19.72 23.36
C LEU B 762 -7.47 19.55 24.52
N MET B 763 -7.13 18.66 25.45
CA MET B 763 -7.95 18.43 26.64
C MET B 763 -8.06 19.67 27.53
N ALA B 764 -6.97 20.42 27.62
CA ALA B 764 -6.96 21.71 28.32
C ALA B 764 -8.02 22.65 27.75
N LEU B 765 -8.10 22.73 26.43
CA LEU B 765 -9.08 23.58 25.74
C LEU B 765 -10.50 22.98 25.74
N MET B 766 -10.58 21.65 25.74
CA MET B 766 -11.86 20.95 25.77
C MET B 766 -12.53 21.10 27.13
N GLN B 767 -11.79 20.77 28.19
CA GLN B 767 -12.29 20.80 29.57
C GLN B 767 -12.37 22.23 30.11
N ARG B 768 -11.25 22.94 30.02
CA ARG B 768 -11.10 24.28 30.61
C ARG B 768 -10.99 25.39 29.56
N SER B 769 -12.07 25.56 28.79
CA SER B 769 -12.21 26.66 27.83
C SER B 769 -12.12 28.04 28.49
N ASP B 770 -12.53 28.12 29.76
CA ASP B 770 -12.39 29.32 30.60
C ASP B 770 -10.94 29.80 30.85
N ILE B 771 -10.04 28.86 31.13
CA ILE B 771 -8.69 29.19 31.64
C ILE B 771 -7.60 29.22 30.53
N PHE B 772 -7.79 28.46 29.45
CA PHE B 772 -6.83 28.46 28.32
C PHE B 772 -7.40 29.14 27.07
N ARG B 773 -6.78 30.25 26.69
CA ARG B 773 -7.20 31.04 25.52
C ARG B 773 -6.91 30.31 24.21
N VAL B 774 -5.71 29.76 24.09
CA VAL B 774 -5.28 29.01 22.90
C VAL B 774 -4.64 27.69 23.26
N ALA B 775 -4.95 26.66 22.47
CA ALA B 775 -4.30 25.35 22.56
C ALA B 775 -3.64 25.04 21.24
N ILE B 776 -2.36 24.67 21.31
CA ILE B 776 -1.56 24.35 20.12
C ILE B 776 -1.09 22.90 20.28
N ALA B 777 -1.85 22.00 19.65
CA ALA B 777 -1.65 20.56 19.80
C ALA B 777 -0.85 19.97 18.65
N GLY B 778 0.30 19.40 18.97
CA GLY B 778 1.17 18.74 17.98
C GLY B 778 1.08 17.24 18.09
N ALA B 779 0.93 16.57 16.94
CA ALA B 779 0.76 15.11 16.85
C ALA B 779 -0.08 14.52 17.99
N PRO B 780 -1.30 15.04 18.19
CA PRO B 780 -2.08 14.69 19.38
C PRO B 780 -2.80 13.34 19.25
N VAL B 781 -2.79 12.56 20.31
CA VAL B 781 -3.60 11.36 20.42
C VAL B 781 -5.04 11.79 20.70
N THR B 782 -5.91 11.65 19.71
CA THR B 782 -7.30 12.08 19.80
C THR B 782 -8.28 10.95 20.14
N LEU B 783 -7.81 9.71 20.05
CA LEU B 783 -8.68 8.55 20.06
C LEU B 783 -7.89 7.32 20.51
N TRP B 784 -8.09 6.89 21.76
CA TRP B 784 -7.22 5.85 22.35
C TRP B 784 -7.36 4.47 21.73
N ILE B 785 -8.51 4.17 21.14
CA ILE B 785 -8.66 2.92 20.37
C ILE B 785 -7.75 2.84 19.12
N PHE B 786 -7.24 3.99 18.66
CA PHE B 786 -6.28 4.05 17.54
C PHE B 786 -4.81 3.79 17.89
N TYR B 787 -4.46 3.72 19.17
CA TYR B 787 -3.05 3.55 19.59
C TYR B 787 -2.71 2.08 19.82
N ASP B 788 -1.42 1.76 19.93
CA ASP B 788 -0.93 0.38 20.05
C ASP B 788 -1.30 -0.32 21.35
N THR B 789 -1.16 -1.64 21.37
CA THR B 789 -1.49 -2.47 22.54
C THR B 789 -0.56 -2.26 23.73
N GLY B 790 0.75 -2.27 23.48
CA GLY B 790 1.77 -2.19 24.54
C GLY B 790 1.64 -1.03 25.50
N TYR B 791 1.24 0.12 24.96
CA TYR B 791 1.12 1.37 25.70
C TYR B 791 -0.28 1.52 26.27
N THR B 792 -1.27 1.46 25.39
CA THR B 792 -2.66 1.77 25.74
C THR B 792 -3.23 0.80 26.77
N GLU B 793 -3.06 -0.50 26.55
CA GLU B 793 -3.58 -1.52 27.48
C GLU B 793 -2.89 -1.51 28.85
N ARG B 794 -1.61 -1.13 28.88
CA ARG B 794 -0.86 -0.99 30.13
C ARG B 794 -1.48 0.07 31.04
N TYR B 795 -1.80 1.22 30.45
CA TYR B 795 -2.35 2.37 31.19
C TYR B 795 -3.88 2.43 31.23
N MET B 796 -4.55 1.89 30.20
CA MET B 796 -6.02 1.96 30.07
C MET B 796 -6.78 0.62 30.07
N GLY B 797 -6.06 -0.51 30.10
CA GLY B 797 -6.69 -1.83 29.98
C GLY B 797 -7.32 -2.09 28.62
N HIS B 798 -7.97 -3.24 28.47
CA HIS B 798 -8.69 -3.57 27.24
C HIS B 798 -9.85 -2.56 27.05
N PRO B 799 -10.19 -2.19 25.80
CA PRO B 799 -11.30 -1.24 25.58
C PRO B 799 -12.65 -1.64 26.19
N ASP B 800 -12.91 -2.95 26.27
CA ASP B 800 -14.11 -3.51 26.90
C ASP B 800 -14.11 -3.38 28.43
N GLN B 801 -12.91 -3.49 29.03
CA GLN B 801 -12.73 -3.31 30.49
C GLN B 801 -12.61 -1.84 30.94
N ASN B 802 -12.79 -0.89 30.03
CA ASN B 802 -12.73 0.54 30.37
C ASN B 802 -13.53 1.40 29.37
N GLU B 803 -14.75 0.93 29.05
CA GLU B 803 -15.62 1.58 28.04
C GLU B 803 -15.76 3.10 28.21
N GLN B 804 -15.88 3.53 29.47
CA GLN B 804 -16.03 4.95 29.81
C GLN B 804 -14.70 5.70 29.75
N GLY B 805 -13.65 5.13 30.31
CA GLY B 805 -12.33 5.77 30.37
C GLY B 805 -11.72 6.08 29.02
N TYR B 806 -11.91 5.16 28.07
CA TYR B 806 -11.54 5.38 26.67
C TYR B 806 -12.39 6.48 26.01
N TYR B 807 -13.69 6.52 26.33
CA TYR B 807 -14.58 7.57 25.81
C TYR B 807 -14.15 8.96 26.32
N LEU B 808 -14.04 9.08 27.63
CA LEU B 808 -13.66 10.36 28.28
C LEU B 808 -12.22 10.78 27.96
N GLY B 809 -11.36 9.81 27.64
CA GLY B 809 -9.98 10.08 27.25
C GLY B 809 -9.72 10.32 25.77
N SER B 810 -10.77 10.30 24.95
CA SER B 810 -10.64 10.46 23.50
C SER B 810 -11.30 11.76 23.07
N VAL B 811 -10.49 12.74 22.66
CA VAL B 811 -11.03 14.08 22.35
C VAL B 811 -11.87 14.08 21.06
N ALA B 812 -11.51 13.22 20.12
CA ALA B 812 -12.25 13.05 18.86
C ALA B 812 -13.72 12.69 19.10
N MET B 813 -13.99 11.92 20.15
CA MET B 813 -15.35 11.57 20.53
C MET B 813 -16.09 12.78 21.10
N GLN B 814 -15.41 13.54 21.97
CA GLN B 814 -15.98 14.73 22.60
C GLN B 814 -15.64 15.99 21.79
N ALA B 815 -16.06 16.01 20.53
CA ALA B 815 -15.72 17.11 19.60
C ALA B 815 -16.55 18.37 19.83
N GLU B 816 -17.83 18.19 20.16
CA GLU B 816 -18.74 19.32 20.46
C GLU B 816 -18.35 20.19 21.67
N LYS B 817 -17.57 19.62 22.60
CA LYS B 817 -17.13 20.36 23.80
C LYS B 817 -16.02 21.39 23.53
N PHE B 818 -15.42 21.37 22.34
CA PHE B 818 -14.43 22.37 21.96
C PHE B 818 -15.08 23.75 21.75
N PRO B 819 -14.27 24.83 21.83
CA PRO B 819 -14.75 26.19 21.56
C PRO B 819 -15.45 26.36 20.22
N SER B 820 -16.47 27.22 20.21
CA SER B 820 -17.14 27.63 18.98
C SER B 820 -16.67 29.02 18.50
N GLU B 821 -15.46 29.43 18.92
CA GLU B 821 -14.78 30.61 18.39
C GLU B 821 -13.44 30.20 17.77
N PRO B 822 -13.02 30.87 16.68
CA PRO B 822 -11.77 30.53 16.03
C PRO B 822 -10.59 31.25 16.66
N ASN B 823 -9.39 31.00 16.12
CA ASN B 823 -8.12 31.53 16.64
C ASN B 823 -7.84 31.04 18.07
N ARG B 824 -8.11 29.77 18.30
CA ARG B 824 -7.98 29.11 19.61
C ARG B 824 -7.32 27.75 19.48
N LEU B 825 -7.93 26.90 18.66
CA LEU B 825 -7.41 25.58 18.35
C LEU B 825 -6.34 25.67 17.25
N LEU B 826 -5.24 24.95 17.44
CA LEU B 826 -4.22 24.75 16.40
C LEU B 826 -3.70 23.32 16.41
N LEU B 827 -3.91 22.62 15.30
CA LEU B 827 -3.42 21.24 15.13
C LEU B 827 -2.18 21.21 14.22
N LEU B 828 -1.09 20.65 14.74
CA LEU B 828 0.12 20.39 13.98
C LEU B 828 0.29 18.87 13.89
N HIS B 829 0.78 18.39 12.75
CA HIS B 829 1.04 16.96 12.60
C HIS B 829 2.03 16.67 11.48
N GLY B 830 3.05 15.86 11.81
CA GLY B 830 3.91 15.26 10.80
C GLY B 830 3.11 14.21 10.04
N PHE B 831 2.96 14.43 8.74
CA PHE B 831 2.02 13.68 7.88
C PHE B 831 2.28 12.17 7.82
N LEU B 832 3.55 11.78 7.98
CA LEU B 832 3.98 10.38 7.83
C LEU B 832 4.23 9.68 9.16
N ASP B 833 3.41 9.97 10.17
CA ASP B 833 3.63 9.47 11.53
C ASP B 833 3.27 7.99 11.64
N GLU B 834 4.19 7.20 12.19
CA GLU B 834 3.98 5.76 12.42
C GLU B 834 3.38 5.48 13.82
N ASN B 835 3.88 6.18 14.84
CA ASN B 835 3.42 6.01 16.23
C ASN B 835 2.03 6.59 16.44
N VAL B 836 1.94 7.92 16.38
CA VAL B 836 0.67 8.62 16.51
C VAL B 836 0.17 8.90 15.09
N HIS B 837 -0.42 7.89 14.48
CA HIS B 837 -0.93 7.95 13.10
C HIS B 837 -1.71 9.24 12.79
N PHE B 838 -1.51 9.82 11.61
CA PHE B 838 -2.12 11.12 11.23
C PHE B 838 -3.65 11.13 11.35
N ALA B 839 -4.27 9.99 11.08
CA ALA B 839 -5.73 9.83 11.18
C ALA B 839 -6.33 10.08 12.58
N HIS B 840 -5.50 10.18 13.61
CA HIS B 840 -5.90 10.80 14.88
C HIS B 840 -6.36 12.23 14.61
N THR B 841 -5.50 13.00 13.95
CA THR B 841 -5.84 14.38 13.55
C THR B 841 -6.94 14.43 12.49
N SER B 842 -6.88 13.55 11.49
CA SER B 842 -7.88 13.57 10.40
C SER B 842 -9.30 13.30 10.92
N ILE B 843 -9.45 12.28 11.77
CA ILE B 843 -10.77 11.95 12.34
C ILE B 843 -11.26 13.03 13.32
N LEU B 844 -10.34 13.66 14.04
CA LEU B 844 -10.67 14.79 14.91
C LEU B 844 -11.28 15.92 14.10
N LEU B 845 -10.59 16.31 13.03
CA LEU B 845 -11.09 17.31 12.09
C LEU B 845 -12.46 16.93 11.54
N SER B 846 -12.62 15.66 11.16
CA SER B 846 -13.88 15.13 10.63
C SER B 846 -15.06 15.42 11.55
N PHE B 847 -14.89 15.13 12.84
CA PHE B 847 -15.91 15.40 13.86
C PHE B 847 -16.10 16.89 14.16
N LEU B 848 -15.01 17.66 14.17
CA LEU B 848 -15.09 19.11 14.34
C LEU B 848 -15.86 19.80 13.21
N VAL B 849 -15.78 19.24 11.99
CA VAL B 849 -16.47 19.79 10.82
C VAL B 849 -18.00 19.64 10.94
N ARG B 850 -18.46 18.43 11.25
CA ARG B 850 -19.89 18.17 11.48
C ARG B 850 -20.41 18.83 12.76
N ALA B 851 -19.57 18.89 13.79
CA ALA B 851 -19.86 19.64 15.03
C ALA B 851 -19.92 21.16 14.82
N GLY B 852 -19.33 21.65 13.73
CA GLY B 852 -19.43 23.06 13.34
C GLY B 852 -18.44 23.96 14.05
N LYS B 853 -17.34 23.37 14.53
CA LYS B 853 -16.33 24.08 15.31
C LYS B 853 -15.15 24.46 14.39
N PRO B 854 -14.52 25.63 14.64
CA PRO B 854 -13.39 26.06 13.83
C PRO B 854 -12.07 25.48 14.30
N TYR B 855 -11.12 25.34 13.38
CA TYR B 855 -9.76 24.91 13.69
C TYR B 855 -8.73 25.61 12.81
N ASP B 856 -7.47 25.44 13.19
CA ASP B 856 -6.33 25.80 12.35
C ASP B 856 -5.43 24.58 12.27
N LEU B 857 -4.98 24.26 11.06
CA LEU B 857 -4.21 23.05 10.79
C LEU B 857 -2.90 23.39 10.11
N GLN B 858 -1.84 22.68 10.49
CA GLN B 858 -0.56 22.72 9.79
C GLN B 858 -0.05 21.29 9.59
N ILE B 859 0.46 21.03 8.38
CA ILE B 859 1.04 19.74 8.04
C ILE B 859 2.52 19.95 7.75
N TYR B 860 3.32 18.94 8.10
CA TYR B 860 4.74 18.89 7.76
C TYR B 860 4.97 17.59 6.97
N PRO B 861 4.67 17.61 5.65
CA PRO B 861 4.59 16.41 4.79
C PRO B 861 5.79 15.45 4.80
N GLN B 862 6.98 15.97 5.08
CA GLN B 862 8.20 15.13 5.19
C GLN B 862 8.31 14.31 6.48
N GLU B 863 7.71 14.80 7.58
CA GLU B 863 8.03 14.30 8.92
C GLU B 863 7.23 13.09 9.40
N ARG B 864 7.85 12.32 10.30
CA ARG B 864 7.21 11.22 11.00
C ARG B 864 6.65 11.75 12.35
N HIS B 865 6.98 11.12 13.47
CA HIS B 865 6.50 11.58 14.78
C HIS B 865 7.26 12.81 15.27
N SER B 866 8.59 12.75 15.16
CA SER B 866 9.46 13.89 15.40
C SER B 866 9.70 14.66 14.10
N ILE B 867 10.19 15.88 14.24
CA ILE B 867 10.47 16.79 13.11
C ILE B 867 11.98 16.89 12.90
N ARG B 868 12.49 16.21 11.86
CA ARG B 868 13.94 16.07 11.62
C ARG B 868 14.55 17.00 10.56
N VAL B 869 13.77 17.37 9.54
CA VAL B 869 14.27 18.27 8.49
C VAL B 869 14.33 19.70 9.08
N PRO B 870 15.50 20.37 9.00
CA PRO B 870 15.64 21.69 9.61
C PRO B 870 14.64 22.74 9.10
N GLU B 871 14.34 22.71 7.80
CA GLU B 871 13.39 23.65 7.21
C GLU B 871 11.95 23.46 7.73
N SER B 872 11.60 22.23 8.12
CA SER B 872 10.33 21.94 8.79
C SER B 872 10.35 22.46 10.24
N GLY B 873 11.43 22.16 10.96
CA GLY B 873 11.61 22.63 12.34
C GLY B 873 11.70 24.14 12.47
N GLU B 874 12.36 24.78 11.50
CA GLU B 874 12.42 26.24 11.42
C GLU B 874 11.04 26.84 11.12
N HIS B 875 10.26 26.17 10.28
CA HIS B 875 8.89 26.58 9.96
C HIS B 875 7.94 26.40 11.16
N TYR B 876 8.08 25.28 11.88
CA TYR B 876 7.27 25.00 13.08
C TYR B 876 7.46 26.07 14.16
N GLU B 877 8.70 26.43 14.44
CA GLU B 877 9.02 27.48 15.41
C GLU B 877 8.49 28.85 14.95
N LEU B 878 8.67 29.16 13.68
CA LEU B 878 8.19 30.42 13.09
C LEU B 878 6.66 30.54 13.16
N HIS B 879 5.96 29.45 12.83
CA HIS B 879 4.51 29.43 12.90
C HIS B 879 4.00 29.52 14.34
N LEU B 880 4.62 28.75 15.23
CA LEU B 880 4.27 28.74 16.67
C LEU B 880 4.34 30.14 17.28
N LEU B 881 5.49 30.80 17.16
CA LEU B 881 5.70 32.16 17.67
C LEU B 881 4.76 33.18 17.03
N HIS B 882 4.55 33.06 15.73
CA HIS B 882 3.65 33.96 15.01
C HIS B 882 2.18 33.77 15.42
N TYR B 883 1.78 32.51 15.65
CA TYR B 883 0.43 32.20 16.11
C TYR B 883 0.18 32.76 17.52
N LEU B 884 1.11 32.48 18.43
CA LEU B 884 1.03 32.97 19.81
C LEU B 884 1.03 34.49 19.88
N GLN B 885 1.87 35.13 19.07
CA GLN B 885 1.81 36.58 18.90
C GLN B 885 0.41 37.01 18.46
N GLU B 886 -0.04 36.48 17.33
CA GLU B 886 -1.27 36.94 16.68
C GLU B 886 -2.58 36.56 17.39
N ASN B 887 -2.56 35.54 18.24
CA ASN B 887 -3.79 35.06 18.91
C ASN B 887 -3.73 35.02 20.44
N LEU B 888 -2.67 35.57 21.04
CA LEU B 888 -2.52 35.59 22.49
C LEU B 888 -1.76 36.82 23.00
N GLY B 889 -0.48 36.90 22.68
CA GLY B 889 0.44 37.82 23.37
C GLY B 889 0.64 39.24 22.85
N SER B 890 -0.13 39.64 21.84
CA SER B 890 -0.01 40.99 21.23
C SER B 890 -1.23 41.85 21.50
N ARG B 891 -1.12 43.13 21.16
CA ARG B 891 -2.20 44.10 21.37
C ARG B 891 -3.32 43.93 20.33
N ILE B 892 -2.95 43.58 19.09
CA ILE B 892 -3.92 43.19 18.06
C ILE B 892 -4.75 41.95 18.47
N ALA B 893 -4.10 41.01 19.16
CA ALA B 893 -4.77 39.78 19.62
C ALA B 893 -5.91 40.07 20.60
N ALA B 894 -5.66 40.96 21.55
CA ALA B 894 -6.70 41.43 22.47
C ALA B 894 -7.80 42.23 21.75
N LEU B 895 -7.42 42.94 20.68
CA LEU B 895 -8.37 43.67 19.82
C LEU B 895 -9.34 42.76 19.03
N LYS B 896 -8.94 41.51 18.76
CA LYS B 896 -9.78 40.57 17.99
C LYS B 896 -11.05 40.15 18.74
N VAL B 897 -10.92 39.83 20.03
CA VAL B 897 -12.06 39.41 20.86
C VAL B 897 -12.98 40.61 21.19
N ILE B 898 -14.14 40.66 20.55
CA ILE B 898 -15.13 41.74 20.77
C ILE B 898 -15.81 41.52 22.12
N LEU C 48 -11.99 58.97 -1.03
CA LEU C 48 -13.10 57.96 -1.02
C LEU C 48 -13.01 57.05 0.21
N GLU C 49 -14.08 57.07 1.03
CA GLU C 49 -14.13 56.35 2.30
C GLU C 49 -14.23 54.82 2.08
N PRO C 50 -13.66 54.00 2.98
CA PRO C 50 -13.82 52.55 2.85
C PRO C 50 -14.96 51.98 3.71
N PHE C 51 -15.85 51.21 3.08
CA PHE C 51 -16.88 50.45 3.81
C PHE C 51 -16.27 49.16 4.37
N TYR C 52 -16.63 48.85 5.62
CA TYR C 52 -16.19 47.62 6.29
C TYR C 52 -17.40 46.78 6.67
N VAL C 53 -17.30 45.47 6.46
CA VAL C 53 -18.41 44.55 6.75
C VAL C 53 -18.57 44.29 8.25
N GLU C 54 -19.74 43.79 8.62
CA GLU C 54 -20.07 43.50 10.02
C GLU C 54 -19.26 42.31 10.54
N ARG C 55 -18.54 42.55 11.64
CA ARG C 55 -17.83 41.48 12.34
C ARG C 55 -18.82 40.60 13.11
N TYR C 56 -19.41 39.65 12.42
CA TYR C 56 -20.23 38.62 13.06
C TYR C 56 -19.31 37.55 13.61
N SER C 57 -19.62 37.04 14.81
CA SER C 57 -18.87 35.94 15.40
C SER C 57 -19.09 34.65 14.61
N TRP C 58 -18.30 33.63 14.92
CA TRP C 58 -18.42 32.32 14.29
C TRP C 58 -19.83 31.73 14.45
N SER C 59 -20.43 31.95 15.63
CA SER C 59 -21.81 31.53 15.89
C SER C 59 -22.83 32.33 15.08
N GLN C 60 -22.65 33.65 15.02
CA GLN C 60 -23.55 34.55 14.30
C GLN C 60 -23.58 34.32 12.79
N LEU C 61 -22.42 33.99 12.21
CA LEU C 61 -22.34 33.64 10.78
C LEU C 61 -23.05 32.33 10.45
N LYS C 62 -22.90 31.33 11.32
CA LYS C 62 -23.56 30.03 11.13
C LYS C 62 -25.09 30.16 11.20
N LYS C 63 -25.57 30.99 12.12
CA LYS C 63 -26.98 31.40 12.18
C LYS C 63 -27.43 32.01 10.85
N LEU C 64 -26.63 32.97 10.38
CA LEU C 64 -26.89 33.69 9.12
C LEU C 64 -27.10 32.74 7.95
N LEU C 65 -26.15 31.83 7.76
CA LEU C 65 -26.20 30.83 6.69
C LEU C 65 -27.34 29.83 6.84
N ALA C 66 -27.67 29.48 8.08
CA ALA C 66 -28.78 28.56 8.36
C ALA C 66 -30.14 29.15 7.97
N ASP C 67 -30.35 30.43 8.28
CA ASP C 67 -31.61 31.14 7.99
C ASP C 67 -31.93 31.21 6.50
N THR C 68 -30.95 31.64 5.71
CA THR C 68 -31.09 31.78 4.26
C THR C 68 -31.38 30.46 3.54
N ARG C 69 -30.80 29.37 4.03
CA ARG C 69 -30.97 28.03 3.45
C ARG C 69 -32.22 27.36 4.02
N MET C 76 -34.35 23.64 -5.06
CA MET C 76 -33.80 22.33 -4.70
C MET C 76 -34.67 21.19 -5.23
N ALA C 77 -34.37 20.72 -6.44
CA ALA C 77 -35.03 19.58 -7.09
C ALA C 77 -34.49 19.39 -8.51
N LYS C 78 -34.16 18.15 -8.87
CA LYS C 78 -33.74 17.85 -10.24
C LYS C 78 -34.95 17.89 -11.18
N ALA C 79 -34.91 18.82 -12.14
CA ALA C 79 -36.00 19.06 -13.08
C ALA C 79 -36.16 17.92 -14.10
N PRO C 80 -37.30 17.86 -14.82
CA PRO C 80 -37.54 16.81 -15.82
C PRO C 80 -36.47 16.68 -16.92
N HIS C 81 -36.04 15.44 -17.18
CA HIS C 81 -35.02 15.12 -18.17
C HIS C 81 -35.26 13.75 -18.82
N ASP C 82 -34.44 13.42 -19.82
CA ASP C 82 -34.53 12.16 -20.57
C ASP C 82 -35.96 11.90 -21.10
N PHE C 83 -36.48 12.89 -21.82
CA PHE C 83 -37.83 12.83 -22.38
C PHE C 83 -37.95 11.85 -23.54
N MET C 84 -39.18 11.43 -23.82
CA MET C 84 -39.49 10.55 -24.95
C MET C 84 -40.94 10.74 -25.39
N PHE C 85 -41.18 10.59 -26.69
CA PHE C 85 -42.50 10.81 -27.30
C PHE C 85 -42.98 9.53 -27.98
N VAL C 86 -44.09 8.97 -27.51
CA VAL C 86 -44.72 7.79 -28.14
C VAL C 86 -46.14 8.15 -28.61
N LYS C 87 -46.44 7.76 -29.85
CA LYS C 87 -47.74 8.02 -30.47
C LYS C 87 -48.83 7.15 -29.87
N ARG C 88 -49.98 7.75 -29.59
CA ARG C 88 -51.13 7.04 -29.01
C ARG C 88 -51.86 6.21 -30.07
N ASN C 89 -51.83 6.67 -31.32
CA ASN C 89 -52.53 6.04 -32.45
C ASN C 89 -54.02 5.86 -32.16
N ASP C 90 -54.64 6.96 -31.73
CA ASP C 90 -56.00 6.96 -31.19
C ASP C 90 -56.86 8.02 -31.89
N PRO C 91 -57.39 7.69 -33.10
CA PRO C 91 -58.22 8.63 -33.88
C PRO C 91 -59.43 9.21 -33.15
N ASP C 92 -60.15 8.36 -32.43
CA ASP C 92 -61.33 8.78 -31.65
C ASP C 92 -60.95 9.53 -30.37
N GLY C 93 -59.95 8.99 -29.66
CA GLY C 93 -59.53 9.53 -28.36
C GLY C 93 -58.84 10.89 -28.43
N PRO C 94 -58.69 11.55 -27.27
CA PRO C 94 -58.31 12.96 -27.24
C PRO C 94 -56.81 13.29 -27.21
N HIS C 95 -55.94 12.28 -27.34
CA HIS C 95 -54.49 12.46 -27.19
C HIS C 95 -53.70 12.02 -28.42
N SER C 96 -52.64 12.77 -28.72
CA SER C 96 -51.76 12.51 -29.85
C SER C 96 -50.53 11.71 -29.43
N ASP C 97 -49.80 12.28 -28.45
CA ASP C 97 -48.59 11.68 -27.90
C ASP C 97 -48.72 11.52 -26.39
N ARG C 98 -48.00 10.54 -25.84
CA ARG C 98 -47.70 10.47 -24.40
C ARG C 98 -46.19 10.69 -24.25
N ILE C 99 -45.82 11.50 -23.27
CA ILE C 99 -44.40 11.72 -22.95
C ILE C 99 -44.03 10.98 -21.67
N TYR C 100 -42.85 10.34 -21.68
CA TYR C 100 -42.26 9.76 -20.49
C TYR C 100 -40.96 10.51 -20.20
N TYR C 101 -40.65 10.65 -18.92
CA TYR C 101 -39.51 11.46 -18.48
C TYR C 101 -39.18 11.19 -17.01
N LEU C 102 -37.90 11.27 -16.67
CA LEU C 102 -37.45 11.13 -15.30
C LEU C 102 -37.58 12.46 -14.57
N ALA C 103 -38.02 12.41 -13.32
CA ALA C 103 -38.18 13.62 -12.50
C ALA C 103 -38.30 13.29 -11.02
N MET C 104 -37.99 14.27 -10.16
CA MET C 104 -38.12 14.15 -8.72
C MET C 104 -39.53 14.59 -8.28
N SER C 105 -40.17 13.80 -7.41
CA SER C 105 -41.56 14.05 -6.99
C SER C 105 -41.74 15.40 -6.29
N GLU C 110 -37.12 11.69 -4.21
CA GLU C 110 -36.24 10.76 -4.91
C GLU C 110 -36.66 10.59 -6.39
N ASN C 111 -35.66 10.40 -7.25
CA ASN C 111 -35.82 10.50 -8.70
C ASN C 111 -36.45 9.24 -9.32
N THR C 112 -37.41 9.42 -10.23
CA THR C 112 -38.18 8.30 -10.82
C THR C 112 -38.91 8.65 -12.12
N LEU C 113 -39.42 7.61 -12.81
CA LEU C 113 -40.16 7.78 -14.07
C LEU C 113 -41.55 8.37 -13.86
N PHE C 114 -41.99 9.16 -14.84
CA PHE C 114 -43.31 9.81 -14.87
C PHE C 114 -43.87 9.76 -16.28
N TYR C 115 -45.11 10.21 -16.44
CA TYR C 115 -45.67 10.47 -17.78
C TYR C 115 -46.77 11.53 -17.76
N SER C 116 -47.08 12.01 -18.96
CA SER C 116 -48.15 12.98 -19.18
C SER C 116 -48.77 12.80 -20.56
N GLU C 117 -49.97 13.37 -20.72
CA GLU C 117 -50.77 13.20 -21.93
C GLU C 117 -50.77 14.48 -22.76
N ILE C 118 -50.31 14.38 -24.01
CA ILE C 118 -50.32 15.51 -24.95
C ILE C 118 -51.63 15.45 -25.73
N PRO C 119 -52.51 16.45 -25.54
CA PRO C 119 -53.81 16.42 -26.20
C PRO C 119 -53.74 16.82 -27.66
N LYS C 120 -54.65 16.29 -28.47
CA LYS C 120 -54.69 16.58 -29.90
C LYS C 120 -54.96 18.07 -30.19
N THR C 121 -55.78 18.69 -29.35
CA THR C 121 -56.09 20.13 -29.42
C THR C 121 -56.01 20.77 -28.03
N ILE C 122 -56.01 22.10 -28.00
CA ILE C 122 -56.01 22.86 -26.74
C ILE C 122 -56.82 24.15 -26.83
N ASN C 123 -57.23 24.65 -25.67
CA ASN C 123 -57.77 26.00 -25.53
C ASN C 123 -56.58 26.96 -25.52
N ARG C 124 -56.50 27.82 -26.53
CA ARG C 124 -55.35 28.72 -26.71
C ARG C 124 -55.38 30.01 -25.87
N ALA C 125 -56.50 30.23 -25.16
CA ALA C 125 -56.61 31.34 -24.20
C ALA C 125 -55.89 31.03 -22.87
N ALA C 126 -55.99 29.77 -22.41
CA ALA C 126 -55.48 29.36 -21.09
C ALA C 126 -54.17 28.58 -21.14
N VAL C 127 -53.40 28.67 -20.06
CA VAL C 127 -52.15 27.94 -19.88
C VAL C 127 -52.47 26.55 -19.36
N LEU C 128 -52.13 25.52 -20.14
CA LEU C 128 -52.34 24.12 -19.77
C LEU C 128 -51.21 23.62 -18.86
N MET C 129 -51.53 23.36 -17.59
CA MET C 129 -50.61 22.70 -16.67
C MET C 129 -50.78 21.19 -16.78
N LEU C 130 -49.82 20.51 -17.41
CA LEU C 130 -49.84 19.06 -17.55
C LEU C 130 -49.58 18.40 -16.20
N SER C 131 -50.41 17.41 -15.85
CA SER C 131 -50.27 16.69 -14.60
C SER C 131 -49.26 15.55 -14.75
N TRP C 132 -48.41 15.38 -13.74
CA TRP C 132 -47.44 14.29 -13.71
C TRP C 132 -48.12 13.01 -13.23
N LYS C 133 -48.41 12.11 -14.18
CA LYS C 133 -48.89 10.76 -13.85
C LYS C 133 -47.66 9.90 -13.54
N PRO C 134 -47.57 9.36 -12.30
CA PRO C 134 -46.43 8.48 -12.00
C PRO C 134 -46.62 7.10 -12.60
N LEU C 135 -45.50 6.46 -12.95
CA LEU C 135 -45.50 5.18 -13.66
C LEU C 135 -45.18 3.96 -12.77
N LEU C 136 -44.75 4.18 -11.53
CA LEU C 136 -44.20 3.09 -10.68
C LEU C 136 -44.77 3.04 -9.24
N ASP C 137 -44.49 1.93 -8.55
CA ASP C 137 -45.00 1.65 -7.19
C ASP C 137 -43.94 1.74 -6.08
N LEU C 138 -42.96 0.83 -6.13
CA LEU C 138 -41.88 0.61 -5.13
C LEU C 138 -42.18 -0.55 -4.16
N PHE C 139 -41.11 -1.18 -3.65
CA PHE C 139 -41.19 -2.28 -2.66
C PHE C 139 -39.95 -2.26 -1.76
N GLY C 165 -33.42 5.22 -6.47
CA GLY C 165 -33.28 6.37 -7.37
C GLY C 165 -32.84 5.96 -8.76
N ILE C 166 -33.60 6.39 -9.77
CA ILE C 166 -33.32 6.11 -11.18
C ILE C 166 -32.53 7.28 -11.79
N ALA C 167 -31.57 6.95 -12.67
CA ALA C 167 -30.73 7.95 -13.35
C ALA C 167 -30.91 7.95 -14.87
N SER C 168 -31.05 6.77 -15.47
CA SER C 168 -31.34 6.63 -16.91
C SER C 168 -32.38 5.53 -17.13
N TYR C 169 -32.78 5.36 -18.39
CA TYR C 169 -33.63 4.24 -18.80
C TYR C 169 -33.47 3.94 -20.29
N ASP C 170 -33.52 2.67 -20.65
CA ASP C 170 -33.58 2.23 -22.04
C ASP C 170 -35.05 1.94 -22.36
N TYR C 171 -35.38 1.85 -23.64
CA TYR C 171 -36.75 1.58 -24.08
C TYR C 171 -36.76 1.00 -25.48
N HIS C 172 -37.60 -0.03 -25.69
CA HIS C 172 -37.79 -0.64 -27.00
C HIS C 172 -39.10 -0.11 -27.60
N GLN C 173 -39.01 0.33 -28.85
CA GLN C 173 -40.16 0.93 -29.56
C GLN C 173 -41.25 -0.11 -29.83
N GLY C 174 -40.85 -1.19 -30.50
CA GLY C 174 -41.78 -2.20 -31.02
C GLY C 174 -42.59 -2.98 -30.01
N SER C 175 -42.07 -3.12 -28.80
CA SER C 175 -42.73 -3.87 -27.71
C SER C 175 -43.27 -2.99 -26.58
N GLY C 176 -42.68 -1.81 -26.40
CA GLY C 176 -43.02 -0.91 -25.30
C GLY C 176 -42.32 -1.26 -24.00
N THR C 177 -41.21 -1.99 -24.10
CA THR C 177 -40.50 -2.49 -22.91
C THR C 177 -39.53 -1.43 -22.37
N PHE C 178 -39.76 -0.99 -21.14
CA PHE C 178 -38.80 -0.17 -20.39
C PHE C 178 -37.81 -1.08 -19.67
N LEU C 179 -36.58 -0.58 -19.47
CA LEU C 179 -35.55 -1.25 -18.66
C LEU C 179 -34.76 -0.17 -17.94
N PHE C 180 -34.49 -0.39 -16.66
CA PHE C 180 -33.84 0.63 -15.84
C PHE C 180 -33.31 0.07 -14.53
N GLN C 181 -32.24 0.70 -14.04
CA GLN C 181 -31.64 0.35 -12.76
C GLN C 181 -32.17 1.30 -11.68
N ALA C 182 -32.62 0.72 -10.58
CA ALA C 182 -32.97 1.47 -9.37
C ALA C 182 -32.26 0.81 -8.19
N GLY C 183 -31.41 1.57 -7.52
CA GLY C 183 -30.58 1.06 -6.42
C GLY C 183 -29.76 -0.15 -6.85
N SER C 184 -29.81 -1.22 -6.06
CA SER C 184 -29.14 -2.47 -6.39
C SER C 184 -29.79 -3.19 -7.58
N GLY C 185 -31.12 -3.28 -7.55
CA GLY C 185 -31.87 -4.03 -8.56
C GLY C 185 -31.92 -3.43 -9.95
N ILE C 186 -32.34 -4.27 -10.89
CA ILE C 186 -32.56 -3.91 -12.31
C ILE C 186 -33.98 -4.35 -12.66
N TYR C 187 -34.84 -3.38 -12.99
CA TYR C 187 -36.27 -3.64 -13.21
C TYR C 187 -36.68 -3.40 -14.66
N HIS C 188 -37.85 -3.94 -15.01
CA HIS C 188 -38.47 -3.70 -16.32
C HIS C 188 -39.99 -3.59 -16.15
N VAL C 189 -40.62 -2.82 -17.03
CA VAL C 189 -42.09 -2.74 -17.12
C VAL C 189 -42.50 -2.81 -18.60
N LYS C 190 -43.73 -2.44 -18.92
CA LYS C 190 -44.15 -2.29 -20.32
C LYS C 190 -45.26 -1.28 -20.45
N ASP C 191 -45.12 -0.35 -21.39
CA ASP C 191 -46.14 0.64 -21.68
C ASP C 191 -45.96 1.29 -23.06
N GLY C 192 -47.08 1.51 -23.74
CA GLY C 192 -47.08 2.16 -25.06
C GLY C 192 -46.55 1.31 -26.20
N GLY C 193 -46.86 0.02 -26.17
CA GLY C 193 -46.50 -0.91 -27.24
C GLY C 193 -47.77 -1.39 -27.93
N PRO C 194 -47.74 -2.62 -28.49
CA PRO C 194 -48.95 -3.34 -28.88
C PRO C 194 -49.92 -3.60 -27.72
N GLN C 195 -49.39 -3.73 -26.50
CA GLN C 195 -50.21 -3.92 -25.30
C GLN C 195 -50.89 -2.65 -24.76
N GLY C 196 -50.57 -1.49 -25.34
CA GLY C 196 -51.32 -0.26 -25.08
C GLY C 196 -50.82 0.55 -23.90
N PHE C 197 -51.64 1.50 -23.48
CA PHE C 197 -51.24 2.55 -22.52
C PHE C 197 -51.95 2.43 -21.18
N THR C 198 -51.17 2.24 -20.12
CA THR C 198 -51.69 2.14 -18.75
C THR C 198 -52.32 3.43 -18.27
N GLN C 199 -53.32 3.29 -17.40
CA GLN C 199 -53.97 4.41 -16.71
C GLN C 199 -53.53 4.56 -15.25
N GLN C 200 -52.78 3.57 -14.74
CA GLN C 200 -52.35 3.55 -13.34
C GLN C 200 -50.90 3.07 -13.22
N PRO C 201 -50.20 3.48 -12.14
CA PRO C 201 -48.83 3.05 -11.87
C PRO C 201 -48.58 1.54 -12.07
N LEU C 202 -47.55 1.21 -12.85
CA LEU C 202 -47.16 -0.18 -13.08
C LEU C 202 -46.28 -0.70 -11.95
N ARG C 203 -46.21 -2.04 -11.83
CA ARG C 203 -45.32 -2.70 -10.88
C ARG C 203 -43.96 -2.87 -11.53
N PRO C 204 -42.87 -2.47 -10.84
CA PRO C 204 -41.54 -2.72 -11.41
C PRO C 204 -41.19 -4.21 -11.36
N ASN C 205 -41.32 -4.90 -12.51
CA ASN C 205 -40.99 -6.31 -12.61
C ASN C 205 -39.47 -6.50 -12.52
N LEU C 206 -39.04 -7.33 -11.57
CA LEU C 206 -37.63 -7.55 -11.27
C LEU C 206 -37.02 -8.58 -12.21
N VAL C 207 -35.83 -8.27 -12.72
CA VAL C 207 -34.99 -9.25 -13.40
C VAL C 207 -34.17 -9.93 -12.30
N GLU C 208 -34.44 -11.21 -12.08
CA GLU C 208 -33.76 -11.99 -11.05
C GLU C 208 -32.34 -12.32 -11.48
N THR C 209 -31.54 -12.77 -10.52
CA THR C 209 -30.13 -13.07 -10.78
C THR C 209 -29.53 -14.04 -9.78
N SER C 210 -28.49 -14.74 -10.24
CA SER C 210 -27.59 -15.49 -9.38
C SER C 210 -26.29 -14.73 -9.10
N CYS C 211 -26.09 -13.59 -9.77
CA CYS C 211 -24.88 -12.78 -9.62
C CYS C 211 -24.83 -12.14 -8.22
N PRO C 212 -23.77 -12.42 -7.44
CA PRO C 212 -23.72 -11.96 -6.03
C PRO C 212 -23.51 -10.46 -5.87
N ASN C 213 -22.54 -9.91 -6.60
CA ASN C 213 -22.24 -8.47 -6.60
C ASN C 213 -23.22 -7.68 -7.47
N ILE C 214 -23.27 -6.37 -7.21
CA ILE C 214 -24.22 -5.43 -7.86
C ILE C 214 -24.04 -5.38 -9.38
N ARG C 215 -25.16 -5.28 -10.09
CA ARG C 215 -25.17 -5.18 -11.54
C ARG C 215 -25.27 -3.72 -11.99
N MET C 216 -24.58 -3.39 -13.07
CA MET C 216 -24.49 -2.00 -13.57
C MET C 216 -24.68 -1.93 -15.09
N ASP C 217 -25.09 -0.74 -15.55
CA ASP C 217 -25.17 -0.40 -16.98
C ASP C 217 -26.05 -1.38 -17.78
N PRO C 218 -27.31 -1.57 -17.34
CA PRO C 218 -28.21 -2.46 -18.08
C PRO C 218 -28.65 -1.84 -19.40
N LYS C 219 -28.78 -2.67 -20.43
CA LYS C 219 -29.20 -2.21 -21.75
C LYS C 219 -30.06 -3.26 -22.44
N LEU C 220 -31.24 -2.84 -22.93
CA LEU C 220 -32.10 -3.69 -23.75
C LEU C 220 -31.44 -3.98 -25.10
N CYS C 221 -31.67 -5.19 -25.62
CA CYS C 221 -31.29 -5.53 -26.98
C CYS C 221 -32.36 -4.93 -27.92
N PRO C 222 -31.96 -4.00 -28.83
CA PRO C 222 -32.96 -3.41 -29.73
C PRO C 222 -33.64 -4.39 -30.70
N ALA C 223 -33.01 -5.53 -30.97
CA ALA C 223 -33.64 -6.60 -31.75
C ALA C 223 -34.70 -7.32 -30.90
N ASP C 224 -34.24 -8.07 -29.90
CA ASP C 224 -35.10 -8.92 -29.07
C ASP C 224 -35.21 -8.35 -27.65
N PRO C 225 -36.32 -7.62 -27.35
CA PRO C 225 -36.48 -6.99 -26.03
C PRO C 225 -36.69 -7.94 -24.83
N ASP C 226 -36.74 -9.26 -25.07
CA ASP C 226 -36.63 -10.24 -24.01
C ASP C 226 -35.21 -10.25 -23.41
N TRP C 227 -34.21 -10.25 -24.28
CA TRP C 227 -32.80 -10.22 -23.86
C TRP C 227 -32.32 -8.84 -23.44
N ILE C 228 -31.63 -8.79 -22.29
CA ILE C 228 -30.88 -7.61 -21.86
C ILE C 228 -29.42 -7.99 -21.64
N ALA C 229 -28.59 -6.97 -21.47
CA ALA C 229 -27.20 -7.16 -21.04
C ALA C 229 -26.91 -6.23 -19.87
N PHE C 230 -25.87 -6.56 -19.11
CA PHE C 230 -25.40 -5.69 -18.04
C PHE C 230 -23.97 -6.04 -17.67
N ILE C 231 -23.38 -5.18 -16.84
CA ILE C 231 -22.05 -5.39 -16.29
C ILE C 231 -22.15 -6.00 -14.90
N HIS C 232 -21.25 -6.94 -14.62
CA HIS C 232 -21.08 -7.52 -13.29
C HIS C 232 -19.60 -7.83 -13.05
N SER C 233 -19.00 -7.11 -12.11
CA SER C 233 -17.58 -7.25 -11.76
C SER C 233 -16.68 -7.12 -13.01
N ASN C 234 -16.89 -6.02 -13.73
CA ASN C 234 -16.19 -5.69 -14.98
C ASN C 234 -16.30 -6.78 -16.06
N ASP C 235 -17.46 -7.44 -16.14
CA ASP C 235 -17.70 -8.48 -17.14
C ASP C 235 -19.13 -8.41 -17.65
N ILE C 236 -19.30 -8.74 -18.93
CA ILE C 236 -20.57 -8.60 -19.64
C ILE C 236 -21.41 -9.86 -19.52
N TRP C 237 -22.46 -9.80 -18.71
CA TRP C 237 -23.47 -10.85 -18.64
C TRP C 237 -24.68 -10.47 -19.49
N ILE C 238 -25.47 -11.47 -19.88
CA ILE C 238 -26.80 -11.25 -20.49
C ILE C 238 -27.86 -12.07 -19.75
N SER C 239 -29.09 -11.56 -19.77
CA SER C 239 -30.21 -12.13 -19.02
C SER C 239 -31.50 -11.97 -19.82
N ASN C 240 -32.27 -13.06 -19.94
CA ASN C 240 -33.54 -13.05 -20.67
C ASN C 240 -34.68 -12.87 -19.68
N ILE C 241 -35.47 -11.80 -19.84
CA ILE C 241 -36.48 -11.41 -18.83
C ILE C 241 -37.74 -12.28 -18.81
N VAL C 242 -37.97 -13.09 -19.85
CA VAL C 242 -39.10 -14.06 -19.87
C VAL C 242 -38.67 -15.49 -19.52
N THR C 243 -37.56 -15.96 -20.09
CA THR C 243 -37.06 -17.32 -19.85
C THR C 243 -36.15 -17.41 -18.61
N ARG C 244 -35.79 -16.26 -18.03
CA ARG C 244 -34.93 -16.18 -16.84
C ARG C 244 -33.54 -16.81 -17.02
N GLU C 245 -33.07 -16.89 -18.27
CA GLU C 245 -31.74 -17.39 -18.56
C GLU C 245 -30.74 -16.31 -18.18
N GLU C 246 -29.52 -16.73 -17.84
CA GLU C 246 -28.48 -15.81 -17.42
C GLU C 246 -27.11 -16.41 -17.76
N ARG C 247 -26.37 -15.74 -18.65
CA ARG C 247 -25.08 -16.25 -19.14
C ARG C 247 -24.01 -15.16 -19.05
N ARG C 248 -22.84 -15.55 -18.57
CA ARG C 248 -21.66 -14.69 -18.56
C ARG C 248 -20.96 -14.79 -19.92
N LEU C 249 -20.87 -13.68 -20.66
CA LEU C 249 -20.26 -13.68 -22.01
C LEU C 249 -18.73 -13.53 -21.99
N THR C 250 -18.22 -12.74 -21.05
CA THR C 250 -16.77 -12.48 -20.92
C THR C 250 -16.25 -12.97 -19.58
N TYR C 251 -15.05 -13.56 -19.59
CA TYR C 251 -14.39 -14.10 -18.39
C TYR C 251 -13.03 -13.44 -18.22
N VAL C 252 -13.05 -12.12 -18.23
CA VAL C 252 -11.83 -11.29 -18.29
C VAL C 252 -11.32 -10.89 -16.89
N HIS C 253 -12.24 -10.66 -15.95
CA HIS C 253 -11.91 -10.26 -14.57
C HIS C 253 -12.34 -11.35 -13.60
N ASN C 254 -11.42 -11.78 -12.75
CA ASN C 254 -11.73 -12.64 -11.60
C ASN C 254 -12.09 -11.74 -10.42
N GLU C 255 -13.36 -11.79 -9.99
CA GLU C 255 -13.87 -10.94 -8.90
C GLU C 255 -13.10 -11.11 -7.58
N LEU C 256 -12.67 -12.34 -7.30
CA LEU C 256 -11.92 -12.66 -6.08
C LEU C 256 -10.48 -12.12 -6.13
N ALA C 257 -9.85 -12.18 -7.31
CA ALA C 257 -8.51 -11.61 -7.52
C ALA C 257 -8.54 -10.10 -7.35
N ASN C 258 -7.43 -9.55 -6.84
CA ASN C 258 -7.39 -8.15 -6.37
C ASN C 258 -6.39 -7.24 -7.08
N MET C 259 -6.91 -6.39 -7.96
CA MET C 259 -6.25 -5.15 -8.38
C MET C 259 -4.93 -5.31 -9.13
N GLU C 260 -3.85 -5.61 -8.41
CA GLU C 260 -2.49 -5.66 -8.97
C GLU C 260 -2.27 -6.89 -9.85
N GLU C 261 -2.90 -8.01 -9.48
CA GLU C 261 -2.81 -9.27 -10.23
C GLU C 261 -3.85 -9.39 -11.35
N ASP C 262 -4.98 -8.68 -11.24
CA ASP C 262 -6.05 -8.73 -12.25
C ASP C 262 -5.96 -7.58 -13.28
N ALA C 263 -6.63 -6.45 -13.03
CA ALA C 263 -6.54 -5.24 -13.87
C ALA C 263 -7.09 -5.28 -15.32
N ARG C 264 -7.75 -6.38 -15.69
CA ARG C 264 -8.45 -6.45 -16.99
C ARG C 264 -9.94 -6.29 -16.76
N SER C 265 -10.62 -5.66 -17.71
CA SER C 265 -12.01 -5.24 -17.52
C SER C 265 -12.75 -5.02 -18.86
N ALA C 266 -13.54 -6.00 -19.26
CA ALA C 266 -14.31 -5.94 -20.52
C ALA C 266 -15.70 -5.36 -20.29
N GLY C 267 -16.10 -4.43 -21.17
CA GLY C 267 -17.44 -3.84 -21.15
C GLY C 267 -17.59 -2.53 -20.39
N VAL C 268 -16.57 -2.15 -19.63
CA VAL C 268 -16.58 -0.93 -18.81
C VAL C 268 -15.62 0.09 -19.42
N ALA C 269 -16.03 1.36 -19.37
CA ALA C 269 -15.17 2.48 -19.74
C ALA C 269 -14.27 2.86 -18.56
N THR C 270 -12.96 2.92 -18.81
CA THR C 270 -11.96 3.28 -17.78
C THR C 270 -12.11 4.71 -17.26
N PHE C 271 -11.37 5.00 -16.20
CA PHE C 271 -11.42 6.29 -15.49
C PHE C 271 -11.40 7.52 -16.40
N VAL C 272 -10.44 7.55 -17.32
CA VAL C 272 -10.16 8.73 -18.14
C VAL C 272 -11.30 9.00 -19.13
N LEU C 273 -11.82 7.93 -19.73
CA LEU C 273 -12.95 8.02 -20.66
C LEU C 273 -14.23 8.54 -19.99
N GLN C 274 -14.45 8.19 -18.72
CA GLN C 274 -15.61 8.66 -17.97
C GLN C 274 -15.46 10.11 -17.51
N GLU C 275 -14.31 10.42 -16.92
CA GLU C 275 -14.04 11.77 -16.40
C GLU C 275 -13.80 12.80 -17.51
N GLU C 276 -12.92 12.47 -18.44
CA GLU C 276 -12.42 13.44 -19.43
C GLU C 276 -13.02 13.34 -20.83
N PHE C 277 -13.84 12.32 -21.09
CA PHE C 277 -14.57 12.19 -22.37
C PHE C 277 -16.08 11.93 -22.24
N ASP C 278 -16.61 11.96 -21.02
CA ASP C 278 -18.03 11.71 -20.75
C ASP C 278 -18.61 10.52 -21.53
N ARG C 279 -17.88 9.41 -21.49
CA ARG C 279 -18.30 8.14 -22.05
C ARG C 279 -18.43 7.17 -20.90
N TYR C 280 -19.66 6.75 -20.62
CA TYR C 280 -19.97 6.01 -19.40
C TYR C 280 -20.20 4.50 -19.59
N SER C 281 -20.52 4.10 -20.83
CA SER C 281 -20.76 2.70 -21.18
C SER C 281 -19.67 2.19 -22.13
N GLY C 282 -19.26 0.93 -21.95
CA GLY C 282 -18.21 0.31 -22.77
C GLY C 282 -18.62 -0.93 -23.55
N TYR C 283 -19.92 -1.07 -23.82
CA TYR C 283 -20.45 -2.11 -24.71
C TYR C 283 -21.70 -1.61 -25.41
N TRP C 284 -21.96 -2.13 -26.61
CA TRP C 284 -23.04 -1.64 -27.48
C TRP C 284 -23.70 -2.80 -28.21
N TRP C 285 -24.99 -3.03 -27.94
CA TRP C 285 -25.78 -4.05 -28.65
C TRP C 285 -25.89 -3.74 -30.14
N CYS C 286 -25.88 -4.79 -30.97
CA CYS C 286 -26.18 -4.67 -32.40
C CYS C 286 -27.70 -4.50 -32.54
N PRO C 287 -28.16 -3.58 -33.42
CA PRO C 287 -29.61 -3.33 -33.46
C PRO C 287 -30.46 -4.41 -34.14
N LYS C 288 -29.84 -5.26 -34.95
CA LYS C 288 -30.53 -6.35 -35.65
C LYS C 288 -29.91 -7.70 -35.34
N ALA C 289 -30.63 -8.75 -35.70
CA ALA C 289 -30.19 -10.14 -35.58
C ALA C 289 -30.09 -10.78 -36.96
N GLU C 290 -29.03 -11.56 -37.17
CA GLU C 290 -28.85 -12.35 -38.40
C GLU C 290 -29.51 -13.71 -38.18
N THR C 291 -30.46 -14.06 -39.04
CA THR C 291 -31.26 -15.29 -38.88
C THR C 291 -30.44 -16.51 -39.30
N THR C 292 -30.48 -17.56 -38.47
CA THR C 292 -29.79 -18.81 -38.75
C THR C 292 -30.54 -19.65 -39.78
N PRO C 293 -29.87 -20.64 -40.41
CA PRO C 293 -30.54 -21.61 -41.28
C PRO C 293 -31.71 -22.38 -40.65
N SER C 294 -31.59 -22.73 -39.36
CA SER C 294 -32.59 -23.55 -38.66
C SER C 294 -33.64 -22.73 -37.88
N GLY C 295 -34.01 -21.56 -38.39
CA GLY C 295 -35.10 -20.76 -37.82
C GLY C 295 -34.86 -20.08 -36.49
N GLY C 296 -33.59 -19.94 -36.10
CA GLY C 296 -33.20 -19.23 -34.87
C GLY C 296 -32.62 -17.88 -35.22
N LYS C 297 -31.67 -17.39 -34.41
CA LYS C 297 -30.98 -16.12 -34.68
C LYS C 297 -29.65 -15.97 -33.93
N ILE C 298 -28.87 -14.98 -34.39
CA ILE C 298 -27.56 -14.65 -33.81
C ILE C 298 -27.55 -13.18 -33.38
N LEU C 299 -27.51 -12.93 -32.07
CA LEU C 299 -27.35 -11.59 -31.52
C LEU C 299 -25.87 -11.25 -31.39
N ARG C 300 -25.54 -9.96 -31.47
CA ARG C 300 -24.15 -9.48 -31.42
C ARG C 300 -23.99 -8.30 -30.47
N ILE C 301 -22.90 -8.29 -29.70
CA ILE C 301 -22.54 -7.19 -28.79
C ILE C 301 -21.10 -6.76 -29.02
N LEU C 302 -20.91 -5.52 -29.45
CA LEU C 302 -19.59 -4.88 -29.51
C LEU C 302 -19.18 -4.45 -28.10
N TYR C 303 -17.88 -4.52 -27.80
CA TYR C 303 -17.37 -4.02 -26.52
C TYR C 303 -15.88 -3.69 -26.49
N GLU C 304 -15.53 -2.70 -25.66
CA GLU C 304 -14.14 -2.39 -25.36
C GLU C 304 -13.63 -3.36 -24.29
N GLU C 305 -12.44 -3.91 -24.53
CA GLU C 305 -11.73 -4.70 -23.53
C GLU C 305 -10.47 -3.95 -23.14
N ASN C 306 -10.45 -3.47 -21.90
CA ASN C 306 -9.33 -2.69 -21.36
C ASN C 306 -8.40 -3.57 -20.52
N ASP C 307 -7.10 -3.28 -20.63
CA ASP C 307 -6.09 -3.86 -19.75
C ASP C 307 -5.33 -2.71 -19.10
N GLU C 308 -5.52 -2.58 -17.78
CA GLU C 308 -4.88 -1.54 -16.98
C GLU C 308 -3.70 -2.09 -16.15
N SER C 309 -3.03 -3.12 -16.66
CA SER C 309 -1.88 -3.74 -15.96
C SER C 309 -0.63 -2.86 -16.04
N GLU C 310 -0.42 -2.23 -17.19
CA GLU C 310 0.68 -1.27 -17.38
C GLU C 310 0.39 0.14 -16.85
N VAL C 311 -0.84 0.39 -16.37
CA VAL C 311 -1.26 1.69 -15.85
C VAL C 311 -0.85 1.83 -14.39
N GLU C 312 -0.48 3.06 -14.00
CA GLU C 312 -0.03 3.36 -12.64
C GLU C 312 -1.11 3.10 -11.60
N ILE C 313 -0.67 2.58 -10.45
CA ILE C 313 -1.54 2.30 -9.30
C ILE C 313 -1.44 3.49 -8.36
N ILE C 314 -2.59 3.99 -7.91
CA ILE C 314 -2.64 5.15 -7.00
C ILE C 314 -3.50 4.82 -5.77
N HIS C 315 -2.96 5.10 -4.59
CA HIS C 315 -3.67 4.90 -3.31
C HIS C 315 -4.27 6.22 -2.87
N VAL C 316 -5.56 6.19 -2.51
CA VAL C 316 -6.23 7.30 -1.84
C VAL C 316 -6.95 6.74 -0.60
N THR C 317 -6.95 7.53 0.48
CA THR C 317 -7.43 7.07 1.79
C THR C 317 -8.90 6.61 1.72
N SER C 318 -9.20 5.53 2.44
CA SER C 318 -10.55 4.96 2.47
C SER C 318 -11.48 5.89 3.27
N PRO C 319 -12.78 5.99 2.88
CA PRO C 319 -13.68 6.88 3.64
C PRO C 319 -13.83 6.48 5.11
N MET C 320 -13.83 5.17 5.36
CA MET C 320 -13.85 4.63 6.71
C MET C 320 -12.47 4.84 7.36
N LEU C 321 -12.33 5.98 8.03
CA LEU C 321 -11.05 6.37 8.66
C LEU C 321 -10.69 5.53 9.88
N GLU C 322 -11.65 4.79 10.44
CA GLU C 322 -11.40 3.83 11.53
C GLU C 322 -10.34 2.77 11.18
N THR C 323 -10.43 2.22 9.97
CA THR C 323 -9.46 1.22 9.49
C THR C 323 -8.05 1.81 9.29
N ARG C 324 -8.00 3.07 8.85
CA ARG C 324 -6.75 3.80 8.58
C ARG C 324 -5.99 3.15 7.42
N ARG C 325 -6.70 2.96 6.31
CA ARG C 325 -6.20 2.25 5.13
C ARG C 325 -6.54 3.03 3.86
N ALA C 326 -5.91 2.65 2.75
CA ALA C 326 -6.06 3.32 1.46
C ALA C 326 -6.53 2.35 0.38
N ASP C 327 -7.34 2.87 -0.55
CA ASP C 327 -7.92 2.09 -1.65
C ASP C 327 -7.15 2.30 -2.94
N SER C 328 -6.63 1.21 -3.51
CA SER C 328 -5.92 1.26 -4.78
C SER C 328 -6.90 1.44 -5.95
N PHE C 329 -6.57 2.36 -6.87
CA PHE C 329 -7.18 2.35 -8.21
C PHE C 329 -6.29 2.93 -9.30
N ARG C 330 -6.58 2.54 -10.54
CA ARG C 330 -5.73 2.86 -11.70
C ARG C 330 -5.93 4.29 -12.19
N TYR C 331 -4.86 5.08 -12.12
CA TYR C 331 -4.86 6.50 -12.52
C TYR C 331 -3.82 6.74 -13.61
N PRO C 332 -4.25 6.84 -14.89
CA PRO C 332 -3.37 7.25 -15.99
C PRO C 332 -2.79 8.66 -15.83
N LYS C 333 -1.72 8.75 -15.02
CA LYS C 333 -1.01 10.02 -14.78
C LYS C 333 -0.39 10.54 -16.08
N THR C 334 -0.48 11.86 -16.29
CA THR C 334 0.10 12.52 -17.48
C THR C 334 1.50 12.01 -17.77
N GLY C 335 1.73 11.62 -19.02
CA GLY C 335 3.02 11.07 -19.44
C GLY C 335 3.16 9.56 -19.32
N THR C 336 2.38 8.93 -18.44
CA THR C 336 2.44 7.48 -18.24
C THR C 336 1.42 6.76 -19.12
N ALA C 337 1.47 5.43 -19.08
CA ALA C 337 0.61 4.57 -19.88
C ALA C 337 -0.88 4.78 -19.66
N ASN C 338 -1.60 4.99 -20.76
CA ASN C 338 -3.05 4.82 -20.80
C ASN C 338 -3.35 3.30 -20.84
N PRO C 339 -4.64 2.92 -20.69
CA PRO C 339 -4.95 1.49 -20.73
C PRO C 339 -4.76 0.88 -22.12
N LYS C 340 -4.23 -0.34 -22.16
CA LYS C 340 -4.10 -1.09 -23.40
C LYS C 340 -5.50 -1.56 -23.80
N VAL C 341 -5.98 -1.12 -24.95
CA VAL C 341 -7.35 -1.35 -25.40
C VAL C 341 -7.44 -2.18 -26.67
N THR C 342 -8.57 -2.87 -26.83
CA THR C 342 -8.95 -3.47 -28.10
C THR C 342 -10.47 -3.64 -28.16
N PHE C 343 -10.99 -3.73 -29.39
CA PHE C 343 -12.39 -4.06 -29.61
C PHE C 343 -12.57 -5.57 -29.58
N LYS C 344 -13.77 -5.99 -29.19
CA LYS C 344 -14.18 -7.39 -29.18
C LYS C 344 -15.66 -7.48 -29.57
N MET C 345 -16.06 -8.61 -30.13
CA MET C 345 -17.45 -8.90 -30.44
C MET C 345 -17.85 -10.23 -29.81
N SER C 346 -19.09 -10.29 -29.33
CA SER C 346 -19.64 -11.51 -28.75
C SER C 346 -20.86 -11.94 -29.56
N GLU C 347 -20.73 -13.02 -30.32
CA GLU C 347 -21.84 -13.63 -31.03
C GLU C 347 -22.60 -14.55 -30.08
N ILE C 348 -23.88 -14.26 -29.88
CA ILE C 348 -24.77 -15.07 -29.06
C ILE C 348 -25.79 -15.72 -30.00
N MET C 349 -25.60 -17.00 -30.28
CA MET C 349 -26.57 -17.78 -31.07
C MET C 349 -27.77 -18.17 -30.20
N ILE C 350 -28.95 -18.16 -30.82
CA ILE C 350 -30.21 -18.50 -30.16
C ILE C 350 -31.09 -19.30 -31.15
N ASP C 351 -31.95 -20.17 -30.62
CA ASP C 351 -32.96 -20.91 -31.41
C ASP C 351 -34.36 -20.31 -31.22
N ALA C 352 -35.31 -20.72 -32.07
CA ALA C 352 -36.67 -20.13 -32.11
C ALA C 352 -37.40 -20.00 -30.76
N GLU C 353 -37.12 -20.92 -29.83
CA GLU C 353 -37.70 -20.88 -28.48
C GLU C 353 -37.04 -19.87 -27.50
N GLY C 354 -35.96 -19.21 -27.93
CA GLY C 354 -35.32 -18.15 -27.16
C GLY C 354 -34.28 -18.62 -26.14
N ARG C 355 -33.70 -19.79 -26.41
CA ARG C 355 -32.67 -20.38 -25.54
C ARG C 355 -31.30 -20.18 -26.19
N ILE C 356 -30.27 -19.98 -25.38
CA ILE C 356 -28.90 -19.82 -25.89
C ILE C 356 -28.38 -21.17 -26.38
N ILE C 357 -27.80 -21.17 -27.58
CA ILE C 357 -27.13 -22.34 -28.13
C ILE C 357 -25.66 -22.30 -27.73
N ASP C 358 -24.96 -21.24 -28.16
CA ASP C 358 -23.52 -21.11 -27.93
C ASP C 358 -23.07 -19.65 -28.05
N VAL C 359 -22.13 -19.25 -27.18
CA VAL C 359 -21.54 -17.91 -27.17
C VAL C 359 -20.12 -17.97 -27.75
N ILE C 360 -19.93 -17.38 -28.93
CA ILE C 360 -18.61 -17.28 -29.56
C ILE C 360 -18.03 -15.89 -29.30
N ASP C 361 -17.07 -15.81 -28.37
CA ASP C 361 -16.33 -14.58 -28.10
C ASP C 361 -15.30 -14.38 -29.21
N LYS C 362 -15.32 -13.21 -29.85
CA LYS C 362 -14.49 -12.95 -31.04
C LYS C 362 -13.47 -11.82 -30.86
N GLU C 363 -12.21 -12.12 -31.20
CA GLU C 363 -11.13 -11.11 -31.23
C GLU C 363 -10.96 -10.57 -32.64
N LEU C 364 -10.22 -9.46 -32.74
CA LEU C 364 -9.90 -8.86 -34.04
C LEU C 364 -8.92 -9.75 -34.82
N ILE C 365 -9.05 -9.73 -36.14
CA ILE C 365 -8.22 -10.55 -37.03
C ILE C 365 -6.73 -10.18 -36.94
N GLN C 366 -6.46 -8.89 -36.72
CA GLN C 366 -5.12 -8.40 -36.44
C GLN C 366 -5.15 -7.65 -35.09
N PRO C 367 -3.98 -7.24 -34.57
CA PRO C 367 -3.99 -6.40 -33.36
C PRO C 367 -4.58 -5.01 -33.59
N PHE C 368 -5.12 -4.41 -32.53
CA PHE C 368 -5.70 -3.06 -32.56
C PHE C 368 -4.71 -2.01 -33.09
N GLU C 369 -3.46 -2.11 -32.64
CA GLU C 369 -2.39 -1.16 -33.02
C GLU C 369 -2.05 -1.20 -34.51
N ILE C 370 -2.24 -2.37 -35.13
CA ILE C 370 -2.01 -2.55 -36.57
C ILE C 370 -3.16 -1.93 -37.36
N LEU C 371 -4.38 -2.34 -37.05
CA LEU C 371 -5.59 -1.91 -37.78
C LEU C 371 -5.89 -0.43 -37.62
N PHE C 372 -5.83 0.06 -36.38
CA PHE C 372 -6.11 1.45 -36.04
C PHE C 372 -4.80 2.12 -35.62
N GLU C 373 -4.00 2.41 -36.65
CA GLU C 373 -2.62 2.89 -36.49
C GLU C 373 -2.54 4.18 -35.65
N GLY C 374 -1.85 4.08 -34.51
CA GLY C 374 -1.61 5.22 -33.61
C GLY C 374 -2.84 5.78 -32.91
N VAL C 375 -3.83 4.92 -32.67
CA VAL C 375 -5.05 5.30 -31.92
C VAL C 375 -4.82 5.03 -30.44
N GLU C 376 -5.10 6.03 -29.61
CA GLU C 376 -4.97 5.94 -28.16
C GLU C 376 -6.34 5.76 -27.48
N TYR C 377 -7.24 6.71 -27.71
CA TYR C 377 -8.55 6.74 -27.06
C TYR C 377 -9.69 6.37 -28.03
N ILE C 378 -10.60 5.50 -27.57
CA ILE C 378 -11.85 5.18 -28.27
C ILE C 378 -12.94 6.11 -27.73
N ALA C 379 -13.07 7.29 -28.34
CA ALA C 379 -13.94 8.34 -27.82
C ALA C 379 -15.41 7.91 -27.77
N ARG C 380 -15.93 7.49 -28.92
CA ARG C 380 -17.31 7.01 -29.05
C ARG C 380 -17.36 5.71 -29.83
N ALA C 381 -18.47 5.00 -29.70
CA ALA C 381 -18.74 3.80 -30.50
C ALA C 381 -20.23 3.53 -30.59
N GLY C 382 -20.62 2.78 -31.62
CA GLY C 382 -22.02 2.41 -31.82
C GLY C 382 -22.24 1.49 -33.00
N TRP C 383 -23.42 1.55 -33.59
CA TRP C 383 -23.77 0.80 -34.80
C TRP C 383 -24.52 1.67 -35.79
N THR C 384 -24.38 1.32 -37.08
CA THR C 384 -25.22 1.90 -38.13
C THR C 384 -26.66 1.40 -37.90
N PRO C 385 -27.68 2.14 -38.39
CA PRO C 385 -29.07 1.70 -38.17
C PRO C 385 -29.41 0.27 -38.62
N GLU C 386 -28.73 -0.21 -39.67
CA GLU C 386 -28.94 -1.56 -40.21
C GLU C 386 -28.22 -2.66 -39.43
N GLY C 387 -27.20 -2.28 -38.66
CA GLY C 387 -26.34 -3.24 -37.95
C GLY C 387 -25.35 -3.94 -38.86
N LYS C 388 -25.10 -3.35 -40.04
CA LYS C 388 -24.16 -3.91 -41.00
C LYS C 388 -22.73 -3.67 -40.51
N TYR C 389 -22.44 -2.40 -40.22
CA TYR C 389 -21.17 -1.98 -39.64
C TYR C 389 -21.37 -1.44 -38.22
N ALA C 390 -20.45 -1.79 -37.33
CA ALA C 390 -20.23 -1.03 -36.11
C ALA C 390 -19.32 0.14 -36.46
N TRP C 391 -19.51 1.27 -35.79
CA TRP C 391 -18.66 2.45 -36.00
C TRP C 391 -17.91 2.83 -34.72
N SER C 392 -16.92 3.70 -34.88
CA SER C 392 -16.11 4.17 -33.76
C SER C 392 -15.44 5.51 -34.07
N ILE C 393 -15.40 6.40 -33.08
CA ILE C 393 -14.69 7.67 -33.17
C ILE C 393 -13.39 7.54 -32.35
N LEU C 394 -12.25 7.66 -33.04
CA LEU C 394 -10.95 7.29 -32.48
C LEU C 394 -9.95 8.45 -32.50
N LEU C 395 -9.31 8.68 -31.35
CA LEU C 395 -8.33 9.75 -31.17
C LEU C 395 -6.91 9.23 -31.07
N ASP C 396 -5.96 10.03 -31.56
CA ASP C 396 -4.54 9.83 -31.30
C ASP C 396 -4.22 10.36 -29.90
N ARG C 397 -3.11 9.93 -29.31
CA ARG C 397 -2.74 10.31 -27.93
C ARG C 397 -2.68 11.83 -27.71
N SER C 398 -2.23 12.56 -28.72
CA SER C 398 -2.18 14.02 -28.68
C SER C 398 -3.54 14.72 -28.76
N GLN C 399 -4.58 13.98 -29.15
CA GLN C 399 -5.96 14.49 -29.29
C GLN C 399 -6.03 15.63 -30.32
N THR C 400 -5.31 15.43 -31.41
CA THR C 400 -5.27 16.36 -32.56
C THR C 400 -5.59 15.69 -33.90
N ARG C 401 -6.13 14.47 -33.86
CA ARG C 401 -6.54 13.73 -35.06
C ARG C 401 -7.71 12.78 -34.75
N LEU C 402 -8.91 13.19 -35.10
CA LEU C 402 -10.11 12.38 -34.98
C LEU C 402 -10.27 11.53 -36.23
N GLN C 403 -10.53 10.23 -36.05
CA GLN C 403 -10.91 9.32 -37.14
C GLN C 403 -12.33 8.83 -36.87
N ILE C 404 -13.06 8.51 -37.93
CA ILE C 404 -14.38 7.86 -37.83
C ILE C 404 -14.30 6.58 -38.65
N VAL C 405 -14.24 5.44 -37.96
CA VAL C 405 -13.95 4.15 -38.59
C VAL C 405 -15.15 3.23 -38.54
N LEU C 406 -15.44 2.55 -39.65
CA LEU C 406 -16.44 1.48 -39.72
C LEU C 406 -15.74 0.13 -39.56
N ILE C 407 -16.34 -0.72 -38.74
CA ILE C 407 -15.77 -2.00 -38.33
C ILE C 407 -16.80 -3.09 -38.59
N SER C 408 -16.59 -3.87 -39.65
CA SER C 408 -17.51 -4.95 -40.02
C SER C 408 -17.40 -6.11 -39.00
N PRO C 409 -18.51 -6.82 -38.72
CA PRO C 409 -18.42 -8.04 -37.90
C PRO C 409 -17.52 -9.15 -38.49
N GLU C 410 -17.29 -9.11 -39.80
CA GLU C 410 -16.36 -10.04 -40.46
C GLU C 410 -14.89 -9.86 -40.03
N LEU C 411 -14.52 -8.65 -39.61
CA LEU C 411 -13.18 -8.39 -39.02
C LEU C 411 -12.91 -9.16 -37.72
N PHE C 412 -13.95 -9.56 -37.00
CA PHE C 412 -13.83 -10.31 -35.75
C PHE C 412 -13.89 -11.83 -35.98
N ILE C 413 -12.92 -12.55 -35.42
CA ILE C 413 -12.82 -14.01 -35.56
C ILE C 413 -12.77 -14.67 -34.16
N PRO C 414 -13.19 -15.95 -34.06
CA PRO C 414 -13.20 -16.61 -32.74
C PRO C 414 -11.80 -16.72 -32.10
N VAL C 415 -11.79 -16.80 -30.77
CA VAL C 415 -10.54 -16.96 -30.00
C VAL C 415 -10.20 -18.44 -29.91
N GLU C 416 -8.99 -18.81 -30.32
CA GLU C 416 -8.52 -20.21 -30.32
C GLU C 416 -7.08 -20.34 -29.84
N ASP C 417 -6.84 -21.32 -28.97
CA ASP C 417 -5.48 -21.69 -28.53
C ASP C 417 -4.78 -22.52 -29.60
N ASP C 418 -5.51 -23.48 -30.16
CA ASP C 418 -5.05 -24.29 -31.29
C ASP C 418 -4.60 -23.36 -32.43
N VAL C 419 -3.28 -23.13 -32.49
CA VAL C 419 -2.68 -22.18 -33.44
C VAL C 419 -2.91 -22.52 -34.93
N MET C 420 -3.07 -23.82 -35.23
CA MET C 420 -3.35 -24.26 -36.61
C MET C 420 -4.78 -23.90 -37.04
N GLU C 421 -5.74 -24.28 -36.20
CA GLU C 421 -7.15 -23.89 -36.35
C GLU C 421 -7.33 -22.36 -36.39
N ARG C 422 -6.58 -21.65 -35.55
CA ARG C 422 -6.62 -20.19 -35.45
C ARG C 422 -6.13 -19.52 -36.74
N GLN C 423 -4.98 -19.96 -37.23
CA GLN C 423 -4.44 -19.47 -38.52
C GLN C 423 -5.33 -19.80 -39.72
N ARG C 424 -6.06 -20.91 -39.63
CA ARG C 424 -7.05 -21.29 -40.66
C ARG C 424 -8.23 -20.31 -40.69
N LEU C 425 -8.63 -19.80 -39.52
CA LEU C 425 -9.69 -18.78 -39.42
C LEU C 425 -9.28 -17.41 -40.00
N ILE C 426 -8.00 -17.05 -39.87
CA ILE C 426 -7.50 -15.77 -40.41
C ILE C 426 -7.53 -15.79 -41.94
N GLU C 427 -7.17 -16.93 -42.53
CA GLU C 427 -7.18 -17.12 -43.99
C GLU C 427 -8.60 -17.13 -44.57
N SER C 428 -9.55 -17.70 -43.82
CA SER C 428 -10.96 -17.80 -44.25
C SER C 428 -11.64 -16.45 -44.45
N VAL C 429 -11.23 -15.44 -43.67
CA VAL C 429 -11.68 -14.06 -43.86
C VAL C 429 -10.96 -13.50 -45.10
N PRO C 430 -11.69 -12.82 -46.00
CA PRO C 430 -11.01 -12.30 -47.20
C PRO C 430 -10.17 -11.05 -46.94
N ASP C 431 -9.25 -10.77 -47.85
CA ASP C 431 -8.42 -9.56 -47.81
C ASP C 431 -9.20 -8.27 -48.09
N SER C 432 -10.34 -8.41 -48.77
CA SER C 432 -11.23 -7.28 -49.06
C SER C 432 -11.87 -6.66 -47.82
N VAL C 433 -12.18 -7.50 -46.82
CA VAL C 433 -12.73 -7.03 -45.55
C VAL C 433 -11.64 -6.27 -44.79
N THR C 434 -11.97 -5.05 -44.38
CA THR C 434 -10.99 -4.10 -43.86
C THR C 434 -11.68 -2.98 -43.08
N PRO C 435 -10.97 -2.35 -42.13
CA PRO C 435 -11.53 -1.14 -41.53
C PRO C 435 -11.69 -0.01 -42.55
N LEU C 436 -12.70 0.84 -42.36
CA LEU C 436 -13.05 1.88 -43.32
C LEU C 436 -13.13 3.25 -42.65
N ILE C 437 -12.04 4.02 -42.74
CA ILE C 437 -11.99 5.36 -42.16
C ILE C 437 -12.79 6.31 -43.06
N ILE C 438 -14.06 6.51 -42.71
CA ILE C 438 -14.98 7.35 -43.50
C ILE C 438 -14.85 8.86 -43.26
N TYR C 439 -14.12 9.25 -42.22
CA TYR C 439 -13.84 10.67 -41.96
C TYR C 439 -12.60 10.80 -41.07
N GLU C 440 -11.63 11.59 -41.54
CA GLU C 440 -10.43 11.91 -40.77
C GLU C 440 -10.21 13.41 -40.80
N GLU C 441 -9.97 13.99 -39.62
CA GLU C 441 -9.68 15.41 -39.48
C GLU C 441 -8.50 15.63 -38.55
N THR C 442 -7.93 16.82 -38.62
CA THR C 442 -6.82 17.24 -37.76
C THR C 442 -6.96 18.70 -37.39
N THR C 443 -6.30 19.07 -36.30
CA THR C 443 -6.25 20.46 -35.84
C THR C 443 -4.96 20.70 -35.07
N ASP C 444 -4.38 21.87 -35.26
CA ASP C 444 -3.20 22.30 -34.50
C ASP C 444 -3.53 22.66 -33.04
N ILE C 445 -4.81 22.97 -32.77
CA ILE C 445 -5.29 23.24 -31.40
C ILE C 445 -5.62 21.92 -30.69
N TRP C 446 -6.88 21.46 -30.76
CA TRP C 446 -7.28 20.14 -30.23
C TRP C 446 -8.69 19.75 -30.64
N ILE C 447 -8.96 18.45 -30.59
CA ILE C 447 -10.29 17.91 -30.83
C ILE C 447 -11.08 17.96 -29.54
N ASN C 448 -12.20 18.69 -29.56
CA ASN C 448 -13.22 18.58 -28.52
C ASN C 448 -14.28 17.59 -28.99
N ILE C 449 -14.36 16.47 -28.28
CA ILE C 449 -15.28 15.38 -28.61
C ILE C 449 -16.72 15.80 -28.30
N HIS C 450 -17.64 15.33 -29.14
CA HIS C 450 -19.07 15.58 -28.98
C HIS C 450 -19.85 14.32 -29.33
N ASP C 451 -21.12 14.32 -28.98
CA ASP C 451 -22.01 13.18 -29.18
C ASP C 451 -22.76 13.22 -30.51
N ILE C 452 -22.69 14.35 -31.23
CA ILE C 452 -23.34 14.51 -32.53
C ILE C 452 -22.69 13.59 -33.56
N PHE C 453 -23.51 12.71 -34.12
CA PHE C 453 -23.14 11.80 -35.22
C PHE C 453 -24.41 11.06 -35.61
N HIS C 454 -24.85 11.24 -36.86
CA HIS C 454 -26.08 10.64 -37.36
C HIS C 454 -25.86 9.99 -38.72
N VAL C 455 -25.95 8.66 -38.75
CA VAL C 455 -25.90 7.90 -40.01
C VAL C 455 -27.31 7.84 -40.61
N PHE C 456 -27.38 7.95 -41.94
CA PHE C 456 -28.63 7.79 -42.67
C PHE C 456 -28.80 6.34 -43.13
N PRO C 457 -30.04 5.97 -43.54
CA PRO C 457 -30.28 4.68 -44.21
C PRO C 457 -29.40 4.47 -45.45
N GLN C 458 -28.93 3.23 -45.63
CA GLN C 458 -27.94 2.91 -46.67
C GLN C 458 -28.55 2.91 -48.07
N SER C 459 -28.57 4.08 -48.71
CA SER C 459 -29.17 4.26 -50.04
C SER C 459 -28.38 3.65 -51.20
N HIS C 460 -27.09 3.38 -50.97
CA HIS C 460 -26.25 2.63 -51.92
C HIS C 460 -25.32 1.69 -51.17
N GLU C 461 -25.06 0.52 -51.76
CA GLU C 461 -24.23 -0.51 -51.10
C GLU C 461 -22.77 -0.08 -50.92
N GLU C 462 -22.26 0.73 -51.85
CA GLU C 462 -20.88 1.22 -51.81
C GLU C 462 -20.69 2.56 -51.07
N GLU C 463 -21.76 3.12 -50.49
CA GLU C 463 -21.71 4.46 -49.87
C GLU C 463 -22.32 4.53 -48.47
N ILE C 464 -22.01 5.61 -47.77
CA ILE C 464 -22.56 5.91 -46.44
C ILE C 464 -22.73 7.43 -46.28
N GLU C 465 -23.97 7.86 -46.02
CA GLU C 465 -24.28 9.26 -45.71
C GLU C 465 -24.32 9.45 -44.20
N PHE C 466 -23.79 10.58 -43.71
CA PHE C 466 -23.86 10.91 -42.30
C PHE C 466 -23.65 12.40 -42.01
N ILE C 467 -24.22 12.85 -40.90
CA ILE C 467 -24.00 14.21 -40.39
C ILE C 467 -22.98 14.14 -39.25
N PHE C 468 -22.13 15.16 -39.17
CA PHE C 468 -21.08 15.27 -38.16
C PHE C 468 -20.74 16.73 -37.91
N ALA C 469 -20.27 17.03 -36.70
CA ALA C 469 -19.86 18.39 -36.31
C ALA C 469 -18.34 18.48 -36.19
N SER C 470 -17.78 19.66 -36.45
CA SER C 470 -16.33 19.84 -36.50
C SER C 470 -15.88 21.29 -36.40
N GLU C 471 -15.05 21.58 -35.39
CA GLU C 471 -14.30 22.83 -35.29
C GLU C 471 -13.07 22.87 -36.21
N CYS C 472 -12.58 21.70 -36.63
CA CYS C 472 -11.33 21.59 -37.42
C CYS C 472 -11.30 22.38 -38.73
N LYS C 473 -12.47 22.50 -39.37
CA LYS C 473 -12.57 23.15 -40.68
C LYS C 473 -12.48 24.68 -40.59
N THR C 474 -13.23 25.26 -39.65
CA THR C 474 -13.39 26.73 -39.56
C THR C 474 -13.12 27.35 -38.17
N GLY C 475 -12.57 26.57 -37.24
CA GLY C 475 -12.40 27.00 -35.86
C GLY C 475 -13.68 27.21 -35.05
N PHE C 476 -14.80 26.67 -35.54
CA PHE C 476 -16.12 26.82 -34.92
C PHE C 476 -16.93 25.56 -35.23
N ARG C 477 -17.59 25.00 -34.21
CA ARG C 477 -18.27 23.71 -34.35
C ARG C 477 -19.56 23.85 -35.16
N HIS C 478 -19.56 23.24 -36.35
CA HIS C 478 -20.69 23.32 -37.27
C HIS C 478 -21.01 21.96 -37.88
N LEU C 479 -22.25 21.81 -38.34
CA LEU C 479 -22.73 20.57 -38.92
C LEU C 479 -22.33 20.45 -40.38
N TYR C 480 -21.92 19.24 -40.78
CA TYR C 480 -21.52 18.93 -42.15
C TYR C 480 -22.13 17.59 -42.58
N LYS C 481 -22.91 17.61 -43.67
CA LYS C 481 -23.39 16.37 -44.28
C LYS C 481 -22.30 15.81 -45.18
N ILE C 482 -21.95 14.54 -44.97
CA ILE C 482 -20.85 13.89 -45.69
C ILE C 482 -21.38 12.63 -46.38
N THR C 483 -20.77 12.29 -47.52
CA THR C 483 -21.01 11.02 -48.21
C THR C 483 -19.63 10.40 -48.51
N SER C 484 -19.38 9.22 -47.94
CA SER C 484 -18.10 8.52 -48.10
C SER C 484 -18.25 7.28 -48.97
N ILE C 485 -17.20 6.98 -49.73
CA ILE C 485 -17.19 5.83 -50.64
C ILE C 485 -16.47 4.66 -49.98
N LEU C 486 -17.18 3.55 -49.79
CA LEU C 486 -16.62 2.34 -49.19
C LEU C 486 -15.71 1.60 -50.19
N LYS C 487 -14.48 2.08 -50.28
CA LYS C 487 -13.46 1.54 -51.17
C LYS C 487 -12.87 0.24 -50.61
N GLU C 488 -12.65 -0.74 -51.49
CA GLU C 488 -11.90 -1.95 -51.15
C GLU C 488 -10.42 -1.57 -51.07
N SER C 489 -9.81 -1.79 -49.91
CA SER C 489 -8.46 -1.27 -49.64
C SER C 489 -7.37 -2.01 -50.42
N LYS C 490 -6.27 -1.30 -50.67
CA LYS C 490 -5.09 -1.86 -51.37
C LYS C 490 -4.32 -2.88 -50.53
N TYR C 491 -4.44 -2.79 -49.20
CA TYR C 491 -3.77 -3.71 -48.29
C TYR C 491 -4.32 -5.13 -48.36
N LYS C 492 -3.40 -6.11 -48.38
CA LYS C 492 -3.72 -7.53 -48.34
C LYS C 492 -3.01 -8.17 -47.14
N ARG C 493 -3.76 -8.92 -46.32
CA ARG C 493 -3.17 -9.74 -45.26
C ARG C 493 -2.40 -10.95 -45.81
N SER C 494 -2.81 -11.43 -46.99
CA SER C 494 -2.20 -12.58 -47.66
C SER C 494 -0.69 -12.44 -47.90
N SER C 495 -0.24 -11.20 -48.11
CA SER C 495 1.18 -10.89 -48.25
C SER C 495 2.00 -11.26 -47.00
N GLY C 496 1.49 -10.84 -45.84
CA GLY C 496 2.20 -10.99 -44.55
C GLY C 496 2.79 -9.68 -44.03
N GLY C 497 2.78 -8.64 -44.85
CA GLY C 497 3.20 -7.29 -44.43
C GLY C 497 2.10 -6.57 -43.67
N LEU C 498 2.40 -5.33 -43.27
CA LEU C 498 1.50 -4.50 -42.47
C LEU C 498 1.14 -3.23 -43.26
N PRO C 499 -0.06 -2.66 -43.01
CA PRO C 499 -0.58 -1.60 -43.88
C PRO C 499 0.13 -0.26 -43.71
N ALA C 500 0.44 0.39 -44.84
CA ALA C 500 1.07 1.72 -44.85
C ALA C 500 0.07 2.78 -44.35
N PRO C 501 0.57 3.93 -43.83
CA PRO C 501 -0.26 4.96 -43.20
C PRO C 501 -1.72 5.10 -43.61
N SER C 502 -1.97 5.31 -44.91
CA SER C 502 -3.32 5.64 -45.41
C SER C 502 -3.87 4.62 -46.41
N ASP C 503 -3.88 3.36 -45.99
CA ASP C 503 -4.51 2.28 -46.77
C ASP C 503 -6.03 2.23 -46.57
N PHE C 504 -6.46 2.44 -45.32
CA PHE C 504 -7.87 2.28 -44.93
C PHE C 504 -8.73 3.54 -45.06
N LYS C 505 -8.17 4.64 -45.56
CA LYS C 505 -8.94 5.88 -45.76
C LYS C 505 -9.92 5.76 -46.93
N CYS C 506 -11.11 6.33 -46.74
CA CYS C 506 -12.16 6.30 -47.75
C CYS C 506 -12.19 7.64 -48.51
N PRO C 507 -12.37 7.59 -49.85
CA PRO C 507 -12.56 8.84 -50.59
C PRO C 507 -13.89 9.52 -50.27
N ILE C 508 -13.84 10.84 -50.11
CA ILE C 508 -15.01 11.64 -49.73
C ILE C 508 -15.70 12.14 -51.01
N LYS C 509 -16.90 11.61 -51.28
CA LYS C 509 -17.65 11.97 -52.49
C LYS C 509 -18.17 13.40 -52.44
N GLU C 510 -18.63 13.83 -51.25
CA GLU C 510 -19.07 15.21 -51.01
C GLU C 510 -19.09 15.56 -49.52
N GLU C 511 -18.93 16.85 -49.23
CA GLU C 511 -19.02 17.39 -47.87
C GLU C 511 -19.75 18.75 -47.90
N ILE C 512 -21.07 18.70 -47.85
CA ILE C 512 -21.91 19.91 -47.78
C ILE C 512 -21.89 20.45 -46.35
N ALA C 513 -21.53 21.72 -46.20
CA ALA C 513 -21.57 22.40 -44.90
C ALA C 513 -22.99 22.89 -44.61
N ILE C 514 -23.64 22.25 -43.65
CA ILE C 514 -25.04 22.56 -43.29
C ILE C 514 -25.11 23.90 -42.58
N THR C 515 -24.18 24.14 -41.65
CA THR C 515 -24.10 25.41 -40.93
C THR C 515 -22.74 26.08 -41.07
N SER C 516 -22.73 27.38 -40.82
CA SER C 516 -21.53 28.22 -40.87
C SER C 516 -21.79 29.56 -40.17
N GLY C 517 -20.72 30.28 -39.90
CA GLY C 517 -20.76 31.54 -39.14
C GLY C 517 -19.82 31.46 -37.96
N GLU C 518 -19.66 32.58 -37.25
CA GLU C 518 -18.82 32.63 -36.05
C GLU C 518 -19.67 32.47 -34.80
N TRP C 519 -20.15 31.24 -34.66
CA TRP C 519 -20.92 30.77 -33.52
C TRP C 519 -20.84 29.25 -33.62
N GLU C 520 -21.25 28.54 -32.57
CA GLU C 520 -21.09 27.09 -32.55
C GLU C 520 -22.39 26.33 -32.29
N VAL C 521 -22.43 25.12 -32.83
CA VAL C 521 -23.44 24.12 -32.49
C VAL C 521 -22.90 23.41 -31.24
N LEU C 522 -23.80 22.99 -30.37
CA LEU C 522 -23.44 22.34 -29.10
C LEU C 522 -23.67 20.83 -29.18
N GLY C 523 -22.70 20.05 -28.70
CA GLY C 523 -22.75 18.58 -28.79
C GLY C 523 -22.28 17.78 -27.58
N ARG C 524 -22.29 18.40 -26.41
CA ARG C 524 -21.99 17.73 -25.13
C ARG C 524 -23.06 18.15 -24.11
N HIS C 525 -22.99 17.55 -22.93
CA HIS C 525 -23.91 17.87 -21.81
C HIS C 525 -25.41 17.69 -22.15
N GLY C 526 -25.73 16.74 -23.03
CA GLY C 526 -27.12 16.46 -23.42
C GLY C 526 -27.59 17.12 -24.69
N SER C 527 -26.93 18.20 -25.12
CA SER C 527 -27.19 18.81 -26.43
C SER C 527 -26.76 17.85 -27.53
N ASN C 528 -27.66 17.65 -28.49
CA ASN C 528 -27.40 16.85 -29.68
C ASN C 528 -28.18 17.48 -30.83
N ILE C 529 -28.36 16.73 -31.91
CA ILE C 529 -29.19 17.13 -33.05
C ILE C 529 -30.39 16.20 -33.17
N GLN C 530 -31.30 16.54 -34.07
CA GLN C 530 -32.47 15.71 -34.35
C GLN C 530 -32.79 15.81 -35.84
N VAL C 531 -32.48 14.74 -36.57
CA VAL C 531 -32.65 14.71 -38.02
C VAL C 531 -34.09 14.30 -38.33
N ASP C 532 -34.76 15.10 -39.16
CA ASP C 532 -36.09 14.79 -39.70
C ASP C 532 -35.88 14.25 -41.11
N GLU C 533 -35.65 12.93 -41.23
CA GLU C 533 -35.30 12.31 -42.51
C GLU C 533 -36.39 12.38 -43.60
N VAL C 534 -37.65 12.62 -43.20
CA VAL C 534 -38.77 12.76 -44.14
C VAL C 534 -38.77 14.17 -44.75
N ARG C 535 -38.94 15.18 -43.90
CA ARG C 535 -38.92 16.59 -44.34
C ARG C 535 -37.52 17.09 -44.74
N ARG C 536 -36.49 16.33 -44.34
CA ARG C 536 -35.08 16.59 -44.65
C ARG C 536 -34.58 17.90 -44.04
N LEU C 537 -34.74 17.95 -42.72
CA LEU C 537 -34.32 19.06 -41.86
C LEU C 537 -33.44 18.50 -40.74
N VAL C 538 -32.90 19.40 -39.93
CA VAL C 538 -32.11 19.00 -38.76
C VAL C 538 -32.16 20.10 -37.70
N TYR C 539 -32.53 19.71 -36.49
CA TYR C 539 -32.65 20.63 -35.35
C TYR C 539 -31.34 20.57 -34.56
N PHE C 540 -30.98 21.69 -33.94
CA PHE C 540 -29.78 21.75 -33.10
C PHE C 540 -29.85 22.91 -32.14
N GLU C 541 -29.03 22.84 -31.09
CA GLU C 541 -28.83 23.96 -30.19
C GLU C 541 -27.58 24.71 -30.64
N GLY C 542 -27.61 26.05 -30.53
CA GLY C 542 -26.49 26.87 -30.97
C GLY C 542 -26.33 28.20 -30.25
N THR C 543 -25.23 28.88 -30.57
CA THR C 543 -24.88 30.18 -29.99
C THR C 543 -24.99 31.34 -31.00
N LYS C 544 -25.87 31.21 -31.99
CA LYS C 544 -25.95 32.19 -33.08
C LYS C 544 -26.43 33.55 -32.58
N ASP C 545 -27.59 33.56 -31.92
CA ASP C 545 -28.17 34.79 -31.37
C ASP C 545 -27.31 35.42 -30.26
N SER C 546 -26.61 34.58 -29.50
CA SER C 546 -25.64 35.04 -28.49
C SER C 546 -24.76 33.89 -28.00
N PRO C 547 -23.52 34.20 -27.58
CA PRO C 547 -22.73 33.23 -26.80
C PRO C 547 -23.22 33.10 -25.34
N LEU C 548 -23.99 34.07 -24.87
CA LEU C 548 -24.60 34.05 -23.53
C LEU C 548 -25.93 33.30 -23.44
N GLU C 549 -26.45 32.79 -24.57
CA GLU C 549 -27.75 32.12 -24.61
C GLU C 549 -27.72 30.91 -25.55
N HIS C 550 -28.18 29.78 -25.06
CA HIS C 550 -28.35 28.57 -25.87
C HIS C 550 -29.75 28.64 -26.48
N HIS C 551 -29.87 28.24 -27.74
CA HIS C 551 -31.12 28.37 -28.50
C HIS C 551 -31.32 27.22 -29.48
N LEU C 552 -32.58 26.80 -29.65
CA LEU C 552 -32.93 25.75 -30.60
C LEU C 552 -33.11 26.35 -31.99
N TYR C 553 -32.42 25.77 -32.96
CA TYR C 553 -32.47 26.19 -34.36
C TYR C 553 -32.77 25.00 -35.26
N VAL C 554 -33.31 25.27 -36.44
CA VAL C 554 -33.59 24.24 -37.45
C VAL C 554 -33.17 24.73 -38.83
N VAL C 555 -32.77 23.80 -39.69
CA VAL C 555 -32.32 24.10 -41.06
C VAL C 555 -32.37 22.85 -41.95
N SER C 556 -32.48 23.06 -43.26
CA SER C 556 -32.34 21.97 -44.24
C SER C 556 -30.89 21.48 -44.33
N TYR C 557 -30.74 20.21 -44.72
CA TYR C 557 -29.41 19.61 -44.95
C TYR C 557 -29.11 19.19 -46.40
N VAL C 558 -30.03 19.47 -47.33
CA VAL C 558 -29.84 19.13 -48.76
C VAL C 558 -29.44 20.40 -49.52
N ASN C 559 -30.32 21.41 -49.44
CA ASN C 559 -30.04 22.75 -49.95
C ASN C 559 -30.02 23.69 -48.74
N PRO C 560 -28.90 23.70 -47.98
CA PRO C 560 -28.86 24.46 -46.73
C PRO C 560 -28.74 25.96 -46.96
N GLY C 561 -29.38 26.73 -46.09
CA GLY C 561 -29.41 28.18 -46.21
C GLY C 561 -29.62 28.84 -44.86
N GLU C 562 -30.68 29.65 -44.76
CA GLU C 562 -30.98 30.38 -43.53
C GLU C 562 -31.41 29.43 -42.41
N VAL C 563 -31.09 29.83 -41.18
CA VAL C 563 -31.26 29.01 -40.00
C VAL C 563 -32.37 29.62 -39.15
N THR C 564 -33.50 28.92 -39.07
CA THR C 564 -34.67 29.40 -38.33
C THR C 564 -34.47 29.16 -36.85
N ARG C 565 -34.49 30.24 -36.06
CA ARG C 565 -34.53 30.13 -34.60
C ARG C 565 -35.94 29.73 -34.17
N LEU C 566 -36.01 28.81 -33.20
CA LEU C 566 -37.27 28.27 -32.69
C LEU C 566 -37.62 28.70 -31.25
N THR C 567 -36.63 29.18 -30.50
CA THR C 567 -36.81 29.55 -29.09
C THR C 567 -36.89 31.06 -28.90
N ASP C 568 -37.63 31.50 -27.88
CA ASP C 568 -37.83 32.92 -27.58
C ASP C 568 -36.57 33.51 -26.97
N ARG C 569 -36.19 34.71 -27.41
CA ARG C 569 -34.99 35.39 -26.91
C ARG C 569 -35.08 35.81 -25.44
N GLY C 570 -33.93 36.14 -24.87
CA GLY C 570 -33.82 36.54 -23.46
C GLY C 570 -33.85 35.39 -22.48
N TYR C 571 -33.50 34.20 -22.94
CA TYR C 571 -33.37 33.00 -22.09
C TYR C 571 -32.28 32.09 -22.67
N SER C 572 -31.75 31.21 -21.84
CA SER C 572 -30.95 30.07 -22.30
C SER C 572 -31.85 28.84 -22.31
N HIS C 573 -31.66 27.94 -23.27
CA HIS C 573 -32.54 26.78 -23.46
C HIS C 573 -31.77 25.46 -23.58
N SER C 574 -31.98 24.59 -22.60
CA SER C 574 -31.65 23.17 -22.72
C SER C 574 -32.89 22.50 -23.34
N CYS C 575 -32.73 21.99 -24.56
CA CYS C 575 -33.88 21.55 -25.38
C CYS C 575 -33.85 20.07 -25.72
N CYS C 576 -35.04 19.47 -25.74
CA CYS C 576 -35.25 18.10 -26.19
C CYS C 576 -36.28 18.11 -27.32
N ILE C 577 -36.08 17.23 -28.30
CA ILE C 577 -36.85 17.23 -29.54
C ILE C 577 -37.47 15.85 -29.71
N SER C 578 -38.74 15.79 -30.13
CA SER C 578 -39.43 14.53 -30.38
C SER C 578 -38.79 13.77 -31.53
N GLN C 579 -38.88 12.44 -31.48
CA GLN C 579 -38.35 11.58 -32.56
C GLN C 579 -39.17 11.70 -33.85
N HIS C 580 -40.44 12.12 -33.72
CA HIS C 580 -41.34 12.34 -34.85
C HIS C 580 -41.25 13.76 -35.44
N CYS C 581 -40.47 14.63 -34.77
CA CYS C 581 -40.15 15.98 -35.26
C CYS C 581 -41.35 16.94 -35.35
N ASP C 582 -42.38 16.68 -34.55
CA ASP C 582 -43.60 17.51 -34.50
C ASP C 582 -43.82 18.21 -33.15
N PHE C 583 -42.88 18.06 -32.22
CA PHE C 583 -42.92 18.72 -30.92
C PHE C 583 -41.49 18.99 -30.46
N PHE C 584 -41.35 19.90 -29.49
CA PHE C 584 -40.10 20.03 -28.73
C PHE C 584 -40.37 20.62 -27.36
N ILE C 585 -39.47 20.33 -26.43
CA ILE C 585 -39.56 20.81 -25.05
C ILE C 585 -38.31 21.63 -24.78
N SER C 586 -38.40 22.57 -23.85
CA SER C 586 -37.26 23.36 -23.42
C SER C 586 -37.25 23.59 -21.92
N LYS C 587 -36.14 23.24 -21.26
CA LYS C 587 -35.81 23.73 -19.92
C LYS C 587 -35.11 25.07 -20.14
N TYR C 588 -35.77 26.17 -19.77
CA TYR C 588 -35.24 27.51 -20.04
C TYR C 588 -35.28 28.44 -18.82
N SER C 589 -34.24 29.27 -18.70
CA SER C 589 -34.15 30.27 -17.64
C SER C 589 -33.30 31.46 -18.09
N ASN C 590 -33.40 32.55 -17.32
CA ASN C 590 -32.59 33.76 -17.53
C ASN C 590 -32.04 34.22 -16.17
N GLN C 591 -31.40 35.38 -16.14
CA GLN C 591 -30.73 35.86 -14.93
C GLN C 591 -31.65 36.15 -13.75
N LYS C 592 -32.87 36.63 -14.03
CA LYS C 592 -33.85 36.97 -13.00
C LYS C 592 -34.84 35.84 -12.65
N ASN C 593 -35.19 35.03 -13.65
CA ASN C 593 -36.23 33.98 -13.50
C ASN C 593 -35.60 32.58 -13.50
N PRO C 594 -35.91 31.76 -12.46
CA PRO C 594 -35.53 30.33 -12.48
C PRO C 594 -36.16 29.53 -13.62
N HIS C 595 -35.75 28.27 -13.73
CA HIS C 595 -36.08 27.45 -14.89
C HIS C 595 -37.56 27.05 -14.99
N CYS C 596 -38.10 27.19 -16.20
CA CYS C 596 -39.37 26.58 -16.60
C CYS C 596 -39.05 25.44 -17.55
N VAL C 597 -39.99 24.50 -17.68
CA VAL C 597 -39.93 23.47 -18.72
C VAL C 597 -41.28 23.47 -19.43
N SER C 598 -41.28 23.76 -20.72
CA SER C 598 -42.52 23.96 -21.49
C SER C 598 -42.48 23.24 -22.83
N LEU C 599 -43.62 22.68 -23.20
CA LEU C 599 -43.79 21.93 -24.44
C LEU C 599 -44.29 22.84 -25.56
N TYR C 600 -43.63 22.79 -26.71
CA TYR C 600 -44.00 23.57 -27.89
C TYR C 600 -44.30 22.65 -29.07
N LYS C 601 -45.32 22.99 -29.86
CA LYS C 601 -45.71 22.19 -31.03
C LYS C 601 -45.18 22.83 -32.32
N LEU C 602 -44.54 22.01 -33.15
CA LEU C 602 -43.93 22.45 -34.41
C LEU C 602 -44.91 22.30 -35.57
N SER C 603 -45.22 23.43 -36.20
CA SER C 603 -46.15 23.50 -37.33
C SER C 603 -45.43 24.08 -38.54
N SER C 604 -45.95 23.76 -39.73
CA SER C 604 -45.49 24.35 -40.98
C SER C 604 -46.70 24.95 -41.71
N PRO C 605 -46.50 26.03 -42.51
CA PRO C 605 -47.57 26.46 -43.40
C PRO C 605 -47.70 25.51 -44.59
N GLU C 606 -48.93 25.32 -45.07
CA GLU C 606 -49.23 24.37 -46.18
C GLU C 606 -48.31 24.50 -47.40
N ASP C 607 -47.94 25.74 -47.74
CA ASP C 607 -47.16 26.04 -48.94
C ASP C 607 -45.65 25.77 -48.85
N ASP C 608 -45.12 25.48 -47.66
CA ASP C 608 -43.69 25.28 -47.46
C ASP C 608 -43.39 24.51 -46.17
N PRO C 609 -43.20 23.17 -46.27
CA PRO C 609 -42.69 22.36 -45.16
C PRO C 609 -41.29 22.73 -44.64
N THR C 610 -40.48 23.37 -45.49
CA THR C 610 -39.17 23.93 -45.09
C THR C 610 -39.29 24.96 -43.96
N CYS C 611 -40.35 25.75 -44.00
CA CYS C 611 -40.65 26.76 -42.98
C CYS C 611 -41.29 26.08 -41.76
N LYS C 612 -40.74 26.36 -40.59
CA LYS C 612 -41.25 25.83 -39.31
C LYS C 612 -41.60 26.95 -38.35
N THR C 613 -42.85 26.96 -37.88
CA THR C 613 -43.31 27.83 -36.80
C THR C 613 -43.56 26.98 -35.55
N LYS C 614 -43.21 27.53 -34.39
CA LYS C 614 -43.52 26.91 -33.10
C LYS C 614 -44.88 27.41 -32.59
N GLU C 615 -45.31 26.82 -31.47
CA GLU C 615 -46.57 27.21 -30.81
C GLU C 615 -46.55 26.63 -29.40
N PHE C 616 -46.69 27.49 -28.39
CA PHE C 616 -46.75 27.03 -27.00
C PHE C 616 -47.96 26.10 -26.83
N TRP C 617 -47.71 24.92 -26.26
CA TRP C 617 -48.74 23.88 -26.11
C TRP C 617 -49.13 23.70 -24.65
N ALA C 618 -48.14 23.53 -23.78
CA ALA C 618 -48.37 23.37 -22.34
C ALA C 618 -47.09 23.63 -21.53
N THR C 619 -47.27 23.73 -20.21
CA THR C 619 -46.17 23.83 -19.26
C THR C 619 -45.98 22.50 -18.52
N ILE C 620 -44.75 21.98 -18.55
CA ILE C 620 -44.38 20.73 -17.89
C ILE C 620 -43.94 20.98 -16.45
N LEU C 621 -43.13 22.02 -16.24
CA LEU C 621 -42.79 22.51 -14.92
C LEU C 621 -42.90 24.02 -14.90
N ASP C 622 -43.81 24.54 -14.07
CA ASP C 622 -44.01 25.98 -13.91
C ASP C 622 -42.83 26.55 -13.12
N SER C 623 -42.46 27.79 -13.41
CA SER C 623 -41.34 28.44 -12.75
C SER C 623 -41.65 28.68 -11.28
N ALA C 624 -40.70 28.33 -10.41
CA ALA C 624 -40.80 28.63 -8.97
C ALA C 624 -40.83 30.14 -8.69
N GLY C 625 -40.43 30.94 -9.68
CA GLY C 625 -40.61 32.39 -9.65
C GLY C 625 -39.43 33.08 -9.00
N PRO C 626 -39.33 34.41 -9.14
CA PRO C 626 -38.25 35.18 -8.51
C PRO C 626 -38.03 34.82 -7.04
N LEU C 627 -36.82 34.35 -6.72
CA LEU C 627 -36.48 33.89 -5.38
C LEU C 627 -36.29 35.10 -4.46
N PRO C 628 -36.87 35.05 -3.24
CA PRO C 628 -36.76 36.20 -2.33
C PRO C 628 -35.33 36.47 -1.84
N ASP C 629 -34.98 37.75 -1.75
CA ASP C 629 -33.65 38.23 -1.32
C ASP C 629 -32.49 37.98 -2.30
N TYR C 630 -32.76 37.36 -3.44
CA TYR C 630 -31.72 37.15 -4.47
C TYR C 630 -31.75 38.30 -5.48
N THR C 631 -30.98 39.34 -5.16
CA THR C 631 -30.56 40.34 -6.14
C THR C 631 -29.62 39.64 -7.16
N PRO C 632 -30.10 39.45 -8.40
CA PRO C 632 -29.21 38.81 -9.40
C PRO C 632 -28.13 39.78 -9.89
N PRO C 633 -27.05 39.24 -10.47
CA PRO C 633 -25.99 40.07 -11.00
C PRO C 633 -26.38 40.68 -12.34
N GLU C 634 -25.50 41.52 -12.87
CA GLU C 634 -25.67 42.06 -14.23
C GLU C 634 -24.45 41.75 -15.09
N ILE C 635 -24.72 41.35 -16.34
CA ILE C 635 -23.70 40.90 -17.26
C ILE C 635 -23.06 42.14 -17.89
N PHE C 636 -21.75 42.29 -17.71
CA PHE C 636 -20.97 43.33 -18.39
C PHE C 636 -20.08 42.71 -19.47
N SER C 637 -19.41 43.57 -20.22
CA SER C 637 -18.39 43.15 -21.19
C SER C 637 -17.40 44.26 -21.48
N PHE C 638 -16.29 43.90 -22.09
CA PHE C 638 -15.22 44.84 -22.40
C PHE C 638 -14.34 44.31 -23.52
N GLU C 639 -13.93 45.21 -24.42
CA GLU C 639 -13.07 44.84 -25.55
C GLU C 639 -11.64 44.64 -25.06
N SER C 640 -11.24 43.38 -24.92
CA SER C 640 -9.92 43.02 -24.44
C SER C 640 -8.81 43.49 -25.39
N THR C 641 -7.61 43.62 -24.83
CA THR C 641 -6.42 43.99 -25.60
C THR C 641 -5.94 42.88 -26.56
N THR C 642 -6.64 41.74 -26.55
CA THR C 642 -6.29 40.56 -27.34
C THR C 642 -7.24 40.31 -28.52
N GLY C 643 -8.06 41.31 -28.85
CA GLY C 643 -8.99 41.23 -29.96
C GLY C 643 -10.19 40.33 -29.71
N PHE C 644 -10.69 40.38 -28.47
CA PHE C 644 -11.90 39.67 -28.08
C PHE C 644 -12.75 40.56 -27.19
N THR C 645 -14.06 40.35 -27.23
CA THR C 645 -14.93 40.81 -26.16
C THR C 645 -14.87 39.73 -25.08
N LEU C 646 -14.84 40.16 -23.82
CA LEU C 646 -14.84 39.26 -22.66
C LEU C 646 -15.99 39.65 -21.75
N TYR C 647 -16.88 38.70 -21.48
CA TYR C 647 -18.05 38.94 -20.63
C TYR C 647 -17.74 38.62 -19.18
N GLY C 648 -18.56 39.18 -18.30
CA GLY C 648 -18.46 38.95 -16.86
C GLY C 648 -19.79 39.18 -16.17
N MET C 649 -19.89 38.74 -14.93
CA MET C 649 -21.04 39.04 -14.07
C MET C 649 -20.59 39.97 -12.94
N LEU C 650 -21.50 40.85 -12.52
CA LEU C 650 -21.23 41.82 -11.46
C LEU C 650 -22.37 41.83 -10.45
N TYR C 651 -22.06 41.43 -9.21
CA TYR C 651 -22.97 41.57 -8.09
C TYR C 651 -22.60 42.87 -7.39
N LYS C 652 -23.41 43.91 -7.60
CA LYS C 652 -23.26 45.17 -6.87
C LYS C 652 -23.58 44.91 -5.40
N PRO C 653 -22.81 45.51 -4.46
CA PRO C 653 -23.15 45.37 -3.04
C PRO C 653 -24.59 45.77 -2.74
N HIS C 654 -25.26 44.98 -1.90
CA HIS C 654 -26.65 45.26 -1.52
C HIS C 654 -26.72 46.55 -0.72
N ASP C 655 -27.58 47.46 -1.16
CA ASP C 655 -27.77 48.76 -0.51
C ASP C 655 -26.49 49.62 -0.64
N LEU C 656 -26.28 50.14 -1.85
CA LEU C 656 -25.09 50.94 -2.17
C LEU C 656 -25.07 52.28 -1.43
N GLN C 657 -23.94 52.56 -0.76
CA GLN C 657 -23.76 53.81 -0.01
C GLN C 657 -22.83 54.76 -0.78
N PRO C 658 -23.32 55.96 -1.15
CA PRO C 658 -22.47 56.95 -1.84
C PRO C 658 -21.28 57.45 -1.02
N GLY C 659 -20.22 57.84 -1.73
CA GLY C 659 -18.99 58.34 -1.11
C GLY C 659 -18.11 57.29 -0.45
N LYS C 660 -18.33 56.02 -0.81
CA LYS C 660 -17.63 54.89 -0.20
C LYS C 660 -17.12 53.87 -1.23
N LYS C 661 -16.07 53.14 -0.85
CA LYS C 661 -15.55 52.02 -1.64
C LYS C 661 -15.65 50.73 -0.84
N TYR C 662 -15.80 49.62 -1.56
CA TYR C 662 -16.14 48.31 -0.98
C TYR C 662 -15.07 47.27 -1.31
N PRO C 663 -14.95 46.22 -0.47
CA PRO C 663 -13.99 45.16 -0.73
C PRO C 663 -14.49 44.25 -1.84
N THR C 664 -13.58 43.77 -2.68
CA THR C 664 -13.93 43.03 -3.89
C THR C 664 -13.47 41.57 -3.80
N VAL C 665 -14.38 40.66 -4.14
CA VAL C 665 -14.08 39.23 -4.22
C VAL C 665 -14.30 38.79 -5.67
N LEU C 666 -13.48 37.84 -6.12
CA LEU C 666 -13.46 37.42 -7.51
C LEU C 666 -13.66 35.91 -7.61
N PHE C 667 -14.89 35.48 -7.91
CA PHE C 667 -15.16 34.07 -8.15
C PHE C 667 -14.70 33.71 -9.56
N ILE C 668 -14.06 32.54 -9.69
CA ILE C 668 -13.34 32.20 -10.92
C ILE C 668 -13.27 30.68 -11.10
N TYR C 669 -13.64 30.20 -12.29
CA TYR C 669 -13.22 28.88 -12.76
C TYR C 669 -12.21 29.13 -13.86
N GLY C 670 -12.69 29.73 -14.96
CA GLY C 670 -11.83 30.13 -16.06
C GLY C 670 -10.94 29.02 -16.59
N GLY C 671 -11.58 27.90 -16.88
CA GLY C 671 -10.90 26.70 -17.37
C GLY C 671 -11.63 26.19 -18.59
N PRO C 672 -11.03 25.21 -19.29
CA PRO C 672 -11.62 24.68 -20.52
C PRO C 672 -12.93 23.91 -20.28
N GLN C 673 -13.76 23.85 -21.33
CA GLN C 673 -15.08 23.17 -21.31
C GLN C 673 -16.11 23.80 -20.35
N VAL C 674 -15.86 25.04 -19.92
CA VAL C 674 -16.67 25.69 -18.88
C VAL C 674 -16.82 27.19 -19.15
N GLN C 675 -18.05 27.60 -19.45
CA GLN C 675 -18.47 29.01 -19.39
C GLN C 675 -19.18 29.20 -18.05
N LEU C 676 -18.82 30.25 -17.33
CA LEU C 676 -19.55 30.67 -16.13
C LEU C 676 -20.59 31.74 -16.44
N VAL C 677 -20.17 32.73 -17.21
CA VAL C 677 -20.97 33.92 -17.49
C VAL C 677 -21.91 33.69 -18.67
N ASN C 678 -23.21 33.60 -18.38
CA ASN C 678 -24.25 33.50 -19.40
C ASN C 678 -25.61 33.88 -18.79
N ASN C 679 -26.63 33.97 -19.65
CA ASN C 679 -27.98 34.36 -19.21
C ASN C 679 -28.78 33.13 -18.72
N ARG C 680 -28.44 32.67 -17.53
CA ARG C 680 -29.15 31.61 -16.80
C ARG C 680 -29.38 32.08 -15.37
N PHE C 681 -30.29 31.40 -14.67
CA PHE C 681 -30.56 31.73 -13.26
C PHE C 681 -29.43 31.24 -12.35
N LYS C 682 -28.55 32.15 -11.97
CA LYS C 682 -27.38 31.83 -11.12
C LYS C 682 -27.66 31.92 -9.60
N GLY C 683 -28.94 31.91 -9.21
CA GLY C 683 -29.33 31.75 -7.81
C GLY C 683 -29.39 30.30 -7.32
N VAL C 684 -29.22 29.34 -8.23
CA VAL C 684 -29.17 27.91 -7.86
C VAL C 684 -27.85 27.63 -7.12
N LYS C 685 -26.76 27.43 -7.88
CA LYS C 685 -25.47 27.07 -7.29
C LYS C 685 -24.77 28.29 -6.71
N TYR C 686 -24.74 29.38 -7.48
CA TYR C 686 -23.95 30.56 -7.13
C TYR C 686 -24.76 31.55 -6.26
N PHE C 687 -25.41 31.03 -5.23
CA PHE C 687 -26.25 31.81 -4.30
C PHE C 687 -25.39 32.52 -3.25
N ARG C 688 -24.31 31.87 -2.80
CA ARG C 688 -23.40 32.49 -1.82
C ARG C 688 -22.63 33.68 -2.38
N LEU C 689 -22.56 33.80 -3.70
CA LEU C 689 -22.09 35.03 -4.35
C LEU C 689 -23.04 36.21 -4.06
N ASN C 690 -24.34 35.93 -4.05
CA ASN C 690 -25.34 36.90 -3.60
C ASN C 690 -25.23 37.19 -2.09
N THR C 691 -25.01 36.14 -1.29
CA THR C 691 -24.81 36.29 0.16
C THR C 691 -23.56 37.13 0.50
N LEU C 692 -22.51 37.00 -0.32
CA LEU C 692 -21.34 37.88 -0.20
C LEU C 692 -21.73 39.34 -0.45
N ALA C 693 -22.49 39.57 -1.52
CA ALA C 693 -22.98 40.92 -1.85
C ALA C 693 -23.89 41.49 -0.75
N SER C 694 -24.76 40.65 -0.19
CA SER C 694 -25.63 41.06 0.93
C SER C 694 -24.85 41.46 2.18
N LEU C 695 -23.80 40.70 2.49
CA LEU C 695 -22.90 41.02 3.61
C LEU C 695 -22.06 42.28 3.34
N GLY C 696 -21.80 42.55 2.06
CA GLY C 696 -21.16 43.82 1.64
C GLY C 696 -20.09 43.79 0.56
N TYR C 697 -19.63 42.62 0.14
CA TYR C 697 -18.53 42.52 -0.83
C TYR C 697 -19.02 42.83 -2.25
N VAL C 698 -18.08 43.23 -3.12
CA VAL C 698 -18.32 43.32 -4.56
C VAL C 698 -17.91 41.97 -5.14
N VAL C 699 -18.81 41.32 -5.89
CA VAL C 699 -18.53 39.99 -6.43
C VAL C 699 -18.45 40.03 -7.96
N VAL C 700 -17.35 39.50 -8.48
CA VAL C 700 -17.02 39.55 -9.90
C VAL C 700 -16.73 38.14 -10.40
N VAL C 701 -17.16 37.87 -11.64
CA VAL C 701 -16.82 36.64 -12.37
C VAL C 701 -16.46 37.06 -13.79
N ILE C 702 -15.43 36.46 -14.36
CA ILE C 702 -15.00 36.79 -15.73
C ILE C 702 -14.72 35.51 -16.51
N ASP C 703 -15.27 35.43 -17.71
CA ASP C 703 -14.89 34.42 -18.70
C ASP C 703 -13.58 34.85 -19.35
N ASN C 704 -12.46 34.36 -18.80
CA ASN C 704 -11.16 34.57 -19.44
C ASN C 704 -10.99 33.73 -20.70
N ARG C 705 -9.94 34.03 -21.46
CA ARG C 705 -9.60 33.26 -22.65
C ARG C 705 -9.31 31.81 -22.25
N GLY C 706 -10.04 30.89 -22.86
CA GLY C 706 -10.00 29.47 -22.47
C GLY C 706 -11.38 28.87 -22.22
N SER C 707 -12.32 29.71 -21.76
CA SER C 707 -13.69 29.26 -21.48
C SER C 707 -14.44 28.85 -22.75
N CYS C 708 -15.49 28.06 -22.57
CA CYS C 708 -16.21 27.40 -23.66
C CYS C 708 -17.25 28.30 -24.34
N HIS C 709 -17.83 27.77 -25.41
CA HIS C 709 -18.88 28.43 -26.21
C HIS C 709 -18.43 29.69 -26.95
N ARG C 710 -17.17 29.74 -27.33
CA ARG C 710 -16.61 30.89 -28.07
C ARG C 710 -15.64 30.50 -29.19
N GLY C 711 -15.79 29.29 -29.72
CA GLY C 711 -14.93 28.81 -30.79
C GLY C 711 -13.61 28.25 -30.30
N LEU C 712 -12.94 27.53 -31.18
CA LEU C 712 -11.72 26.79 -30.83
C LEU C 712 -10.49 27.67 -30.62
N LYS C 713 -10.45 28.84 -31.27
CA LYS C 713 -9.30 29.76 -31.16
C LYS C 713 -9.32 30.57 -29.86
N PHE C 714 -10.51 30.98 -29.42
CA PHE C 714 -10.68 31.61 -28.11
C PHE C 714 -10.30 30.63 -27.00
N GLU C 715 -10.76 29.40 -27.15
CA GLU C 715 -10.45 28.31 -26.21
C GLU C 715 -8.95 27.94 -26.28
N GLY C 716 -8.41 27.91 -27.50
CA GLY C 716 -7.01 27.56 -27.75
C GLY C 716 -5.94 28.53 -27.29
N ALA C 717 -6.36 29.70 -26.82
CA ALA C 717 -5.47 30.73 -26.26
C ALA C 717 -4.39 30.24 -25.29
N PHE C 718 -4.69 29.20 -24.51
CA PHE C 718 -3.69 28.64 -23.55
C PHE C 718 -3.11 27.26 -23.90
N LYS C 719 -3.09 26.86 -25.18
CA LYS C 719 -2.46 25.59 -25.54
C LYS C 719 -0.97 25.66 -25.17
N TYR C 720 -0.49 24.61 -24.52
CA TYR C 720 0.87 24.54 -23.93
C TYR C 720 1.21 25.61 -22.86
N LYS C 721 0.26 26.45 -22.49
CA LYS C 721 0.55 27.68 -21.71
C LYS C 721 -0.52 27.99 -20.67
N MET C 722 -0.93 26.97 -19.91
CA MET C 722 -1.91 27.16 -18.83
C MET C 722 -1.27 27.89 -17.65
N GLY C 723 -2.12 28.56 -16.87
CA GLY C 723 -1.68 29.44 -15.78
C GLY C 723 -1.31 30.86 -16.17
N GLN C 724 -0.79 31.04 -17.39
CA GLN C 724 -0.10 32.27 -17.79
C GLN C 724 -1.07 33.38 -18.20
N ILE C 725 -1.96 33.06 -19.14
CA ILE C 725 -2.83 34.06 -19.77
C ILE C 725 -4.09 34.45 -18.98
N GLU C 726 -4.50 33.62 -18.02
CA GLU C 726 -5.82 33.74 -17.41
C GLU C 726 -5.94 34.93 -16.46
N ILE C 727 -4.90 35.15 -15.65
CA ILE C 727 -4.92 36.22 -14.65
C ILE C 727 -4.87 37.60 -15.30
N ASP C 728 -4.15 37.71 -16.42
CA ASP C 728 -4.15 38.93 -17.24
C ASP C 728 -5.57 39.37 -17.59
N ASP C 729 -6.38 38.41 -18.05
CA ASP C 729 -7.79 38.65 -18.40
C ASP C 729 -8.65 39.00 -17.19
N GLN C 730 -8.42 38.31 -16.08
CA GLN C 730 -9.16 38.56 -14.84
C GLN C 730 -8.86 39.97 -14.30
N VAL C 731 -7.57 40.34 -14.30
CA VAL C 731 -7.14 41.67 -13.85
C VAL C 731 -7.63 42.79 -14.79
N GLU C 732 -7.58 42.54 -16.10
CA GLU C 732 -8.06 43.50 -17.10
C GLU C 732 -9.51 43.90 -16.85
N GLY C 733 -10.38 42.89 -16.78
CA GLY C 733 -11.81 43.07 -16.51
C GLY C 733 -12.10 43.65 -15.14
N LEU C 734 -11.21 43.35 -14.17
CA LEU C 734 -11.28 43.96 -12.84
C LEU C 734 -10.95 45.46 -12.91
N GLN C 735 -9.91 45.81 -13.67
CA GLN C 735 -9.56 47.22 -13.91
C GLN C 735 -10.58 47.98 -14.77
N TYR C 736 -11.27 47.25 -15.66
CA TYR C 736 -12.38 47.82 -16.44
C TYR C 736 -13.53 48.27 -15.55
N LEU C 737 -13.93 47.41 -14.61
CA LEU C 737 -14.94 47.76 -13.61
C LEU C 737 -14.46 48.85 -12.64
N ALA C 738 -13.16 48.88 -12.36
CA ALA C 738 -12.56 49.88 -11.47
C ALA C 738 -12.66 51.30 -12.01
N SER C 739 -12.29 51.48 -13.29
CA SER C 739 -12.36 52.79 -13.95
C SER C 739 -13.79 53.28 -14.15
N ARG C 740 -14.71 52.35 -14.42
CA ARG C 740 -16.14 52.66 -14.48
C ARG C 740 -16.69 53.01 -13.09
N TYR C 741 -16.61 52.04 -12.19
CA TYR C 741 -17.26 52.13 -10.87
C TYR C 741 -16.27 52.49 -9.77
N ASP C 742 -16.51 53.63 -9.13
CA ASP C 742 -15.66 54.15 -8.05
C ASP C 742 -15.92 53.52 -6.67
N PHE C 743 -16.92 52.62 -6.57
CA PHE C 743 -17.16 51.87 -5.32
C PHE C 743 -16.30 50.60 -5.13
N ILE C 744 -15.40 50.33 -6.07
CA ILE C 744 -14.50 49.16 -6.01
C ILE C 744 -13.16 49.54 -5.39
N ASP C 745 -12.88 49.01 -4.20
CA ASP C 745 -11.57 49.16 -3.55
C ASP C 745 -10.62 48.12 -4.15
N LEU C 746 -9.66 48.58 -4.93
CA LEU C 746 -8.65 47.70 -5.55
C LEU C 746 -7.56 47.19 -4.59
N ASP C 747 -7.44 47.80 -3.41
CA ASP C 747 -6.50 47.31 -2.39
C ASP C 747 -7.02 46.01 -1.80
N ARG C 748 -8.24 46.05 -1.28
CA ARG C 748 -8.89 44.89 -0.68
C ARG C 748 -9.61 44.06 -1.75
N VAL C 749 -8.82 43.30 -2.51
CA VAL C 749 -9.32 42.37 -3.53
C VAL C 749 -8.97 40.93 -3.14
N GLY C 750 -9.92 40.02 -3.36
CA GLY C 750 -9.73 38.59 -3.11
C GLY C 750 -10.20 37.74 -4.28
N ILE C 751 -9.77 36.49 -4.29
CA ILE C 751 -10.07 35.54 -5.38
C ILE C 751 -10.40 34.15 -4.81
N HIS C 752 -11.26 33.41 -5.52
CA HIS C 752 -11.74 32.10 -5.03
C HIS C 752 -12.30 31.20 -6.14
N GLY C 753 -11.97 29.92 -6.08
CA GLY C 753 -12.49 28.93 -7.03
C GLY C 753 -12.14 27.49 -6.68
N TRP C 754 -12.81 26.56 -7.36
CA TRP C 754 -12.57 25.11 -7.19
C TRP C 754 -11.99 24.47 -8.46
N SER C 755 -11.15 23.45 -8.25
CA SER C 755 -10.39 22.78 -9.31
C SER C 755 -9.45 23.75 -10.06
N TYR C 756 -9.72 24.01 -11.35
CA TYR C 756 -8.98 25.02 -12.13
C TYR C 756 -9.10 26.40 -11.47
N GLY C 757 -10.28 26.69 -10.92
CA GLY C 757 -10.51 27.93 -10.15
C GLY C 757 -9.59 28.08 -8.94
N GLY C 758 -9.34 26.98 -8.25
CA GLY C 758 -8.38 26.94 -7.15
C GLY C 758 -6.98 27.12 -7.65
N TYR C 759 -6.67 26.47 -8.77
CA TYR C 759 -5.41 26.64 -9.48
C TYR C 759 -5.14 28.11 -9.84
N LEU C 760 -6.12 28.78 -10.42
CA LEU C 760 -5.99 30.20 -10.79
C LEU C 760 -5.99 31.14 -9.59
N SER C 761 -6.75 30.80 -8.55
CA SER C 761 -6.67 31.54 -7.27
C SER C 761 -5.23 31.56 -6.76
N LEU C 762 -4.55 30.42 -6.86
CA LEU C 762 -3.14 30.33 -6.48
C LEU C 762 -2.24 31.10 -7.44
N MET C 763 -2.49 30.96 -8.74
CA MET C 763 -1.75 31.71 -9.75
C MET C 763 -1.95 33.21 -9.64
N ALA C 764 -3.15 33.63 -9.21
CA ALA C 764 -3.46 35.04 -8.98
C ALA C 764 -2.59 35.62 -7.87
N LEU C 765 -2.48 34.91 -6.75
CA LEU C 765 -1.64 35.33 -5.63
C LEU C 765 -0.16 35.25 -5.96
N MET C 766 0.24 34.21 -6.69
CA MET C 766 1.63 33.99 -7.04
C MET C 766 2.13 35.04 -8.04
N GLN C 767 1.41 35.17 -9.16
CA GLN C 767 1.78 36.10 -10.23
C GLN C 767 1.54 37.56 -9.83
N ARG C 768 0.35 37.84 -9.30
CA ARG C 768 -0.08 39.20 -8.95
C ARG C 768 -0.26 39.35 -7.43
N SER C 769 0.85 39.41 -6.70
CA SER C 769 0.84 39.73 -5.26
C SER C 769 0.28 41.14 -5.00
N ASP C 770 0.53 42.05 -5.93
CA ASP C 770 0.03 43.44 -5.87
C ASP C 770 -1.50 43.60 -5.92
N ILE C 771 -2.18 42.88 -6.82
CA ILE C 771 -3.64 43.01 -6.99
C ILE C 771 -4.37 42.34 -5.82
N PHE C 772 -4.13 41.04 -5.68
CA PHE C 772 -4.94 40.19 -4.80
C PHE C 772 -4.36 40.09 -3.39
N ARG C 773 -5.17 40.44 -2.40
CA ARG C 773 -4.78 40.38 -0.98
C ARG C 773 -4.97 38.99 -0.38
N VAL C 774 -6.04 38.30 -0.78
CA VAL C 774 -6.29 36.91 -0.35
C VAL C 774 -6.66 36.00 -1.53
N ALA C 775 -6.09 34.81 -1.53
CA ALA C 775 -6.48 33.73 -2.44
C ALA C 775 -7.02 32.58 -1.61
N ILE C 776 -8.17 32.06 -2.01
CA ILE C 776 -8.80 30.91 -1.37
C ILE C 776 -8.93 29.81 -2.43
N ALA C 777 -8.04 28.81 -2.34
CA ALA C 777 -7.93 27.77 -3.36
C ALA C 777 -8.62 26.48 -2.92
N GLY C 778 -9.72 26.16 -3.61
CA GLY C 778 -10.44 24.89 -3.39
C GLY C 778 -9.91 23.81 -4.33
N ALA C 779 -9.38 22.73 -3.76
CA ALA C 779 -8.85 21.59 -4.52
C ALA C 779 -8.04 22.02 -5.75
N PRO C 780 -6.90 22.69 -5.52
CA PRO C 780 -6.09 23.18 -6.64
C PRO C 780 -5.25 22.10 -7.31
N VAL C 781 -5.12 22.22 -8.63
CA VAL C 781 -4.12 21.47 -9.37
C VAL C 781 -2.83 22.27 -9.24
N THR C 782 -1.92 21.80 -8.40
CA THR C 782 -0.63 22.46 -8.17
C THR C 782 0.51 21.95 -9.04
N LEU C 783 0.27 20.90 -9.83
CA LEU C 783 1.35 20.17 -10.46
C LEU C 783 0.81 19.27 -11.59
N TRP C 784 0.82 19.79 -12.82
CA TRP C 784 0.12 19.16 -13.96
C TRP C 784 0.55 17.73 -14.30
N ILE C 785 1.80 17.39 -14.01
CA ILE C 785 2.27 15.99 -14.12
C ILE C 785 1.52 15.00 -13.20
N PHE C 786 0.86 15.50 -12.16
CA PHE C 786 0.02 14.67 -11.26
C PHE C 786 -1.42 14.46 -11.72
N TYR C 787 -1.82 15.09 -12.83
CA TYR C 787 -3.18 15.01 -13.35
C TYR C 787 -3.24 13.96 -14.47
N ASP C 788 -4.45 13.55 -14.85
CA ASP C 788 -4.64 12.48 -15.85
C ASP C 788 -4.19 12.85 -17.27
N THR C 789 -4.00 11.82 -18.09
CA THR C 789 -3.50 11.96 -19.47
C THR C 789 -4.46 12.76 -20.36
N GLY C 790 -5.71 12.29 -20.42
CA GLY C 790 -6.73 12.84 -21.33
C GLY C 790 -7.08 14.31 -21.23
N TYR C 791 -6.86 14.91 -20.06
CA TYR C 791 -7.08 16.35 -19.85
C TYR C 791 -5.81 17.13 -20.16
N THR C 792 -4.75 16.78 -19.45
CA THR C 792 -3.49 17.53 -19.47
C THR C 792 -2.81 17.50 -20.83
N GLU C 793 -2.76 16.33 -21.46
CA GLU C 793 -2.15 16.18 -22.78
C GLU C 793 -2.95 16.85 -23.91
N ARG C 794 -4.25 17.05 -23.67
CA ARG C 794 -5.11 17.81 -24.60
C ARG C 794 -4.65 19.26 -24.67
N TYR C 795 -4.38 19.85 -23.52
CA TYR C 795 -4.10 21.27 -23.40
C TYR C 795 -2.61 21.63 -23.29
N MET C 796 -1.79 20.70 -22.83
CA MET C 796 -0.35 20.94 -22.62
C MET C 796 0.59 19.99 -23.36
N GLY C 797 0.03 19.02 -24.09
CA GLY C 797 0.83 17.96 -24.73
C GLY C 797 1.56 17.09 -23.71
N HIS C 798 2.50 16.30 -24.22
CA HIS C 798 3.36 15.46 -23.37
C HIS C 798 4.27 16.41 -22.56
N PRO C 799 4.61 16.05 -21.32
CA PRO C 799 5.64 16.79 -20.58
C PRO C 799 7.00 16.93 -21.29
N ASP C 800 7.35 15.95 -22.13
CA ASP C 800 8.60 15.95 -22.90
C ASP C 800 8.60 17.01 -24.02
N GLN C 801 7.44 17.17 -24.67
CA GLN C 801 7.25 18.20 -25.71
C GLN C 801 7.07 19.63 -25.17
N ASN C 802 6.83 19.76 -23.86
CA ASN C 802 6.55 21.05 -23.24
C ASN C 802 7.20 21.12 -21.85
N GLU C 803 8.51 21.30 -21.84
CA GLU C 803 9.28 21.43 -20.61
C GLU C 803 8.98 22.74 -19.87
N GLN C 804 8.94 23.85 -20.61
CA GLN C 804 8.73 25.18 -20.02
C GLN C 804 7.28 25.43 -19.58
N GLY C 805 6.31 24.91 -20.33
CA GLY C 805 4.90 25.12 -20.04
C GLY C 805 4.40 24.43 -18.78
N TYR C 806 4.89 23.22 -18.54
CA TYR C 806 4.59 22.49 -17.29
C TYR C 806 5.19 23.15 -16.06
N TYR C 807 6.43 23.66 -16.18
CA TYR C 807 7.06 24.39 -15.08
C TYR C 807 6.23 25.61 -14.71
N LEU C 808 6.01 26.49 -15.68
CA LEU C 808 5.31 27.75 -15.47
C LEU C 808 3.84 27.58 -15.06
N GLY C 809 3.23 26.45 -15.44
CA GLY C 809 1.84 26.13 -15.08
C GLY C 809 1.64 25.25 -13.84
N SER C 810 2.72 24.90 -13.15
CA SER C 810 2.65 24.10 -11.93
C SER C 810 3.02 24.98 -10.74
N VAL C 811 2.04 25.32 -9.91
CA VAL C 811 2.24 26.33 -8.84
C VAL C 811 3.14 25.79 -7.72
N ALA C 812 3.12 24.48 -7.51
CA ALA C 812 3.98 23.81 -6.54
C ALA C 812 5.47 24.00 -6.85
N MET C 813 5.79 23.96 -8.14
CA MET C 813 7.17 24.14 -8.61
C MET C 813 7.68 25.57 -8.34
N GLN C 814 6.75 26.53 -8.36
CA GLN C 814 7.04 27.94 -8.11
C GLN C 814 6.55 28.37 -6.71
N ALA C 815 7.02 27.65 -5.69
CA ALA C 815 6.59 27.88 -4.30
C ALA C 815 7.17 29.16 -3.70
N GLU C 816 8.42 29.46 -4.05
CA GLU C 816 9.13 30.66 -3.58
C GLU C 816 8.46 31.99 -3.97
N LYS C 817 7.77 32.00 -5.10
CA LYS C 817 7.05 33.19 -5.58
C LYS C 817 5.80 33.57 -4.77
N PHE C 818 5.36 32.69 -3.86
CA PHE C 818 4.26 33.02 -2.95
C PHE C 818 4.68 34.07 -1.90
N PRO C 819 3.70 34.84 -1.36
CA PRO C 819 4.01 35.91 -0.40
C PRO C 819 4.69 35.43 0.87
N SER C 820 5.54 36.28 1.45
CA SER C 820 6.18 36.03 2.75
C SER C 820 5.38 36.70 3.85
N GLU C 821 4.06 36.48 3.83
CA GLU C 821 3.12 37.23 4.65
C GLU C 821 1.86 36.41 4.85
N PRO C 822 1.43 36.19 6.12
CA PRO C 822 0.30 35.32 6.37
C PRO C 822 -1.03 36.03 6.18
N ASN C 823 -2.12 35.29 6.41
CA ASN C 823 -3.50 35.78 6.24
C ASN C 823 -3.83 36.09 4.78
N ARG C 824 -3.23 35.33 3.86
CA ARG C 824 -3.36 35.55 2.42
C ARG C 824 -3.70 34.26 1.68
N LEU C 825 -2.89 33.23 1.88
CA LEU C 825 -3.13 31.92 1.26
C LEU C 825 -4.06 31.06 2.11
N LEU C 826 -5.07 30.46 1.46
CA LEU C 826 -6.00 29.52 2.11
C LEU C 826 -6.29 28.33 1.19
N LEU C 827 -5.87 27.14 1.62
CA LEU C 827 -6.08 25.91 0.87
C LEU C 827 -7.23 25.13 1.49
N LEU C 828 -8.18 24.74 0.65
CA LEU C 828 -9.31 23.90 1.04
C LEU C 828 -9.26 22.67 0.15
N HIS C 829 -9.32 21.48 0.74
CA HIS C 829 -9.21 20.25 -0.06
C HIS C 829 -10.01 19.10 0.55
N GLY C 830 -10.81 18.43 -0.28
CA GLY C 830 -11.44 17.17 0.08
C GLY C 830 -10.37 16.10 0.17
N PHE C 831 -10.23 15.48 1.33
CA PHE C 831 -9.13 14.53 1.62
C PHE C 831 -9.16 13.27 0.74
N LEU C 832 -10.35 12.87 0.30
CA LEU C 832 -10.56 11.64 -0.49
C LEU C 832 -10.73 11.95 -1.99
N ASP C 833 -10.04 12.97 -2.49
CA ASP C 833 -10.18 13.42 -3.88
C ASP C 833 -9.49 12.43 -4.82
N GLU C 834 -10.12 12.18 -5.96
CA GLU C 834 -9.59 11.27 -7.00
C GLU C 834 -9.18 11.99 -8.29
N ASN C 835 -9.92 13.04 -8.66
CA ASN C 835 -9.59 13.90 -9.82
C ASN C 835 -8.35 14.74 -9.52
N VAL C 836 -8.51 15.67 -8.59
CA VAL C 836 -7.43 16.55 -8.16
C VAL C 836 -6.91 15.92 -6.87
N HIS C 837 -6.14 14.84 -7.02
CA HIS C 837 -5.65 14.05 -5.88
C HIS C 837 -5.01 14.95 -4.80
N PHE C 838 -5.29 14.64 -3.53
CA PHE C 838 -4.90 15.51 -2.38
C PHE C 838 -3.42 15.88 -2.34
N ALA C 839 -2.57 14.96 -2.76
CA ALA C 839 -1.12 15.18 -2.82
C ALA C 839 -0.68 16.41 -3.62
N HIS C 840 -1.54 16.92 -4.50
CA HIS C 840 -1.38 18.26 -5.08
C HIS C 840 -1.16 19.27 -3.95
N THR C 841 -2.07 19.31 -2.99
CA THR C 841 -1.91 20.16 -1.79
C THR C 841 -0.75 19.68 -0.91
N SER C 842 -0.68 18.37 -0.63
CA SER C 842 0.35 17.85 0.28
C SER C 842 1.77 18.22 -0.20
N ILE C 843 1.99 18.13 -1.51
CA ILE C 843 3.30 18.46 -2.10
C ILE C 843 3.52 19.96 -2.31
N LEU C 844 2.43 20.73 -2.49
CA LEU C 844 2.52 22.21 -2.46
C LEU C 844 2.94 22.67 -1.07
N LEU C 845 2.24 22.16 -0.05
CA LEU C 845 2.56 22.44 1.34
C LEU C 845 4.01 22.09 1.67
N SER C 846 4.49 20.97 1.15
CA SER C 846 5.88 20.56 1.33
C SER C 846 6.85 21.63 0.83
N PHE C 847 6.63 22.09 -0.40
CA PHE C 847 7.46 23.14 -1.00
C PHE C 847 7.29 24.51 -0.32
N LEU C 848 6.08 24.81 0.13
CA LEU C 848 5.83 26.04 0.91
C LEU C 848 6.52 26.06 2.27
N VAL C 849 6.70 24.88 2.87
CA VAL C 849 7.42 24.76 4.15
C VAL C 849 8.92 25.03 3.94
N ARG C 850 9.53 24.34 2.98
CA ARG C 850 10.97 24.51 2.70
C ARG C 850 11.30 25.84 2.00
N ALA C 851 10.33 26.40 1.26
CA ALA C 851 10.43 27.79 0.78
C ALA C 851 10.25 28.78 1.93
N GLY C 852 9.56 28.35 2.99
CA GLY C 852 9.44 29.11 4.23
C GLY C 852 8.30 30.11 4.21
N LYS C 853 7.23 29.76 3.49
CA LYS C 853 6.09 30.65 3.27
C LYS C 853 4.90 30.21 4.15
N PRO C 854 4.15 31.18 4.71
CA PRO C 854 3.01 30.84 5.54
C PRO C 854 1.80 30.40 4.73
N TYR C 855 0.96 29.58 5.34
CA TYR C 855 -0.31 29.16 4.73
C TYR C 855 -1.37 28.92 5.79
N ASP C 856 -2.63 28.98 5.35
CA ASP C 856 -3.75 28.45 6.11
C ASP C 856 -4.31 27.25 5.33
N LEU C 857 -4.77 26.25 6.08
CA LEU C 857 -5.28 25.02 5.51
C LEU C 857 -6.56 24.60 6.20
N GLN C 858 -7.50 24.13 5.40
CA GLN C 858 -8.66 23.41 5.89
C GLN C 858 -8.75 22.11 5.11
N ILE C 859 -9.31 21.09 5.78
CA ILE C 859 -9.51 19.77 5.18
C ILE C 859 -10.93 19.32 5.49
N TYR C 860 -11.53 18.60 4.53
CA TYR C 860 -12.83 17.97 4.70
C TYR C 860 -12.61 16.47 4.53
N PRO C 861 -12.38 15.75 5.66
CA PRO C 861 -11.95 14.34 5.57
C PRO C 861 -12.95 13.32 4.99
N GLN C 862 -14.21 13.73 4.79
CA GLN C 862 -15.23 12.84 4.24
C GLN C 862 -15.60 13.17 2.78
N GLU C 863 -14.80 14.00 2.12
CA GLU C 863 -15.16 14.57 0.81
C GLU C 863 -14.28 14.10 -0.34
N ARG C 864 -14.89 14.02 -1.52
CA ARG C 864 -14.22 13.66 -2.76
C ARG C 864 -13.81 14.98 -3.44
N HIS C 865 -14.04 15.11 -4.75
CA HIS C 865 -13.73 16.34 -5.48
C HIS C 865 -14.69 17.46 -5.10
N SER C 866 -15.98 17.20 -5.28
CA SER C 866 -17.04 18.12 -4.85
C SER C 866 -17.38 17.86 -3.39
N ILE C 867 -17.73 18.91 -2.67
CA ILE C 867 -18.24 18.77 -1.28
C ILE C 867 -19.69 18.27 -1.34
N ARG C 868 -19.88 17.03 -0.89
CA ARG C 868 -21.14 16.29 -1.05
C ARG C 868 -22.04 16.35 0.19
N VAL C 869 -21.43 16.22 1.38
CA VAL C 869 -22.17 16.20 2.65
C VAL C 869 -22.61 17.64 3.00
N PRO C 870 -23.89 17.84 3.40
CA PRO C 870 -24.33 19.19 3.80
C PRO C 870 -23.57 19.80 4.98
N GLU C 871 -23.31 19.00 6.01
CA GLU C 871 -22.52 19.41 7.18
C GLU C 871 -21.14 19.99 6.83
N SER C 872 -20.46 19.36 5.87
CA SER C 872 -19.17 19.87 5.37
C SER C 872 -19.35 21.15 4.57
N GLY C 873 -20.29 21.14 3.63
CA GLY C 873 -20.68 22.32 2.85
C GLY C 873 -21.05 23.53 3.70
N GLU C 874 -21.75 23.30 4.80
CA GLU C 874 -22.07 24.34 5.78
C GLU C 874 -20.82 24.91 6.47
N HIS C 875 -19.86 24.04 6.79
CA HIS C 875 -18.57 24.47 7.36
C HIS C 875 -17.73 25.25 6.36
N TYR C 876 -17.70 24.78 5.12
CA TYR C 876 -16.97 25.44 4.03
C TYR C 876 -17.45 26.88 3.79
N GLU C 877 -18.77 27.03 3.61
CA GLU C 877 -19.40 28.34 3.45
C GLU C 877 -19.13 29.26 4.64
N LEU C 878 -19.27 28.70 5.85
CA LEU C 878 -18.99 29.44 7.09
C LEU C 878 -17.55 29.94 7.16
N HIS C 879 -16.60 29.03 6.94
CA HIS C 879 -15.17 29.37 7.03
C HIS C 879 -14.74 30.38 5.96
N LEU C 880 -15.33 30.27 4.77
CA LEU C 880 -15.07 31.21 3.68
C LEU C 880 -15.43 32.65 4.07
N LEU C 881 -16.66 32.83 4.55
CA LEU C 881 -17.15 34.16 4.94
C LEU C 881 -16.33 34.75 6.09
N HIS C 882 -16.13 33.96 7.13
CA HIS C 882 -15.29 34.34 8.27
C HIS C 882 -13.87 34.75 7.87
N TYR C 883 -13.28 34.02 6.93
CA TYR C 883 -11.92 34.29 6.45
C TYR C 883 -11.87 35.60 5.66
N LEU C 884 -12.80 35.72 4.71
CA LEU C 884 -12.99 36.95 3.93
C LEU C 884 -13.29 38.13 4.84
N GLN C 885 -14.04 37.89 5.91
CA GLN C 885 -14.34 38.89 6.91
C GLN C 885 -13.08 39.30 7.67
N GLU C 886 -12.42 38.34 8.30
CA GLU C 886 -11.26 38.61 9.16
C GLU C 886 -9.99 39.05 8.45
N ASN C 887 -9.87 38.76 7.14
CA ASN C 887 -8.65 39.10 6.38
C ASN C 887 -8.86 40.00 5.14
N LEU C 888 -10.07 40.53 4.95
CA LEU C 888 -10.36 41.41 3.80
C LEU C 888 -11.45 42.43 4.11
N GLY C 889 -12.66 41.95 4.36
CA GLY C 889 -13.86 42.79 4.42
C GLY C 889 -13.94 43.78 5.57
N SER C 890 -13.79 43.28 6.80
CA SER C 890 -14.07 44.06 8.01
C SER C 890 -12.94 45.00 8.42
N ARG C 891 -13.22 45.84 9.41
CA ARG C 891 -12.28 46.87 9.88
C ARG C 891 -11.06 46.31 10.62
N ILE C 892 -11.20 45.10 11.19
CA ILE C 892 -10.06 44.40 11.81
C ILE C 892 -8.97 44.03 10.77
N ALA C 893 -9.39 43.74 9.54
CA ALA C 893 -8.47 43.38 8.44
C ALA C 893 -7.52 44.52 8.07
N ALA C 894 -7.98 45.75 8.21
CA ALA C 894 -7.16 46.95 7.97
C ALA C 894 -6.02 47.08 8.97
N LEU C 895 -6.32 46.86 10.25
CA LEU C 895 -5.33 46.97 11.33
C LEU C 895 -4.21 45.93 11.28
N LYS C 896 -4.53 44.74 10.77
CA LYS C 896 -3.59 43.61 10.70
C LYS C 896 -2.31 43.85 9.90
N VAL C 897 -2.40 44.66 8.84
CA VAL C 897 -1.27 44.86 7.91
C VAL C 897 -0.06 45.53 8.58
N LEU D 48 -84.17 -10.48 -11.11
CA LEU D 48 -83.79 -11.65 -10.27
C LEU D 48 -83.82 -11.29 -8.78
N GLU D 49 -84.68 -11.97 -8.02
CA GLU D 49 -84.78 -11.77 -6.57
C GLU D 49 -83.70 -12.59 -5.84
N PRO D 50 -83.02 -12.00 -4.82
CA PRO D 50 -81.99 -12.76 -4.10
C PRO D 50 -82.54 -13.90 -3.23
N PHE D 51 -82.22 -15.13 -3.60
CA PHE D 51 -82.56 -16.33 -2.82
C PHE D 51 -81.72 -16.38 -1.54
N TYR D 52 -82.37 -16.75 -0.44
CA TYR D 52 -81.70 -16.97 0.84
C TYR D 52 -82.04 -18.35 1.36
N VAL D 53 -81.14 -18.90 2.17
CA VAL D 53 -81.35 -20.22 2.80
C VAL D 53 -81.86 -20.07 4.23
N GLU D 54 -82.45 -21.14 4.74
CA GLU D 54 -83.09 -21.16 6.06
C GLU D 54 -82.06 -20.94 7.18
N ARG D 55 -82.40 -20.08 8.14
CA ARG D 55 -81.53 -19.79 9.28
C ARG D 55 -81.66 -20.87 10.36
N TYR D 56 -80.99 -21.99 10.14
CA TYR D 56 -80.90 -23.06 11.14
C TYR D 56 -79.93 -22.65 12.24
N SER D 57 -80.22 -23.03 13.48
CA SER D 57 -79.28 -22.82 14.59
C SER D 57 -78.11 -23.81 14.49
N TRP D 58 -77.14 -23.65 15.39
CA TRP D 58 -76.02 -24.58 15.52
C TRP D 58 -76.53 -26.01 15.75
N SER D 59 -77.45 -26.14 16.70
CA SER D 59 -78.05 -27.44 17.06
C SER D 59 -78.90 -28.07 15.95
N GLN D 60 -79.52 -27.25 15.12
CA GLN D 60 -80.32 -27.73 13.96
C GLN D 60 -79.45 -28.18 12.79
N LEU D 61 -78.35 -27.48 12.54
CA LEU D 61 -77.39 -27.85 11.49
C LEU D 61 -76.68 -29.17 11.79
N LYS D 62 -76.26 -29.35 13.04
CA LYS D 62 -75.59 -30.58 13.49
C LYS D 62 -76.48 -31.81 13.31
N LYS D 63 -77.76 -31.65 13.64
CA LYS D 63 -78.79 -32.67 13.40
C LYS D 63 -78.90 -33.02 11.90
N LEU D 64 -78.84 -31.99 11.06
CA LEU D 64 -78.89 -32.14 9.59
C LEU D 64 -77.69 -32.92 9.05
N LEU D 65 -76.49 -32.57 9.55
CA LEU D 65 -75.25 -33.26 9.16
C LEU D 65 -75.24 -34.73 9.60
N ALA D 66 -75.65 -34.97 10.85
CA ALA D 66 -75.74 -36.33 11.40
C ALA D 66 -76.71 -37.24 10.64
N ASP D 67 -77.85 -36.68 10.24
CA ASP D 67 -78.87 -37.41 9.46
C ASP D 67 -78.40 -37.75 8.03
N THR D 68 -77.52 -36.93 7.47
CA THR D 68 -76.92 -37.19 6.15
C THR D 68 -75.71 -38.16 6.18
N ARG D 69 -75.20 -38.47 7.37
CA ARG D 69 -74.15 -39.50 7.55
C ARG D 69 -74.68 -40.94 7.62
N LYS D 70 -75.96 -41.12 7.93
CA LYS D 70 -76.55 -42.46 8.10
C LYS D 70 -76.65 -43.27 6.80
N TYR D 71 -76.91 -42.59 5.68
CA TYR D 71 -76.83 -43.22 4.35
C TYR D 71 -75.39 -43.60 4.00
N HIS D 72 -74.45 -42.77 4.45
CA HIS D 72 -73.01 -43.02 4.31
C HIS D 72 -72.54 -43.94 5.44
N GLY D 73 -71.24 -44.21 5.49
CA GLY D 73 -70.69 -45.17 6.47
C GLY D 73 -70.44 -46.53 5.85
N TYR D 74 -71.24 -46.90 4.84
CA TYR D 74 -70.95 -48.04 3.96
C TYR D 74 -69.67 -47.78 3.15
N MET D 75 -69.43 -46.52 2.81
CA MET D 75 -68.14 -46.05 2.30
C MET D 75 -67.08 -46.10 3.43
N MET D 76 -65.93 -45.47 3.25
CA MET D 76 -64.75 -45.58 4.16
C MET D 76 -63.95 -46.88 3.98
N ALA D 77 -64.43 -47.79 3.12
CA ALA D 77 -63.67 -48.98 2.71
C ALA D 77 -62.95 -48.61 1.43
N LYS D 78 -61.63 -48.70 1.43
CA LYS D 78 -60.79 -48.29 0.29
C LYS D 78 -61.06 -49.06 -1.01
N ALA D 79 -61.57 -50.28 -0.87
CA ALA D 79 -61.81 -51.23 -1.97
C ALA D 79 -60.49 -51.90 -2.37
N PRO D 80 -60.56 -53.18 -2.79
CA PRO D 80 -59.39 -54.00 -3.12
C PRO D 80 -58.24 -53.30 -3.85
N HIS D 81 -57.03 -53.51 -3.36
CA HIS D 81 -55.80 -52.94 -3.94
C HIS D 81 -54.60 -53.89 -3.76
N ASP D 82 -53.45 -53.50 -4.31
CA ASP D 82 -52.22 -54.31 -4.26
C ASP D 82 -52.48 -55.75 -4.73
N PHE D 83 -52.97 -55.87 -5.96
CA PHE D 83 -53.34 -57.16 -6.53
C PHE D 83 -52.12 -57.97 -6.98
N MET D 84 -52.28 -59.29 -6.96
CA MET D 84 -51.27 -60.21 -7.47
C MET D 84 -51.98 -61.40 -8.12
N PHE D 85 -51.33 -61.99 -9.12
CA PHE D 85 -51.85 -63.12 -9.87
C PHE D 85 -50.86 -64.27 -9.79
N VAL D 86 -51.32 -65.43 -9.31
CA VAL D 86 -50.48 -66.63 -9.24
C VAL D 86 -51.22 -67.80 -9.91
N LYS D 87 -50.51 -68.51 -10.78
CA LYS D 87 -51.08 -69.61 -11.56
C LYS D 87 -51.24 -70.87 -10.72
N ARG D 88 -52.30 -71.61 -11.01
CA ARG D 88 -52.61 -72.87 -10.31
C ARG D 88 -51.84 -74.04 -10.92
N ASN D 89 -51.63 -74.00 -12.24
CA ASN D 89 -50.91 -75.05 -12.98
C ASN D 89 -51.57 -76.41 -12.75
N ASP D 90 -52.88 -76.43 -12.99
CA ASP D 90 -53.77 -77.51 -12.56
C ASP D 90 -54.67 -77.89 -13.75
N PRO D 91 -54.21 -78.84 -14.59
CA PRO D 91 -55.02 -79.34 -15.72
C PRO D 91 -56.38 -79.94 -15.33
N ASP D 92 -56.43 -80.71 -14.23
CA ASP D 92 -57.65 -81.39 -13.79
C ASP D 92 -58.75 -80.42 -13.36
N GLY D 93 -58.40 -79.54 -12.42
CA GLY D 93 -59.35 -78.60 -11.78
C GLY D 93 -59.68 -77.34 -12.59
N PRO D 94 -60.61 -76.52 -12.06
CA PRO D 94 -61.28 -75.47 -12.83
C PRO D 94 -60.71 -74.04 -12.75
N HIS D 95 -59.53 -73.87 -12.13
CA HIS D 95 -59.00 -72.52 -11.86
C HIS D 95 -57.69 -72.23 -12.59
N SER D 96 -57.65 -71.07 -13.25
CA SER D 96 -56.49 -70.62 -14.02
C SER D 96 -55.50 -69.93 -13.09
N ASP D 97 -55.98 -68.87 -12.46
CA ASP D 97 -55.21 -68.10 -11.47
C ASP D 97 -55.93 -68.08 -10.13
N ARG D 98 -55.16 -67.80 -9.08
CA ARG D 98 -55.71 -67.28 -7.83
C ARG D 98 -55.13 -65.87 -7.68
N ILE D 99 -55.99 -64.92 -7.32
CA ILE D 99 -55.54 -63.54 -7.08
C ILE D 99 -55.56 -63.20 -5.59
N TYR D 100 -54.53 -62.48 -5.15
CA TYR D 100 -54.43 -61.98 -3.77
C TYR D 100 -54.51 -60.47 -3.76
N TYR D 101 -55.05 -59.91 -2.68
CA TYR D 101 -55.28 -58.46 -2.58
C TYR D 101 -55.61 -58.02 -1.15
N LEU D 102 -55.39 -56.75 -0.86
CA LEU D 102 -55.73 -56.15 0.43
C LEU D 102 -57.07 -55.44 0.34
N ALA D 103 -57.92 -55.63 1.35
CA ALA D 103 -59.23 -54.97 1.41
C ALA D 103 -59.78 -54.91 2.84
N MET D 104 -60.86 -54.16 3.02
CA MET D 104 -61.49 -53.93 4.32
C MET D 104 -62.78 -54.75 4.47
N SER D 105 -62.72 -55.77 5.34
CA SER D 105 -63.84 -56.71 5.61
C SER D 105 -64.52 -57.28 4.35
N GLU D 110 -61.21 -53.72 9.71
CA GLU D 110 -59.76 -53.57 9.53
C GLU D 110 -59.30 -54.15 8.18
N ASN D 111 -58.18 -53.62 7.68
CA ASN D 111 -57.65 -53.92 6.35
C ASN D 111 -56.66 -55.11 6.37
N THR D 112 -56.99 -56.20 5.66
CA THR D 112 -56.12 -57.41 5.57
C THR D 112 -56.17 -58.12 4.21
N LEU D 113 -55.27 -59.10 4.04
CA LEU D 113 -55.18 -59.92 2.83
C LEU D 113 -56.39 -60.83 2.60
N PHE D 114 -56.93 -60.77 1.38
CA PHE D 114 -57.97 -61.67 0.88
C PHE D 114 -57.48 -62.39 -0.36
N TYR D 115 -58.30 -63.33 -0.84
CA TYR D 115 -58.06 -63.95 -2.14
C TYR D 115 -59.36 -64.40 -2.79
N SER D 116 -59.30 -64.56 -4.12
CA SER D 116 -60.42 -65.03 -4.93
C SER D 116 -59.91 -66.01 -5.96
N GLU D 117 -60.81 -66.86 -6.44
CA GLU D 117 -60.49 -67.86 -7.45
C GLU D 117 -60.94 -67.39 -8.83
N ILE D 118 -60.03 -67.52 -9.81
CA ILE D 118 -60.29 -67.13 -11.20
C ILE D 118 -60.49 -68.40 -12.03
N PRO D 119 -61.71 -68.61 -12.56
CA PRO D 119 -61.99 -69.84 -13.31
C PRO D 119 -61.50 -69.83 -14.76
N LYS D 120 -61.23 -71.03 -15.29
CA LYS D 120 -60.78 -71.21 -16.67
C LYS D 120 -61.86 -70.79 -17.68
N THR D 121 -63.11 -71.12 -17.36
CA THR D 121 -64.29 -70.75 -18.15
C THR D 121 -65.31 -70.02 -17.26
N ILE D 122 -66.29 -69.37 -17.88
CA ILE D 122 -67.43 -68.79 -17.17
C ILE D 122 -68.73 -68.93 -17.95
N ASN D 123 -69.85 -68.84 -17.23
CA ASN D 123 -71.17 -68.69 -17.83
C ASN D 123 -71.33 -67.23 -18.23
N ARG D 124 -71.31 -66.98 -19.55
CA ARG D 124 -71.39 -65.61 -20.08
C ARG D 124 -72.81 -65.00 -20.07
N ALA D 125 -73.82 -65.82 -19.77
CA ALA D 125 -75.19 -65.33 -19.60
C ALA D 125 -75.35 -64.48 -18.34
N ALA D 126 -74.81 -64.99 -17.23
CA ALA D 126 -74.85 -64.29 -15.94
C ALA D 126 -73.51 -63.63 -15.61
N VAL D 127 -73.56 -62.72 -14.65
CA VAL D 127 -72.36 -62.08 -14.10
C VAL D 127 -71.82 -62.96 -12.97
N LEU D 128 -70.51 -63.18 -12.97
CA LEU D 128 -69.84 -63.84 -11.86
C LEU D 128 -69.44 -62.80 -10.81
N MET D 129 -69.89 -63.02 -9.57
CA MET D 129 -69.45 -62.25 -8.41
C MET D 129 -68.46 -63.10 -7.61
N LEU D 130 -67.20 -62.67 -7.56
CA LEU D 130 -66.14 -63.41 -6.84
C LEU D 130 -66.26 -63.17 -5.35
N SER D 131 -66.22 -64.26 -4.58
CA SER D 131 -66.28 -64.19 -3.12
C SER D 131 -64.88 -63.96 -2.57
N TRP D 132 -64.77 -63.06 -1.60
CA TRP D 132 -63.50 -62.74 -0.96
C TRP D 132 -63.21 -63.78 0.13
N LYS D 133 -62.26 -64.68 -0.15
CA LYS D 133 -61.80 -65.66 0.83
C LYS D 133 -60.72 -65.01 1.70
N PRO D 134 -60.89 -65.01 3.04
CA PRO D 134 -59.86 -64.41 3.88
C PRO D 134 -58.64 -65.31 4.00
N LEU D 135 -57.46 -64.69 4.00
CA LEU D 135 -56.19 -65.42 4.04
C LEU D 135 -55.65 -65.66 5.45
N LEU D 136 -56.17 -64.92 6.45
CA LEU D 136 -55.56 -64.89 7.80
C LEU D 136 -56.59 -64.95 8.94
N ASP D 137 -56.21 -65.57 10.05
CA ASP D 137 -56.97 -65.54 11.33
C ASP D 137 -56.61 -64.30 12.14
N LEU D 138 -55.29 -64.14 12.34
CA LEU D 138 -54.65 -63.11 13.19
C LEU D 138 -55.16 -63.09 14.64
N PHE D 139 -54.83 -64.17 15.35
CA PHE D 139 -54.95 -64.26 16.81
C PHE D 139 -53.99 -63.26 17.50
N GLN D 140 -53.94 -63.30 18.84
CA GLN D 140 -53.04 -62.43 19.61
C GLN D 140 -52.35 -63.15 20.76
N ALA D 141 -51.03 -63.32 20.65
CA ALA D 141 -50.20 -63.94 21.69
C ALA D 141 -49.76 -62.92 22.74
N THR D 142 -50.61 -62.71 23.74
CA THR D 142 -50.32 -61.80 24.85
C THR D 142 -50.72 -62.50 26.19
N LEU D 143 -51.27 -61.77 27.16
CA LEU D 143 -51.55 -62.28 28.53
C LEU D 143 -50.32 -62.89 29.19
N GLY D 165 -54.23 -51.94 10.20
CA GLY D 165 -54.28 -53.25 9.56
C GLY D 165 -52.97 -53.60 8.85
N ILE D 166 -53.09 -53.99 7.58
CA ILE D 166 -51.95 -54.23 6.70
C ILE D 166 -52.03 -53.24 5.54
N ALA D 167 -50.95 -52.48 5.33
CA ALA D 167 -50.86 -51.48 4.26
C ALA D 167 -50.20 -52.03 2.99
N SER D 168 -49.13 -52.80 3.16
CA SER D 168 -48.35 -53.38 2.06
C SER D 168 -48.07 -54.84 2.33
N TYR D 169 -47.55 -55.53 1.32
CA TYR D 169 -47.03 -56.89 1.49
C TYR D 169 -46.02 -57.23 0.40
N ASP D 170 -44.95 -57.92 0.83
CA ASP D 170 -43.92 -58.43 -0.08
C ASP D 170 -44.28 -59.89 -0.39
N TYR D 171 -43.73 -60.42 -1.47
CA TYR D 171 -44.00 -61.79 -1.88
C TYR D 171 -42.83 -62.37 -2.67
N HIS D 172 -42.50 -63.62 -2.37
CA HIS D 172 -41.48 -64.35 -3.14
C HIS D 172 -42.17 -65.47 -3.91
N GLN D 173 -42.45 -65.19 -5.18
CA GLN D 173 -43.06 -66.15 -6.12
C GLN D 173 -42.52 -67.58 -6.02
N GLY D 174 -41.20 -67.70 -5.99
CA GLY D 174 -40.52 -68.99 -5.97
C GLY D 174 -40.88 -69.92 -4.83
N SER D 175 -41.05 -69.34 -3.63
CA SER D 175 -41.34 -70.10 -2.40
C SER D 175 -42.79 -69.97 -1.89
N GLY D 176 -43.46 -68.86 -2.24
CA GLY D 176 -44.84 -68.60 -1.82
C GLY D 176 -44.97 -67.76 -0.55
N THR D 177 -43.84 -67.25 -0.06
CA THR D 177 -43.79 -66.55 1.22
C THR D 177 -44.33 -65.12 1.12
N PHE D 178 -45.42 -64.83 1.83
CA PHE D 178 -45.84 -63.44 2.10
C PHE D 178 -45.03 -62.90 3.27
N LEU D 179 -44.72 -61.61 3.24
CA LEU D 179 -44.13 -60.90 4.39
C LEU D 179 -44.84 -59.56 4.49
N PHE D 180 -45.25 -59.20 5.70
CA PHE D 180 -46.02 -57.98 5.90
C PHE D 180 -46.03 -57.57 7.37
N GLN D 181 -46.10 -56.26 7.59
CA GLN D 181 -46.23 -55.71 8.92
C GLN D 181 -47.72 -55.58 9.25
N ALA D 182 -48.06 -55.82 10.52
CA ALA D 182 -49.41 -55.59 11.03
C ALA D 182 -49.32 -55.06 12.46
N GLY D 183 -49.43 -53.75 12.61
CA GLY D 183 -49.27 -53.07 13.89
C GLY D 183 -47.83 -53.12 14.34
N SER D 184 -47.61 -53.55 15.59
CA SER D 184 -46.27 -53.72 16.15
C SER D 184 -45.50 -54.92 15.58
N GLY D 185 -46.23 -55.91 15.04
CA GLY D 185 -45.62 -57.15 14.59
C GLY D 185 -45.20 -57.16 13.13
N ILE D 186 -44.40 -58.17 12.78
CA ILE D 186 -44.02 -58.49 11.42
C ILE D 186 -44.27 -59.99 11.24
N TYR D 187 -45.12 -60.34 10.27
CA TYR D 187 -45.61 -61.71 10.11
C TYR D 187 -45.36 -62.25 8.70
N HIS D 188 -45.60 -63.55 8.54
CA HIS D 188 -45.47 -64.21 7.24
C HIS D 188 -46.32 -65.48 7.13
N VAL D 189 -46.75 -65.79 5.90
CA VAL D 189 -47.47 -67.03 5.58
C VAL D 189 -47.06 -67.54 4.21
N LYS D 190 -47.24 -68.84 3.98
CA LYS D 190 -46.91 -69.48 2.70
C LYS D 190 -48.17 -69.86 1.94
N ASP D 191 -48.29 -69.35 0.72
CA ASP D 191 -49.36 -69.76 -0.18
C ASP D 191 -49.03 -69.45 -1.64
N GLY D 192 -49.51 -70.30 -2.53
CA GLY D 192 -49.28 -70.16 -3.97
C GLY D 192 -47.96 -70.67 -4.49
N GLY D 193 -47.08 -71.14 -3.60
CA GLY D 193 -45.76 -71.66 -3.98
C GLY D 193 -45.84 -73.13 -4.36
N PRO D 194 -44.68 -73.81 -4.45
CA PRO D 194 -44.69 -75.25 -4.74
C PRO D 194 -45.43 -76.08 -3.68
N GLN D 195 -45.34 -75.67 -2.42
CA GLN D 195 -46.01 -76.35 -1.31
C GLN D 195 -47.53 -76.44 -1.45
N GLY D 196 -48.13 -75.49 -2.15
CA GLY D 196 -49.54 -75.59 -2.59
C GLY D 196 -50.43 -74.42 -2.21
N PHE D 197 -51.72 -74.59 -2.50
CA PHE D 197 -52.75 -73.56 -2.28
C PHE D 197 -53.70 -73.95 -1.14
N THR D 198 -53.72 -73.13 -0.09
CA THR D 198 -54.64 -73.33 1.04
C THR D 198 -56.10 -73.08 0.65
N GLN D 199 -57.00 -73.89 1.20
CA GLN D 199 -58.44 -73.74 1.02
C GLN D 199 -59.14 -73.18 2.27
N GLN D 200 -58.36 -72.82 3.28
CA GLN D 200 -58.85 -72.19 4.51
C GLN D 200 -57.87 -71.11 4.95
N PRO D 201 -58.32 -70.17 5.82
CA PRO D 201 -57.40 -69.16 6.36
C PRO D 201 -56.13 -69.74 6.95
N LEU D 202 -55.02 -69.01 6.80
CA LEU D 202 -53.76 -69.36 7.43
C LEU D 202 -53.62 -68.59 8.73
N ARG D 203 -52.72 -69.08 9.57
CA ARG D 203 -52.36 -68.41 10.82
C ARG D 203 -51.06 -67.65 10.54
N PRO D 204 -51.06 -66.32 10.78
CA PRO D 204 -49.84 -65.53 10.67
C PRO D 204 -48.73 -66.04 11.59
N ASN D 205 -47.59 -66.34 11.00
CA ASN D 205 -46.40 -66.71 11.77
C ASN D 205 -45.64 -65.45 12.11
N LEU D 206 -45.55 -65.14 13.40
CA LEU D 206 -44.83 -63.97 13.89
C LEU D 206 -43.33 -64.17 13.75
N VAL D 207 -42.66 -63.19 13.13
CA VAL D 207 -41.21 -63.10 13.18
C VAL D 207 -40.85 -62.56 14.56
N GLU D 208 -40.18 -63.38 15.36
CA GLU D 208 -39.75 -62.98 16.70
C GLU D 208 -38.61 -61.96 16.59
N THR D 209 -38.29 -61.32 17.71
CA THR D 209 -37.20 -60.33 17.73
C THR D 209 -36.70 -60.05 19.15
N SER D 210 -35.44 -59.63 19.21
CA SER D 210 -34.83 -59.10 20.44
C SER D 210 -34.63 -57.58 20.31
N CYS D 211 -35.53 -56.91 19.61
CA CYS D 211 -35.48 -55.46 19.40
C CYS D 211 -36.55 -54.80 20.25
N PRO D 212 -36.18 -53.74 21.01
CA PRO D 212 -37.15 -53.11 21.91
C PRO D 212 -38.26 -52.28 21.24
N ASN D 213 -38.01 -51.80 20.03
CA ASN D 213 -38.85 -50.80 19.38
C ASN D 213 -39.52 -51.36 18.14
N ILE D 214 -40.53 -50.64 17.66
CA ILE D 214 -41.30 -51.09 16.50
C ILE D 214 -40.43 -51.19 15.25
N ARG D 215 -40.47 -52.35 14.61
CA ARG D 215 -39.78 -52.56 13.34
C ARG D 215 -40.65 -52.01 12.20
N MET D 216 -40.00 -51.39 11.23
CA MET D 216 -40.68 -50.70 10.11
C MET D 216 -40.08 -51.10 8.77
N ASP D 217 -40.92 -51.02 7.74
CA ASP D 217 -40.53 -51.27 6.34
C ASP D 217 -39.88 -52.65 6.16
N PRO D 218 -40.64 -53.72 6.45
CA PRO D 218 -40.08 -55.05 6.25
C PRO D 218 -40.06 -55.46 4.78
N LYS D 219 -39.00 -56.13 4.35
CA LYS D 219 -38.86 -56.58 2.96
C LYS D 219 -38.18 -57.95 2.88
N LEU D 220 -38.79 -58.85 2.09
CA LEU D 220 -38.19 -60.15 1.78
C LEU D 220 -37.01 -60.00 0.83
N CYS D 221 -35.92 -60.71 1.12
CA CYS D 221 -34.81 -60.84 0.19
C CYS D 221 -35.29 -61.72 -0.97
N PRO D 222 -35.30 -61.17 -2.20
CA PRO D 222 -35.73 -62.00 -3.34
C PRO D 222 -34.79 -63.17 -3.66
N ALA D 223 -33.50 -63.01 -3.38
CA ALA D 223 -32.52 -64.08 -3.56
C ALA D 223 -32.71 -65.25 -2.57
N ASP D 224 -33.23 -64.95 -1.38
CA ASP D 224 -33.41 -65.95 -0.32
C ASP D 224 -34.61 -65.58 0.57
N PRO D 225 -35.77 -66.26 0.39
CA PRO D 225 -36.98 -65.91 1.16
C PRO D 225 -36.94 -66.27 2.64
N ASP D 226 -35.90 -66.99 3.07
CA ASP D 226 -35.60 -67.13 4.50
C ASP D 226 -35.19 -65.79 5.10
N TRP D 227 -34.31 -65.07 4.43
CA TRP D 227 -33.84 -63.77 4.93
C TRP D 227 -34.82 -62.64 4.66
N ILE D 228 -34.99 -61.77 5.66
CA ILE D 228 -35.74 -60.53 5.53
C ILE D 228 -34.95 -59.39 6.17
N ALA D 229 -35.41 -58.17 5.92
CA ALA D 229 -34.81 -56.97 6.50
C ALA D 229 -35.89 -55.99 6.94
N PHE D 230 -35.57 -55.20 7.94
CA PHE D 230 -36.44 -54.13 8.43
C PHE D 230 -35.62 -52.99 9.03
N ILE D 231 -36.28 -51.87 9.24
CA ILE D 231 -35.68 -50.71 9.88
C ILE D 231 -36.08 -50.70 11.35
N HIS D 232 -35.12 -50.39 12.21
CA HIS D 232 -35.33 -50.31 13.66
C HIS D 232 -34.49 -49.16 14.21
N SER D 233 -35.16 -48.13 14.72
CA SER D 233 -34.50 -46.93 15.27
C SER D 233 -33.53 -46.29 14.26
N ASN D 234 -34.02 -46.14 13.03
CA ASN D 234 -33.26 -45.60 11.89
C ASN D 234 -31.95 -46.37 11.59
N ASP D 235 -32.01 -47.69 11.72
CA ASP D 235 -30.91 -48.58 11.35
C ASP D 235 -31.45 -49.82 10.67
N ILE D 236 -30.64 -50.39 9.78
CA ILE D 236 -31.05 -51.55 8.99
C ILE D 236 -30.67 -52.82 9.76
N TRP D 237 -31.66 -53.69 9.92
CA TRP D 237 -31.48 -55.00 10.55
C TRP D 237 -31.87 -56.08 9.55
N ILE D 238 -31.39 -57.31 9.81
CA ILE D 238 -31.84 -58.50 9.07
C ILE D 238 -32.20 -59.63 10.04
N SER D 239 -33.07 -60.52 9.58
CA SER D 239 -33.68 -61.53 10.43
C SER D 239 -34.11 -62.75 9.62
N ASN D 240 -33.56 -63.92 9.95
CA ASN D 240 -33.89 -65.17 9.24
C ASN D 240 -35.16 -65.79 9.82
N ILE D 241 -36.14 -66.06 8.95
CA ILE D 241 -37.45 -66.58 9.38
C ILE D 241 -37.51 -68.09 9.73
N VAL D 242 -36.49 -68.86 9.31
CA VAL D 242 -36.39 -70.30 9.68
C VAL D 242 -35.32 -70.59 10.74
N THR D 243 -34.18 -69.92 10.67
CA THR D 243 -33.08 -70.13 11.65
C THR D 243 -33.16 -69.20 12.87
N ARG D 244 -34.07 -68.22 12.83
CA ARG D 244 -34.28 -67.23 13.91
C ARG D 244 -33.09 -66.33 14.25
N GLU D 245 -32.10 -66.28 13.36
CA GLU D 245 -30.94 -65.41 13.55
C GLU D 245 -31.36 -63.98 13.27
N GLU D 246 -30.73 -63.03 13.96
CA GLU D 246 -31.06 -61.62 13.83
C GLU D 246 -29.79 -60.80 14.01
N ARG D 247 -29.64 -59.74 13.22
CA ARG D 247 -28.40 -58.98 13.16
C ARG D 247 -28.63 -57.54 12.75
N ARG D 248 -27.88 -56.63 13.36
CA ARG D 248 -27.88 -55.21 13.00
C ARG D 248 -26.79 -55.00 11.95
N LEU D 249 -27.17 -54.43 10.81
CA LEU D 249 -26.26 -54.17 9.68
C LEU D 249 -25.61 -52.78 9.71
N THR D 250 -26.34 -51.79 10.23
CA THR D 250 -25.86 -50.41 10.36
C THR D 250 -25.89 -49.99 11.83
N TYR D 251 -24.80 -49.40 12.29
CA TYR D 251 -24.69 -48.85 13.65
C TYR D 251 -24.58 -47.33 13.56
N VAL D 252 -25.51 -46.74 12.81
CA VAL D 252 -25.48 -45.33 12.43
C VAL D 252 -26.18 -44.44 13.47
N HIS D 253 -27.26 -44.93 14.07
CA HIS D 253 -28.10 -44.14 14.97
C HIS D 253 -28.05 -44.65 16.41
N ASN D 254 -27.57 -43.81 17.31
CA ASN D 254 -27.70 -44.02 18.74
C ASN D 254 -29.16 -43.82 19.16
N GLU D 255 -29.91 -44.93 19.13
CA GLU D 255 -31.34 -44.98 19.51
C GLU D 255 -31.71 -44.28 20.83
N LEU D 256 -30.84 -44.40 21.84
CA LEU D 256 -31.12 -43.90 23.20
C LEU D 256 -30.83 -42.41 23.36
N ALA D 257 -29.75 -41.93 22.75
CA ALA D 257 -29.41 -40.51 22.73
C ALA D 257 -30.45 -39.70 21.97
N ASN D 258 -30.70 -38.47 22.42
CA ASN D 258 -31.73 -37.59 21.83
C ASN D 258 -31.36 -37.09 20.43
N MET D 259 -32.36 -36.57 19.72
CA MET D 259 -32.25 -36.15 18.31
C MET D 259 -31.12 -35.17 18.02
N GLU D 260 -31.13 -34.05 18.74
CA GLU D 260 -30.31 -32.88 18.41
C GLU D 260 -28.79 -33.12 18.35
N GLU D 261 -28.31 -34.11 19.11
CA GLU D 261 -26.89 -34.51 19.10
C GLU D 261 -26.56 -35.65 18.11
N ASP D 262 -27.54 -36.51 17.80
CA ASP D 262 -27.35 -37.62 16.85
C ASP D 262 -27.98 -37.33 15.47
N ALA D 263 -29.25 -37.65 15.28
CA ALA D 263 -29.98 -37.45 14.01
C ALA D 263 -29.21 -37.81 12.72
N ARG D 264 -28.67 -39.03 12.69
CA ARG D 264 -28.16 -39.65 11.46
C ARG D 264 -28.92 -40.96 11.27
N SER D 265 -29.44 -41.17 10.06
CA SER D 265 -30.32 -42.31 9.75
C SER D 265 -29.75 -43.20 8.64
N ALA D 266 -30.38 -44.36 8.44
CA ALA D 266 -29.92 -45.35 7.46
C ALA D 266 -31.05 -46.29 7.02
N GLY D 267 -31.21 -46.48 5.71
CA GLY D 267 -32.30 -47.28 5.16
C GLY D 267 -33.67 -46.62 5.26
N VAL D 268 -33.67 -45.29 5.36
CA VAL D 268 -34.86 -44.50 5.66
C VAL D 268 -35.03 -43.40 4.63
N ALA D 269 -36.27 -43.14 4.23
CA ALA D 269 -36.62 -41.98 3.44
C ALA D 269 -36.81 -40.78 4.38
N THR D 270 -36.12 -39.68 4.10
CA THR D 270 -36.24 -38.44 4.87
C THR D 270 -37.61 -37.79 4.65
N PHE D 271 -37.98 -36.86 5.51
CA PHE D 271 -39.24 -36.10 5.39
C PHE D 271 -39.60 -35.71 3.96
N VAL D 272 -38.71 -34.93 3.32
CA VAL D 272 -38.99 -34.34 2.00
C VAL D 272 -39.25 -35.42 0.94
N LEU D 273 -38.45 -36.48 0.95
CA LEU D 273 -38.61 -37.58 0.00
C LEU D 273 -39.96 -38.30 0.10
N GLN D 274 -40.49 -38.41 1.32
CA GLN D 274 -41.79 -39.02 1.54
C GLN D 274 -42.92 -38.08 1.14
N GLU D 275 -42.95 -36.89 1.74
CA GLU D 275 -44.01 -35.92 1.49
C GLU D 275 -44.02 -35.32 0.08
N GLU D 276 -42.85 -35.22 -0.55
CA GLU D 276 -42.71 -34.51 -1.84
C GLU D 276 -42.18 -35.31 -3.04
N PHE D 277 -41.73 -36.54 -2.83
CA PHE D 277 -41.38 -37.45 -3.93
C PHE D 277 -42.01 -38.85 -3.82
N ASP D 278 -42.86 -39.07 -2.80
CA ASP D 278 -43.54 -40.35 -2.56
C ASP D 278 -42.61 -41.58 -2.66
N ARG D 279 -41.44 -41.45 -2.05
CA ARG D 279 -40.49 -42.55 -1.87
C ARG D 279 -40.45 -42.80 -0.37
N TYR D 280 -40.79 -44.03 0.03
CA TYR D 280 -40.98 -44.37 1.45
C TYR D 280 -39.96 -45.36 2.04
N SER D 281 -39.04 -45.84 1.20
CA SER D 281 -38.02 -46.80 1.62
C SER D 281 -36.64 -46.37 1.11
N GLY D 282 -35.66 -46.36 2.01
CA GLY D 282 -34.27 -46.03 1.66
C GLY D 282 -33.29 -47.19 1.57
N TYR D 283 -33.80 -48.41 1.39
CA TYR D 283 -32.95 -49.61 1.16
C TYR D 283 -33.60 -50.59 0.18
N TRP D 284 -32.75 -51.37 -0.50
CA TRP D 284 -33.17 -52.23 -1.62
C TRP D 284 -32.32 -53.50 -1.68
N TRP D 285 -32.94 -54.65 -1.48
CA TRP D 285 -32.26 -55.95 -1.60
C TRP D 285 -31.77 -56.16 -3.03
N CYS D 286 -30.56 -56.71 -3.16
CA CYS D 286 -30.07 -57.21 -4.43
C CYS D 286 -30.86 -58.48 -4.76
N PRO D 287 -31.49 -58.54 -5.96
CA PRO D 287 -32.40 -59.65 -6.27
C PRO D 287 -31.72 -61.01 -6.44
N LYS D 288 -30.43 -61.04 -6.76
CA LYS D 288 -29.65 -62.28 -6.83
C LYS D 288 -28.56 -62.34 -5.77
N ALA D 289 -28.17 -63.57 -5.42
CA ALA D 289 -27.07 -63.84 -4.49
C ALA D 289 -25.85 -64.37 -5.25
N GLU D 290 -24.66 -63.92 -4.82
CA GLU D 290 -23.39 -64.36 -5.42
C GLU D 290 -22.92 -65.63 -4.71
N THR D 291 -22.66 -66.69 -5.47
CA THR D 291 -22.15 -67.95 -4.92
C THR D 291 -20.65 -67.82 -4.61
N THR D 292 -20.22 -68.49 -3.53
CA THR D 292 -18.85 -68.39 -3.02
C THR D 292 -18.05 -69.69 -3.21
N PRO D 293 -16.70 -69.63 -3.12
CA PRO D 293 -15.85 -70.82 -3.11
C PRO D 293 -16.20 -71.86 -2.03
N SER D 294 -16.52 -71.39 -0.83
CA SER D 294 -16.87 -72.26 0.30
C SER D 294 -18.19 -73.04 0.15
N GLY D 295 -19.00 -72.70 -0.85
CA GLY D 295 -20.31 -73.30 -1.05
C GLY D 295 -21.41 -72.59 -0.28
N GLY D 296 -21.20 -71.29 -0.03
CA GLY D 296 -22.18 -70.43 0.65
C GLY D 296 -22.71 -69.41 -0.34
N LYS D 297 -22.94 -68.18 0.14
CA LYS D 297 -23.40 -67.08 -0.72
C LYS D 297 -23.26 -65.70 -0.08
N ILE D 298 -23.16 -64.68 -0.92
CA ILE D 298 -23.23 -63.28 -0.50
C ILE D 298 -24.60 -62.73 -0.85
N LEU D 299 -25.26 -62.12 0.13
CA LEU D 299 -26.45 -61.30 -0.07
C LEU D 299 -26.03 -59.85 0.05
N ARG D 300 -26.75 -58.96 -0.64
CA ARG D 300 -26.44 -57.54 -0.65
C ARG D 300 -27.68 -56.68 -0.41
N ILE D 301 -27.46 -55.51 0.19
CA ILE D 301 -28.48 -54.48 0.38
C ILE D 301 -27.85 -53.11 0.09
N LEU D 302 -28.33 -52.45 -0.96
CA LEU D 302 -28.05 -51.03 -1.20
C LEU D 302 -28.86 -50.20 -0.22
N TYR D 303 -28.29 -49.08 0.26
CA TYR D 303 -29.03 -48.20 1.18
C TYR D 303 -28.58 -46.74 1.21
N GLU D 304 -29.55 -45.83 1.26
CA GLU D 304 -29.31 -44.41 1.49
C GLU D 304 -28.96 -44.21 2.96
N GLU D 305 -27.89 -43.45 3.21
CA GLU D 305 -27.53 -42.97 4.53
C GLU D 305 -27.71 -41.46 4.54
N ASN D 306 -28.33 -40.94 5.60
CA ASN D 306 -28.67 -39.52 5.71
C ASN D 306 -28.14 -38.93 7.00
N ASP D 307 -27.34 -37.87 6.87
CA ASP D 307 -26.92 -37.05 8.00
C ASP D 307 -27.79 -35.79 7.95
N GLU D 308 -28.55 -35.54 9.01
CA GLU D 308 -29.46 -34.39 9.08
C GLU D 308 -29.03 -33.38 10.16
N SER D 309 -27.72 -33.30 10.43
CA SER D 309 -27.19 -32.38 11.44
C SER D 309 -27.36 -30.92 11.03
N GLU D 310 -27.11 -30.64 9.74
CA GLU D 310 -27.22 -29.29 9.17
C GLU D 310 -28.64 -28.89 8.73
N VAL D 311 -29.59 -29.83 8.80
CA VAL D 311 -31.00 -29.53 8.50
C VAL D 311 -31.63 -28.84 9.71
N GLU D 312 -32.51 -27.88 9.45
CA GLU D 312 -33.12 -27.07 10.51
C GLU D 312 -34.05 -27.87 11.42
N ILE D 313 -33.89 -27.67 12.73
CA ILE D 313 -34.73 -28.29 13.76
C ILE D 313 -35.91 -27.37 13.99
N ILE D 314 -37.12 -27.90 13.81
CA ILE D 314 -38.35 -27.15 13.98
C ILE D 314 -39.19 -27.83 15.08
N HIS D 315 -39.67 -27.03 16.03
CA HIS D 315 -40.57 -27.51 17.08
C HIS D 315 -42.01 -27.39 16.60
N VAL D 316 -42.79 -28.44 16.85
CA VAL D 316 -44.24 -28.42 16.67
C VAL D 316 -44.84 -29.08 17.91
N THR D 317 -45.99 -28.57 18.35
CA THR D 317 -46.57 -28.93 19.66
C THR D 317 -46.84 -30.42 19.78
N SER D 318 -46.67 -30.96 20.99
CA SER D 318 -46.92 -32.38 21.25
C SER D 318 -48.44 -32.63 21.23
N PRO D 319 -48.88 -33.80 20.74
CA PRO D 319 -50.33 -34.08 20.72
C PRO D 319 -50.97 -34.18 22.12
N MET D 320 -50.20 -34.68 23.08
CA MET D 320 -50.59 -34.65 24.49
C MET D 320 -50.44 -33.22 24.99
N LEU D 321 -51.51 -32.43 24.81
CA LEU D 321 -51.54 -31.01 25.20
C LEU D 321 -51.34 -30.75 26.71
N GLU D 322 -51.59 -31.78 27.52
CA GLU D 322 -51.39 -31.73 28.98
C GLU D 322 -49.92 -31.48 29.37
N THR D 323 -49.00 -32.05 28.59
CA THR D 323 -47.55 -31.91 28.84
C THR D 323 -47.04 -30.50 28.54
N ARG D 324 -47.61 -29.86 27.52
CA ARG D 324 -47.24 -28.49 27.09
C ARG D 324 -45.78 -28.41 26.63
N ARG D 325 -45.40 -29.38 25.81
CA ARG D 325 -44.06 -29.50 25.22
C ARG D 325 -44.19 -29.63 23.70
N ALA D 326 -43.04 -29.63 23.01
CA ALA D 326 -43.00 -29.74 21.55
C ALA D 326 -42.04 -30.83 21.08
N ASP D 327 -42.38 -31.45 19.95
CA ASP D 327 -41.59 -32.53 19.35
C ASP D 327 -40.74 -31.96 18.21
N SER D 328 -39.45 -31.80 18.48
CA SER D 328 -38.47 -31.36 17.47
C SER D 328 -38.43 -32.35 16.30
N PHE D 329 -38.34 -31.83 15.07
CA PHE D 329 -38.07 -32.69 13.89
C PHE D 329 -37.44 -31.91 12.73
N ARG D 330 -36.71 -32.64 11.88
CA ARG D 330 -35.86 -32.05 10.84
C ARG D 330 -36.68 -31.61 9.62
N TYR D 331 -36.75 -30.29 9.41
CA TYR D 331 -37.52 -29.68 8.32
C TYR D 331 -36.59 -28.90 7.39
N PRO D 332 -36.28 -29.46 6.20
CA PRO D 332 -35.58 -28.71 5.17
C PRO D 332 -36.43 -27.56 4.64
N LYS D 333 -36.35 -26.42 5.33
CA LYS D 333 -37.03 -25.19 4.92
C LYS D 333 -36.51 -24.73 3.57
N THR D 334 -37.34 -24.01 2.83
CA THR D 334 -36.96 -23.46 1.53
C THR D 334 -35.63 -22.73 1.59
N GLY D 335 -34.68 -23.15 0.76
CA GLY D 335 -33.37 -22.52 0.67
C GLY D 335 -32.47 -22.71 1.88
N THR D 336 -32.60 -23.86 2.56
CA THR D 336 -31.66 -24.29 3.59
C THR D 336 -31.07 -25.63 3.18
N ALA D 337 -30.34 -26.28 4.08
CA ALA D 337 -29.72 -27.57 3.78
C ALA D 337 -30.76 -28.70 3.69
N ASN D 338 -30.74 -29.42 2.58
CA ASN D 338 -31.34 -30.76 2.51
C ASN D 338 -30.38 -31.72 3.23
N PRO D 339 -30.84 -32.94 3.57
CA PRO D 339 -29.93 -33.88 4.23
C PRO D 339 -28.70 -34.22 3.38
N LYS D 340 -27.56 -34.39 4.02
CA LYS D 340 -26.36 -34.87 3.33
C LYS D 340 -26.52 -36.36 3.04
N VAL D 341 -26.81 -36.68 1.78
CA VAL D 341 -27.13 -38.04 1.36
C VAL D 341 -25.95 -38.73 0.67
N THR D 342 -25.93 -40.06 0.75
CA THR D 342 -24.95 -40.87 0.05
C THR D 342 -25.40 -42.34 0.01
N PHE D 343 -24.96 -43.06 -1.00
CA PHE D 343 -25.22 -44.49 -1.12
C PHE D 343 -24.22 -45.31 -0.31
N LYS D 344 -24.69 -46.45 0.17
CA LYS D 344 -23.88 -47.42 0.91
C LYS D 344 -24.33 -48.81 0.51
N MET D 345 -23.44 -49.79 0.68
CA MET D 345 -23.77 -51.20 0.45
C MET D 345 -23.38 -52.04 1.65
N SER D 346 -24.25 -52.97 2.03
CA SER D 346 -23.96 -53.94 3.08
C SER D 346 -23.81 -55.32 2.44
N GLU D 347 -22.62 -55.91 2.54
CA GLU D 347 -22.37 -57.28 2.07
C GLU D 347 -22.58 -58.25 3.23
N ILE D 348 -23.52 -59.18 3.05
CA ILE D 348 -23.83 -60.20 4.07
C ILE D 348 -23.40 -61.57 3.53
N MET D 349 -22.25 -62.06 4.01
CA MET D 349 -21.77 -63.41 3.65
C MET D 349 -22.46 -64.48 4.49
N ILE D 350 -22.93 -65.52 3.81
CA ILE D 350 -23.67 -66.64 4.40
C ILE D 350 -22.87 -67.93 4.12
N ASP D 351 -23.00 -68.93 5.01
CA ASP D 351 -22.47 -70.29 4.76
C ASP D 351 -23.59 -71.21 4.28
N ALA D 352 -23.21 -72.41 3.81
CA ALA D 352 -24.18 -73.41 3.33
C ALA D 352 -25.37 -73.68 4.28
N GLU D 353 -25.14 -73.50 5.59
CA GLU D 353 -26.17 -73.71 6.61
C GLU D 353 -27.23 -72.59 6.65
N GLY D 354 -26.80 -71.38 6.30
CA GLY D 354 -27.63 -70.17 6.39
C GLY D 354 -27.33 -69.28 7.60
N ARG D 355 -26.16 -69.46 8.20
CA ARG D 355 -25.68 -68.60 9.29
C ARG D 355 -24.86 -67.47 8.68
N ILE D 356 -24.97 -66.28 9.27
CA ILE D 356 -24.15 -65.15 8.85
C ILE D 356 -22.71 -65.40 9.27
N ILE D 357 -21.81 -65.52 8.29
CA ILE D 357 -20.38 -65.56 8.55
C ILE D 357 -19.92 -64.17 9.00
N ASP D 358 -20.23 -63.16 8.19
CA ASP D 358 -19.79 -61.78 8.46
C ASP D 358 -20.63 -60.78 7.65
N VAL D 359 -20.70 -59.55 8.15
CA VAL D 359 -21.32 -58.42 7.47
C VAL D 359 -20.24 -57.36 7.21
N ILE D 360 -19.89 -57.13 5.96
CA ILE D 360 -18.95 -56.07 5.58
C ILE D 360 -19.75 -54.86 5.08
N ASP D 361 -19.78 -53.81 5.88
CA ASP D 361 -20.43 -52.55 5.51
C ASP D 361 -19.50 -51.76 4.59
N LYS D 362 -20.07 -51.23 3.50
CA LYS D 362 -19.27 -50.60 2.42
C LYS D 362 -19.70 -49.17 2.06
N GLU D 363 -18.70 -48.33 1.80
CA GLU D 363 -18.88 -46.94 1.40
C GLU D 363 -18.38 -46.75 -0.02
N LEU D 364 -18.88 -45.71 -0.70
CA LEU D 364 -18.48 -45.40 -2.08
C LEU D 364 -16.99 -45.08 -2.17
N ILE D 365 -16.37 -45.51 -3.27
CA ILE D 365 -14.92 -45.37 -3.43
C ILE D 365 -14.44 -43.92 -3.44
N GLN D 366 -15.28 -43.01 -3.93
CA GLN D 366 -15.08 -41.57 -3.78
C GLN D 366 -16.35 -40.98 -3.16
N PRO D 367 -16.30 -39.71 -2.72
CA PRO D 367 -17.51 -39.09 -2.17
C PRO D 367 -18.67 -38.98 -3.18
N PHE D 368 -19.88 -38.97 -2.63
CA PHE D 368 -21.12 -38.84 -3.41
C PHE D 368 -21.14 -37.54 -4.21
N GLU D 369 -20.60 -36.47 -3.62
CA GLU D 369 -20.51 -35.15 -4.28
C GLU D 369 -19.61 -35.19 -5.51
N ILE D 370 -18.57 -36.02 -5.46
CA ILE D 370 -17.59 -36.16 -6.55
C ILE D 370 -18.14 -37.02 -7.68
N LEU D 371 -18.63 -38.22 -7.34
CA LEU D 371 -19.16 -39.15 -8.34
C LEU D 371 -20.45 -38.65 -8.99
N PHE D 372 -21.36 -38.14 -8.19
CA PHE D 372 -22.65 -37.63 -8.67
C PHE D 372 -22.69 -36.11 -8.52
N GLU D 373 -21.91 -35.43 -9.35
CA GLU D 373 -21.79 -33.96 -9.33
C GLU D 373 -23.17 -33.33 -9.56
N GLY D 374 -23.54 -32.41 -8.66
CA GLY D 374 -24.79 -31.68 -8.77
C GLY D 374 -26.01 -32.32 -8.13
N VAL D 375 -25.99 -33.65 -7.94
CA VAL D 375 -27.13 -34.40 -7.40
C VAL D 375 -27.44 -33.95 -5.97
N GLU D 376 -28.68 -33.48 -5.76
CA GLU D 376 -29.18 -33.10 -4.44
C GLU D 376 -30.08 -34.21 -3.88
N TYR D 377 -31.13 -34.55 -4.61
CA TYR D 377 -32.11 -35.56 -4.16
C TYR D 377 -31.87 -36.91 -4.83
N ILE D 378 -32.03 -37.98 -4.06
CA ILE D 378 -32.12 -39.34 -4.62
C ILE D 378 -33.61 -39.66 -4.79
N ALA D 379 -34.09 -39.62 -6.03
CA ALA D 379 -35.51 -39.78 -6.32
C ALA D 379 -35.97 -41.22 -6.18
N ARG D 380 -35.29 -42.12 -6.88
CA ARG D 380 -35.61 -43.55 -6.87
C ARG D 380 -34.34 -44.39 -6.90
N ALA D 381 -34.50 -45.67 -6.61
CA ALA D 381 -33.41 -46.62 -6.70
C ALA D 381 -33.92 -48.06 -6.74
N GLY D 382 -33.01 -48.96 -7.10
CA GLY D 382 -33.32 -50.37 -7.20
C GLY D 382 -32.15 -51.14 -7.75
N TRP D 383 -32.44 -52.27 -8.38
CA TRP D 383 -31.42 -53.10 -9.00
C TRP D 383 -31.88 -53.48 -10.40
N THR D 384 -30.90 -53.71 -11.28
CA THR D 384 -31.19 -54.31 -12.58
C THR D 384 -31.64 -55.74 -12.30
N PRO D 385 -32.63 -56.27 -13.05
CA PRO D 385 -33.21 -57.58 -12.70
C PRO D 385 -32.18 -58.73 -12.65
N GLU D 386 -31.12 -58.63 -13.45
CA GLU D 386 -30.00 -59.56 -13.42
C GLU D 386 -29.26 -59.49 -12.09
N GLY D 387 -29.15 -58.27 -11.55
CA GLY D 387 -28.45 -58.00 -10.30
C GLY D 387 -27.07 -57.37 -10.47
N LYS D 388 -26.67 -57.14 -11.72
CA LYS D 388 -25.31 -56.67 -12.04
C LYS D 388 -25.04 -55.28 -11.46
N TYR D 389 -25.91 -54.33 -11.80
CA TYR D 389 -25.81 -52.96 -11.30
C TYR D 389 -27.01 -52.62 -10.43
N ALA D 390 -26.77 -51.78 -9.43
CA ALA D 390 -27.84 -51.00 -8.81
C ALA D 390 -28.17 -49.88 -9.79
N TRP D 391 -29.38 -49.35 -9.70
CA TRP D 391 -29.75 -48.15 -10.44
C TRP D 391 -30.29 -47.11 -9.49
N SER D 392 -30.37 -45.88 -9.99
CA SER D 392 -30.80 -44.75 -9.20
C SER D 392 -31.18 -43.57 -10.09
N ILE D 393 -32.36 -43.01 -9.82
CA ILE D 393 -32.83 -41.81 -10.51
C ILE D 393 -32.58 -40.63 -9.57
N LEU D 394 -31.87 -39.63 -10.09
CA LEU D 394 -31.24 -38.57 -9.29
C LEU D 394 -31.57 -37.18 -9.82
N LEU D 395 -31.80 -36.24 -8.91
CA LEU D 395 -32.09 -34.84 -9.26
C LEU D 395 -31.04 -33.88 -8.74
N ASP D 396 -30.77 -32.83 -9.52
CA ASP D 396 -30.08 -31.64 -9.00
C ASP D 396 -31.08 -30.79 -8.23
N ARG D 397 -30.59 -29.95 -7.32
CA ARG D 397 -31.46 -29.22 -6.35
C ARG D 397 -32.61 -28.43 -6.97
N SER D 398 -32.35 -27.83 -8.13
CA SER D 398 -33.38 -27.10 -8.89
C SER D 398 -34.44 -28.03 -9.50
N GLN D 399 -34.15 -29.33 -9.56
CA GLN D 399 -35.05 -30.38 -10.07
C GLN D 399 -35.35 -30.19 -11.55
N THR D 400 -34.41 -29.56 -12.25
CA THR D 400 -34.51 -29.31 -13.68
C THR D 400 -33.71 -30.33 -14.50
N ARG D 401 -32.84 -31.10 -13.84
CA ARG D 401 -32.09 -32.19 -14.48
C ARG D 401 -32.37 -33.51 -13.78
N LEU D 402 -32.52 -34.57 -14.58
CA LEU D 402 -32.70 -35.93 -14.07
C LEU D 402 -31.64 -36.85 -14.68
N GLN D 403 -31.11 -37.77 -13.87
CA GLN D 403 -30.12 -38.76 -14.32
C GLN D 403 -30.51 -40.16 -13.85
N ILE D 404 -30.55 -41.12 -14.77
CA ILE D 404 -30.68 -42.53 -14.43
C ILE D 404 -29.25 -43.08 -14.43
N VAL D 405 -28.79 -43.55 -13.28
CA VAL D 405 -27.38 -43.94 -13.10
C VAL D 405 -27.24 -45.37 -12.60
N LEU D 406 -26.45 -46.17 -13.31
CA LEU D 406 -26.05 -47.49 -12.86
C LEU D 406 -24.83 -47.39 -11.96
N ILE D 407 -24.95 -47.97 -10.77
CA ILE D 407 -23.94 -47.87 -9.71
C ILE D 407 -23.45 -49.28 -9.40
N SER D 408 -22.36 -49.68 -10.06
CA SER D 408 -21.80 -51.03 -9.92
C SER D 408 -21.38 -51.32 -8.47
N PRO D 409 -21.70 -52.54 -7.95
CA PRO D 409 -21.27 -52.93 -6.59
C PRO D 409 -19.78 -52.76 -6.33
N GLU D 410 -18.95 -52.98 -7.36
CA GLU D 410 -17.49 -52.76 -7.29
C GLU D 410 -17.07 -51.33 -6.94
N LEU D 411 -17.94 -50.35 -7.19
CA LEU D 411 -17.71 -48.96 -6.71
C LEU D 411 -17.68 -48.83 -5.18
N PHE D 412 -18.26 -49.80 -4.48
CA PHE D 412 -18.23 -49.82 -3.02
C PHE D 412 -17.02 -50.56 -2.47
N ILE D 413 -16.21 -49.85 -1.68
CA ILE D 413 -15.11 -50.44 -0.89
C ILE D 413 -15.57 -50.62 0.56
N PRO D 414 -14.92 -51.53 1.32
CA PRO D 414 -15.23 -51.61 2.75
C PRO D 414 -14.96 -50.32 3.50
N VAL D 415 -15.75 -50.06 4.54
CA VAL D 415 -15.45 -48.98 5.48
C VAL D 415 -14.27 -49.43 6.32
N GLU D 416 -13.17 -48.68 6.24
CA GLU D 416 -11.99 -48.91 7.07
C GLU D 416 -11.56 -47.61 7.75
N ASP D 417 -11.13 -47.72 9.00
CA ASP D 417 -10.57 -46.58 9.73
C ASP D 417 -9.07 -46.44 9.47
N ASP D 418 -8.36 -47.58 9.45
CA ASP D 418 -6.92 -47.62 9.18
C ASP D 418 -6.61 -47.04 7.81
N VAL D 419 -5.84 -45.94 7.79
CA VAL D 419 -5.60 -45.16 6.56
C VAL D 419 -4.77 -45.90 5.50
N MET D 420 -3.89 -46.80 5.93
CA MET D 420 -3.04 -47.58 5.02
C MET D 420 -3.77 -48.74 4.35
N GLU D 421 -4.76 -49.33 5.05
CA GLU D 421 -5.63 -50.34 4.46
C GLU D 421 -6.61 -49.71 3.46
N ARG D 422 -7.15 -48.53 3.81
CA ARG D 422 -7.99 -47.75 2.89
C ARG D 422 -7.29 -47.55 1.55
N GLN D 423 -6.06 -47.04 1.62
CA GLN D 423 -5.22 -46.82 0.44
C GLN D 423 -5.16 -48.03 -0.49
N ARG D 424 -4.89 -49.20 0.11
CA ARG D 424 -4.83 -50.46 -0.63
C ARG D 424 -6.18 -50.82 -1.26
N LEU D 425 -7.25 -50.70 -0.48
CA LEU D 425 -8.61 -51.03 -0.94
C LEU D 425 -9.12 -50.13 -2.06
N ILE D 426 -8.67 -48.86 -2.06
CA ILE D 426 -8.99 -47.92 -3.14
C ILE D 426 -8.22 -48.33 -4.41
N GLU D 427 -6.91 -48.43 -4.29
CA GLU D 427 -6.01 -48.79 -5.41
C GLU D 427 -6.40 -50.09 -6.13
N SER D 428 -6.79 -51.09 -5.34
CA SER D 428 -7.18 -52.41 -5.85
C SER D 428 -8.38 -52.39 -6.80
N VAL D 429 -9.33 -51.49 -6.56
CA VAL D 429 -10.51 -51.30 -7.41
C VAL D 429 -10.07 -50.53 -8.66
N PRO D 430 -10.35 -51.07 -9.86
CA PRO D 430 -9.79 -50.46 -11.08
C PRO D 430 -10.50 -49.19 -11.51
N ASP D 431 -9.90 -48.51 -12.47
CA ASP D 431 -10.41 -47.23 -12.97
C ASP D 431 -11.53 -47.38 -14.00
N SER D 432 -11.55 -48.53 -14.69
CA SER D 432 -12.62 -48.86 -15.64
C SER D 432 -14.00 -48.94 -14.98
N VAL D 433 -14.03 -49.40 -13.72
CA VAL D 433 -15.25 -49.41 -12.90
C VAL D 433 -15.59 -47.97 -12.52
N THR D 434 -16.79 -47.54 -12.90
CA THR D 434 -17.16 -46.13 -12.87
C THR D 434 -18.69 -45.98 -12.91
N PRO D 435 -19.25 -44.94 -12.25
CA PRO D 435 -20.71 -44.75 -12.37
C PRO D 435 -21.13 -44.46 -13.81
N LEU D 436 -22.13 -45.17 -14.29
CA LEU D 436 -22.57 -45.10 -15.68
C LEU D 436 -23.92 -44.38 -15.77
N ILE D 437 -23.88 -43.10 -16.16
CA ILE D 437 -25.11 -42.33 -16.43
C ILE D 437 -25.69 -42.83 -17.76
N ILE D 438 -26.78 -43.59 -17.67
CA ILE D 438 -27.41 -44.21 -18.85
C ILE D 438 -28.49 -43.35 -19.52
N TYR D 439 -28.86 -42.25 -18.86
CA TYR D 439 -29.86 -41.32 -19.41
C TYR D 439 -29.84 -40.02 -18.61
N GLU D 440 -29.65 -38.90 -19.30
CA GLU D 440 -29.71 -37.57 -18.68
C GLU D 440 -30.69 -36.72 -19.47
N GLU D 441 -31.57 -36.02 -18.76
CA GLU D 441 -32.52 -35.10 -19.37
C GLU D 441 -32.66 -33.82 -18.57
N THR D 442 -33.02 -32.75 -19.26
CA THR D 442 -33.22 -31.42 -18.68
C THR D 442 -34.53 -30.80 -19.15
N THR D 443 -34.95 -29.76 -18.46
CA THR D 443 -36.10 -28.95 -18.86
C THR D 443 -36.08 -27.60 -18.17
N ASP D 444 -36.76 -26.62 -18.79
CA ASP D 444 -36.89 -25.28 -18.23
C ASP D 444 -38.12 -25.11 -17.32
N ILE D 445 -38.97 -26.15 -17.24
CA ILE D 445 -40.15 -26.14 -16.36
C ILE D 445 -39.80 -26.88 -15.06
N TRP D 446 -39.91 -28.21 -15.02
CA TRP D 446 -39.42 -29.03 -13.90
C TRP D 446 -39.59 -30.51 -14.19
N ILE D 447 -38.78 -31.33 -13.53
CA ILE D 447 -38.91 -32.79 -13.62
C ILE D 447 -39.95 -33.26 -12.60
N ASN D 448 -41.07 -33.76 -13.10
CA ASN D 448 -42.05 -34.50 -12.29
C ASN D 448 -41.61 -35.95 -12.21
N ILE D 449 -41.33 -36.42 -10.99
CA ILE D 449 -40.85 -37.79 -10.77
C ILE D 449 -42.01 -38.79 -10.92
N HIS D 450 -41.67 -39.99 -11.39
CA HIS D 450 -42.65 -41.04 -11.59
C HIS D 450 -42.05 -42.42 -11.32
N ASP D 451 -42.96 -43.38 -11.17
CA ASP D 451 -42.62 -44.76 -10.81
C ASP D 451 -42.30 -45.66 -12.02
N ILE D 452 -42.54 -45.16 -13.23
CA ILE D 452 -42.17 -45.87 -14.46
C ILE D 452 -40.65 -45.95 -14.66
N PHE D 453 -40.14 -47.18 -14.74
CA PHE D 453 -38.78 -47.50 -15.19
C PHE D 453 -38.65 -49.03 -15.32
N HIS D 454 -38.53 -49.51 -16.56
CA HIS D 454 -38.43 -50.95 -16.84
C HIS D 454 -37.12 -51.30 -17.54
N VAL D 455 -36.36 -52.23 -16.96
CA VAL D 455 -35.12 -52.74 -17.56
C VAL D 455 -35.38 -54.11 -18.18
N PHE D 456 -34.76 -54.36 -19.33
CA PHE D 456 -34.83 -55.67 -19.99
C PHE D 456 -33.65 -56.54 -19.60
N PRO D 457 -33.73 -57.87 -19.84
CA PRO D 457 -32.58 -58.75 -19.65
C PRO D 457 -31.32 -58.36 -20.43
N GLN D 458 -30.16 -58.72 -19.89
CA GLN D 458 -28.87 -58.36 -20.50
C GLN D 458 -28.68 -59.11 -21.82
N SER D 459 -29.10 -58.47 -22.91
CA SER D 459 -28.97 -59.04 -24.26
C SER D 459 -27.52 -59.04 -24.72
N HIS D 460 -26.88 -57.87 -24.63
CA HIS D 460 -25.46 -57.68 -24.98
C HIS D 460 -24.74 -57.08 -23.77
N GLU D 461 -23.54 -57.59 -23.47
CA GLU D 461 -22.82 -57.25 -22.22
C GLU D 461 -22.49 -55.76 -22.07
N GLU D 462 -22.24 -55.09 -23.19
CA GLU D 462 -21.86 -53.67 -23.19
C GLU D 462 -23.02 -52.72 -23.56
N GLU D 463 -24.26 -53.18 -23.38
CA GLU D 463 -25.46 -52.39 -23.67
C GLU D 463 -26.51 -52.56 -22.57
N ILE D 464 -27.58 -51.76 -22.64
CA ILE D 464 -28.71 -51.88 -21.71
C ILE D 464 -30.01 -51.32 -22.31
N GLU D 465 -30.89 -52.22 -22.74
CA GLU D 465 -32.25 -51.83 -23.15
C GLU D 465 -33.07 -51.52 -21.91
N PHE D 466 -33.83 -50.43 -21.95
CA PHE D 466 -34.82 -50.12 -20.92
C PHE D 466 -35.97 -49.28 -21.48
N ILE D 467 -36.99 -49.08 -20.64
CA ILE D 467 -38.11 -48.18 -20.95
C ILE D 467 -38.23 -47.17 -19.81
N PHE D 468 -38.35 -45.90 -20.18
CA PHE D 468 -38.50 -44.79 -19.24
C PHE D 468 -39.58 -43.88 -19.81
N ALA D 469 -40.17 -43.06 -18.95
CA ALA D 469 -41.12 -42.03 -19.37
C ALA D 469 -40.54 -40.65 -19.12
N SER D 470 -40.92 -39.70 -19.96
CA SER D 470 -40.38 -38.34 -19.90
C SER D 470 -41.30 -37.32 -20.56
N GLU D 471 -41.60 -36.25 -19.82
CA GLU D 471 -42.27 -35.09 -20.39
C GLU D 471 -41.32 -34.24 -21.25
N CYS D 472 -40.08 -34.06 -20.77
CA CYS D 472 -39.07 -33.16 -21.36
C CYS D 472 -39.05 -32.98 -22.89
N LYS D 473 -39.16 -34.08 -23.62
CA LYS D 473 -39.02 -34.06 -25.09
C LYS D 473 -40.19 -33.33 -25.75
N THR D 474 -41.39 -33.90 -25.58
CA THR D 474 -42.62 -33.40 -26.20
C THR D 474 -43.41 -32.37 -25.36
N GLY D 475 -43.02 -32.19 -24.10
CA GLY D 475 -43.83 -31.43 -23.13
C GLY D 475 -45.07 -32.17 -22.64
N PHE D 476 -45.09 -33.48 -22.89
CA PHE D 476 -46.19 -34.38 -22.50
C PHE D 476 -45.56 -35.73 -22.20
N ARG D 477 -45.93 -36.34 -21.07
CA ARG D 477 -45.26 -37.55 -20.60
C ARG D 477 -45.51 -38.72 -21.55
N HIS D 478 -44.43 -39.32 -22.04
CA HIS D 478 -44.52 -40.46 -22.96
C HIS D 478 -43.42 -41.47 -22.71
N LEU D 479 -43.64 -42.68 -23.21
CA LEU D 479 -42.73 -43.80 -23.00
C LEU D 479 -41.70 -43.85 -24.12
N TYR D 480 -40.48 -44.29 -23.80
CA TYR D 480 -39.37 -44.38 -24.77
C TYR D 480 -38.52 -45.62 -24.50
N LYS D 481 -38.22 -46.40 -25.55
CA LYS D 481 -37.39 -47.61 -25.43
C LYS D 481 -35.92 -47.26 -25.69
N ILE D 482 -35.30 -46.61 -24.70
CA ILE D 482 -33.92 -46.15 -24.80
C ILE D 482 -32.93 -47.32 -24.61
N THR D 483 -31.88 -47.32 -25.43
CA THR D 483 -30.79 -48.29 -25.34
C THR D 483 -29.47 -47.53 -25.23
N SER D 484 -28.71 -47.79 -24.18
CA SER D 484 -27.45 -47.09 -23.91
C SER D 484 -26.25 -48.02 -23.94
N ILE D 485 -25.09 -47.46 -24.29
CA ILE D 485 -23.85 -48.22 -24.45
C ILE D 485 -22.96 -47.95 -23.25
N LEU D 486 -22.59 -49.02 -22.54
CA LEU D 486 -21.81 -48.95 -21.32
C LEU D 486 -20.32 -48.91 -21.68
N LYS D 487 -19.84 -47.70 -21.99
CA LYS D 487 -18.46 -47.50 -22.38
C LYS D 487 -17.59 -47.22 -21.16
N GLU D 488 -16.31 -47.54 -21.29
CA GLU D 488 -15.29 -47.21 -20.29
C GLU D 488 -15.13 -45.69 -20.25
N SER D 489 -15.10 -45.13 -19.04
CA SER D 489 -15.01 -43.67 -18.88
C SER D 489 -13.58 -43.21 -19.09
N LYS D 490 -13.42 -42.03 -19.68
CA LYS D 490 -12.10 -41.41 -19.87
C LYS D 490 -11.56 -40.74 -18.60
N TYR D 491 -12.34 -40.79 -17.52
CA TYR D 491 -11.83 -40.46 -16.19
C TYR D 491 -11.12 -41.66 -15.58
N LYS D 492 -9.96 -41.40 -14.97
CA LYS D 492 -9.18 -42.41 -14.26
C LYS D 492 -8.82 -41.89 -12.86
N ARG D 493 -9.22 -42.65 -11.83
CA ARG D 493 -8.91 -42.29 -10.43
C ARG D 493 -7.41 -42.23 -10.13
N SER D 494 -6.63 -43.09 -10.79
CA SER D 494 -5.18 -43.13 -10.65
C SER D 494 -4.52 -41.77 -10.85
N SER D 495 -4.98 -41.05 -11.86
CA SER D 495 -4.57 -39.66 -12.12
C SER D 495 -4.79 -38.77 -10.91
N GLY D 496 -5.92 -38.95 -10.22
CA GLY D 496 -6.20 -38.31 -8.94
C GLY D 496 -6.91 -36.97 -9.04
N GLY D 497 -7.37 -36.61 -10.23
CA GLY D 497 -8.17 -35.39 -10.43
C GLY D 497 -9.64 -35.63 -10.13
N LEU D 498 -10.44 -34.57 -10.28
CA LEU D 498 -11.90 -34.66 -10.19
C LEU D 498 -12.47 -34.81 -11.60
N PRO D 499 -13.51 -35.66 -11.78
CA PRO D 499 -14.02 -35.96 -13.13
C PRO D 499 -14.71 -34.78 -13.84
N ALA D 500 -14.58 -34.77 -15.17
CA ALA D 500 -15.24 -33.79 -16.03
C ALA D 500 -16.74 -34.08 -16.12
N PRO D 501 -17.55 -33.11 -16.62
CA PRO D 501 -19.02 -33.26 -16.61
C PRO D 501 -19.55 -34.47 -17.39
N SER D 502 -19.02 -34.67 -18.60
CA SER D 502 -19.47 -35.74 -19.50
C SER D 502 -18.63 -37.02 -19.44
N ASP D 503 -17.79 -37.17 -18.41
CA ASP D 503 -16.95 -38.38 -18.26
C ASP D 503 -17.79 -39.63 -18.04
N PHE D 504 -18.80 -39.53 -17.18
CA PHE D 504 -19.66 -40.67 -16.84
C PHE D 504 -20.82 -40.92 -17.80
N LYS D 505 -21.11 -39.97 -18.69
CA LYS D 505 -22.26 -40.10 -19.60
C LYS D 505 -22.08 -41.19 -20.64
N CYS D 506 -23.07 -42.09 -20.73
CA CYS D 506 -23.15 -43.10 -21.78
C CYS D 506 -23.85 -42.51 -23.00
N PRO D 507 -23.39 -42.87 -24.22
CA PRO D 507 -24.12 -42.48 -25.42
C PRO D 507 -25.32 -43.38 -25.68
N ILE D 508 -26.29 -42.87 -26.43
CA ILE D 508 -27.53 -43.59 -26.75
C ILE D 508 -27.37 -44.27 -28.10
N LYS D 509 -27.58 -45.58 -28.15
CA LYS D 509 -27.56 -46.34 -29.41
C LYS D 509 -28.86 -46.12 -30.20
N GLU D 510 -29.99 -46.15 -29.49
CA GLU D 510 -31.29 -45.81 -30.09
C GLU D 510 -32.30 -45.37 -29.02
N GLU D 511 -32.98 -44.26 -29.29
CA GLU D 511 -34.09 -43.79 -28.47
C GLU D 511 -35.36 -43.80 -29.33
N ILE D 512 -36.06 -44.93 -29.28
CA ILE D 512 -37.34 -45.09 -29.97
C ILE D 512 -38.43 -44.48 -29.08
N ALA D 513 -39.37 -43.77 -29.70
CA ALA D 513 -40.55 -43.25 -29.00
C ALA D 513 -41.68 -44.26 -29.15
N ILE D 514 -42.27 -44.66 -28.03
CA ILE D 514 -43.34 -45.66 -28.01
C ILE D 514 -44.70 -44.97 -28.19
N THR D 515 -44.95 -43.93 -27.40
CA THR D 515 -46.17 -43.11 -27.51
C THR D 515 -45.85 -41.66 -27.83
N SER D 516 -46.85 -40.94 -28.33
CA SER D 516 -46.75 -39.51 -28.61
C SER D 516 -48.13 -38.91 -28.81
N GLY D 517 -48.21 -37.58 -28.70
CA GLY D 517 -49.48 -36.83 -28.82
C GLY D 517 -49.66 -35.86 -27.67
N GLU D 518 -50.71 -35.04 -27.75
CA GLU D 518 -51.00 -34.03 -26.71
C GLU D 518 -51.84 -34.62 -25.57
N TRP D 519 -51.25 -35.63 -24.93
CA TRP D 519 -51.85 -36.37 -23.82
C TRP D 519 -50.71 -37.09 -23.10
N GLU D 520 -50.91 -37.39 -21.81
CA GLU D 520 -49.83 -37.92 -20.98
C GLU D 520 -50.03 -39.38 -20.57
N VAL D 521 -48.92 -40.10 -20.42
CA VAL D 521 -48.88 -41.37 -19.71
C VAL D 521 -48.91 -41.06 -18.21
N LEU D 522 -49.45 -41.98 -17.42
CA LEU D 522 -49.58 -41.82 -15.97
C LEU D 522 -48.58 -42.70 -15.24
N GLY D 523 -47.94 -42.13 -14.21
CA GLY D 523 -46.89 -42.84 -13.45
C GLY D 523 -46.76 -42.49 -11.98
N ARG D 524 -47.88 -42.22 -11.33
CA ARG D 524 -47.94 -42.01 -9.88
C ARG D 524 -49.22 -42.58 -9.30
N HIS D 525 -49.30 -42.64 -7.97
CA HIS D 525 -50.51 -43.03 -7.23
C HIS D 525 -51.07 -44.40 -7.63
N GLY D 526 -50.18 -45.35 -7.95
CA GLY D 526 -50.56 -46.69 -8.41
C GLY D 526 -50.38 -46.93 -9.90
N SER D 527 -50.40 -45.86 -10.69
CA SER D 527 -50.20 -45.95 -12.13
C SER D 527 -48.76 -46.35 -12.47
N ASN D 528 -48.62 -47.28 -13.39
CA ASN D 528 -47.31 -47.70 -13.89
C ASN D 528 -47.51 -48.38 -15.26
N ILE D 529 -46.55 -49.20 -15.68
CA ILE D 529 -46.66 -49.97 -16.91
C ILE D 529 -46.47 -51.46 -16.62
N GLN D 530 -46.87 -52.29 -17.56
CA GLN D 530 -46.61 -53.72 -17.51
C GLN D 530 -46.11 -54.15 -18.89
N VAL D 531 -44.98 -54.86 -18.91
CA VAL D 531 -44.25 -55.16 -20.14
C VAL D 531 -44.37 -56.64 -20.46
N ASP D 532 -45.17 -56.95 -21.48
CA ASP D 532 -45.22 -58.30 -22.04
C ASP D 532 -43.96 -58.49 -22.89
N GLU D 533 -42.96 -59.13 -22.30
CA GLU D 533 -41.68 -59.40 -22.99
C GLU D 533 -41.78 -60.52 -24.03
N VAL D 534 -42.81 -61.35 -23.92
CA VAL D 534 -43.04 -62.45 -24.87
C VAL D 534 -43.61 -61.87 -26.16
N ARG D 535 -44.76 -61.21 -26.04
CA ARG D 535 -45.43 -60.55 -27.17
C ARG D 535 -44.78 -59.22 -27.57
N ARG D 536 -43.89 -58.70 -26.71
CA ARG D 536 -43.13 -57.47 -26.96
C ARG D 536 -44.06 -56.25 -27.05
N LEU D 537 -44.88 -56.10 -26.02
CA LEU D 537 -45.86 -55.02 -25.88
C LEU D 537 -45.76 -54.39 -24.48
N VAL D 538 -46.38 -53.22 -24.33
CA VAL D 538 -46.37 -52.48 -23.06
C VAL D 538 -47.74 -51.88 -22.77
N TYR D 539 -48.33 -52.33 -21.66
CA TYR D 539 -49.60 -51.80 -21.17
C TYR D 539 -49.30 -50.57 -20.32
N PHE D 540 -50.19 -49.58 -20.35
CA PHE D 540 -50.01 -48.34 -19.58
C PHE D 540 -51.32 -47.57 -19.40
N GLU D 541 -51.31 -46.64 -18.45
CA GLU D 541 -52.45 -45.76 -18.22
C GLU D 541 -52.19 -44.40 -18.86
N GLY D 542 -53.26 -43.78 -19.38
CA GLY D 542 -53.14 -42.51 -20.10
C GLY D 542 -54.41 -41.69 -20.17
N THR D 543 -54.27 -40.49 -20.73
CA THR D 543 -55.37 -39.53 -20.92
C THR D 543 -55.63 -39.27 -22.40
N LYS D 544 -55.43 -40.29 -23.25
CA LYS D 544 -55.49 -40.12 -24.71
C LYS D 544 -56.90 -39.84 -25.20
N ASP D 545 -57.89 -40.50 -24.59
CA ASP D 545 -59.30 -40.23 -24.90
C ASP D 545 -59.78 -38.91 -24.31
N SER D 546 -59.36 -38.60 -23.09
CA SER D 546 -59.74 -37.34 -22.43
C SER D 546 -58.82 -37.03 -21.25
N PRO D 547 -58.61 -35.72 -20.95
CA PRO D 547 -58.00 -35.34 -19.67
C PRO D 547 -58.93 -35.52 -18.46
N LEU D 548 -60.22 -35.77 -18.70
CA LEU D 548 -61.19 -36.09 -17.65
C LEU D 548 -61.32 -37.59 -17.32
N GLU D 549 -60.63 -38.45 -18.08
CA GLU D 549 -60.74 -39.90 -17.92
C GLU D 549 -59.41 -40.62 -18.07
N HIS D 550 -59.00 -41.35 -17.04
CA HIS D 550 -57.86 -42.26 -17.10
C HIS D 550 -58.32 -43.55 -17.78
N HIS D 551 -57.44 -44.17 -18.56
CA HIS D 551 -57.77 -45.39 -19.30
C HIS D 551 -56.54 -46.28 -19.45
N LEU D 552 -56.77 -47.58 -19.62
CA LEU D 552 -55.71 -48.54 -19.92
C LEU D 552 -55.57 -48.67 -21.43
N TYR D 553 -54.33 -48.61 -21.91
CA TYR D 553 -54.01 -48.86 -23.33
C TYR D 553 -52.84 -49.84 -23.43
N VAL D 554 -52.67 -50.40 -24.63
CA VAL D 554 -51.54 -51.30 -24.95
C VAL D 554 -50.93 -50.86 -26.28
N VAL D 555 -49.64 -51.15 -26.45
CA VAL D 555 -48.91 -50.80 -27.66
C VAL D 555 -47.63 -51.66 -27.75
N SER D 556 -47.17 -51.91 -28.96
CA SER D 556 -45.88 -52.56 -29.18
C SER D 556 -44.78 -51.53 -28.98
N TYR D 557 -43.69 -51.94 -28.34
CA TYR D 557 -42.52 -51.07 -28.16
C TYR D 557 -41.42 -51.33 -29.23
N VAL D 558 -41.60 -52.35 -30.06
CA VAL D 558 -40.64 -52.71 -31.10
C VAL D 558 -40.91 -51.86 -32.35
N ASN D 559 -42.10 -52.00 -32.92
CA ASN D 559 -42.56 -51.20 -34.06
C ASN D 559 -43.84 -50.48 -33.63
N PRO D 560 -43.70 -49.40 -32.83
CA PRO D 560 -44.87 -48.72 -32.27
C PRO D 560 -45.73 -48.02 -33.31
N GLY D 561 -47.03 -48.14 -33.15
CA GLY D 561 -48.00 -47.42 -33.98
C GLY D 561 -49.30 -47.22 -33.24
N GLU D 562 -50.26 -48.12 -33.47
CA GLU D 562 -51.60 -48.00 -32.89
C GLU D 562 -51.58 -48.25 -31.39
N VAL D 563 -52.37 -47.47 -30.66
CA VAL D 563 -52.49 -47.58 -29.22
C VAL D 563 -53.92 -48.08 -28.92
N THR D 564 -54.03 -49.39 -28.78
CA THR D 564 -55.34 -50.06 -28.57
C THR D 564 -55.81 -49.83 -27.13
N ARG D 565 -56.89 -49.05 -26.98
CA ARG D 565 -57.50 -48.83 -25.66
C ARG D 565 -58.20 -50.11 -25.21
N LEU D 566 -58.12 -50.38 -23.92
CA LEU D 566 -58.64 -51.62 -23.31
C LEU D 566 -59.82 -51.43 -22.35
N THR D 567 -60.08 -50.20 -21.91
CA THR D 567 -61.17 -49.91 -20.97
C THR D 567 -62.35 -49.23 -21.67
N ASP D 568 -63.56 -49.50 -21.18
CA ASP D 568 -64.79 -48.93 -21.74
C ASP D 568 -64.82 -47.42 -21.57
N ARG D 569 -65.37 -46.69 -22.55
CA ARG D 569 -65.49 -45.23 -22.47
C ARG D 569 -66.49 -44.83 -21.37
N GLY D 570 -66.40 -43.59 -20.93
CA GLY D 570 -67.35 -43.03 -19.95
C GLY D 570 -67.08 -43.25 -18.47
N TYR D 571 -65.96 -43.89 -18.14
CA TYR D 571 -65.47 -44.04 -16.77
C TYR D 571 -64.01 -43.59 -16.70
N SER D 572 -63.53 -43.30 -15.49
CA SER D 572 -62.11 -43.00 -15.24
C SER D 572 -61.51 -44.11 -14.37
N HIS D 573 -60.59 -44.87 -14.96
CA HIS D 573 -60.14 -46.16 -14.43
C HIS D 573 -58.79 -46.04 -13.73
N SER D 574 -58.67 -46.63 -12.56
CA SER D 574 -57.38 -46.98 -11.97
C SER D 574 -57.19 -48.47 -12.22
N CYS D 575 -56.21 -48.80 -13.05
CA CYS D 575 -56.06 -50.16 -13.59
C CYS D 575 -54.86 -50.91 -13.01
N CYS D 576 -54.83 -52.21 -13.29
CA CYS D 576 -53.83 -53.12 -12.75
C CYS D 576 -53.80 -54.41 -13.57
N ILE D 577 -52.64 -54.71 -14.15
CA ILE D 577 -52.48 -55.82 -15.10
C ILE D 577 -51.75 -56.96 -14.41
N SER D 578 -52.14 -58.19 -14.72
CA SER D 578 -51.48 -59.39 -14.18
C SER D 578 -50.01 -59.41 -14.58
N GLN D 579 -49.17 -59.99 -13.71
CA GLN D 579 -47.76 -60.23 -14.04
C GLN D 579 -47.62 -61.13 -15.28
N HIS D 580 -48.60 -62.01 -15.50
CA HIS D 580 -48.64 -62.90 -16.65
C HIS D 580 -49.20 -62.26 -17.94
N CYS D 581 -49.76 -61.05 -17.83
CA CYS D 581 -50.33 -60.29 -18.97
C CYS D 581 -51.49 -60.98 -19.70
N ASP D 582 -52.20 -61.88 -19.00
CA ASP D 582 -53.39 -62.54 -19.55
C ASP D 582 -54.67 -62.16 -18.80
N PHE D 583 -54.58 -61.14 -17.94
CA PHE D 583 -55.71 -60.61 -17.18
C PHE D 583 -55.44 -59.15 -16.83
N PHE D 584 -56.51 -58.41 -16.56
CA PHE D 584 -56.37 -57.08 -15.94
C PHE D 584 -57.61 -56.68 -15.12
N ILE D 585 -57.36 -55.98 -14.01
CA ILE D 585 -58.41 -55.52 -13.10
C ILE D 585 -58.49 -54.00 -13.24
N SER D 586 -59.66 -53.44 -12.96
CA SER D 586 -59.90 -52.01 -13.06
C SER D 586 -60.81 -51.50 -11.95
N LYS D 587 -60.33 -50.51 -11.21
CA LYS D 587 -61.16 -49.77 -10.25
C LYS D 587 -61.76 -48.56 -10.97
N TYR D 588 -62.82 -48.82 -11.72
CA TYR D 588 -63.50 -47.77 -12.51
C TYR D 588 -64.65 -47.12 -11.75
N SER D 589 -64.94 -45.87 -12.14
CA SER D 589 -66.10 -45.13 -11.64
C SER D 589 -66.39 -43.98 -12.60
N ASN D 590 -67.50 -43.27 -12.37
CA ASN D 590 -67.80 -42.02 -13.09
C ASN D 590 -68.61 -41.08 -12.21
N GLN D 591 -69.08 -39.98 -12.77
CA GLN D 591 -69.72 -38.90 -12.00
C GLN D 591 -71.02 -39.33 -11.31
N LYS D 592 -71.82 -40.15 -11.99
CA LYS D 592 -73.06 -40.70 -11.42
C LYS D 592 -72.84 -41.96 -10.57
N ASN D 593 -72.07 -42.90 -11.09
CA ASN D 593 -71.91 -44.24 -10.48
C ASN D 593 -70.71 -44.31 -9.54
N PRO D 594 -70.90 -44.74 -8.28
CA PRO D 594 -69.75 -45.04 -7.42
C PRO D 594 -68.85 -46.15 -7.93
N HIS D 595 -67.70 -46.31 -7.28
CA HIS D 595 -66.63 -47.16 -7.82
C HIS D 595 -66.94 -48.65 -7.75
N CYS D 596 -66.61 -49.35 -8.83
CA CYS D 596 -66.68 -50.80 -8.92
C CYS D 596 -65.27 -51.30 -9.16
N VAL D 597 -65.07 -52.60 -8.99
CA VAL D 597 -63.84 -53.27 -9.39
C VAL D 597 -64.25 -54.53 -10.15
N SER D 598 -63.75 -54.67 -11.38
CA SER D 598 -64.05 -55.84 -12.21
C SER D 598 -62.79 -56.42 -12.85
N LEU D 599 -62.83 -57.72 -13.11
CA LEU D 599 -61.73 -58.44 -13.76
C LEU D 599 -62.01 -58.58 -15.26
N TYR D 600 -60.96 -58.50 -16.08
CA TYR D 600 -61.08 -58.65 -17.53
C TYR D 600 -59.97 -59.54 -18.08
N LYS D 601 -60.35 -60.51 -18.91
CA LYS D 601 -59.39 -61.44 -19.54
C LYS D 601 -58.90 -60.84 -20.86
N LEU D 602 -57.58 -60.92 -21.07
CA LEU D 602 -56.94 -60.45 -22.28
C LEU D 602 -56.71 -61.62 -23.23
N SER D 603 -57.12 -61.44 -24.48
CA SER D 603 -56.97 -62.47 -25.52
C SER D 603 -56.51 -61.86 -26.82
N SER D 604 -55.59 -62.54 -27.49
CA SER D 604 -55.14 -62.16 -28.83
C SER D 604 -55.88 -63.01 -29.87
N PRO D 605 -56.24 -62.41 -31.03
CA PRO D 605 -56.67 -63.27 -32.13
C PRO D 605 -55.52 -64.14 -32.65
N GLU D 606 -55.84 -65.32 -33.16
CA GLU D 606 -54.84 -66.36 -33.47
C GLU D 606 -53.79 -65.95 -34.53
N ASP D 607 -54.19 -65.10 -35.47
CA ASP D 607 -53.31 -64.62 -36.54
C ASP D 607 -52.24 -63.62 -36.09
N ASP D 608 -52.55 -62.82 -35.06
CA ASP D 608 -51.73 -61.67 -34.66
C ASP D 608 -51.68 -61.52 -33.13
N PRO D 609 -50.69 -62.15 -32.48
CA PRO D 609 -50.41 -61.98 -31.03
C PRO D 609 -50.26 -60.52 -30.55
N THR D 610 -49.83 -59.62 -31.44
CA THR D 610 -49.77 -58.17 -31.15
C THR D 610 -51.12 -57.57 -30.76
N CYS D 611 -52.21 -58.08 -31.33
CA CYS D 611 -53.55 -57.54 -31.04
C CYS D 611 -54.05 -58.04 -29.69
N LYS D 612 -54.74 -57.15 -28.96
CA LYS D 612 -55.33 -57.47 -27.66
C LYS D 612 -56.78 -57.02 -27.59
N THR D 613 -57.66 -57.98 -27.30
CA THR D 613 -59.07 -57.72 -27.01
C THR D 613 -59.37 -58.14 -25.58
N LYS D 614 -60.18 -57.34 -24.90
CA LYS D 614 -60.62 -57.65 -23.54
C LYS D 614 -61.88 -58.49 -23.53
N GLU D 615 -62.25 -58.92 -22.32
CA GLU D 615 -63.55 -59.55 -22.07
C GLU D 615 -63.81 -59.52 -20.57
N PHE D 616 -65.00 -59.02 -20.19
CA PHE D 616 -65.48 -59.09 -18.81
C PHE D 616 -65.40 -60.53 -18.32
N TRP D 617 -64.81 -60.74 -17.14
CA TRP D 617 -64.71 -62.08 -16.55
C TRP D 617 -65.54 -62.19 -15.28
N ALA D 618 -65.31 -61.27 -14.34
CA ALA D 618 -66.02 -61.28 -13.06
C ALA D 618 -66.02 -59.91 -12.39
N THR D 619 -66.82 -59.81 -11.33
CA THR D 619 -66.83 -58.63 -10.47
C THR D 619 -66.11 -58.96 -9.16
N ILE D 620 -65.13 -58.13 -8.82
CA ILE D 620 -64.40 -58.23 -7.56
C ILE D 620 -65.19 -57.47 -6.48
N LEU D 621 -65.64 -56.26 -6.80
CA LEU D 621 -66.52 -55.48 -5.93
C LEU D 621 -67.60 -54.80 -6.74
N ASP D 622 -68.87 -55.16 -6.47
CA ASP D 622 -70.01 -54.49 -7.10
C ASP D 622 -70.18 -53.09 -6.54
N SER D 623 -70.85 -52.25 -7.31
CA SER D 623 -70.99 -50.83 -7.01
C SER D 623 -71.94 -50.61 -5.84
N ALA D 624 -71.74 -49.50 -5.13
CA ALA D 624 -72.72 -49.01 -4.17
C ALA D 624 -74.04 -48.65 -4.87
N GLY D 625 -73.96 -48.26 -6.15
CA GLY D 625 -75.13 -47.87 -6.95
C GLY D 625 -75.46 -46.41 -6.71
N PRO D 626 -76.39 -45.85 -7.52
CA PRO D 626 -76.83 -44.46 -7.33
C PRO D 626 -77.23 -44.13 -5.88
N LEU D 627 -76.47 -43.23 -5.25
CA LEU D 627 -76.61 -42.90 -3.83
C LEU D 627 -77.78 -41.92 -3.62
N PRO D 628 -78.73 -42.24 -2.71
CA PRO D 628 -79.80 -41.28 -2.42
C PRO D 628 -79.31 -40.00 -1.72
N ASP D 629 -80.04 -38.92 -1.92
CA ASP D 629 -79.66 -37.57 -1.47
C ASP D 629 -78.30 -37.13 -2.07
N TYR D 630 -78.15 -37.36 -3.38
CA TYR D 630 -76.97 -36.91 -4.12
C TYR D 630 -77.25 -36.66 -5.60
N THR D 631 -77.46 -35.39 -5.93
CA THR D 631 -77.36 -34.89 -7.29
C THR D 631 -75.88 -34.62 -7.63
N PRO D 632 -75.29 -35.39 -8.57
CA PRO D 632 -73.93 -35.02 -9.01
C PRO D 632 -73.91 -33.71 -9.81
N PRO D 633 -72.75 -33.01 -9.83
CA PRO D 633 -72.61 -31.83 -10.67
C PRO D 633 -72.40 -32.22 -12.14
N GLU D 634 -72.25 -31.22 -13.00
CA GLU D 634 -71.98 -31.46 -14.43
C GLU D 634 -70.66 -30.83 -14.85
N ILE D 635 -69.92 -31.57 -15.68
CA ILE D 635 -68.55 -31.24 -16.06
C ILE D 635 -68.60 -30.34 -17.30
N PHE D 636 -68.42 -29.04 -17.08
CA PHE D 636 -68.37 -28.05 -18.17
C PHE D 636 -66.93 -27.70 -18.55
N SER D 637 -66.80 -27.04 -19.71
CA SER D 637 -65.52 -26.51 -20.18
C SER D 637 -65.75 -25.17 -20.89
N PHE D 638 -64.68 -24.38 -21.02
CA PHE D 638 -64.74 -23.09 -21.70
C PHE D 638 -63.36 -22.70 -22.25
N GLU D 639 -63.33 -22.15 -23.47
CA GLU D 639 -62.09 -21.74 -24.13
C GLU D 639 -61.56 -20.47 -23.46
N SER D 640 -60.45 -20.59 -22.74
CA SER D 640 -59.91 -19.49 -21.95
C SER D 640 -59.20 -18.44 -22.80
N THR D 641 -58.93 -17.30 -22.17
CA THR D 641 -58.12 -16.22 -22.78
C THR D 641 -56.66 -16.67 -23.00
N THR D 642 -56.22 -17.67 -22.24
CA THR D 642 -54.86 -18.22 -22.32
C THR D 642 -54.67 -19.35 -23.36
N GLY D 643 -55.70 -19.65 -24.14
CA GLY D 643 -55.62 -20.67 -25.19
C GLY D 643 -55.63 -22.10 -24.65
N PHE D 644 -56.28 -22.28 -23.49
CA PHE D 644 -56.43 -23.59 -22.86
C PHE D 644 -57.88 -23.76 -22.43
N THR D 645 -58.54 -24.80 -22.92
CA THR D 645 -59.89 -25.15 -22.49
C THR D 645 -59.83 -25.59 -21.02
N LEU D 646 -60.17 -24.66 -20.11
CA LEU D 646 -60.22 -24.97 -18.68
C LEU D 646 -61.53 -25.64 -18.31
N TYR D 647 -61.44 -26.74 -17.57
CA TYR D 647 -62.61 -27.53 -17.17
C TYR D 647 -63.09 -27.13 -15.78
N GLY D 648 -64.39 -27.36 -15.54
CA GLY D 648 -65.01 -27.04 -14.26
C GLY D 648 -66.23 -27.90 -13.97
N MET D 649 -66.60 -27.95 -12.69
CA MET D 649 -67.82 -28.63 -12.23
C MET D 649 -68.82 -27.60 -11.75
N LEU D 650 -70.10 -27.91 -11.93
CA LEU D 650 -71.20 -27.03 -11.54
C LEU D 650 -72.27 -27.80 -10.76
N TYR D 651 -72.39 -27.49 -9.48
CA TYR D 651 -73.50 -27.96 -8.65
C TYR D 651 -74.60 -26.89 -8.74
N LYS D 652 -75.65 -27.19 -9.51
CA LYS D 652 -76.84 -26.35 -9.53
C LYS D 652 -77.56 -26.52 -8.19
N PRO D 653 -78.03 -25.41 -7.57
CA PRO D 653 -78.83 -25.56 -6.34
C PRO D 653 -80.12 -26.34 -6.59
N HIS D 654 -80.52 -27.15 -5.62
CA HIS D 654 -81.57 -28.15 -5.82
C HIS D 654 -82.95 -27.50 -5.88
N ASP D 655 -83.69 -27.83 -6.94
CA ASP D 655 -84.99 -27.22 -7.27
C ASP D 655 -84.82 -25.73 -7.62
N LEU D 656 -84.58 -25.46 -8.90
CA LEU D 656 -84.37 -24.09 -9.41
C LEU D 656 -85.68 -23.30 -9.41
N GLN D 657 -85.80 -22.35 -8.49
CA GLN D 657 -86.92 -21.42 -8.46
C GLN D 657 -86.65 -20.36 -9.55
N PRO D 658 -87.45 -20.33 -10.64
CA PRO D 658 -87.12 -19.40 -11.73
C PRO D 658 -87.17 -17.92 -11.34
N GLY D 659 -86.38 -17.11 -12.03
CA GLY D 659 -86.28 -15.68 -11.76
C GLY D 659 -85.67 -15.35 -10.40
N LYS D 660 -84.69 -16.13 -9.97
CA LYS D 660 -83.97 -15.92 -8.70
C LYS D 660 -82.47 -16.18 -8.85
N LYS D 661 -81.70 -15.68 -7.89
CA LYS D 661 -80.24 -15.81 -7.89
C LYS D 661 -79.73 -16.31 -6.53
N TYR D 662 -78.95 -17.39 -6.56
CA TYR D 662 -78.48 -18.09 -5.36
C TYR D 662 -77.03 -17.72 -5.02
N PRO D 663 -76.67 -17.70 -3.73
CA PRO D 663 -75.30 -17.33 -3.33
C PRO D 663 -74.31 -18.45 -3.63
N THR D 664 -73.29 -18.14 -4.43
CA THR D 664 -72.36 -19.15 -4.94
C THR D 664 -71.21 -19.40 -3.95
N VAL D 665 -70.72 -20.65 -3.94
CA VAL D 665 -69.53 -21.04 -3.20
C VAL D 665 -68.52 -21.64 -4.18
N LEU D 666 -67.30 -21.12 -4.14
CA LEU D 666 -66.21 -21.60 -4.98
C LEU D 666 -65.28 -22.47 -4.15
N PHE D 667 -65.40 -23.78 -4.28
CA PHE D 667 -64.42 -24.70 -3.69
C PHE D 667 -63.25 -24.81 -4.64
N ILE D 668 -62.04 -24.65 -4.11
CA ILE D 668 -60.83 -24.60 -4.93
C ILE D 668 -59.66 -25.33 -4.26
N TYR D 669 -58.87 -26.00 -5.09
CA TYR D 669 -57.52 -26.42 -4.72
C TYR D 669 -56.58 -25.80 -5.75
N GLY D 670 -56.68 -26.27 -7.00
CA GLY D 670 -55.90 -25.75 -8.12
C GLY D 670 -54.42 -25.56 -7.85
N GLY D 671 -53.77 -26.65 -7.45
CA GLY D 671 -52.35 -26.66 -7.13
C GLY D 671 -51.64 -27.66 -8.02
N PRO D 672 -50.33 -27.83 -7.85
CA PRO D 672 -49.60 -28.82 -8.63
C PRO D 672 -49.91 -30.26 -8.22
N GLN D 673 -49.82 -31.18 -9.18
CA GLN D 673 -50.04 -32.63 -8.96
C GLN D 673 -51.48 -33.02 -8.59
N VAL D 674 -52.44 -32.12 -8.81
CA VAL D 674 -53.83 -32.29 -8.34
C VAL D 674 -54.83 -31.71 -9.33
N GLN D 675 -55.48 -32.60 -10.08
CA GLN D 675 -56.66 -32.26 -10.88
C GLN D 675 -57.90 -32.54 -10.03
N LEU D 676 -58.78 -31.55 -9.92
CA LEU D 676 -60.02 -31.68 -9.14
C LEU D 676 -61.21 -32.15 -9.97
N VAL D 677 -61.24 -31.76 -11.24
CA VAL D 677 -62.38 -31.97 -12.13
C VAL D 677 -62.09 -33.08 -13.13
N ASN D 678 -62.79 -34.20 -12.95
CA ASN D 678 -62.71 -35.35 -13.85
C ASN D 678 -63.95 -36.22 -13.69
N ASN D 679 -64.13 -37.12 -14.65
CA ASN D 679 -65.30 -38.00 -14.68
C ASN D 679 -65.15 -39.14 -13.65
N ARG D 680 -65.42 -38.81 -12.39
CA ARG D 680 -65.36 -39.76 -11.28
C ARG D 680 -66.40 -39.41 -10.24
N PHE D 681 -66.77 -40.38 -9.42
CA PHE D 681 -67.75 -40.17 -8.36
C PHE D 681 -67.17 -39.27 -7.27
N LYS D 682 -67.61 -38.01 -7.27
CA LYS D 682 -67.22 -37.02 -6.25
C LYS D 682 -68.20 -36.98 -5.07
N GLY D 683 -69.05 -37.99 -4.96
CA GLY D 683 -70.02 -38.09 -3.87
C GLY D 683 -69.44 -38.54 -2.54
N VAL D 684 -68.47 -39.45 -2.58
CA VAL D 684 -67.83 -39.96 -1.36
C VAL D 684 -66.97 -38.86 -0.73
N LYS D 685 -65.97 -38.41 -1.49
CA LYS D 685 -64.93 -37.52 -0.95
C LYS D 685 -65.45 -36.09 -0.77
N TYR D 686 -66.03 -35.54 -1.83
CA TYR D 686 -66.58 -34.18 -1.83
C TYR D 686 -68.10 -34.21 -1.67
N PHE D 687 -68.55 -34.77 -0.55
CA PHE D 687 -69.98 -34.91 -0.26
C PHE D 687 -70.63 -33.59 0.11
N ARG D 688 -69.97 -32.81 0.96
CA ARG D 688 -70.55 -31.56 1.48
C ARG D 688 -70.76 -30.46 0.43
N LEU D 689 -70.16 -30.62 -0.76
CA LEU D 689 -70.54 -29.80 -1.92
C LEU D 689 -71.97 -30.07 -2.37
N ASN D 690 -72.42 -31.33 -2.22
CA ASN D 690 -73.82 -31.67 -2.43
C ASN D 690 -74.72 -31.14 -1.31
N THR D 691 -74.26 -31.25 -0.07
CA THR D 691 -74.98 -30.71 1.09
C THR D 691 -75.21 -29.19 0.99
N LEU D 692 -74.30 -28.48 0.31
CA LEU D 692 -74.50 -27.06 0.01
C LEU D 692 -75.62 -26.84 -1.01
N ALA D 693 -75.53 -27.53 -2.15
CA ALA D 693 -76.52 -27.40 -3.23
C ALA D 693 -77.96 -27.65 -2.80
N SER D 694 -78.16 -28.66 -1.95
CA SER D 694 -79.48 -28.95 -1.38
C SER D 694 -79.92 -27.87 -0.37
N LEU D 695 -78.98 -27.36 0.42
CA LEU D 695 -79.25 -26.25 1.35
C LEU D 695 -79.59 -24.97 0.58
N GLY D 696 -78.96 -24.78 -0.58
CA GLY D 696 -79.29 -23.67 -1.50
C GLY D 696 -78.13 -22.72 -1.79
N TYR D 697 -77.03 -23.28 -2.29
CA TYR D 697 -75.90 -22.51 -2.83
C TYR D 697 -75.53 -23.10 -4.19
N VAL D 698 -75.00 -22.28 -5.08
CA VAL D 698 -74.32 -22.80 -6.28
C VAL D 698 -72.96 -23.24 -5.78
N VAL D 699 -72.43 -24.34 -6.31
CA VAL D 699 -71.07 -24.77 -5.97
C VAL D 699 -70.26 -24.96 -7.25
N VAL D 700 -69.08 -24.36 -7.27
CA VAL D 700 -68.22 -24.35 -8.46
C VAL D 700 -66.81 -24.81 -8.09
N VAL D 701 -66.24 -25.66 -8.95
CA VAL D 701 -64.86 -26.11 -8.86
C VAL D 701 -64.29 -25.94 -10.26
N ILE D 702 -63.04 -25.46 -10.35
CA ILE D 702 -62.39 -25.21 -11.64
C ILE D 702 -60.93 -25.66 -11.60
N ASP D 703 -60.50 -26.34 -12.67
CA ASP D 703 -59.10 -26.65 -12.90
C ASP D 703 -58.44 -25.45 -13.56
N ASN D 704 -57.89 -24.56 -12.74
CA ASN D 704 -57.03 -23.48 -13.23
C ASN D 704 -55.65 -24.03 -13.60
N ARG D 705 -54.85 -23.21 -14.26
CA ARG D 705 -53.53 -23.64 -14.74
C ARG D 705 -52.60 -24.00 -13.58
N GLY D 706 -51.88 -25.11 -13.74
CA GLY D 706 -51.07 -25.71 -12.67
C GLY D 706 -51.45 -27.13 -12.31
N SER D 707 -52.69 -27.54 -12.62
CA SER D 707 -53.19 -28.88 -12.29
C SER D 707 -52.58 -29.97 -13.19
N CYS D 708 -52.64 -31.21 -12.70
CA CYS D 708 -52.08 -32.36 -13.41
C CYS D 708 -52.99 -32.85 -14.53
N HIS D 709 -52.47 -33.82 -15.30
CA HIS D 709 -53.22 -34.50 -16.40
C HIS D 709 -53.51 -33.61 -17.62
N ARG D 710 -52.81 -32.48 -17.73
CA ARG D 710 -53.13 -31.44 -18.71
C ARG D 710 -51.93 -30.96 -19.57
N GLY D 711 -50.78 -31.63 -19.43
CA GLY D 711 -49.55 -31.24 -20.13
C GLY D 711 -48.58 -30.50 -19.23
N LEU D 712 -47.30 -30.57 -19.59
CA LEU D 712 -46.24 -29.94 -18.80
C LEU D 712 -46.24 -28.40 -18.91
N LYS D 713 -46.58 -27.89 -20.10
CA LYS D 713 -46.64 -26.45 -20.33
C LYS D 713 -47.78 -25.81 -19.54
N PHE D 714 -48.94 -26.45 -19.58
CA PHE D 714 -50.10 -26.09 -18.74
C PHE D 714 -49.73 -26.00 -17.27
N GLU D 715 -48.97 -26.99 -16.79
CA GLU D 715 -48.54 -27.04 -15.39
C GLU D 715 -47.48 -25.98 -15.07
N GLY D 716 -46.54 -25.80 -16.00
CA GLY D 716 -45.46 -24.80 -15.89
C GLY D 716 -45.91 -23.35 -15.83
N ALA D 717 -47.12 -23.08 -16.32
CA ALA D 717 -47.74 -21.74 -16.33
C ALA D 717 -47.50 -20.87 -15.08
N PHE D 718 -47.54 -21.46 -13.88
CA PHE D 718 -47.27 -20.69 -12.64
C PHE D 718 -45.84 -20.78 -12.05
N LYS D 719 -44.85 -21.18 -12.87
CA LYS D 719 -43.46 -21.26 -12.39
C LYS D 719 -42.93 -19.88 -11.99
N TYR D 720 -42.29 -19.82 -10.82
CA TYR D 720 -41.85 -18.58 -10.16
C TYR D 720 -42.99 -17.61 -9.81
N LYS D 721 -44.24 -18.04 -9.97
CA LYS D 721 -45.38 -17.12 -10.04
C LYS D 721 -46.61 -17.77 -9.40
N MET D 722 -46.46 -18.16 -8.13
CA MET D 722 -47.55 -18.77 -7.38
C MET D 722 -48.37 -17.71 -6.64
N GLY D 723 -49.65 -18.02 -6.46
CA GLY D 723 -50.63 -17.07 -5.94
C GLY D 723 -50.88 -15.83 -6.77
N GLN D 724 -50.73 -15.96 -8.10
CA GLN D 724 -50.94 -14.85 -9.02
C GLN D 724 -51.92 -15.23 -10.12
N ILE D 725 -51.50 -16.14 -11.00
CA ILE D 725 -52.28 -16.50 -12.20
C ILE D 725 -53.44 -17.51 -11.99
N GLU D 726 -53.63 -17.98 -10.76
CA GLU D 726 -54.65 -19.00 -10.46
C GLU D 726 -56.04 -18.38 -10.34
N ILE D 727 -56.15 -17.32 -9.54
CA ILE D 727 -57.44 -16.65 -9.28
C ILE D 727 -58.08 -16.09 -10.56
N ASP D 728 -57.25 -15.56 -11.45
CA ASP D 728 -57.72 -14.95 -12.69
C ASP D 728 -58.32 -15.95 -13.68
N ASP D 729 -58.00 -17.24 -13.51
CA ASP D 729 -58.72 -18.33 -14.20
C ASP D 729 -60.06 -18.61 -13.55
N GLN D 730 -60.07 -18.65 -12.22
CA GLN D 730 -61.27 -18.95 -11.45
C GLN D 730 -62.36 -17.90 -11.64
N VAL D 731 -61.96 -16.63 -11.69
CA VAL D 731 -62.90 -15.53 -11.97
C VAL D 731 -63.35 -15.55 -13.43
N GLU D 732 -62.45 -15.90 -14.35
CA GLU D 732 -62.80 -16.06 -15.78
C GLU D 732 -63.79 -17.21 -16.01
N GLY D 733 -63.65 -18.28 -15.24
CA GLY D 733 -64.63 -19.38 -15.23
C GLY D 733 -65.93 -19.00 -14.56
N LEU D 734 -65.84 -18.31 -13.42
CA LEU D 734 -67.00 -17.80 -12.68
C LEU D 734 -67.86 -16.84 -13.52
N GLN D 735 -67.20 -16.02 -14.35
CA GLN D 735 -67.90 -15.11 -15.27
C GLN D 735 -68.57 -15.84 -16.43
N TYR D 736 -67.91 -16.88 -16.96
CA TYR D 736 -68.52 -17.74 -18.00
C TYR D 736 -69.81 -18.40 -17.51
N LEU D 737 -69.81 -18.85 -16.25
CA LEU D 737 -71.00 -19.40 -15.61
C LEU D 737 -72.03 -18.31 -15.29
N ALA D 738 -71.57 -17.17 -14.79
CA ALA D 738 -72.46 -16.04 -14.45
C ALA D 738 -73.29 -15.53 -15.63
N SER D 739 -72.65 -15.41 -16.79
CA SER D 739 -73.30 -14.93 -18.01
C SER D 739 -74.29 -15.95 -18.59
N ARG D 740 -73.81 -17.18 -18.78
CA ARG D 740 -74.62 -18.27 -19.34
C ARG D 740 -75.75 -18.71 -18.42
N TYR D 741 -75.47 -18.78 -17.12
CA TYR D 741 -76.46 -19.14 -16.09
C TYR D 741 -76.72 -17.95 -15.16
N ASP D 742 -77.82 -17.25 -15.42
CA ASP D 742 -78.21 -16.07 -14.63
C ASP D 742 -78.74 -16.36 -13.21
N PHE D 743 -78.84 -17.64 -12.82
CA PHE D 743 -79.16 -18.02 -11.43
C PHE D 743 -78.02 -17.86 -10.41
N ILE D 744 -76.85 -17.42 -10.86
CA ILE D 744 -75.69 -17.13 -10.00
C ILE D 744 -75.74 -15.68 -9.51
N ASP D 745 -75.53 -15.49 -8.21
CA ASP D 745 -75.51 -14.16 -7.58
C ASP D 745 -74.05 -13.74 -7.29
N LEU D 746 -73.54 -12.82 -8.10
CA LEU D 746 -72.17 -12.32 -7.94
C LEU D 746 -71.96 -11.36 -6.76
N ASP D 747 -73.04 -10.81 -6.21
CA ASP D 747 -72.96 -9.97 -5.00
C ASP D 747 -72.52 -10.77 -3.76
N ARG D 748 -72.87 -12.05 -3.72
CA ARG D 748 -72.61 -12.91 -2.56
C ARG D 748 -71.92 -14.22 -2.97
N VAL D 749 -70.64 -14.12 -3.31
CA VAL D 749 -69.79 -15.28 -3.66
C VAL D 749 -68.75 -15.51 -2.57
N GLY D 750 -68.47 -16.77 -2.29
CA GLY D 750 -67.48 -17.18 -1.28
C GLY D 750 -66.47 -18.16 -1.86
N ILE D 751 -65.36 -18.34 -1.16
CA ILE D 751 -64.29 -19.25 -1.61
C ILE D 751 -63.73 -20.09 -0.45
N HIS D 752 -63.34 -21.32 -0.76
CA HIS D 752 -62.91 -22.28 0.24
C HIS D 752 -61.94 -23.33 -0.32
N GLY D 753 -61.02 -23.78 0.52
CA GLY D 753 -60.05 -24.83 0.16
C GLY D 753 -59.08 -25.17 1.28
N TRP D 754 -58.43 -26.33 1.14
CA TRP D 754 -57.42 -26.80 2.10
C TRP D 754 -56.03 -26.89 1.48
N SER D 755 -55.01 -26.56 2.27
CA SER D 755 -53.60 -26.50 1.83
C SER D 755 -53.39 -25.42 0.75
N TYR D 756 -53.06 -25.80 -0.49
CA TYR D 756 -52.95 -24.85 -1.61
C TYR D 756 -54.31 -24.23 -1.98
N GLY D 757 -55.40 -24.91 -1.64
CA GLY D 757 -56.74 -24.33 -1.73
C GLY D 757 -56.96 -23.20 -0.76
N GLY D 758 -56.52 -23.40 0.49
CA GLY D 758 -56.58 -22.37 1.53
C GLY D 758 -55.65 -21.21 1.25
N TYR D 759 -54.58 -21.49 0.50
CA TYR D 759 -53.70 -20.47 -0.06
C TYR D 759 -54.45 -19.57 -1.03
N LEU D 760 -55.04 -20.18 -2.06
CA LEU D 760 -55.81 -19.45 -3.07
C LEU D 760 -57.09 -18.81 -2.52
N SER D 761 -57.62 -19.36 -1.43
CA SER D 761 -58.73 -18.72 -0.71
C SER D 761 -58.31 -17.35 -0.16
N LEU D 762 -57.19 -17.31 0.55
CA LEU D 762 -56.65 -16.06 1.08
C LEU D 762 -56.20 -15.08 -0.01
N MET D 763 -55.70 -15.62 -1.12
CA MET D 763 -55.30 -14.79 -2.26
C MET D 763 -56.53 -14.14 -2.89
N ALA D 764 -57.56 -14.93 -3.13
CA ALA D 764 -58.84 -14.44 -3.68
C ALA D 764 -59.40 -13.23 -2.95
N LEU D 765 -59.40 -13.29 -1.62
CA LEU D 765 -59.89 -12.20 -0.78
C LEU D 765 -58.99 -10.98 -0.86
N MET D 766 -57.67 -11.22 -0.77
CA MET D 766 -56.67 -10.16 -0.79
C MET D 766 -56.57 -9.49 -2.17
N GLN D 767 -56.53 -10.30 -3.22
CA GLN D 767 -56.43 -9.82 -4.61
C GLN D 767 -57.73 -9.17 -5.10
N ARG D 768 -58.87 -9.78 -4.77
CA ARG D 768 -60.18 -9.40 -5.33
C ARG D 768 -61.27 -9.23 -4.26
N SER D 769 -61.16 -8.16 -3.47
CA SER D 769 -62.20 -7.75 -2.51
C SER D 769 -63.58 -7.62 -3.17
N ASP D 770 -63.59 -7.10 -4.40
CA ASP D 770 -64.82 -6.90 -5.19
C ASP D 770 -65.67 -8.16 -5.41
N ILE D 771 -65.04 -9.25 -5.86
CA ILE D 771 -65.78 -10.43 -6.33
C ILE D 771 -66.12 -11.43 -5.20
N PHE D 772 -65.21 -11.60 -4.24
CA PHE D 772 -65.38 -12.60 -3.17
C PHE D 772 -65.74 -11.96 -1.83
N ARG D 773 -66.95 -12.26 -1.34
CA ARG D 773 -67.44 -11.76 -0.05
C ARG D 773 -66.71 -12.41 1.13
N VAL D 774 -66.59 -13.73 1.09
CA VAL D 774 -65.92 -14.50 2.14
C VAL D 774 -64.85 -15.43 1.57
N ALA D 775 -63.77 -15.58 2.32
CA ALA D 775 -62.76 -16.60 2.07
C ALA D 775 -62.58 -17.40 3.35
N ILE D 776 -62.62 -18.73 3.20
CA ILE D 776 -62.45 -19.65 4.33
C ILE D 776 -61.22 -20.51 4.01
N ALA D 777 -60.13 -20.24 4.73
CA ALA D 777 -58.81 -20.78 4.39
C ALA D 777 -58.41 -21.94 5.31
N GLY D 778 -58.19 -23.11 4.72
CA GLY D 778 -57.78 -24.31 5.45
C GLY D 778 -56.30 -24.58 5.30
N ALA D 779 -55.59 -24.62 6.43
CA ALA D 779 -54.14 -24.88 6.45
C ALA D 779 -53.41 -24.04 5.38
N PRO D 780 -53.48 -22.71 5.49
CA PRO D 780 -53.04 -21.85 4.40
C PRO D 780 -51.52 -21.66 4.39
N VAL D 781 -50.91 -21.85 3.22
CA VAL D 781 -49.50 -21.52 3.03
C VAL D 781 -49.42 -20.00 2.87
N THR D 782 -49.25 -19.33 4.00
CA THR D 782 -49.27 -17.87 4.06
C THR D 782 -47.98 -17.21 3.53
N LEU D 783 -46.88 -17.96 3.50
CA LEU D 783 -45.54 -17.39 3.45
C LEU D 783 -44.53 -18.43 2.95
N TRP D 784 -44.28 -18.43 1.64
CA TRP D 784 -43.56 -19.53 0.96
C TRP D 784 -42.17 -19.90 1.49
N ILE D 785 -41.47 -18.93 2.08
CA ILE D 785 -40.14 -19.22 2.66
C ILE D 785 -40.17 -20.24 3.82
N PHE D 786 -41.33 -20.44 4.46
CA PHE D 786 -41.49 -21.45 5.52
C PHE D 786 -41.73 -22.90 5.03
N TYR D 787 -42.17 -23.07 3.79
CA TYR D 787 -42.49 -24.41 3.29
C TYR D 787 -41.21 -25.18 2.92
N ASP D 788 -41.34 -26.49 2.70
CA ASP D 788 -40.18 -27.37 2.48
C ASP D 788 -39.45 -27.13 1.14
N THR D 789 -38.25 -27.70 1.01
CA THR D 789 -37.41 -27.53 -0.18
C THR D 789 -37.97 -28.19 -1.44
N GLY D 790 -38.17 -29.51 -1.36
CA GLY D 790 -38.57 -30.35 -2.50
C GLY D 790 -39.80 -29.88 -3.27
N TYR D 791 -40.73 -29.24 -2.56
CA TYR D 791 -41.92 -28.63 -3.17
C TYR D 791 -41.58 -27.24 -3.71
N THR D 792 -41.21 -26.34 -2.80
CA THR D 792 -41.14 -24.90 -3.10
C THR D 792 -40.12 -24.59 -4.19
N GLU D 793 -38.91 -25.13 -4.05
CA GLU D 793 -37.85 -24.91 -5.05
C GLU D 793 -38.12 -25.55 -6.42
N ARG D 794 -38.99 -26.57 -6.46
CA ARG D 794 -39.43 -27.15 -7.73
C ARG D 794 -40.24 -26.15 -8.56
N TYR D 795 -41.16 -25.45 -7.89
CA TYR D 795 -42.09 -24.53 -8.55
C TYR D 795 -41.69 -23.05 -8.45
N MET D 796 -40.84 -22.70 -7.47
CA MET D 796 -40.42 -21.30 -7.24
C MET D 796 -38.91 -21.02 -7.30
N GLY D 797 -38.08 -22.08 -7.41
CA GLY D 797 -36.62 -21.93 -7.34
C GLY D 797 -36.13 -21.48 -5.97
N HIS D 798 -34.85 -21.13 -5.89
CA HIS D 798 -34.25 -20.64 -4.65
C HIS D 798 -34.79 -19.23 -4.36
N PRO D 799 -35.12 -18.91 -3.09
CA PRO D 799 -35.64 -17.57 -2.76
C PRO D 799 -34.82 -16.42 -3.34
N ASP D 800 -33.49 -16.54 -3.27
CA ASP D 800 -32.55 -15.56 -3.84
C ASP D 800 -32.75 -15.30 -5.33
N GLN D 801 -33.05 -16.35 -6.10
CA GLN D 801 -33.32 -16.24 -7.55
C GLN D 801 -34.79 -15.94 -7.92
N ASN D 802 -35.61 -15.60 -6.93
CA ASN D 802 -37.02 -15.28 -7.16
C ASN D 802 -37.58 -14.45 -5.99
N GLU D 803 -36.88 -13.37 -5.65
CA GLU D 803 -37.26 -12.49 -4.54
C GLU D 803 -38.65 -11.87 -4.68
N GLN D 804 -39.02 -11.50 -5.91
CA GLN D 804 -40.32 -10.88 -6.16
C GLN D 804 -41.44 -11.93 -6.20
N GLY D 805 -41.20 -13.06 -6.87
CA GLY D 805 -42.18 -14.16 -6.95
C GLY D 805 -42.59 -14.74 -5.60
N TYR D 806 -41.62 -14.92 -4.71
CA TYR D 806 -41.88 -15.30 -3.31
C TYR D 806 -42.65 -14.21 -2.56
N TYR D 807 -42.22 -12.95 -2.73
CA TYR D 807 -42.91 -11.82 -2.13
C TYR D 807 -44.38 -11.74 -2.59
N LEU D 808 -44.59 -11.75 -3.91
CA LEU D 808 -45.93 -11.72 -4.50
C LEU D 808 -46.82 -12.89 -4.08
N GLY D 809 -46.20 -14.07 -3.95
CA GLY D 809 -46.91 -15.29 -3.53
C GLY D 809 -47.04 -15.54 -2.04
N SER D 810 -46.64 -14.57 -1.21
CA SER D 810 -46.70 -14.72 0.24
C SER D 810 -47.63 -13.66 0.83
N VAL D 811 -48.81 -14.09 1.29
CA VAL D 811 -49.82 -13.18 1.85
C VAL D 811 -49.42 -12.53 3.19
N ALA D 812 -48.51 -13.16 3.92
CA ALA D 812 -48.06 -12.65 5.23
C ALA D 812 -47.43 -11.25 5.18
N MET D 813 -46.69 -10.97 4.12
CA MET D 813 -46.16 -9.61 3.87
C MET D 813 -47.30 -8.65 3.46
N GLN D 814 -48.15 -9.11 2.56
CA GLN D 814 -49.22 -8.30 1.98
C GLN D 814 -50.50 -8.35 2.84
N ALA D 815 -50.37 -7.95 4.11
CA ALA D 815 -51.46 -8.02 5.09
C ALA D 815 -52.45 -6.87 4.94
N GLU D 816 -51.92 -5.66 4.71
CA GLU D 816 -52.74 -4.47 4.45
C GLU D 816 -53.77 -4.61 3.31
N LYS D 817 -53.48 -5.44 2.31
CA LYS D 817 -54.41 -5.70 1.20
C LYS D 817 -55.66 -6.54 1.54
N PHE D 818 -55.68 -7.15 2.73
CA PHE D 818 -56.89 -7.79 3.25
C PHE D 818 -57.91 -6.71 3.65
N PRO D 819 -59.21 -6.92 3.35
CA PRO D 819 -60.29 -6.02 3.76
C PRO D 819 -60.34 -5.68 5.26
N SER D 820 -60.96 -4.55 5.57
CA SER D 820 -61.19 -4.11 6.95
C SER D 820 -62.63 -4.38 7.45
N GLU D 821 -63.42 -5.14 6.69
CA GLU D 821 -64.76 -5.57 7.12
C GLU D 821 -64.68 -7.00 7.65
N PRO D 822 -65.05 -7.23 8.93
CA PRO D 822 -65.14 -8.62 9.41
C PRO D 822 -66.27 -9.41 8.74
N ASN D 823 -66.39 -10.68 9.11
CA ASN D 823 -67.33 -11.62 8.48
C ASN D 823 -67.00 -11.79 6.99
N ARG D 824 -65.70 -12.01 6.72
CA ARG D 824 -65.15 -12.18 5.38
C ARG D 824 -63.97 -13.16 5.41
N LEU D 825 -62.98 -12.87 6.27
CA LEU D 825 -61.83 -13.75 6.50
C LEU D 825 -62.12 -14.81 7.56
N LEU D 826 -61.88 -16.08 7.22
CA LEU D 826 -61.94 -17.19 8.19
C LEU D 826 -60.73 -18.11 8.02
N LEU D 827 -59.93 -18.25 9.08
CA LEU D 827 -58.73 -19.09 9.08
C LEU D 827 -58.97 -20.37 9.87
N LEU D 828 -58.68 -21.50 9.23
CA LEU D 828 -58.77 -22.82 9.85
C LEU D 828 -57.38 -23.48 9.82
N HIS D 829 -56.95 -24.02 10.96
CA HIS D 829 -55.64 -24.69 11.05
C HIS D 829 -55.55 -25.68 12.21
N GLY D 830 -55.16 -26.92 11.90
CA GLY D 830 -54.77 -27.89 12.92
C GLY D 830 -53.51 -27.43 13.66
N PHE D 831 -53.62 -27.29 14.98
CA PHE D 831 -52.52 -26.80 15.86
C PHE D 831 -51.23 -27.60 15.75
N LEU D 832 -51.36 -28.89 15.47
CA LEU D 832 -50.24 -29.85 15.39
C LEU D 832 -49.80 -30.21 13.97
N ASP D 833 -50.13 -29.38 12.98
CA ASP D 833 -49.73 -29.62 11.59
C ASP D 833 -48.21 -29.48 11.47
N GLU D 834 -47.59 -30.48 10.84
CA GLU D 834 -46.14 -30.47 10.57
C GLU D 834 -45.80 -30.10 9.11
N ASN D 835 -46.67 -30.47 8.16
CA ASN D 835 -46.45 -30.22 6.74
C ASN D 835 -46.55 -28.72 6.41
N VAL D 836 -47.75 -28.16 6.55
CA VAL D 836 -47.98 -26.71 6.48
C VAL D 836 -48.01 -26.25 7.93
N HIS D 837 -46.85 -25.91 8.50
CA HIS D 837 -46.73 -25.61 9.94
C HIS D 837 -47.79 -24.61 10.42
N PHE D 838 -48.27 -24.79 11.66
CA PHE D 838 -49.29 -23.88 12.22
C PHE D 838 -48.90 -22.41 12.10
N ALA D 839 -47.63 -22.13 12.34
CA ALA D 839 -47.11 -20.75 12.33
C ALA D 839 -47.10 -20.02 10.98
N HIS D 840 -47.62 -20.66 9.92
CA HIS D 840 -48.08 -19.94 8.73
C HIS D 840 -49.26 -19.04 9.11
N THR D 841 -50.24 -19.62 9.80
CA THR D 841 -51.39 -18.86 10.33
C THR D 841 -50.98 -17.92 11.48
N SER D 842 -50.22 -18.44 12.45
CA SER D 842 -49.84 -17.64 13.63
C SER D 842 -49.12 -16.34 13.27
N ILE D 843 -48.29 -16.38 12.23
CA ILE D 843 -47.62 -15.17 11.72
C ILE D 843 -48.58 -14.26 10.92
N LEU D 844 -49.48 -14.85 10.14
CA LEU D 844 -50.49 -14.07 9.39
C LEU D 844 -51.36 -13.26 10.35
N LEU D 845 -51.82 -13.91 11.41
CA LEU D 845 -52.55 -13.23 12.48
C LEU D 845 -51.74 -12.10 13.09
N SER D 846 -50.46 -12.36 13.34
CA SER D 846 -49.53 -11.34 13.84
C SER D 846 -49.49 -10.09 12.94
N PHE D 847 -49.45 -10.30 11.64
CA PHE D 847 -49.42 -9.21 10.65
C PHE D 847 -50.76 -8.49 10.46
N LEU D 848 -51.87 -9.23 10.58
CA LEU D 848 -53.20 -8.62 10.52
C LEU D 848 -53.49 -7.73 11.73
N VAL D 849 -53.05 -8.19 12.90
CA VAL D 849 -53.27 -7.45 14.16
C VAL D 849 -52.50 -6.12 14.20
N ARG D 850 -51.24 -6.12 13.76
CA ARG D 850 -50.47 -4.87 13.67
C ARG D 850 -51.00 -3.97 12.53
N ALA D 851 -51.47 -4.59 11.45
CA ALA D 851 -52.15 -3.87 10.36
C ALA D 851 -53.51 -3.29 10.78
N GLY D 852 -54.15 -3.89 11.76
CA GLY D 852 -55.43 -3.42 12.30
C GLY D 852 -56.59 -3.98 11.51
N LYS D 853 -56.57 -5.29 11.29
CA LYS D 853 -57.52 -5.99 10.40
C LYS D 853 -58.38 -7.01 11.16
N PRO D 854 -59.50 -7.47 10.56
CA PRO D 854 -60.40 -8.41 11.23
C PRO D 854 -60.18 -9.86 10.79
N TYR D 855 -60.44 -10.79 11.71
CA TYR D 855 -60.41 -12.21 11.37
C TYR D 855 -61.29 -13.06 12.29
N ASP D 856 -61.58 -14.26 11.82
CA ASP D 856 -62.22 -15.31 12.59
C ASP D 856 -61.30 -16.52 12.52
N LEU D 857 -61.17 -17.23 13.64
CA LEU D 857 -60.19 -18.30 13.77
C LEU D 857 -60.81 -19.56 14.37
N GLN D 858 -60.48 -20.70 13.76
CA GLN D 858 -60.88 -22.01 14.28
C GLN D 858 -59.68 -22.95 14.28
N ILE D 859 -59.20 -23.27 15.48
CA ILE D 859 -58.14 -24.26 15.68
C ILE D 859 -58.78 -25.62 15.95
N TYR D 860 -58.09 -26.68 15.52
CA TYR D 860 -58.46 -28.06 15.86
C TYR D 860 -57.24 -28.72 16.54
N PRO D 861 -57.09 -28.51 17.88
CA PRO D 861 -55.90 -28.92 18.65
C PRO D 861 -55.42 -30.39 18.63
N GLN D 862 -56.20 -31.28 18.00
CA GLN D 862 -55.81 -32.69 17.86
C GLN D 862 -55.56 -33.09 16.38
N GLU D 863 -55.23 -32.12 15.54
CA GLU D 863 -55.15 -32.34 14.08
C GLU D 863 -53.81 -31.96 13.47
N ARG D 864 -53.46 -32.68 12.40
CA ARG D 864 -52.23 -32.46 11.65
C ARG D 864 -52.57 -31.61 10.41
N HIS D 865 -52.18 -32.04 9.21
CA HIS D 865 -52.45 -31.30 7.97
C HIS D 865 -53.92 -31.36 7.56
N SER D 866 -54.45 -32.57 7.49
CA SER D 866 -55.87 -32.80 7.23
C SER D 866 -56.57 -33.34 8.49
N ILE D 867 -57.90 -33.42 8.43
CA ILE D 867 -58.75 -33.66 9.59
C ILE D 867 -58.92 -35.17 9.87
N ARG D 868 -58.20 -35.66 10.87
CA ARG D 868 -58.18 -37.10 11.20
C ARG D 868 -59.34 -37.56 12.08
N VAL D 869 -59.57 -36.86 13.19
CA VAL D 869 -60.57 -37.28 14.20
C VAL D 869 -61.98 -37.06 13.61
N PRO D 870 -62.92 -38.02 13.86
CA PRO D 870 -64.27 -37.81 13.32
C PRO D 870 -64.98 -36.61 13.97
N GLU D 871 -64.96 -36.56 15.30
CA GLU D 871 -65.57 -35.46 16.08
C GLU D 871 -65.10 -34.05 15.67
N SER D 872 -63.84 -33.93 15.26
CA SER D 872 -63.30 -32.67 14.71
C SER D 872 -63.85 -32.38 13.30
N GLY D 873 -63.89 -33.43 12.47
CA GLY D 873 -64.47 -33.35 11.12
C GLY D 873 -65.95 -33.03 11.10
N GLU D 874 -66.68 -33.53 12.10
CA GLU D 874 -68.07 -33.15 12.35
C GLU D 874 -68.16 -31.64 12.63
N HIS D 875 -67.29 -31.15 13.50
CA HIS D 875 -67.24 -29.74 13.89
C HIS D 875 -66.91 -28.79 12.75
N TYR D 876 -65.87 -29.12 11.98
CA TYR D 876 -65.43 -28.30 10.83
C TYR D 876 -66.58 -28.03 9.84
N GLU D 877 -67.30 -29.09 9.48
CA GLU D 877 -68.44 -29.00 8.57
C GLU D 877 -69.57 -28.15 9.13
N LEU D 878 -69.77 -28.22 10.44
CA LEU D 878 -70.79 -27.42 11.13
C LEU D 878 -70.41 -25.94 11.16
N HIS D 879 -69.20 -25.65 11.65
CA HIS D 879 -68.69 -24.27 11.71
C HIS D 879 -68.50 -23.64 10.33
N LEU D 880 -68.26 -24.47 9.32
CA LEU D 880 -68.25 -24.03 7.93
C LEU D 880 -69.64 -23.55 7.51
N LEU D 881 -70.62 -24.43 7.64
CA LEU D 881 -71.99 -24.16 7.16
C LEU D 881 -72.76 -23.11 7.97
N HIS D 882 -72.42 -22.95 9.25
CA HIS D 882 -72.97 -21.86 10.07
C HIS D 882 -72.41 -20.50 9.64
N TYR D 883 -71.12 -20.45 9.31
CA TYR D 883 -70.45 -19.23 8.84
C TYR D 883 -70.94 -18.84 7.44
N LEU D 884 -70.95 -19.81 6.53
CA LEU D 884 -71.50 -19.62 5.17
C LEU D 884 -72.98 -19.25 5.15
N GLN D 885 -73.73 -19.69 6.15
CA GLN D 885 -75.12 -19.28 6.32
C GLN D 885 -75.18 -17.84 6.86
N GLU D 886 -74.58 -17.64 8.03
CA GLU D 886 -74.65 -16.36 8.75
C GLU D 886 -74.00 -15.16 8.06
N ASN D 887 -72.94 -15.39 7.30
CA ASN D 887 -72.13 -14.30 6.72
C ASN D 887 -72.06 -14.32 5.19
N LEU D 888 -73.02 -15.00 4.55
CA LEU D 888 -73.10 -15.02 3.07
C LEU D 888 -74.49 -15.43 2.57
N GLY D 889 -74.91 -16.65 2.89
CA GLY D 889 -76.07 -17.27 2.27
C GLY D 889 -77.44 -16.79 2.72
N SER D 890 -77.62 -16.67 4.04
CA SER D 890 -78.94 -16.36 4.62
C SER D 890 -79.29 -14.87 4.52
N ARG D 891 -80.51 -14.52 4.94
CA ARG D 891 -81.04 -13.15 4.82
C ARG D 891 -80.46 -12.16 5.84
N ILE D 892 -80.09 -12.66 7.03
CA ILE D 892 -79.36 -11.84 8.02
C ILE D 892 -77.98 -11.38 7.49
N ALA D 893 -77.37 -12.22 6.64
CA ALA D 893 -76.05 -11.93 6.05
C ALA D 893 -76.06 -10.71 5.13
N ALA D 894 -76.98 -10.71 4.16
CA ALA D 894 -77.14 -9.58 3.25
C ALA D 894 -77.55 -8.29 3.97
N LEU D 895 -78.37 -8.44 5.02
CA LEU D 895 -78.86 -7.32 5.83
C LEU D 895 -77.90 -6.87 6.95
N LYS D 896 -76.75 -7.54 7.11
CA LYS D 896 -75.69 -7.05 8.01
C LYS D 896 -74.99 -5.83 7.40
N VAL D 897 -74.56 -5.97 6.15
CA VAL D 897 -73.90 -4.88 5.41
C VAL D 897 -74.89 -3.77 5.03
N LEU E 48 -90.68 0.14 29.98
CA LEU E 48 -89.26 0.17 29.49
C LEU E 48 -89.18 -0.18 27.98
N GLU E 49 -88.02 0.07 27.39
CA GLU E 49 -87.78 -0.16 25.96
C GLU E 49 -86.28 -0.39 25.71
N PRO E 50 -85.92 -1.37 24.85
CA PRO E 50 -84.49 -1.65 24.62
C PRO E 50 -83.76 -0.57 23.82
N PHE E 51 -82.67 -0.05 24.38
CA PHE E 51 -81.77 0.87 23.67
C PHE E 51 -80.86 0.09 22.72
N TYR E 52 -80.54 0.70 21.58
CA TYR E 52 -79.63 0.12 20.60
C TYR E 52 -78.47 1.08 20.31
N VAL E 53 -77.25 0.65 20.63
CA VAL E 53 -76.04 1.44 20.38
C VAL E 53 -75.74 1.49 18.87
N GLU E 54 -74.92 2.46 18.49
CA GLU E 54 -74.67 2.76 17.07
C GLU E 54 -73.84 1.68 16.36
N ARG E 55 -74.37 1.19 15.22
CA ARG E 55 -73.65 0.25 14.36
C ARG E 55 -72.54 0.97 13.59
N TYR E 56 -71.41 1.17 14.26
CA TYR E 56 -70.21 1.68 13.61
C TYR E 56 -69.48 0.52 12.93
N SER E 57 -69.00 0.73 11.71
CA SER E 57 -68.18 -0.27 11.03
C SER E 57 -66.82 -0.43 11.72
N TRP E 58 -66.11 -1.49 11.36
CA TRP E 58 -64.79 -1.79 11.94
C TRP E 58 -63.81 -0.63 11.76
N SER E 59 -63.75 -0.09 10.53
CA SER E 59 -62.95 1.10 10.21
C SER E 59 -63.29 2.28 11.12
N GLN E 60 -64.58 2.56 11.23
CA GLN E 60 -65.11 3.68 12.01
C GLN E 60 -64.77 3.59 13.50
N LEU E 61 -64.92 2.40 14.07
CA LEU E 61 -64.59 2.15 15.48
C LEU E 61 -63.12 2.43 15.80
N LYS E 62 -62.22 2.06 14.89
CA LYS E 62 -60.78 2.33 15.05
C LYS E 62 -60.52 3.83 15.16
N LYS E 63 -61.18 4.61 14.31
CA LYS E 63 -61.12 6.08 14.36
C LYS E 63 -61.65 6.58 15.70
N LEU E 64 -62.84 6.09 16.09
CA LEU E 64 -63.47 6.42 17.38
C LEU E 64 -62.49 6.23 18.54
N LEU E 65 -61.85 5.05 18.59
CA LEU E 65 -60.86 4.73 19.63
C LEU E 65 -59.58 5.56 19.51
N ALA E 66 -59.11 5.75 18.27
CA ALA E 66 -57.92 6.57 17.99
C ALA E 66 -58.07 8.01 18.49
N ASP E 67 -59.23 8.60 18.23
CA ASP E 67 -59.53 9.99 18.61
C ASP E 67 -59.49 10.24 20.11
N THR E 68 -60.03 9.28 20.88
CA THR E 68 -60.07 9.38 22.34
C THR E 68 -58.70 9.26 23.03
N ARG E 69 -57.73 8.62 22.37
CA ARG E 69 -56.38 8.44 22.93
C ARG E 69 -55.49 9.69 22.98
N LYS E 70 -55.79 10.68 22.14
CA LYS E 70 -54.92 11.86 22.00
C LYS E 70 -54.88 12.85 23.18
N TYR E 71 -55.77 12.65 24.17
CA TYR E 71 -55.76 13.45 25.40
C TYR E 71 -55.08 12.70 26.55
N HIS E 72 -53.88 12.17 26.27
CA HIS E 72 -53.12 11.33 27.22
C HIS E 72 -51.62 11.56 27.05
N LYS E 78 -46.08 8.10 34.02
CA LYS E 78 -46.07 7.41 35.31
C LYS E 78 -45.62 8.33 36.45
N ALA E 79 -46.11 8.05 37.65
CA ALA E 79 -45.86 8.89 38.84
C ALA E 79 -44.44 8.77 39.40
N PRO E 80 -44.08 9.66 40.37
CA PRO E 80 -42.84 9.51 41.15
C PRO E 80 -42.89 8.43 42.24
N HIS E 81 -41.78 7.71 42.41
CA HIS E 81 -41.66 6.61 43.39
C HIS E 81 -40.24 6.48 43.97
N ASP E 82 -40.09 5.57 44.93
CA ASP E 82 -38.81 5.26 45.59
C ASP E 82 -38.15 6.51 46.20
N PHE E 83 -38.91 7.20 47.05
CA PHE E 83 -38.40 8.40 47.71
C PHE E 83 -37.38 8.07 48.81
N MET E 84 -36.61 9.08 49.21
CA MET E 84 -35.56 8.93 50.21
C MET E 84 -35.14 10.30 50.72
N PHE E 85 -34.99 10.43 52.04
CA PHE E 85 -34.72 11.72 52.69
C PHE E 85 -33.30 11.77 53.22
N VAL E 86 -32.58 12.84 52.90
CA VAL E 86 -31.23 13.06 53.41
C VAL E 86 -31.13 14.45 54.00
N LYS E 87 -30.68 14.52 55.25
CA LYS E 87 -30.59 15.79 55.98
C LYS E 87 -29.40 16.59 55.48
N ARG E 88 -29.62 17.90 55.32
CA ARG E 88 -28.59 18.81 54.81
C ARG E 88 -27.57 19.14 55.91
N ASN E 89 -28.04 19.18 57.16
CA ASN E 89 -27.21 19.47 58.34
C ASN E 89 -26.47 20.81 58.20
N ASP E 90 -27.22 21.82 57.74
CA ASP E 90 -26.69 23.15 57.45
C ASP E 90 -27.48 24.17 58.28
N PRO E 91 -26.95 24.57 59.46
CA PRO E 91 -27.52 25.65 60.27
C PRO E 91 -27.72 27.01 59.56
N ASP E 92 -26.81 27.35 58.64
CA ASP E 92 -26.87 28.63 57.91
C ASP E 92 -27.66 28.58 56.59
N GLY E 93 -27.99 27.37 56.12
CA GLY E 93 -28.64 27.19 54.83
C GLY E 93 -30.15 27.38 54.89
N PRO E 94 -30.83 27.39 53.72
CA PRO E 94 -32.28 27.52 53.69
C PRO E 94 -33.06 26.20 53.74
N HIS E 95 -32.34 25.07 53.65
CA HIS E 95 -32.97 23.76 53.45
C HIS E 95 -32.62 22.78 54.58
N SER E 96 -33.62 21.98 54.96
CA SER E 96 -33.49 20.98 56.03
C SER E 96 -33.09 19.63 55.45
N ASP E 97 -33.89 19.16 54.49
CA ASP E 97 -33.64 17.92 53.75
C ASP E 97 -33.45 18.18 52.25
N ARG E 98 -32.93 17.18 51.56
CA ARG E 98 -33.05 17.03 50.11
C ARG E 98 -33.65 15.65 49.90
N ILE E 99 -34.64 15.55 49.01
CA ILE E 99 -35.20 14.24 48.64
C ILE E 99 -34.62 13.75 47.31
N TYR E 100 -34.69 12.43 47.10
CA TYR E 100 -34.26 11.79 45.85
C TYR E 100 -35.35 10.81 45.43
N TYR E 101 -35.61 10.72 44.14
CA TYR E 101 -36.74 9.91 43.63
C TYR E 101 -36.66 9.59 42.15
N LEU E 102 -37.42 8.58 41.74
CA LEU E 102 -37.49 8.12 40.35
C LEU E 102 -38.82 8.56 39.72
N ALA E 103 -38.75 9.44 38.73
CA ALA E 103 -39.94 9.94 38.03
C ALA E 103 -39.72 9.91 36.52
N MET E 104 -40.73 9.45 35.78
CA MET E 104 -40.65 9.41 34.32
C MET E 104 -40.76 10.82 33.75
N SER E 105 -39.60 11.45 33.52
CA SER E 105 -39.53 12.79 32.92
C SER E 105 -40.50 13.80 33.55
N GLU E 110 -37.94 8.08 29.09
CA GLU E 110 -37.12 7.35 30.05
C GLU E 110 -37.64 7.56 31.48
N ASN E 111 -36.90 7.06 32.46
CA ASN E 111 -37.28 7.17 33.87
C ASN E 111 -36.00 7.14 34.72
N THR E 112 -35.63 8.28 35.29
CA THR E 112 -34.32 8.45 35.99
C THR E 112 -34.44 9.08 37.39
N LEU E 113 -33.29 9.21 38.05
CA LEU E 113 -33.19 9.86 39.37
C LEU E 113 -33.30 11.37 39.29
N PHE E 114 -34.23 11.93 40.07
CA PHE E 114 -34.41 13.37 40.24
C PHE E 114 -34.25 13.69 41.71
N TYR E 115 -34.08 14.98 42.03
CA TYR E 115 -34.01 15.44 43.41
C TYR E 115 -34.67 16.81 43.59
N SER E 116 -35.19 17.06 44.78
CA SER E 116 -35.82 18.34 45.16
C SER E 116 -35.26 18.84 46.49
N GLU E 117 -35.43 20.13 46.74
CA GLU E 117 -34.87 20.80 47.92
C GLU E 117 -35.97 21.18 48.93
N ILE E 118 -35.91 20.55 50.11
CA ILE E 118 -36.90 20.75 51.18
C ILE E 118 -36.44 21.86 52.11
N PRO E 119 -37.20 22.98 52.17
CA PRO E 119 -36.78 24.14 52.97
C PRO E 119 -37.07 23.99 54.46
N LYS E 120 -36.40 24.82 55.26
CA LYS E 120 -36.60 24.87 56.73
C LYS E 120 -37.97 25.47 57.10
N THR E 121 -38.44 26.40 56.27
CA THR E 121 -39.72 27.10 56.47
C THR E 121 -40.36 27.35 55.11
N ILE E 122 -41.64 27.74 55.12
CA ILE E 122 -42.38 28.05 53.88
C ILE E 122 -43.22 29.31 54.01
N ASN E 123 -43.74 29.78 52.88
CA ASN E 123 -44.76 30.82 52.86
C ASN E 123 -46.12 30.14 53.06
N ARG E 124 -46.76 30.44 54.19
CA ARG E 124 -48.02 29.80 54.55
C ARG E 124 -49.22 30.29 53.72
N ALA E 125 -49.12 31.50 53.17
CA ALA E 125 -50.13 32.03 52.26
C ALA E 125 -50.15 31.31 50.90
N ALA E 126 -48.98 30.82 50.46
CA ALA E 126 -48.82 30.25 49.11
C ALA E 126 -48.54 28.74 49.08
N VAL E 127 -48.79 28.17 47.91
CA VAL E 127 -48.53 26.75 47.63
C VAL E 127 -47.15 26.60 46.99
N LEU E 128 -46.19 26.10 47.76
CA LEU E 128 -44.84 25.82 47.26
C LEU E 128 -44.83 24.57 46.36
N MET E 129 -44.55 24.78 45.07
CA MET E 129 -44.38 23.70 44.09
C MET E 129 -42.88 23.38 43.93
N LEU E 130 -42.45 22.25 44.50
CA LEU E 130 -41.05 21.81 44.42
C LEU E 130 -40.69 21.40 42.99
N SER E 131 -39.75 22.12 42.39
CA SER E 131 -39.28 21.80 41.03
C SER E 131 -38.29 20.64 41.09
N TRP E 132 -38.41 19.72 40.13
CA TRP E 132 -37.55 18.54 40.09
C TRP E 132 -36.22 18.80 39.39
N LYS E 133 -35.13 18.70 40.13
CA LYS E 133 -33.79 18.78 39.54
C LYS E 133 -33.47 17.39 38.97
N PRO E 134 -32.69 17.31 37.87
CA PRO E 134 -32.20 16.01 37.43
C PRO E 134 -30.85 15.70 38.08
N LEU E 135 -30.65 14.45 38.49
CA LEU E 135 -29.42 14.02 39.17
C LEU E 135 -28.34 13.51 38.20
N LEU E 136 -28.74 13.18 36.97
CA LEU E 136 -27.89 12.48 36.01
C LEU E 136 -27.77 13.23 34.67
N ASP E 137 -26.62 13.10 34.01
CA ASP E 137 -26.43 13.61 32.64
C ASP E 137 -27.10 12.67 31.62
N LEU E 138 -26.32 11.78 31.01
CA LEU E 138 -26.79 10.94 29.89
C LEU E 138 -25.97 9.63 29.84
N GLY E 165 -33.49 3.59 31.12
CA GLY E 165 -34.50 3.55 32.18
C GLY E 165 -33.98 2.91 33.46
N ILE E 166 -34.41 3.46 34.60
CA ILE E 166 -34.12 2.91 35.93
C ILE E 166 -35.46 2.55 36.59
N ALA E 167 -35.48 1.42 37.31
CA ALA E 167 -36.64 0.97 38.10
C ALA E 167 -36.44 1.06 39.62
N SER E 168 -35.20 0.95 40.08
CA SER E 168 -34.88 1.02 41.51
C SER E 168 -33.42 1.42 41.72
N TYR E 169 -33.03 1.64 42.98
CA TYR E 169 -31.66 2.05 43.29
C TYR E 169 -31.25 1.67 44.73
N ASP E 170 -30.05 2.11 45.13
CA ASP E 170 -29.44 1.71 46.40
C ASP E 170 -28.68 2.92 46.94
N TYR E 171 -28.50 2.98 48.26
CA TYR E 171 -27.81 4.11 48.91
C TYR E 171 -27.01 3.66 50.14
N HIS E 172 -25.96 4.42 50.45
CA HIS E 172 -25.15 4.21 51.66
C HIS E 172 -24.83 5.56 52.30
N GLN E 173 -25.22 5.72 53.58
CA GLN E 173 -25.24 7.02 54.26
C GLN E 173 -23.86 7.64 54.48
N GLY E 174 -22.95 6.86 55.05
CA GLY E 174 -21.61 7.33 55.44
C GLY E 174 -20.73 7.82 54.29
N SER E 175 -20.95 7.25 53.11
CA SER E 175 -20.28 7.66 51.87
C SER E 175 -21.13 8.61 51.03
N GLY E 176 -22.41 8.27 50.88
CA GLY E 176 -23.35 9.00 50.02
C GLY E 176 -23.49 8.40 48.63
N THR E 177 -23.11 7.13 48.48
CA THR E 177 -23.01 6.48 47.18
C THR E 177 -24.37 5.99 46.70
N PHE E 178 -24.66 6.19 45.41
CA PHE E 178 -25.81 5.57 44.73
C PHE E 178 -25.35 4.35 43.94
N LEU E 179 -26.30 3.49 43.59
CA LEU E 179 -26.02 2.33 42.73
C LEU E 179 -27.32 1.92 42.04
N PHE E 180 -27.24 1.72 40.73
CA PHE E 180 -28.43 1.48 39.92
C PHE E 180 -28.08 0.90 38.56
N GLN E 181 -29.01 0.10 38.03
CA GLN E 181 -28.89 -0.48 36.70
C GLN E 181 -29.65 0.42 35.73
N ALA E 182 -28.99 0.76 34.62
CA ALA E 182 -29.58 1.53 33.53
C ALA E 182 -29.19 0.87 32.21
N GLY E 183 -30.16 0.20 31.59
CA GLY E 183 -29.89 -0.66 30.43
C GLY E 183 -29.03 -1.84 30.85
N SER E 184 -28.08 -2.22 30.00
CA SER E 184 -27.10 -3.25 30.36
C SER E 184 -26.13 -2.79 31.46
N GLY E 185 -25.89 -1.48 31.52
CA GLY E 185 -24.92 -0.89 32.44
C GLY E 185 -25.32 -0.90 33.91
N ILE E 186 -24.31 -0.71 34.76
CA ILE E 186 -24.46 -0.55 36.20
C ILE E 186 -23.57 0.63 36.60
N TYR E 187 -24.18 1.69 37.11
CA TYR E 187 -23.47 2.95 37.40
C TYR E 187 -23.60 3.35 38.87
N HIS E 188 -22.78 4.33 39.27
CA HIS E 188 -22.78 4.87 40.64
C HIS E 188 -22.43 6.36 40.65
N VAL E 189 -23.05 7.10 41.58
CA VAL E 189 -22.76 8.52 41.78
C VAL E 189 -22.77 8.84 43.28
N LYS E 190 -21.89 9.74 43.72
CA LYS E 190 -21.86 10.16 45.13
C LYS E 190 -22.61 11.48 45.31
N ASP E 191 -23.63 11.46 46.18
CA ASP E 191 -24.34 12.68 46.56
C ASP E 191 -25.06 12.49 47.89
N GLY E 192 -24.98 13.50 48.75
CA GLY E 192 -25.66 13.49 50.05
C GLY E 192 -24.79 13.12 51.26
N GLY E 193 -23.62 12.55 51.00
CA GLY E 193 -22.68 12.17 52.06
C GLY E 193 -21.84 13.34 52.56
N PRO E 194 -20.76 13.06 53.30
CA PRO E 194 -19.85 14.11 53.76
C PRO E 194 -19.06 14.83 52.64
N GLN E 195 -18.97 14.22 51.46
CA GLN E 195 -18.42 14.90 50.28
C GLN E 195 -19.22 16.13 49.87
N GLY E 196 -20.52 16.11 50.13
CA GLY E 196 -21.38 17.30 49.99
C GLY E 196 -22.59 17.08 49.10
N PHE E 197 -23.11 18.19 48.58
CA PHE E 197 -24.32 18.21 47.75
C PHE E 197 -24.06 18.90 46.41
N THR E 198 -24.26 18.15 45.32
CA THR E 198 -24.10 18.68 43.97
C THR E 198 -25.22 19.68 43.64
N GLN E 199 -24.84 20.74 42.93
CA GLN E 199 -25.79 21.76 42.45
C GLN E 199 -26.22 21.51 40.99
N GLN E 200 -25.61 20.51 40.35
CA GLN E 200 -25.84 20.22 38.93
C GLN E 200 -25.91 18.70 38.71
N PRO E 201 -26.45 18.26 37.55
CA PRO E 201 -26.42 16.84 37.20
C PRO E 201 -25.01 16.25 37.24
N LEU E 202 -24.88 15.08 37.87
CA LEU E 202 -23.62 14.35 37.93
C LEU E 202 -23.54 13.39 36.75
N ARG E 203 -22.33 12.99 36.40
CA ARG E 203 -22.10 12.00 35.35
C ARG E 203 -22.15 10.61 35.98
N PRO E 204 -22.99 9.69 35.44
CA PRO E 204 -22.96 8.31 35.92
C PRO E 204 -21.60 7.64 35.69
N ASN E 205 -20.87 7.38 36.78
CA ASN E 205 -19.63 6.61 36.71
C ASN E 205 -19.99 5.14 36.49
N LEU E 206 -19.40 4.53 35.46
CA LEU E 206 -19.74 3.16 35.05
C LEU E 206 -18.84 2.15 35.75
N VAL E 207 -19.45 1.08 36.28
CA VAL E 207 -18.70 -0.05 36.80
C VAL E 207 -18.30 -0.91 35.60
N GLU E 208 -17.00 -1.07 35.39
CA GLU E 208 -16.49 -1.88 34.30
C GLU E 208 -16.60 -3.36 34.62
N THR E 209 -16.50 -4.19 33.59
CA THR E 209 -16.70 -5.63 33.73
C THR E 209 -15.95 -6.44 32.66
N SER E 210 -15.47 -7.60 33.08
CA SER E 210 -14.99 -8.65 32.19
C SER E 210 -16.07 -9.70 31.93
N CYS E 211 -17.23 -9.57 32.59
CA CYS E 211 -18.37 -10.46 32.36
C CYS E 211 -18.97 -10.17 30.98
N PRO E 212 -19.21 -11.21 30.16
CA PRO E 212 -19.77 -10.98 28.82
C PRO E 212 -21.25 -10.59 28.83
N ASN E 213 -22.09 -11.50 29.30
CA ASN E 213 -23.55 -11.30 29.37
C ASN E 213 -24.01 -10.22 30.35
N ILE E 214 -25.30 -9.90 30.29
CA ILE E 214 -25.90 -8.80 31.07
C ILE E 214 -25.89 -9.05 32.58
N ARG E 215 -25.64 -7.98 33.34
CA ARG E 215 -25.56 -8.02 34.80
C ARG E 215 -26.88 -7.55 35.45
N MET E 216 -27.50 -8.43 36.23
CA MET E 216 -28.77 -8.14 36.93
C MET E 216 -28.54 -7.85 38.42
N ASP E 217 -29.59 -7.29 39.04
CA ASP E 217 -29.71 -7.13 40.51
C ASP E 217 -28.44 -6.63 41.21
N PRO E 218 -28.10 -5.34 41.02
CA PRO E 218 -26.97 -4.76 41.72
C PRO E 218 -27.36 -4.29 43.12
N LYS E 219 -26.46 -4.49 44.09
CA LYS E 219 -26.64 -4.00 45.45
C LYS E 219 -25.28 -3.62 46.03
N LEU E 220 -25.28 -2.63 46.93
CA LEU E 220 -24.07 -2.20 47.64
C LEU E 220 -23.80 -3.09 48.85
N CYS E 221 -22.60 -2.96 49.40
CA CYS E 221 -22.24 -3.53 50.69
C CYS E 221 -22.26 -2.43 51.76
N PRO E 222 -23.21 -2.48 52.72
CA PRO E 222 -23.30 -1.47 53.79
C PRO E 222 -22.05 -1.26 54.66
N ALA E 223 -21.24 -2.31 54.84
CA ALA E 223 -20.01 -2.22 55.62
C ALA E 223 -18.92 -1.42 54.90
N ASP E 224 -18.66 -1.80 53.64
CA ASP E 224 -17.72 -1.10 52.77
C ASP E 224 -18.42 -0.76 51.44
N PRO E 225 -18.77 0.52 51.22
CA PRO E 225 -19.50 0.92 50.01
C PRO E 225 -18.63 0.97 48.74
N ASP E 226 -17.33 0.69 48.86
CA ASP E 226 -16.48 0.42 47.71
C ASP E 226 -16.88 -0.89 47.03
N TRP E 227 -17.24 -1.90 47.82
CA TRP E 227 -17.68 -3.20 47.27
C TRP E 227 -19.16 -3.21 46.89
N ILE E 228 -19.45 -3.78 45.73
CA ILE E 228 -20.81 -4.12 45.30
C ILE E 228 -20.87 -5.57 44.83
N ALA E 229 -22.08 -6.06 44.60
CA ALA E 229 -22.29 -7.39 44.03
C ALA E 229 -23.42 -7.37 43.02
N PHE E 230 -23.44 -8.37 42.15
CA PHE E 230 -24.49 -8.52 41.14
C PHE E 230 -24.63 -9.97 40.69
N ILE E 231 -25.67 -10.21 39.89
CA ILE E 231 -25.90 -11.51 39.26
C ILE E 231 -25.33 -11.50 37.84
N HIS E 232 -24.73 -12.62 37.44
CA HIS E 232 -24.30 -12.85 36.06
C HIS E 232 -24.45 -14.32 35.70
N SER E 233 -25.38 -14.61 34.79
CA SER E 233 -25.71 -15.98 34.37
C SER E 233 -26.01 -16.88 35.58
N ASN E 234 -26.90 -16.39 36.43
CA ASN E 234 -27.34 -17.08 37.67
C ASN E 234 -26.20 -17.39 38.66
N ASP E 235 -25.28 -16.44 38.81
CA ASP E 235 -24.16 -16.58 39.74
C ASP E 235 -23.81 -15.23 40.35
N ILE E 236 -23.46 -15.24 41.63
CA ILE E 236 -23.12 -14.03 42.37
C ILE E 236 -21.67 -13.66 42.10
N TRP E 237 -21.46 -12.45 41.59
CA TRP E 237 -20.14 -11.84 41.48
C TRP E 237 -20.05 -10.69 42.48
N ILE E 238 -18.83 -10.26 42.79
CA ILE E 238 -18.59 -8.99 43.49
C ILE E 238 -17.63 -8.12 42.70
N SER E 239 -17.73 -6.81 42.90
CA SER E 239 -17.03 -5.83 42.07
C SER E 239 -16.73 -4.56 42.85
N ASN E 240 -15.46 -4.38 43.21
CA ASN E 240 -15.00 -3.15 43.85
C ASN E 240 -14.91 -2.05 42.80
N ILE E 241 -15.35 -0.85 43.16
CA ILE E 241 -15.46 0.28 42.20
C ILE E 241 -14.38 1.37 42.37
N VAL E 242 -13.31 1.06 43.12
CA VAL E 242 -12.12 1.92 43.21
C VAL E 242 -10.82 1.18 42.86
N THR E 243 -10.67 -0.06 43.30
CA THR E 243 -9.59 -0.94 42.80
C THR E 243 -9.95 -1.63 41.48
N ARG E 244 -11.22 -1.53 41.08
CA ARG E 244 -11.75 -2.17 39.86
C ARG E 244 -11.62 -3.71 39.86
N GLU E 245 -11.52 -4.29 41.06
CA GLU E 245 -11.40 -5.73 41.22
C GLU E 245 -12.75 -6.38 40.99
N GLU E 246 -12.74 -7.62 40.53
CA GLU E 246 -13.96 -8.33 40.17
C GLU E 246 -13.74 -9.83 40.35
N ARG E 247 -14.65 -10.46 41.07
CA ARG E 247 -14.49 -11.85 41.52
C ARG E 247 -15.82 -12.58 41.44
N ARG E 248 -15.83 -13.75 40.80
CA ARG E 248 -16.99 -14.65 40.80
C ARG E 248 -16.96 -15.43 42.12
N LEU E 249 -18.04 -15.35 42.89
CA LEU E 249 -18.13 -16.02 44.19
C LEU E 249 -18.68 -17.44 44.05
N THR E 250 -19.82 -17.55 43.38
CA THR E 250 -20.49 -18.82 43.14
C THR E 250 -20.15 -19.36 41.75
N TYR E 251 -19.74 -20.62 41.70
CA TYR E 251 -19.44 -21.30 40.43
C TYR E 251 -20.45 -22.43 40.23
N VAL E 252 -21.70 -22.03 40.13
CA VAL E 252 -22.85 -22.96 40.16
C VAL E 252 -23.56 -23.14 38.80
N HIS E 253 -23.37 -22.21 37.86
CA HIS E 253 -24.02 -22.28 36.54
C HIS E 253 -23.03 -22.11 35.39
N ASN E 254 -22.96 -23.13 34.53
CA ASN E 254 -22.24 -23.06 33.25
C ASN E 254 -23.15 -22.42 32.20
N GLU E 255 -22.98 -21.11 32.03
CA GLU E 255 -23.71 -20.28 31.03
C GLU E 255 -23.84 -20.89 29.63
N LEU E 256 -22.77 -21.53 29.15
CA LEU E 256 -22.73 -22.11 27.81
C LEU E 256 -23.61 -23.36 27.70
N ALA E 257 -23.52 -24.24 28.69
CA ALA E 257 -24.33 -25.47 28.74
C ALA E 257 -25.83 -25.13 28.82
N ASN E 258 -26.62 -25.90 28.09
CA ASN E 258 -28.04 -25.57 27.87
C ASN E 258 -28.94 -25.80 29.10
N MET E 259 -30.18 -25.33 28.97
CA MET E 259 -31.26 -25.47 29.97
C MET E 259 -31.36 -26.86 30.63
N GLU E 260 -31.58 -27.89 29.82
CA GLU E 260 -31.97 -29.22 30.30
C GLU E 260 -31.02 -29.84 31.34
N GLU E 261 -29.74 -29.96 30.99
CA GLU E 261 -28.77 -30.62 31.87
C GLU E 261 -28.28 -29.74 33.06
N ASP E 262 -28.21 -28.42 32.85
CA ASP E 262 -27.64 -27.51 33.85
C ASP E 262 -28.65 -27.20 35.00
N ALA E 263 -29.24 -26.00 35.03
CA ALA E 263 -30.36 -25.65 35.93
C ALA E 263 -30.07 -25.39 37.43
N ARG E 264 -28.81 -25.40 37.85
CA ARG E 264 -28.42 -24.92 39.18
C ARG E 264 -28.21 -23.41 39.11
N SER E 265 -28.66 -22.69 40.12
CA SER E 265 -28.77 -21.21 40.05
C SER E 265 -28.62 -20.50 41.41
N ALA E 266 -27.38 -20.14 41.74
CA ALA E 266 -27.05 -19.50 43.01
C ALA E 266 -27.24 -17.97 42.98
N GLY E 267 -27.97 -17.45 43.96
CA GLY E 267 -28.20 -16.01 44.11
C GLY E 267 -29.50 -15.45 43.53
N VAL E 268 -30.19 -16.26 42.74
CA VAL E 268 -31.41 -15.85 42.05
C VAL E 268 -32.64 -16.41 42.76
N ALA E 269 -33.75 -15.68 42.69
CA ALA E 269 -35.06 -16.15 43.14
C ALA E 269 -35.82 -16.73 41.94
N THR E 270 -36.39 -17.93 42.11
CA THR E 270 -37.04 -18.65 41.02
C THR E 270 -38.38 -18.05 40.57
N PHE E 271 -38.90 -18.56 39.46
CA PHE E 271 -40.19 -18.15 38.88
C PHE E 271 -41.36 -18.09 39.88
N VAL E 272 -41.36 -19.03 40.82
CA VAL E 272 -42.43 -19.12 41.83
C VAL E 272 -42.38 -17.91 42.77
N LEU E 273 -41.20 -17.62 43.31
CA LEU E 273 -41.02 -16.55 44.28
C LEU E 273 -41.13 -15.14 43.71
N GLN E 274 -40.89 -14.99 42.41
CA GLN E 274 -40.99 -13.68 41.74
C GLN E 274 -42.44 -13.33 41.38
N GLU E 275 -43.16 -14.30 40.81
CA GLU E 275 -44.55 -14.07 40.40
C GLU E 275 -45.52 -14.09 41.57
N GLU E 276 -45.48 -15.16 42.37
CA GLU E 276 -46.51 -15.44 43.38
C GLU E 276 -46.18 -15.03 44.82
N PHE E 277 -44.91 -14.70 45.09
CA PHE E 277 -44.50 -14.16 46.40
C PHE E 277 -43.86 -12.77 46.35
N ASP E 278 -43.58 -12.27 45.15
CA ASP E 278 -42.96 -10.96 44.93
C ASP E 278 -41.68 -10.72 45.75
N ARG E 279 -40.78 -11.71 45.73
CA ARG E 279 -39.38 -11.49 46.08
C ARG E 279 -38.52 -11.77 44.85
N TYR E 280 -37.61 -10.84 44.57
CA TYR E 280 -36.85 -10.81 43.32
C TYR E 280 -35.36 -11.10 43.54
N SER E 281 -34.80 -10.57 44.63
CA SER E 281 -33.43 -10.88 45.03
C SER E 281 -33.34 -12.28 45.67
N GLY E 282 -32.15 -12.88 45.57
CA GLY E 282 -31.83 -14.13 46.26
C GLY E 282 -30.47 -14.09 46.95
N TYR E 283 -30.04 -12.89 47.35
CA TYR E 283 -28.80 -12.70 48.11
C TYR E 283 -28.87 -11.39 48.90
N TRP E 284 -28.22 -11.35 50.06
CA TRP E 284 -28.32 -10.23 51.00
C TRP E 284 -26.99 -10.03 51.73
N TRP E 285 -26.37 -8.87 51.54
CA TRP E 285 -25.12 -8.53 52.23
C TRP E 285 -25.33 -8.48 53.74
N CYS E 286 -24.32 -8.93 54.48
CA CYS E 286 -24.25 -8.72 55.91
C CYS E 286 -23.95 -7.24 56.14
N PRO E 287 -24.83 -6.53 56.87
CA PRO E 287 -24.69 -5.06 56.94
C PRO E 287 -23.46 -4.51 57.69
N LYS E 288 -22.67 -5.37 58.35
CA LYS E 288 -21.41 -4.94 58.98
C LYS E 288 -20.27 -5.96 58.75
N ALA E 289 -19.05 -5.47 58.87
CA ALA E 289 -17.82 -6.27 58.68
C ALA E 289 -17.28 -6.83 60.01
N GLU E 290 -16.23 -7.64 59.90
CA GLU E 290 -15.51 -8.20 61.05
C GLU E 290 -14.01 -7.99 60.86
N THR E 291 -13.39 -7.23 61.76
CA THR E 291 -11.96 -6.90 61.66
C THR E 291 -11.07 -8.13 61.85
N THR E 292 -10.04 -8.24 61.01
CA THR E 292 -9.06 -9.32 61.10
C THR E 292 -7.90 -8.90 62.01
N PRO E 293 -7.19 -9.87 62.63
CA PRO E 293 -6.03 -9.55 63.47
C PRO E 293 -4.91 -8.75 62.78
N SER E 294 -4.62 -9.09 61.52
CA SER E 294 -3.51 -8.47 60.78
C SER E 294 -3.76 -6.99 60.42
N GLY E 295 -4.99 -6.67 60.02
CA GLY E 295 -5.32 -5.30 59.59
C GLY E 295 -6.61 -5.13 58.81
N GLY E 296 -6.91 -6.09 57.93
CA GLY E 296 -8.07 -6.01 57.03
C GLY E 296 -9.43 -6.29 57.65
N LYS E 297 -10.29 -6.93 56.87
CA LYS E 297 -11.68 -7.23 57.29
C LYS E 297 -12.29 -8.43 56.56
N ILE E 298 -13.48 -8.83 57.01
CA ILE E 298 -14.24 -9.94 56.42
C ILE E 298 -15.68 -9.50 56.18
N LEU E 299 -16.12 -9.58 54.93
CA LEU E 299 -17.50 -9.30 54.54
C LEU E 299 -18.22 -10.62 54.30
N ARG E 300 -19.54 -10.61 54.52
CA ARG E 300 -20.38 -11.81 54.38
C ARG E 300 -21.56 -11.55 53.43
N ILE E 301 -21.94 -12.57 52.68
CA ILE E 301 -23.10 -12.51 51.76
C ILE E 301 -23.90 -13.81 51.87
N LEU E 302 -25.07 -13.73 52.52
CA LEU E 302 -26.05 -14.82 52.49
C LEU E 302 -26.67 -14.92 51.10
N TYR E 303 -26.99 -16.13 50.66
CA TYR E 303 -27.70 -16.34 49.40
C TYR E 303 -28.43 -17.68 49.38
N GLU E 304 -29.49 -17.76 48.57
CA GLU E 304 -30.17 -19.04 48.32
C GLU E 304 -29.61 -19.69 47.05
N GLU E 305 -29.34 -20.99 47.14
CA GLU E 305 -28.93 -21.81 46.00
C GLU E 305 -30.08 -22.73 45.64
N ASN E 306 -30.33 -22.88 44.34
CA ASN E 306 -31.48 -23.64 43.84
C ASN E 306 -31.06 -24.76 42.90
N ASP E 307 -31.82 -25.86 42.93
CA ASP E 307 -31.62 -26.98 42.02
C ASP E 307 -32.97 -27.27 41.35
N GLU E 308 -33.10 -26.80 40.11
CA GLU E 308 -34.35 -26.89 39.36
C GLU E 308 -34.44 -28.15 38.48
N SER E 309 -33.51 -29.10 38.65
CA SER E 309 -33.52 -30.38 37.92
C SER E 309 -34.80 -31.21 38.14
N GLU E 310 -35.36 -31.11 39.34
CA GLU E 310 -36.58 -31.84 39.71
C GLU E 310 -37.80 -31.31 38.96
N VAL E 311 -37.80 -29.99 38.73
CA VAL E 311 -38.97 -29.23 38.25
C VAL E 311 -39.27 -29.57 36.79
N GLU E 312 -40.57 -29.52 36.44
CA GLU E 312 -41.01 -29.78 35.06
C GLU E 312 -40.44 -28.78 34.07
N ILE E 313 -40.20 -29.26 32.85
CA ILE E 313 -39.72 -28.45 31.74
C ILE E 313 -40.93 -28.16 30.85
N ILE E 314 -41.14 -26.88 30.52
CA ILE E 314 -42.32 -26.45 29.77
C ILE E 314 -41.92 -25.59 28.56
N HIS E 315 -42.45 -25.94 27.39
CA HIS E 315 -42.16 -25.22 26.14
C HIS E 315 -43.22 -24.15 25.88
N VAL E 316 -42.81 -22.89 25.93
CA VAL E 316 -43.60 -21.77 25.39
C VAL E 316 -43.05 -21.48 23.99
N THR E 317 -43.92 -21.01 23.08
CA THR E 317 -43.50 -20.61 21.73
C THR E 317 -42.51 -19.46 21.83
N SER E 318 -41.49 -19.48 20.98
CA SER E 318 -40.44 -18.47 20.99
C SER E 318 -41.00 -17.15 20.45
N PRO E 319 -40.58 -15.99 21.03
CA PRO E 319 -41.01 -14.67 20.56
C PRO E 319 -40.90 -14.47 19.05
N MET E 320 -39.72 -14.78 18.51
CA MET E 320 -39.49 -14.73 17.07
C MET E 320 -40.20 -15.90 16.39
N LEU E 321 -41.37 -15.62 15.83
CA LEU E 321 -42.17 -16.63 15.11
C LEU E 321 -41.56 -17.04 13.76
N GLU E 322 -40.52 -16.32 13.33
CA GLU E 322 -39.70 -16.71 12.17
C GLU E 322 -39.00 -18.06 12.38
N THR E 323 -38.49 -18.26 13.59
CA THR E 323 -37.79 -19.50 13.94
C THR E 323 -38.72 -20.71 13.92
N ARG E 324 -39.96 -20.51 14.38
CA ARG E 324 -40.97 -21.57 14.55
C ARG E 324 -40.52 -22.59 15.60
N ARG E 325 -39.94 -22.07 16.68
CA ARG E 325 -39.30 -22.87 17.74
C ARG E 325 -39.90 -22.48 19.10
N ALA E 326 -39.44 -23.16 20.15
CA ALA E 326 -39.97 -22.95 21.50
C ALA E 326 -38.86 -22.84 22.55
N ASP E 327 -39.14 -22.05 23.59
CA ASP E 327 -38.22 -21.81 24.69
C ASP E 327 -38.62 -22.63 25.91
N SER E 328 -37.67 -23.41 26.42
CA SER E 328 -37.85 -24.16 27.66
C SER E 328 -37.57 -23.26 28.86
N PHE E 329 -38.40 -23.37 29.90
CA PHE E 329 -38.07 -22.84 31.22
C PHE E 329 -38.82 -23.59 32.32
N ARG E 330 -38.24 -23.55 33.52
CA ARG E 330 -38.70 -24.35 34.66
C ARG E 330 -40.01 -23.81 35.22
N TYR E 331 -41.09 -24.56 35.02
CA TYR E 331 -42.45 -24.17 35.42
C TYR E 331 -43.02 -25.22 36.38
N PRO E 332 -42.96 -24.94 37.71
CA PRO E 332 -43.54 -25.88 38.67
C PRO E 332 -45.07 -25.97 38.63
N LYS E 333 -45.59 -26.86 37.78
CA LYS E 333 -47.03 -27.20 37.76
C LYS E 333 -47.49 -27.68 39.14
N THR E 334 -48.75 -27.38 39.48
CA THR E 334 -49.34 -27.77 40.76
C THR E 334 -49.28 -29.29 40.93
N GLY E 335 -48.61 -29.73 41.99
CA GLY E 335 -48.42 -31.15 42.28
C GLY E 335 -47.02 -31.69 42.01
N THR E 336 -46.18 -30.90 41.34
CA THR E 336 -44.79 -31.29 41.06
C THR E 336 -43.82 -30.61 42.04
N ALA E 337 -42.54 -30.98 41.93
CA ALA E 337 -41.52 -30.47 42.83
C ALA E 337 -41.19 -29.00 42.62
N ASN E 338 -40.45 -28.45 43.57
CA ASN E 338 -39.92 -27.09 43.50
C ASN E 338 -38.39 -27.16 43.59
N PRO E 339 -37.71 -26.02 43.40
CA PRO E 339 -36.27 -25.93 43.64
C PRO E 339 -35.84 -26.50 44.98
N LYS E 340 -34.87 -27.42 44.96
CA LYS E 340 -34.23 -27.89 46.18
C LYS E 340 -33.40 -26.74 46.75
N VAL E 341 -34.06 -25.91 47.56
CA VAL E 341 -33.45 -24.70 48.11
C VAL E 341 -32.55 -24.99 49.30
N THR E 342 -31.71 -24.01 49.61
CA THR E 342 -30.83 -24.04 50.78
C THR E 342 -30.11 -22.71 50.91
N PHE E 343 -29.90 -22.26 52.14
CA PHE E 343 -29.10 -21.07 52.39
C PHE E 343 -27.62 -21.42 52.28
N LYS E 344 -26.83 -20.42 51.89
CA LYS E 344 -25.39 -20.54 51.76
C LYS E 344 -24.75 -19.23 52.25
N MET E 345 -23.42 -19.18 52.28
CA MET E 345 -22.70 -17.98 52.68
C MET E 345 -21.34 -17.90 52.01
N SER E 346 -20.87 -16.68 51.76
CA SER E 346 -19.57 -16.43 51.15
C SER E 346 -18.73 -15.50 52.03
N GLU E 347 -17.75 -16.08 52.72
CA GLU E 347 -16.79 -15.30 53.52
C GLU E 347 -15.71 -14.69 52.64
N ILE E 348 -15.90 -13.43 52.27
CA ILE E 348 -14.92 -12.70 51.45
C ILE E 348 -13.92 -12.05 52.40
N MET E 349 -12.75 -12.69 52.56
CA MET E 349 -11.65 -12.13 53.37
C MET E 349 -10.92 -11.05 52.57
N ILE E 350 -10.84 -9.85 53.15
CA ILE E 350 -10.17 -8.69 52.55
C ILE E 350 -8.97 -8.30 53.41
N ASP E 351 -7.88 -7.87 52.75
CA ASP E 351 -6.67 -7.40 53.45
C ASP E 351 -6.78 -5.90 53.79
N ALA E 352 -5.74 -5.35 54.41
CA ALA E 352 -5.72 -3.94 54.85
C ALA E 352 -5.97 -2.90 53.74
N GLU E 353 -5.61 -3.23 52.50
CA GLU E 353 -5.70 -2.30 51.37
C GLU E 353 -7.09 -2.25 50.70
N GLY E 354 -7.87 -3.33 50.86
CA GLY E 354 -9.15 -3.48 50.17
C GLY E 354 -9.14 -4.47 49.00
N ARG E 355 -8.03 -5.19 48.84
CA ARG E 355 -7.94 -6.32 47.90
C ARG E 355 -8.47 -7.58 48.57
N ILE E 356 -8.78 -8.61 47.77
CA ILE E 356 -9.24 -9.90 48.30
C ILE E 356 -8.03 -10.76 48.69
N ILE E 357 -8.10 -11.36 49.89
CA ILE E 357 -7.16 -12.43 50.28
C ILE E 357 -7.67 -13.73 49.70
N ASP E 358 -8.90 -14.09 50.08
CA ASP E 358 -9.54 -15.34 49.64
C ASP E 358 -11.05 -15.26 49.85
N VAL E 359 -11.79 -16.11 49.15
CA VAL E 359 -13.25 -16.22 49.29
C VAL E 359 -13.63 -17.67 49.56
N ILE E 360 -14.23 -17.89 50.74
CA ILE E 360 -14.60 -19.21 51.21
C ILE E 360 -16.11 -19.37 51.09
N ASP E 361 -16.56 -20.18 50.14
CA ASP E 361 -17.97 -20.54 50.02
C ASP E 361 -18.30 -21.54 51.11
N LYS E 362 -19.33 -21.24 51.91
CA LYS E 362 -19.72 -22.07 53.05
C LYS E 362 -21.11 -22.68 52.89
N GLU E 363 -21.24 -23.95 53.29
CA GLU E 363 -22.51 -24.68 53.28
C GLU E 363 -22.97 -24.97 54.70
N LEU E 364 -24.27 -25.18 54.88
CA LEU E 364 -24.87 -25.49 56.17
C LEU E 364 -24.26 -26.75 56.80
N ILE E 365 -24.04 -26.71 58.10
CA ILE E 365 -23.44 -27.82 58.86
C ILE E 365 -24.27 -29.12 58.78
N GLN E 366 -25.59 -28.96 58.72
CA GLN E 366 -26.53 -30.05 58.47
C GLN E 366 -27.42 -29.64 57.29
N PRO E 367 -28.12 -30.60 56.65
CA PRO E 367 -28.93 -30.24 55.47
C PRO E 367 -30.14 -29.34 55.74
N PHE E 368 -30.78 -28.89 54.66
CA PHE E 368 -31.92 -27.96 54.74
C PHE E 368 -33.19 -28.66 55.23
N GLU E 369 -33.54 -29.78 54.61
CA GLU E 369 -34.71 -30.61 55.01
C GLU E 369 -34.71 -30.96 56.50
N ILE E 370 -33.52 -31.17 57.07
CA ILE E 370 -33.36 -31.47 58.50
C ILE E 370 -33.50 -30.20 59.34
N LEU E 371 -32.58 -29.26 59.17
CA LEU E 371 -32.51 -28.04 60.00
C LEU E 371 -33.79 -27.21 60.06
N PHE E 372 -34.53 -27.17 58.96
CA PHE E 372 -35.81 -26.46 58.89
C PHE E 372 -36.89 -27.44 58.44
N GLU E 373 -37.44 -28.17 59.41
CA GLU E 373 -38.44 -29.22 59.19
C GLU E 373 -39.63 -28.75 58.36
N GLY E 374 -39.92 -29.49 57.28
CA GLY E 374 -41.08 -29.23 56.43
C GLY E 374 -41.09 -27.95 55.61
N VAL E 375 -39.96 -27.25 55.57
CA VAL E 375 -39.88 -25.92 54.95
C VAL E 375 -39.70 -26.07 53.43
N GLU E 376 -40.62 -25.46 52.68
CA GLU E 376 -40.68 -25.56 51.21
C GLU E 376 -40.60 -24.25 50.40
N TYR E 377 -40.58 -23.10 51.07
CA TYR E 377 -40.39 -21.80 50.42
C TYR E 377 -39.56 -20.88 51.32
N ILE E 378 -38.45 -20.36 50.79
CA ILE E 378 -37.76 -19.23 51.42
C ILE E 378 -38.47 -17.97 50.89
N ALA E 379 -39.29 -17.36 51.74
CA ALA E 379 -40.22 -16.29 51.31
C ALA E 379 -39.62 -14.88 51.38
N ARG E 380 -38.96 -14.57 52.50
CA ARG E 380 -38.23 -13.30 52.68
C ARG E 380 -37.00 -13.60 53.54
N ALA E 381 -36.01 -12.71 53.46
CA ALA E 381 -34.78 -12.84 54.26
C ALA E 381 -34.00 -11.54 54.34
N GLY E 382 -33.07 -11.51 55.29
CA GLY E 382 -32.23 -10.35 55.53
C GLY E 382 -31.24 -10.59 56.64
N TRP E 383 -30.87 -9.51 57.34
CA TRP E 383 -29.92 -9.57 58.45
C TRP E 383 -30.40 -8.72 59.63
N THR E 384 -29.94 -9.09 60.82
CA THR E 384 -30.18 -8.28 62.02
C THR E 384 -29.34 -7.02 61.87
N PRO E 385 -29.95 -5.83 62.04
CA PRO E 385 -29.27 -4.53 61.90
C PRO E 385 -27.84 -4.44 62.48
N GLU E 386 -27.61 -5.12 63.60
CA GLU E 386 -26.27 -5.21 64.21
C GLU E 386 -25.34 -6.01 63.31
N GLY E 387 -25.82 -7.16 62.86
CA GLY E 387 -25.12 -8.04 61.93
C GLY E 387 -24.54 -9.31 62.52
N LYS E 388 -25.02 -9.72 63.70
CA LYS E 388 -24.52 -10.94 64.36
C LYS E 388 -25.25 -12.16 63.82
N TYR E 389 -26.57 -12.12 63.85
CA TYR E 389 -27.42 -13.16 63.24
C TYR E 389 -27.91 -12.70 61.86
N ALA E 390 -28.37 -13.66 61.07
CA ALA E 390 -29.03 -13.39 59.79
C ALA E 390 -30.42 -14.00 59.86
N TRP E 391 -31.44 -13.20 59.59
CA TRP E 391 -32.83 -13.68 59.70
C TRP E 391 -33.35 -14.30 58.41
N SER E 392 -34.51 -14.93 58.52
CA SER E 392 -35.21 -15.54 57.39
C SER E 392 -36.67 -15.78 57.74
N ILE E 393 -37.54 -15.73 56.73
CA ILE E 393 -38.95 -16.02 56.89
C ILE E 393 -39.28 -17.21 55.99
N LEU E 394 -39.87 -18.26 56.57
CA LEU E 394 -40.03 -19.56 55.92
C LEU E 394 -41.47 -20.05 55.92
N LEU E 395 -41.76 -20.96 54.98
CA LEU E 395 -43.09 -21.53 54.81
C LEU E 395 -43.03 -23.02 54.51
N ASP E 396 -44.13 -23.71 54.81
CA ASP E 396 -44.35 -25.09 54.36
C ASP E 396 -45.07 -25.07 53.01
N ARG E 397 -45.12 -26.22 52.34
CA ARG E 397 -45.70 -26.32 50.99
C ARG E 397 -47.19 -25.98 50.93
N SER E 398 -47.92 -26.31 51.99
CA SER E 398 -49.32 -25.92 52.14
C SER E 398 -49.50 -24.42 52.40
N GLN E 399 -48.44 -23.80 52.94
CA GLN E 399 -48.36 -22.35 53.18
C GLN E 399 -49.31 -21.89 54.28
N THR E 400 -49.54 -22.76 55.25
CA THR E 400 -50.42 -22.51 56.39
C THR E 400 -49.63 -22.42 57.71
N ARG E 401 -48.31 -22.29 57.62
CA ARG E 401 -47.44 -22.15 58.80
C ARG E 401 -46.21 -21.32 58.47
N LEU E 402 -46.10 -20.16 59.12
CA LEU E 402 -44.95 -19.27 58.96
C LEU E 402 -43.93 -19.52 60.07
N GLN E 403 -42.65 -19.47 59.71
CA GLN E 403 -41.54 -19.53 60.67
C GLN E 403 -40.58 -18.37 60.45
N ILE E 404 -40.30 -17.61 61.50
CA ILE E 404 -39.23 -16.63 61.51
C ILE E 404 -38.04 -17.30 62.19
N VAL E 405 -36.85 -17.12 61.63
CA VAL E 405 -35.63 -17.81 62.10
C VAL E 405 -34.48 -16.82 62.23
N LEU E 406 -33.56 -17.11 63.17
CA LEU E 406 -32.25 -16.44 63.24
C LEU E 406 -31.16 -17.47 62.92
N ILE E 407 -30.61 -17.37 61.72
CA ILE E 407 -29.64 -18.33 61.21
C ILE E 407 -28.24 -17.72 61.36
N SER E 408 -27.49 -18.22 62.34
CA SER E 408 -26.16 -17.68 62.67
C SER E 408 -25.13 -17.99 61.56
N PRO E 409 -24.08 -17.15 61.42
CA PRO E 409 -22.96 -17.50 60.52
C PRO E 409 -22.21 -18.76 60.95
N GLU E 410 -22.19 -19.05 62.24
CA GLU E 410 -21.55 -20.26 62.78
C GLU E 410 -22.21 -21.58 62.35
N LEU E 411 -23.48 -21.52 61.93
CA LEU E 411 -24.15 -22.66 61.29
C LEU E 411 -23.52 -23.10 59.95
N PHE E 412 -22.82 -22.18 59.29
CA PHE E 412 -22.16 -22.46 58.01
C PHE E 412 -20.68 -22.84 58.19
N ILE E 413 -20.24 -23.83 57.41
CA ILE E 413 -18.83 -24.27 57.35
C ILE E 413 -18.38 -24.37 55.90
N PRO E 414 -17.05 -24.28 55.63
CA PRO E 414 -16.55 -24.36 54.25
C PRO E 414 -16.98 -25.63 53.50
N VAL E 415 -17.25 -25.48 52.21
CA VAL E 415 -17.47 -26.63 51.33
C VAL E 415 -16.13 -27.33 51.16
N GLU E 416 -16.04 -28.57 51.62
CA GLU E 416 -14.85 -29.41 51.41
C GLU E 416 -15.24 -30.74 50.76
N ASP E 417 -14.35 -31.23 49.89
CA ASP E 417 -14.59 -32.45 49.12
C ASP E 417 -14.21 -33.67 49.96
N ASP E 418 -13.01 -33.62 50.53
CA ASP E 418 -12.49 -34.65 51.43
C ASP E 418 -13.42 -34.92 52.60
N VAL E 419 -13.97 -36.14 52.65
CA VAL E 419 -14.90 -36.56 53.71
C VAL E 419 -14.32 -36.47 55.13
N MET E 420 -13.02 -36.76 55.26
CA MET E 420 -12.34 -36.78 56.58
C MET E 420 -11.86 -35.41 57.07
N GLU E 421 -12.06 -34.35 56.27
CA GLU E 421 -11.89 -32.97 56.71
C GLU E 421 -13.23 -32.32 57.11
N ARG E 422 -14.30 -32.67 56.40
CA ARG E 422 -15.67 -32.23 56.75
C ARG E 422 -16.03 -32.57 58.19
N GLN E 423 -15.72 -33.79 58.61
CA GLN E 423 -15.97 -34.24 59.99
C GLN E 423 -15.10 -33.48 61.02
N ARG E 424 -13.88 -33.11 60.63
CA ARG E 424 -13.03 -32.26 61.46
C ARG E 424 -13.63 -30.86 61.63
N LEU E 425 -14.23 -30.33 60.56
CA LEU E 425 -14.91 -29.02 60.60
C LEU E 425 -16.25 -29.07 61.34
N ILE E 426 -17.05 -30.11 61.09
CA ILE E 426 -18.34 -30.30 61.76
C ILE E 426 -18.17 -30.38 63.29
N GLU E 427 -17.18 -31.14 63.74
CA GLU E 427 -16.90 -31.32 65.18
C GLU E 427 -16.37 -30.06 65.86
N SER E 428 -15.68 -29.20 65.12
CA SER E 428 -15.16 -27.92 65.66
C SER E 428 -16.24 -26.87 65.90
N VAL E 429 -17.37 -26.96 65.18
CA VAL E 429 -18.54 -26.10 65.42
C VAL E 429 -19.27 -26.61 66.66
N PRO E 430 -19.50 -25.74 67.67
CA PRO E 430 -20.23 -26.15 68.89
C PRO E 430 -21.63 -26.74 68.66
N ASP E 431 -22.06 -27.59 69.59
CA ASP E 431 -23.38 -28.22 69.53
C ASP E 431 -24.50 -27.22 69.86
N SER E 432 -24.16 -26.21 70.67
CA SER E 432 -25.09 -25.15 71.08
C SER E 432 -25.55 -24.22 69.94
N VAL E 433 -24.75 -24.11 68.89
CA VAL E 433 -25.12 -23.32 67.71
C VAL E 433 -26.26 -24.04 66.98
N THR E 434 -27.35 -23.31 66.75
CA THR E 434 -28.62 -23.91 66.35
C THR E 434 -29.52 -22.85 65.71
N PRO E 435 -30.36 -23.24 64.72
CA PRO E 435 -31.31 -22.27 64.17
C PRO E 435 -32.35 -21.90 65.22
N LEU E 436 -32.42 -20.61 65.55
CA LEU E 436 -33.32 -20.10 66.58
C LEU E 436 -34.62 -19.60 65.95
N ILE E 437 -35.68 -20.41 66.05
CA ILE E 437 -37.01 -20.00 65.60
C ILE E 437 -37.55 -18.99 66.62
N ILE E 438 -37.43 -17.70 66.30
CA ILE E 438 -37.87 -16.61 67.22
C ILE E 438 -39.38 -16.32 67.19
N TYR E 439 -40.09 -16.86 66.21
CA TYR E 439 -41.54 -16.71 66.12
C TYR E 439 -42.10 -17.78 65.21
N GLU E 440 -43.32 -18.21 65.50
CA GLU E 440 -44.03 -19.20 64.69
C GLU E 440 -45.53 -18.98 64.81
N GLU E 441 -46.25 -19.34 63.75
CA GLU E 441 -47.69 -19.18 63.71
C GLU E 441 -48.29 -20.09 62.66
N THR E 442 -49.39 -20.73 63.01
CA THR E 442 -50.20 -21.48 62.06
C THR E 442 -51.47 -20.69 61.78
N THR E 443 -52.20 -21.13 60.76
CA THR E 443 -53.55 -20.67 60.52
C THR E 443 -54.29 -21.74 59.74
N ASP E 444 -55.61 -21.78 59.93
CA ASP E 444 -56.48 -22.72 59.21
C ASP E 444 -56.93 -22.20 57.83
N ILE E 445 -56.44 -21.01 57.44
CA ILE E 445 -56.74 -20.41 56.14
C ILE E 445 -55.44 -20.44 55.30
N TRP E 446 -54.63 -19.38 55.35
CA TRP E 446 -53.31 -19.35 54.68
C TRP E 446 -52.48 -18.15 55.11
N ILE E 447 -51.16 -18.27 55.00
CA ILE E 447 -50.25 -17.17 55.29
C ILE E 447 -50.11 -16.31 54.04
N ASN E 448 -50.57 -15.05 54.14
CA ASN E 448 -50.29 -14.03 53.14
C ASN E 448 -49.03 -13.28 53.56
N ILE E 449 -48.01 -13.34 52.70
CA ILE E 449 -46.69 -12.80 53.00
C ILE E 449 -46.67 -11.29 52.76
N HIS E 450 -45.87 -10.59 53.56
CA HIS E 450 -45.73 -9.15 53.48
C HIS E 450 -44.29 -8.76 53.76
N ASP E 451 -43.97 -7.51 53.44
CA ASP E 451 -42.61 -6.98 53.57
C ASP E 451 -42.31 -6.39 54.95
N ILE E 452 -43.32 -6.32 55.81
CA ILE E 452 -43.18 -5.80 57.18
C ILE E 452 -42.39 -6.74 58.07
N PHE E 453 -41.35 -6.19 58.71
CA PHE E 453 -40.52 -6.89 59.70
C PHE E 453 -39.42 -5.92 60.15
N HIS E 454 -39.41 -5.56 61.43
CA HIS E 454 -38.42 -4.63 61.99
C HIS E 454 -37.81 -5.19 63.27
N VAL E 455 -36.48 -5.30 63.28
CA VAL E 455 -35.72 -5.73 64.45
C VAL E 455 -35.07 -4.52 65.11
N PHE E 456 -35.20 -4.42 66.43
CA PHE E 456 -34.57 -3.35 67.20
C PHE E 456 -33.12 -3.72 67.52
N PRO E 457 -32.30 -2.73 67.92
CA PRO E 457 -30.98 -3.01 68.47
C PRO E 457 -31.04 -3.99 69.65
N GLN E 458 -30.07 -4.90 69.69
CA GLN E 458 -30.07 -5.99 70.67
C GLN E 458 -29.72 -5.41 72.05
N SER E 459 -30.76 -5.06 72.80
CA SER E 459 -30.59 -4.43 74.12
C SER E 459 -29.99 -5.40 75.13
N HIS E 460 -30.76 -6.42 75.50
CA HIS E 460 -30.25 -7.50 76.37
C HIS E 460 -29.50 -8.52 75.51
N GLU E 461 -28.56 -9.23 76.15
CA GLU E 461 -27.71 -10.21 75.48
C GLU E 461 -28.52 -11.42 74.99
N GLU E 462 -29.33 -11.98 75.87
CA GLU E 462 -30.12 -13.18 75.58
C GLU E 462 -31.48 -12.92 74.92
N GLU E 463 -31.79 -11.66 74.62
CA GLU E 463 -33.06 -11.29 73.97
C GLU E 463 -32.86 -10.71 72.58
N ILE E 464 -33.92 -10.77 71.77
CA ILE E 464 -34.02 -9.97 70.53
C ILE E 464 -35.47 -9.49 70.33
N GLU E 465 -35.65 -8.18 70.46
CA GLU E 465 -36.95 -7.53 70.33
C GLU E 465 -37.21 -7.19 68.87
N PHE E 466 -38.47 -7.28 68.45
CA PHE E 466 -38.86 -6.97 67.07
C PHE E 466 -40.36 -6.70 66.91
N ILE E 467 -40.73 -6.24 65.72
CA ILE E 467 -42.13 -6.09 65.31
C ILE E 467 -42.38 -6.95 64.07
N PHE E 468 -43.53 -7.61 64.05
CA PHE E 468 -44.02 -8.39 62.91
C PHE E 468 -45.48 -8.00 62.68
N ALA E 469 -46.07 -8.46 61.58
CA ALA E 469 -47.51 -8.33 61.35
C ALA E 469 -48.11 -9.68 60.97
N SER E 470 -49.40 -9.86 61.26
CA SER E 470 -50.02 -11.18 61.15
C SER E 470 -51.56 -11.17 61.17
N GLU E 471 -52.15 -12.02 60.33
CA GLU E 471 -53.59 -12.33 60.35
C GLU E 471 -53.93 -13.62 61.12
N CYS E 472 -52.93 -14.25 61.74
CA CYS E 472 -53.12 -15.54 62.42
C CYS E 472 -53.82 -15.41 63.78
N LYS E 473 -53.53 -14.33 64.50
CA LYS E 473 -54.09 -14.11 65.84
C LYS E 473 -55.56 -13.70 65.81
N THR E 474 -55.85 -12.69 64.99
CA THR E 474 -57.15 -12.00 64.98
C THR E 474 -58.10 -12.36 63.84
N GLY E 475 -57.56 -12.56 62.64
CA GLY E 475 -58.36 -12.69 61.40
C GLY E 475 -58.14 -11.53 60.44
N PHE E 476 -57.64 -10.41 60.97
CA PHE E 476 -57.19 -9.25 60.19
C PHE E 476 -55.73 -8.98 60.56
N ARG E 477 -55.00 -8.34 59.65
CA ARG E 477 -53.55 -8.11 59.83
C ARG E 477 -53.28 -6.93 60.76
N HIS E 478 -52.49 -7.16 61.80
CA HIS E 478 -52.14 -6.11 62.76
C HIS E 478 -50.69 -6.25 63.19
N LEU E 479 -50.15 -5.18 63.77
CA LEU E 479 -48.76 -5.13 64.23
C LEU E 479 -48.67 -5.65 65.66
N TYR E 480 -47.68 -6.52 65.92
CA TYR E 480 -47.46 -7.09 67.25
C TYR E 480 -45.98 -6.99 67.64
N LYS E 481 -45.68 -6.19 68.68
CA LYS E 481 -44.31 -6.04 69.20
C LYS E 481 -43.97 -7.23 70.08
N ILE E 482 -42.91 -7.95 69.71
CA ILE E 482 -42.54 -9.23 70.32
C ILE E 482 -41.10 -9.20 70.82
N THR E 483 -40.87 -9.84 71.96
CA THR E 483 -39.55 -10.13 72.48
C THR E 483 -39.40 -11.65 72.48
N SER E 484 -38.17 -12.13 72.27
CA SER E 484 -37.88 -13.56 72.26
C SER E 484 -36.52 -13.84 72.87
N ILE E 485 -36.47 -14.80 73.80
CA ILE E 485 -35.23 -15.17 74.49
C ILE E 485 -34.51 -16.24 73.66
N LEU E 486 -33.19 -16.06 73.50
CA LEU E 486 -32.38 -16.93 72.65
C LEU E 486 -31.92 -18.16 73.43
N LYS E 487 -32.69 -19.24 73.32
CA LYS E 487 -32.45 -20.48 74.06
C LYS E 487 -31.32 -21.30 73.46
N GLU E 488 -30.43 -21.80 74.33
CA GLU E 488 -29.48 -22.85 73.96
C GLU E 488 -30.29 -24.14 73.85
N SER E 489 -30.62 -24.51 72.61
CA SER E 489 -31.63 -25.53 72.32
C SER E 489 -31.27 -26.94 72.82
N LYS E 490 -32.28 -27.80 72.83
CA LYS E 490 -32.18 -29.14 73.42
C LYS E 490 -31.48 -30.17 72.54
N TYR E 491 -31.51 -29.99 71.21
CA TYR E 491 -30.75 -30.83 70.30
C TYR E 491 -29.25 -30.52 70.38
N LYS E 492 -28.43 -31.56 70.28
CA LYS E 492 -26.97 -31.44 70.11
C LYS E 492 -26.49 -32.43 69.02
N ARG E 493 -25.40 -32.09 68.36
CA ARG E 493 -24.79 -32.95 67.33
C ARG E 493 -23.94 -34.11 67.89
N SER E 494 -23.48 -33.97 69.13
CA SER E 494 -22.74 -35.05 69.82
C SER E 494 -23.54 -36.35 69.85
N SER E 495 -24.84 -36.24 70.11
CA SER E 495 -25.78 -37.37 69.95
C SER E 495 -25.91 -37.75 68.48
N GLY E 496 -26.22 -36.76 67.65
CA GLY E 496 -26.34 -36.95 66.21
C GLY E 496 -27.59 -37.71 65.78
N GLY E 497 -28.72 -37.35 66.37
CA GLY E 497 -30.03 -37.85 65.95
C GLY E 497 -30.68 -36.86 65.00
N LEU E 498 -31.94 -37.11 64.65
CA LEU E 498 -32.76 -36.12 63.94
C LEU E 498 -33.40 -35.21 65.00
N PRO E 499 -33.09 -33.89 64.98
CA PRO E 499 -33.71 -32.99 65.95
C PRO E 499 -35.24 -33.04 65.93
N ALA E 500 -35.84 -33.06 67.12
CA ALA E 500 -37.29 -33.27 67.26
C ALA E 500 -38.08 -32.04 66.78
N PRO E 501 -39.31 -32.26 66.24
CA PRO E 501 -40.17 -31.21 65.64
C PRO E 501 -40.17 -29.80 66.25
N SER E 502 -39.99 -29.67 67.57
CA SER E 502 -39.99 -28.35 68.24
C SER E 502 -38.77 -28.10 69.16
N ASP E 503 -37.64 -28.73 68.86
CA ASP E 503 -36.39 -28.47 69.63
C ASP E 503 -35.92 -27.03 69.50
N PHE E 504 -36.03 -26.46 68.30
CA PHE E 504 -35.42 -25.17 67.97
C PHE E 504 -36.09 -23.92 68.56
N LYS E 505 -37.35 -24.03 68.94
CA LYS E 505 -38.19 -22.86 69.21
C LYS E 505 -37.73 -22.05 70.42
N CYS E 506 -37.82 -20.72 70.30
CA CYS E 506 -37.41 -19.79 71.36
C CYS E 506 -38.56 -19.51 72.33
N PRO E 507 -38.23 -19.25 73.61
CA PRO E 507 -39.20 -18.69 74.55
C PRO E 507 -39.76 -17.33 74.11
N ILE E 508 -41.06 -17.27 73.85
CA ILE E 508 -41.76 -16.04 73.47
C ILE E 508 -42.06 -15.26 74.76
N LYS E 509 -41.18 -14.32 75.11
CA LYS E 509 -41.29 -13.62 76.41
C LYS E 509 -42.47 -12.63 76.50
N GLU E 510 -42.92 -12.11 75.36
CA GLU E 510 -44.16 -11.32 75.29
C GLU E 510 -44.67 -11.18 73.86
N GLU E 511 -45.98 -11.01 73.73
CA GLU E 511 -46.61 -10.61 72.47
C GLU E 511 -47.65 -9.52 72.74
N ILE E 512 -47.20 -8.27 72.65
CA ILE E 512 -48.09 -7.10 72.69
C ILE E 512 -48.75 -6.98 71.31
N ALA E 513 -50.01 -6.55 71.29
CA ALA E 513 -50.71 -6.23 70.03
C ALA E 513 -50.82 -4.71 69.88
N ILE E 514 -50.07 -4.15 68.93
CA ILE E 514 -49.97 -2.69 68.77
C ILE E 514 -51.26 -2.10 68.19
N THR E 515 -51.89 -2.84 67.27
CA THR E 515 -53.15 -2.43 66.66
C THR E 515 -54.18 -3.56 66.68
N SER E 516 -55.44 -3.19 66.49
CA SER E 516 -56.56 -4.12 66.59
C SER E 516 -57.86 -3.49 66.07
N GLY E 517 -58.82 -4.34 65.76
CA GLY E 517 -60.11 -3.94 65.15
C GLY E 517 -60.29 -4.62 63.81
N GLU E 518 -61.52 -4.58 63.28
CA GLU E 518 -61.84 -5.24 62.01
C GLU E 518 -61.42 -4.41 60.78
N TRP E 519 -60.11 -4.41 60.57
CA TRP E 519 -59.43 -3.68 59.48
C TRP E 519 -57.98 -4.19 59.46
N GLU E 520 -57.25 -3.95 58.38
CA GLU E 520 -55.88 -4.51 58.25
C GLU E 520 -54.77 -3.49 57.95
N VAL E 521 -53.59 -3.76 58.53
CA VAL E 521 -52.36 -3.04 58.20
C VAL E 521 -51.85 -3.57 56.85
N LEU E 522 -51.22 -2.70 56.06
CA LEU E 522 -50.76 -3.03 54.70
C LEU E 522 -49.25 -3.25 54.63
N GLY E 523 -48.84 -4.38 54.04
CA GLY E 523 -47.43 -4.74 53.87
C GLY E 523 -46.94 -5.03 52.45
N ARG E 524 -47.83 -5.52 51.58
CA ARG E 524 -47.50 -5.76 50.18
C ARG E 524 -47.53 -4.46 49.35
N HIS E 525 -47.06 -4.57 48.10
CA HIS E 525 -47.04 -3.46 47.12
C HIS E 525 -46.27 -2.22 47.61
N GLY E 526 -45.18 -2.44 48.34
CA GLY E 526 -44.34 -1.36 48.85
C GLY E 526 -44.93 -0.55 50.00
N SER E 527 -45.96 -1.08 50.65
CA SER E 527 -46.47 -0.53 51.92
C SER E 527 -45.63 -1.14 53.02
N ASN E 528 -45.33 -0.37 54.07
CA ASN E 528 -44.45 -0.85 55.14
C ASN E 528 -44.72 -0.05 56.41
N ILE E 529 -43.73 0.02 57.30
CA ILE E 529 -43.80 0.81 58.52
C ILE E 529 -42.47 1.54 58.69
N GLN E 530 -42.52 2.72 59.28
CA GLN E 530 -41.33 3.44 59.68
C GLN E 530 -41.29 3.46 61.21
N VAL E 531 -40.23 2.93 61.78
CA VAL E 531 -40.10 2.84 63.23
C VAL E 531 -39.21 3.97 63.72
N ASP E 532 -39.81 4.90 64.44
CA ASP E 532 -39.08 5.88 65.23
C ASP E 532 -38.69 5.18 66.54
N GLU E 533 -37.38 5.09 66.80
CA GLU E 533 -36.85 4.43 68.00
C GLU E 533 -36.52 5.40 69.15
N VAL E 534 -36.63 6.71 68.89
CA VAL E 534 -36.40 7.75 69.90
C VAL E 534 -37.74 8.07 70.58
N ARG E 535 -38.72 8.49 69.77
CA ARG E 535 -40.10 8.73 70.23
C ARG E 535 -40.85 7.42 70.50
N ARG E 536 -40.42 6.35 69.84
CA ARG E 536 -40.93 4.98 70.05
C ARG E 536 -42.36 4.83 69.51
N LEU E 537 -42.52 5.26 68.26
CA LEU E 537 -43.80 5.31 67.55
C LEU E 537 -43.63 4.66 66.18
N VAL E 538 -44.69 4.03 65.68
CA VAL E 538 -44.63 3.29 64.42
C VAL E 538 -45.79 3.67 63.46
N TYR E 539 -45.42 4.21 62.31
CA TYR E 539 -46.36 4.68 61.28
C TYR E 539 -46.71 3.50 60.38
N PHE E 540 -47.90 3.52 59.79
CA PHE E 540 -48.35 2.41 58.93
C PHE E 540 -49.57 2.78 58.07
N GLU E 541 -49.66 2.15 56.91
CA GLU E 541 -50.86 2.25 56.07
C GLU E 541 -51.91 1.26 56.57
N GLY E 542 -53.18 1.60 56.39
CA GLY E 542 -54.28 0.72 56.82
C GLY E 542 -55.62 1.05 56.18
N THR E 543 -56.66 0.36 56.65
CA THR E 543 -58.03 0.49 56.13
C THR E 543 -59.07 0.76 57.24
N LYS E 544 -58.66 1.44 58.31
CA LYS E 544 -59.51 1.65 59.49
C LYS E 544 -60.72 2.54 59.17
N ASP E 545 -60.48 3.66 58.48
CA ASP E 545 -61.56 4.55 58.06
C ASP E 545 -62.49 3.91 57.03
N SER E 546 -61.91 3.17 56.10
CA SER E 546 -62.67 2.41 55.11
C SER E 546 -61.78 1.38 54.41
N PRO E 547 -62.38 0.28 53.89
CA PRO E 547 -61.64 -0.55 52.94
C PRO E 547 -61.37 0.13 51.59
N LEU E 548 -62.24 1.07 51.22
CA LEU E 548 -62.18 1.76 49.93
C LEU E 548 -61.15 2.89 49.84
N GLU E 549 -60.56 3.27 50.97
CA GLU E 549 -59.49 4.26 51.02
C GLU E 549 -58.35 3.74 51.90
N HIS E 550 -57.15 3.76 51.37
CA HIS E 550 -55.94 3.41 52.10
C HIS E 550 -55.50 4.70 52.79
N HIS E 551 -54.96 4.60 54.01
CA HIS E 551 -54.64 5.79 54.81
C HIS E 551 -53.43 5.56 55.71
N LEU E 552 -52.61 6.60 55.87
CA LEU E 552 -51.48 6.57 56.80
C LEU E 552 -51.97 6.84 58.21
N TYR E 553 -51.59 5.98 59.14
CA TYR E 553 -51.87 6.15 60.57
C TYR E 553 -50.56 6.17 61.35
N VAL E 554 -50.68 6.35 62.67
CA VAL E 554 -49.53 6.29 63.58
C VAL E 554 -49.97 5.87 64.98
N VAL E 555 -49.11 5.14 65.66
CA VAL E 555 -49.34 4.64 67.01
C VAL E 555 -48.01 4.53 67.76
N SER E 556 -48.07 4.60 69.08
CA SER E 556 -46.92 4.33 69.94
C SER E 556 -46.89 2.83 70.24
N TYR E 557 -45.79 2.17 69.87
CA TYR E 557 -45.66 0.71 70.11
C TYR E 557 -45.43 0.33 71.59
N VAL E 558 -44.97 1.29 72.40
CA VAL E 558 -44.75 1.07 73.84
C VAL E 558 -46.08 1.00 74.60
N ASN E 559 -46.95 1.99 74.41
CA ASN E 559 -48.27 2.06 75.04
C ASN E 559 -49.37 2.10 73.97
N PRO E 560 -49.61 0.95 73.31
CA PRO E 560 -50.51 0.94 72.15
C PRO E 560 -51.99 1.07 72.50
N GLY E 561 -52.59 2.18 72.07
CA GLY E 561 -54.02 2.42 72.19
C GLY E 561 -54.50 3.38 71.12
N GLU E 562 -54.13 4.64 71.26
CA GLU E 562 -54.55 5.71 70.34
C GLU E 562 -53.89 5.59 68.96
N VAL E 563 -54.71 5.70 67.92
CA VAL E 563 -54.26 5.59 66.53
C VAL E 563 -54.71 6.83 65.74
N THR E 564 -53.82 7.79 65.59
CA THR E 564 -54.06 8.98 64.76
C THR E 564 -54.04 8.58 63.28
N ARG E 565 -54.92 9.20 62.50
CA ARG E 565 -54.87 9.11 61.04
C ARG E 565 -54.24 10.40 60.52
N LEU E 566 -53.06 10.28 59.91
CA LEU E 566 -52.30 11.44 59.42
C LEU E 566 -52.73 11.94 58.02
N THR E 567 -53.56 11.17 57.31
CA THR E 567 -54.00 11.53 55.96
C THR E 567 -55.45 11.99 55.89
N ASP E 568 -55.70 13.07 55.14
CA ASP E 568 -57.06 13.61 54.97
C ASP E 568 -57.97 12.64 54.21
N ARG E 569 -59.23 12.62 54.61
CA ARG E 569 -60.20 11.64 54.09
C ARG E 569 -60.66 11.97 52.66
N GLY E 570 -61.41 11.04 52.07
CA GLY E 570 -61.94 11.21 50.71
C GLY E 570 -61.03 10.84 49.55
N TYR E 571 -59.82 10.34 49.84
CA TYR E 571 -58.86 9.88 48.83
C TYR E 571 -58.13 8.61 49.31
N SER E 572 -57.58 7.82 48.37
CA SER E 572 -56.79 6.61 48.68
C SER E 572 -55.29 6.88 48.54
N HIS E 573 -54.53 6.59 49.60
CA HIS E 573 -53.15 7.07 49.76
C HIS E 573 -52.10 5.96 49.73
N SER E 574 -51.23 6.00 48.73
CA SER E 574 -49.93 5.29 48.76
C SER E 574 -48.95 6.27 49.39
N CYS E 575 -48.23 5.81 50.42
CA CYS E 575 -47.47 6.73 51.29
C CYS E 575 -46.04 6.32 51.58
N CYS E 576 -45.27 7.30 52.06
CA CYS E 576 -43.84 7.19 52.25
C CYS E 576 -43.42 8.10 53.39
N ILE E 577 -42.52 7.62 54.24
CA ILE E 577 -42.12 8.32 55.48
C ILE E 577 -40.60 8.50 55.47
N SER E 578 -40.14 9.68 55.90
CA SER E 578 -38.72 9.95 56.03
C SER E 578 -38.10 8.97 57.02
N GLN E 579 -36.88 8.51 56.74
CA GLN E 579 -36.13 7.66 57.68
C GLN E 579 -35.80 8.36 59.01
N HIS E 580 -35.79 9.69 58.99
CA HIS E 580 -35.70 10.51 60.21
C HIS E 580 -37.07 10.77 60.87
N CYS E 581 -38.14 10.37 60.16
CA CYS E 581 -39.54 10.33 60.68
C CYS E 581 -40.27 11.67 60.81
N ASP E 582 -39.60 12.78 60.54
CA ASP E 582 -40.19 14.13 60.70
C ASP E 582 -40.71 14.71 59.37
N PHE E 583 -41.29 13.83 58.54
CA PHE E 583 -41.81 14.18 57.21
C PHE E 583 -42.56 12.98 56.67
N PHE E 584 -43.50 13.22 55.75
CA PHE E 584 -44.13 12.12 55.00
C PHE E 584 -44.70 12.61 53.67
N ILE E 585 -44.78 11.70 52.71
CA ILE E 585 -45.27 11.97 51.36
C ILE E 585 -46.46 11.06 51.08
N SER E 586 -47.44 11.58 50.35
CA SER E 586 -48.57 10.77 49.87
C SER E 586 -48.76 10.87 48.37
N LYS E 587 -49.42 9.86 47.82
CA LYS E 587 -49.87 9.82 46.43
C LYS E 587 -51.36 9.45 46.48
N TYR E 588 -52.22 10.45 46.25
CA TYR E 588 -53.66 10.34 46.55
C TYR E 588 -54.57 10.61 45.35
N SER E 589 -55.68 9.87 45.27
CA SER E 589 -56.67 10.04 44.19
C SER E 589 -58.05 9.52 44.62
N ASN E 590 -59.11 10.22 44.19
CA ASN E 590 -60.49 9.76 44.36
C ASN E 590 -61.11 9.43 43.00
N GLN E 591 -62.42 9.21 42.95
CA GLN E 591 -63.08 8.71 41.74
C GLN E 591 -63.13 9.72 40.59
N LYS E 592 -63.13 11.02 40.91
CA LYS E 592 -63.14 12.09 39.90
C LYS E 592 -61.76 12.71 39.58
N ASN E 593 -60.88 12.81 40.59
CA ASN E 593 -59.56 13.44 40.44
C ASN E 593 -58.44 12.40 40.21
N PRO E 594 -57.65 12.54 39.13
CA PRO E 594 -56.44 11.72 38.97
C PRO E 594 -55.36 11.97 40.04
N HIS E 595 -54.35 11.12 40.04
CA HIS E 595 -53.38 11.05 41.16
C HIS E 595 -52.50 12.29 41.31
N CYS E 596 -52.63 12.96 42.45
CA CYS E 596 -51.73 14.03 42.87
C CYS E 596 -50.63 13.41 43.74
N VAL E 597 -49.68 14.25 44.14
CA VAL E 597 -48.66 13.90 45.14
C VAL E 597 -48.46 15.14 46.02
N SER E 598 -48.08 14.93 47.27
CA SER E 598 -47.76 16.04 48.18
C SER E 598 -46.83 15.61 49.31
N LEU E 599 -45.97 16.53 49.72
CA LEU E 599 -45.17 16.39 50.94
C LEU E 599 -45.97 16.98 52.11
N TYR E 600 -45.83 16.35 53.29
CA TYR E 600 -46.41 16.85 54.53
C TYR E 600 -45.38 16.71 55.65
N LYS E 601 -45.10 17.82 56.35
CA LYS E 601 -44.20 17.77 57.52
C LYS E 601 -44.98 17.27 58.73
N LEU E 602 -44.28 16.60 59.64
CA LEU E 602 -44.85 16.11 60.89
C LEU E 602 -44.30 16.88 62.08
N SER E 603 -45.20 17.21 63.02
CA SER E 603 -44.90 18.08 64.17
C SER E 603 -45.51 17.52 65.45
N SER E 604 -44.81 17.72 66.57
CA SER E 604 -45.28 17.30 67.89
C SER E 604 -44.97 18.38 68.94
N PRO E 605 -45.96 18.72 69.79
CA PRO E 605 -45.72 19.70 70.85
C PRO E 605 -44.85 19.12 71.98
N GLU E 606 -44.09 19.99 72.65
CA GLU E 606 -43.06 19.53 73.60
C GLU E 606 -43.58 18.81 74.86
N ASP E 607 -44.87 18.93 75.14
CA ASP E 607 -45.51 18.13 76.21
C ASP E 607 -45.66 16.64 75.83
N ASP E 608 -46.22 16.37 74.65
CA ASP E 608 -46.73 15.03 74.29
C ASP E 608 -46.22 14.58 72.90
N PRO E 609 -45.12 13.80 72.86
CA PRO E 609 -44.62 13.21 71.61
C PRO E 609 -45.61 12.32 70.81
N THR E 610 -46.56 11.67 71.48
CA THR E 610 -47.59 10.85 70.79
C THR E 610 -48.63 11.70 70.02
N CYS E 611 -48.76 12.98 70.39
CA CYS E 611 -49.57 13.92 69.60
C CYS E 611 -48.83 14.32 68.33
N LYS E 612 -49.05 13.54 67.27
CA LYS E 612 -48.47 13.84 65.94
C LYS E 612 -49.43 14.68 65.11
N THR E 613 -49.01 15.92 64.82
CA THR E 613 -49.76 16.87 64.01
C THR E 613 -48.99 17.16 62.72
N LYS E 614 -49.59 16.85 61.58
CA LYS E 614 -48.97 17.09 60.28
C LYS E 614 -49.21 18.53 59.78
N GLU E 615 -48.68 18.84 58.60
CA GLU E 615 -48.96 20.10 57.90
C GLU E 615 -48.63 19.99 56.42
N PHE E 616 -49.50 20.52 55.56
CA PHE E 616 -49.25 20.62 54.11
C PHE E 616 -48.03 21.52 53.87
N TRP E 617 -46.95 20.91 53.39
CA TRP E 617 -45.65 21.60 53.24
C TRP E 617 -45.32 21.99 51.80
N ALA E 618 -45.65 21.11 50.85
CA ALA E 618 -45.38 21.35 49.43
C ALA E 618 -46.26 20.49 48.53
N THR E 619 -46.11 20.70 47.23
CA THR E 619 -46.70 19.83 46.19
C THR E 619 -45.59 19.33 45.27
N ILE E 620 -45.69 18.05 44.90
CA ILE E 620 -44.67 17.36 44.09
C ILE E 620 -45.17 17.05 42.66
N LEU E 621 -46.46 16.80 42.49
CA LEU E 621 -47.05 16.67 41.16
C LEU E 621 -48.54 17.00 41.21
N ASP E 622 -48.93 18.11 40.58
CA ASP E 622 -50.34 18.47 40.46
C ASP E 622 -51.08 17.47 39.57
N SER E 623 -52.32 17.19 39.91
CA SER E 623 -53.16 16.29 39.14
C SER E 623 -53.54 16.90 37.79
N ALA E 624 -53.97 16.05 36.88
CA ALA E 624 -54.46 16.49 35.58
C ALA E 624 -55.73 17.34 35.70
N GLY E 625 -56.58 16.99 36.67
CA GLY E 625 -57.90 17.61 36.82
C GLY E 625 -58.86 16.94 35.85
N PRO E 626 -60.10 16.65 36.29
CA PRO E 626 -61.05 15.79 35.56
C PRO E 626 -60.84 15.74 34.04
N LEU E 627 -60.37 14.58 33.55
CA LEU E 627 -60.04 14.36 32.14
C LEU E 627 -61.17 14.80 31.20
N PRO E 628 -60.83 15.50 30.09
CA PRO E 628 -61.80 15.75 29.02
C PRO E 628 -62.57 14.50 28.55
N ASP E 629 -63.90 14.59 28.60
CA ASP E 629 -64.81 13.49 28.22
C ASP E 629 -64.68 12.24 29.12
N TYR E 630 -64.43 12.46 30.40
CA TYR E 630 -64.42 11.38 31.41
C TYR E 630 -65.46 11.65 32.50
N THR E 631 -66.61 10.99 32.38
CA THR E 631 -67.66 10.93 33.41
C THR E 631 -67.45 9.69 34.33
N PRO E 632 -66.95 9.90 35.58
CA PRO E 632 -66.61 8.78 36.47
C PRO E 632 -67.75 7.80 36.81
N PRO E 633 -67.41 6.63 37.39
CA PRO E 633 -68.42 5.75 37.94
C PRO E 633 -68.81 6.19 39.35
N GLU E 634 -69.78 5.48 39.93
CA GLU E 634 -70.26 5.77 41.28
C GLU E 634 -70.25 4.49 42.13
N ILE E 635 -69.68 4.61 43.32
CA ILE E 635 -69.47 3.48 44.21
C ILE E 635 -70.79 3.17 44.91
N PHE E 636 -71.15 1.89 44.93
CA PHE E 636 -72.31 1.40 45.69
C PHE E 636 -71.92 0.23 46.59
N SER E 637 -72.87 -0.19 47.41
CA SER E 637 -72.71 -1.38 48.26
C SER E 637 -74.06 -2.06 48.49
N PHE E 638 -74.00 -3.31 48.89
CA PHE E 638 -75.20 -4.07 49.25
C PHE E 638 -74.88 -5.11 50.31
N GLU E 639 -75.87 -5.38 51.17
CA GLU E 639 -75.75 -6.42 52.18
C GLU E 639 -76.01 -7.77 51.52
N SER E 640 -74.98 -8.59 51.43
CA SER E 640 -75.05 -9.89 50.76
C SER E 640 -75.81 -10.89 51.61
N THR E 641 -76.61 -11.74 50.95
CA THR E 641 -77.30 -12.88 51.58
C THR E 641 -76.34 -13.79 52.37
N THR E 642 -75.07 -13.81 51.97
CA THR E 642 -74.00 -14.53 52.68
C THR E 642 -73.46 -13.86 53.95
N GLY E 643 -74.00 -12.70 54.33
CA GLY E 643 -73.63 -12.03 55.57
C GLY E 643 -72.37 -11.19 55.49
N PHE E 644 -72.26 -10.41 54.40
CA PHE E 644 -71.14 -9.50 54.18
C PHE E 644 -71.61 -8.28 53.38
N THR E 645 -70.83 -7.21 53.43
CA THR E 645 -71.10 -5.99 52.66
C THR E 645 -70.24 -5.96 51.39
N LEU E 646 -70.74 -6.55 50.31
CA LEU E 646 -70.02 -6.61 49.04
C LEU E 646 -70.15 -5.31 48.24
N TYR E 647 -69.02 -4.64 47.99
CA TYR E 647 -68.99 -3.36 47.26
C TYR E 647 -69.02 -3.54 45.74
N GLY E 648 -69.24 -2.43 45.05
CA GLY E 648 -69.25 -2.39 43.58
C GLY E 648 -69.00 -1.02 43.00
N MET E 649 -68.96 -0.96 41.67
CA MET E 649 -68.84 0.30 40.91
C MET E 649 -69.75 0.24 39.70
N LEU E 650 -70.46 1.34 39.46
CA LEU E 650 -71.42 1.45 38.35
C LEU E 650 -71.12 2.67 37.49
N TYR E 651 -70.95 2.44 36.18
CA TYR E 651 -70.91 3.51 35.19
C TYR E 651 -72.32 3.60 34.58
N LYS E 652 -73.04 4.69 34.88
CA LYS E 652 -74.32 4.96 34.24
C LYS E 652 -74.07 5.33 32.76
N PRO E 653 -74.93 4.84 31.83
CA PRO E 653 -74.83 5.27 30.43
C PRO E 653 -74.88 6.79 30.28
N HIS E 654 -73.88 7.36 29.60
CA HIS E 654 -73.79 8.82 29.47
C HIS E 654 -74.94 9.34 28.63
N ASP E 655 -75.54 10.44 29.08
CA ASP E 655 -76.73 11.02 28.45
C ASP E 655 -77.90 10.02 28.51
N LEU E 656 -78.50 9.93 29.70
CA LEU E 656 -79.58 8.97 29.97
C LEU E 656 -80.85 9.30 29.17
N GLN E 657 -81.50 8.25 28.66
CA GLN E 657 -82.82 8.37 28.01
C GLN E 657 -83.87 7.82 28.97
N PRO E 658 -84.75 8.70 29.51
CA PRO E 658 -85.91 8.20 30.25
C PRO E 658 -86.86 7.32 29.41
N GLY E 659 -87.46 6.32 30.05
CA GLY E 659 -88.37 5.38 29.38
C GLY E 659 -87.67 4.32 28.53
N LYS E 660 -86.44 3.97 28.89
CA LYS E 660 -85.61 3.02 28.15
C LYS E 660 -84.72 2.19 29.07
N LYS E 661 -84.19 1.09 28.53
CA LYS E 661 -83.23 0.23 29.22
C LYS E 661 -82.04 -0.09 28.30
N TYR E 662 -80.84 -0.08 28.88
CA TYR E 662 -79.58 -0.27 28.14
C TYR E 662 -79.01 -1.68 28.39
N PRO E 663 -78.24 -2.23 27.44
CA PRO E 663 -77.54 -3.49 27.67
C PRO E 663 -76.40 -3.32 28.68
N THR E 664 -76.06 -4.41 29.36
CA THR E 664 -75.10 -4.38 30.48
C THR E 664 -73.83 -5.18 30.17
N VAL E 665 -72.72 -4.73 30.76
CA VAL E 665 -71.42 -5.39 30.64
C VAL E 665 -70.80 -5.48 32.04
N LEU E 666 -70.61 -6.70 32.53
CA LEU E 666 -69.97 -6.94 33.82
C LEU E 666 -68.46 -7.13 33.63
N PHE E 667 -67.66 -6.27 34.25
CA PHE E 667 -66.20 -6.44 34.26
C PHE E 667 -65.80 -7.09 35.60
N ILE E 668 -64.78 -7.95 35.54
CA ILE E 668 -64.42 -8.79 36.69
C ILE E 668 -62.94 -9.19 36.69
N TYR E 669 -62.36 -9.20 37.89
CA TYR E 669 -61.19 -10.02 38.20
C TYR E 669 -61.62 -10.95 39.33
N GLY E 670 -61.95 -10.37 40.47
CA GLY E 670 -62.54 -11.10 41.60
C GLY E 670 -61.78 -12.34 42.00
N GLY E 671 -60.51 -12.14 42.33
CA GLY E 671 -59.59 -13.20 42.71
C GLY E 671 -58.71 -12.72 43.83
N PRO E 672 -57.87 -13.61 44.39
CA PRO E 672 -57.08 -13.26 45.57
C PRO E 672 -56.08 -12.12 45.33
N GLN E 673 -55.85 -11.31 46.37
CA GLN E 673 -54.91 -10.17 46.36
C GLN E 673 -55.34 -8.97 45.48
N VAL E 674 -56.56 -8.98 44.96
CA VAL E 674 -57.01 -7.99 43.95
C VAL E 674 -58.32 -7.32 44.33
N GLN E 675 -58.23 -6.04 44.72
CA GLN E 675 -59.39 -5.18 44.93
C GLN E 675 -59.62 -4.27 43.72
N LEU E 676 -60.61 -4.61 42.90
CA LEU E 676 -61.04 -3.74 41.78
C LEU E 676 -61.79 -2.50 42.28
N VAL E 677 -62.57 -2.68 43.34
CA VAL E 677 -63.52 -1.66 43.82
C VAL E 677 -62.97 -0.94 45.04
N ASN E 678 -62.55 0.30 44.83
CA ASN E 678 -62.18 1.22 45.92
C ASN E 678 -62.26 2.66 45.40
N ASN E 679 -61.78 3.63 46.19
CA ASN E 679 -61.80 5.04 45.82
C ASN E 679 -60.48 5.46 45.14
N ARG E 680 -60.41 5.21 43.84
CA ARG E 680 -59.30 5.63 42.98
C ARG E 680 -59.83 6.08 41.62
N PHE E 681 -59.00 6.83 40.89
CA PHE E 681 -59.38 7.33 39.56
C PHE E 681 -59.36 6.17 38.56
N LYS E 682 -60.53 5.56 38.33
CA LYS E 682 -60.66 4.43 37.40
C LYS E 682 -60.89 4.89 35.95
N GLY E 683 -60.04 5.81 35.50
CA GLY E 683 -59.99 6.29 34.11
C GLY E 683 -58.60 6.28 33.48
N VAL E 684 -57.56 6.08 34.29
CA VAL E 684 -56.21 5.81 33.78
C VAL E 684 -56.21 4.38 33.25
N LYS E 685 -56.18 3.40 34.15
CA LYS E 685 -56.04 2.00 33.78
C LYS E 685 -57.33 1.39 33.24
N TYR E 686 -58.47 1.84 33.76
CA TYR E 686 -59.80 1.39 33.31
C TYR E 686 -60.52 2.51 32.53
N PHE E 687 -59.84 3.08 31.54
CA PHE E 687 -60.39 4.15 30.69
C PHE E 687 -61.55 3.67 29.83
N ARG E 688 -61.41 2.49 29.25
CA ARG E 688 -62.40 1.96 28.29
C ARG E 688 -63.73 1.53 28.91
N LEU E 689 -63.80 1.48 30.25
CA LEU E 689 -65.08 1.37 30.96
C LEU E 689 -65.90 2.66 30.79
N ASN E 690 -65.22 3.80 30.80
CA ASN E 690 -65.83 5.09 30.50
C ASN E 690 -66.26 5.21 29.03
N THR E 691 -65.43 4.69 28.13
CA THR E 691 -65.74 4.63 26.70
C THR E 691 -66.93 3.72 26.39
N LEU E 692 -67.12 2.67 27.19
CA LEU E 692 -68.29 1.79 27.07
C LEU E 692 -69.57 2.53 27.46
N ALA E 693 -69.52 3.21 28.60
CA ALA E 693 -70.62 4.05 29.08
C ALA E 693 -71.08 5.07 28.02
N SER E 694 -70.11 5.71 27.37
CA SER E 694 -70.40 6.69 26.31
C SER E 694 -71.10 6.06 25.10
N LEU E 695 -70.64 4.88 24.70
CA LEU E 695 -71.30 4.12 23.61
C LEU E 695 -72.75 3.72 23.93
N GLY E 696 -73.02 3.47 25.22
CA GLY E 696 -74.37 3.13 25.71
C GLY E 696 -74.49 1.73 26.30
N TYR E 697 -73.52 1.37 27.14
CA TYR E 697 -73.52 0.10 27.87
C TYR E 697 -73.50 0.40 29.38
N VAL E 698 -74.26 -0.38 30.15
CA VAL E 698 -74.20 -0.28 31.60
C VAL E 698 -72.98 -1.08 32.03
N VAL E 699 -72.05 -0.45 32.75
CA VAL E 699 -70.80 -1.10 33.12
C VAL E 699 -70.78 -1.34 34.64
N VAL E 700 -70.66 -2.61 35.02
CA VAL E 700 -70.66 -3.03 36.42
C VAL E 700 -69.34 -3.70 36.77
N VAL E 701 -68.82 -3.38 37.96
CA VAL E 701 -67.63 -4.03 38.53
C VAL E 701 -67.97 -4.41 39.97
N ILE E 702 -67.61 -5.63 40.37
CA ILE E 702 -67.93 -6.14 41.71
C ILE E 702 -66.74 -6.90 42.32
N ASP E 703 -66.49 -6.63 43.61
CA ASP E 703 -65.59 -7.41 44.44
C ASP E 703 -66.37 -8.52 45.13
N ASN E 704 -66.31 -9.73 44.58
CA ASN E 704 -66.82 -10.92 45.28
C ASN E 704 -65.93 -11.27 46.47
N ARG E 705 -66.39 -12.23 47.28
CA ARG E 705 -65.59 -12.74 48.41
C ARG E 705 -64.30 -13.38 47.87
N GLY E 706 -63.17 -12.90 48.38
CA GLY E 706 -61.86 -13.21 47.81
C GLY E 706 -60.95 -12.01 47.65
N SER E 707 -61.54 -10.83 47.44
CA SER E 707 -60.78 -9.59 47.23
C SER E 707 -60.01 -9.17 48.49
N CYS E 708 -58.90 -8.47 48.28
CA CYS E 708 -57.98 -8.08 49.34
C CYS E 708 -58.52 -6.94 50.20
N HIS E 709 -57.80 -6.64 51.27
CA HIS E 709 -58.08 -5.49 52.16
C HIS E 709 -59.38 -5.63 52.96
N ARG E 710 -59.83 -6.87 53.16
CA ARG E 710 -61.10 -7.16 53.84
C ARG E 710 -61.02 -8.33 54.84
N GLY E 711 -59.83 -8.63 55.34
CA GLY E 711 -59.62 -9.68 56.32
C GLY E 711 -59.41 -11.06 55.72
N LEU E 712 -58.84 -11.94 56.55
CA LEU E 712 -58.52 -13.32 56.15
C LEU E 712 -59.76 -14.17 55.90
N LYS E 713 -60.80 -14.00 56.73
CA LYS E 713 -62.07 -14.75 56.59
C LYS E 713 -62.84 -14.44 55.31
N PHE E 714 -62.87 -13.16 54.94
CA PHE E 714 -63.47 -12.70 53.67
C PHE E 714 -62.75 -13.31 52.47
N GLU E 715 -61.42 -13.24 52.52
CA GLU E 715 -60.54 -13.81 51.48
C GLU E 715 -60.62 -15.35 51.46
N GLY E 716 -60.73 -15.94 52.65
CA GLY E 716 -60.80 -17.39 52.83
C GLY E 716 -62.03 -18.10 52.27
N ALA E 717 -63.10 -17.34 52.04
CA ALA E 717 -64.38 -17.84 51.49
C ALA E 717 -64.28 -18.96 50.43
N PHE E 718 -63.47 -18.74 49.39
CA PHE E 718 -63.38 -19.68 48.25
C PHE E 718 -62.32 -20.80 48.37
N LYS E 719 -61.71 -20.97 49.55
CA LYS E 719 -60.67 -21.99 49.75
C LYS E 719 -61.20 -23.37 49.37
N TYR E 720 -60.40 -24.10 48.59
CA TYR E 720 -60.80 -25.38 47.96
C TYR E 720 -62.04 -25.29 47.03
N LYS E 721 -62.47 -24.07 46.70
CA LYS E 721 -63.79 -23.83 46.07
C LYS E 721 -63.77 -22.69 45.04
N MET E 722 -62.65 -22.52 44.33
CA MET E 722 -62.54 -21.48 43.31
C MET E 722 -63.40 -21.85 42.11
N GLY E 723 -64.06 -20.85 41.53
CA GLY E 723 -65.08 -21.04 40.49
C GLY E 723 -66.52 -21.10 40.96
N GLN E 724 -66.74 -21.73 42.12
CA GLN E 724 -68.08 -22.04 42.61
C GLN E 724 -68.80 -20.82 43.20
N ILE E 725 -68.27 -20.29 44.31
CA ILE E 725 -68.94 -19.23 45.08
C ILE E 725 -68.82 -17.81 44.51
N GLU E 726 -67.89 -17.58 43.57
CA GLU E 726 -67.60 -16.23 43.07
C GLU E 726 -68.71 -15.63 42.20
N ILE E 727 -69.36 -16.44 41.38
CA ILE E 727 -70.44 -15.96 40.49
C ILE E 727 -71.73 -15.67 41.26
N ASP E 728 -72.00 -16.41 42.34
CA ASP E 728 -73.13 -16.10 43.23
C ASP E 728 -73.09 -14.65 43.73
N ASP E 729 -71.89 -14.19 44.09
CA ASP E 729 -71.68 -12.81 44.56
C ASP E 729 -71.85 -11.77 43.45
N GLN E 730 -71.43 -12.11 42.24
CA GLN E 730 -71.53 -11.22 41.09
C GLN E 730 -72.97 -11.05 40.60
N VAL E 731 -73.71 -12.16 40.49
CA VAL E 731 -75.10 -12.14 40.00
C VAL E 731 -76.08 -11.56 41.04
N GLU E 732 -75.80 -11.74 42.33
CA GLU E 732 -76.62 -11.13 43.39
C GLU E 732 -76.55 -9.60 43.34
N GLY E 733 -75.33 -9.08 43.30
CA GLY E 733 -75.07 -7.64 43.14
C GLY E 733 -75.57 -7.07 41.83
N LEU E 734 -75.57 -7.89 40.78
CA LEU E 734 -76.14 -7.52 39.47
C LEU E 734 -77.65 -7.33 39.55
N GLN E 735 -78.32 -8.24 40.27
CA GLN E 735 -79.77 -8.16 40.51
C GLN E 735 -80.16 -7.04 41.50
N TYR E 736 -79.29 -6.80 42.49
CA TYR E 736 -79.45 -5.66 43.42
C TYR E 736 -79.58 -4.32 42.69
N LEU E 737 -78.78 -4.13 41.65
CA LEU E 737 -78.87 -2.93 40.79
C LEU E 737 -80.07 -2.99 39.83
N ALA E 738 -80.38 -4.17 39.31
CA ALA E 738 -81.52 -4.37 38.40
C ALA E 738 -82.88 -3.98 38.98
N SER E 739 -83.03 -4.13 40.31
CA SER E 739 -84.24 -3.71 41.01
C SER E 739 -84.35 -2.19 41.14
N ARG E 740 -83.32 -1.59 41.74
CA ARG E 740 -83.26 -0.14 41.98
C ARG E 740 -83.32 0.67 40.68
N TYR E 741 -82.37 0.39 39.79
CA TYR E 741 -82.18 1.16 38.56
C TYR E 741 -82.80 0.42 37.38
N ASP E 742 -83.95 0.93 36.93
CA ASP E 742 -84.74 0.30 35.86
C ASP E 742 -84.11 0.39 34.46
N PHE E 743 -83.10 1.25 34.28
CA PHE E 743 -82.36 1.35 33.00
C PHE E 743 -81.47 0.16 32.65
N ILE E 744 -81.23 -0.74 33.61
CA ILE E 744 -80.54 -2.02 33.35
C ILE E 744 -81.46 -2.97 32.57
N ASP E 745 -80.89 -3.66 31.58
CA ASP E 745 -81.59 -4.70 30.80
C ASP E 745 -80.88 -6.03 31.02
N LEU E 746 -81.53 -6.93 31.77
CA LEU E 746 -80.95 -8.25 32.08
C LEU E 746 -81.17 -9.32 30.98
N ASP E 747 -81.93 -8.99 29.94
CA ASP E 747 -82.02 -9.84 28.74
C ASP E 747 -80.71 -9.87 27.94
N ARG E 748 -79.92 -8.80 28.06
CA ARG E 748 -78.64 -8.67 27.37
C ARG E 748 -77.53 -8.24 28.34
N VAL E 749 -76.81 -9.23 28.89
CA VAL E 749 -75.71 -8.99 29.83
C VAL E 749 -74.43 -9.68 29.34
N GLY E 750 -73.40 -8.88 29.05
CA GLY E 750 -72.07 -9.38 28.71
C GLY E 750 -71.16 -9.47 29.93
N ILE E 751 -70.12 -10.27 29.83
CA ILE E 751 -69.08 -10.36 30.88
C ILE E 751 -67.68 -10.42 30.24
N HIS E 752 -66.69 -9.88 30.96
CA HIS E 752 -65.32 -9.83 30.45
C HIS E 752 -64.28 -9.63 31.57
N GLY E 753 -63.15 -10.32 31.44
CA GLY E 753 -62.04 -10.20 32.39
C GLY E 753 -60.74 -10.82 31.90
N TRP E 754 -59.63 -10.40 32.49
CA TRP E 754 -58.28 -10.93 32.17
C TRP E 754 -57.71 -11.74 33.33
N SER E 755 -57.05 -12.86 33.00
CA SER E 755 -56.42 -13.78 33.96
C SER E 755 -57.46 -14.53 34.82
N TYR E 756 -57.49 -14.31 36.14
CA TYR E 756 -58.52 -14.86 37.02
C TYR E 756 -59.92 -14.33 36.69
N GLY E 757 -59.98 -13.15 36.08
CA GLY E 757 -61.23 -12.61 35.52
C GLY E 757 -61.77 -13.39 34.34
N GLY E 758 -60.88 -13.74 33.41
CA GLY E 758 -61.26 -14.51 32.21
C GLY E 758 -61.74 -15.91 32.53
N TYR E 759 -61.15 -16.49 33.58
CA TYR E 759 -61.61 -17.71 34.24
C TYR E 759 -63.09 -17.63 34.62
N LEU E 760 -63.43 -16.62 35.43
CA LEU E 760 -64.79 -16.43 35.93
C LEU E 760 -65.78 -16.01 34.85
N SER E 761 -65.29 -15.32 33.81
CA SER E 761 -66.09 -15.00 32.63
C SER E 761 -66.64 -16.27 31.96
N LEU E 762 -65.83 -17.34 31.97
CA LEU E 762 -66.24 -18.65 31.45
C LEU E 762 -67.15 -19.41 32.41
N MET E 763 -66.86 -19.34 33.71
CA MET E 763 -67.73 -19.91 34.74
C MET E 763 -69.12 -19.29 34.70
N ALA E 764 -69.16 -17.96 34.54
CA ALA E 764 -70.42 -17.21 34.47
C ALA E 764 -71.30 -17.62 33.29
N LEU E 765 -70.69 -17.87 32.13
CA LEU E 765 -71.45 -18.38 30.96
C LEU E 765 -71.84 -19.85 31.13
N MET E 766 -70.96 -20.64 31.72
CA MET E 766 -71.19 -22.07 31.92
C MET E 766 -72.26 -22.33 32.97
N GLN E 767 -72.06 -21.74 34.15
CA GLN E 767 -72.98 -21.87 35.29
C GLN E 767 -74.29 -21.14 35.02
N ARG E 768 -74.20 -19.84 34.76
CA ARG E 768 -75.37 -18.96 34.60
C ARG E 768 -75.63 -18.62 33.13
N SER E 769 -75.96 -19.66 32.35
CA SER E 769 -76.33 -19.52 30.93
C SER E 769 -77.61 -18.68 30.74
N ASP E 770 -78.49 -18.70 31.73
CA ASP E 770 -79.71 -17.88 31.76
C ASP E 770 -79.46 -16.36 31.90
N ILE E 771 -78.54 -15.98 32.79
CA ILE E 771 -78.24 -14.56 33.04
C ILE E 771 -77.40 -13.97 31.89
N PHE E 772 -76.14 -14.39 31.82
CA PHE E 772 -75.17 -13.75 30.92
C PHE E 772 -75.34 -14.22 29.47
N ARG E 773 -75.57 -13.25 28.58
CA ARG E 773 -75.76 -13.52 27.14
C ARG E 773 -74.47 -13.99 26.49
N VAL E 774 -73.41 -13.20 26.67
CA VAL E 774 -72.10 -13.46 26.05
C VAL E 774 -70.95 -13.37 27.07
N ALA E 775 -69.92 -14.17 26.85
CA ALA E 775 -68.71 -14.15 27.67
C ALA E 775 -67.48 -13.90 26.79
N ILE E 776 -66.61 -13.01 27.26
CA ILE E 776 -65.37 -12.65 26.58
C ILE E 776 -64.21 -12.94 27.54
N ALA E 777 -63.56 -14.09 27.36
CA ALA E 777 -62.56 -14.59 28.30
C ALA E 777 -61.13 -14.23 27.90
N GLY E 778 -60.45 -13.47 28.74
CA GLY E 778 -59.06 -13.06 28.52
C GLY E 778 -58.09 -13.89 29.35
N ALA E 779 -57.26 -14.68 28.67
CA ALA E 779 -56.24 -15.52 29.30
C ALA E 779 -56.81 -16.37 30.44
N PRO E 780 -57.77 -17.27 30.11
CA PRO E 780 -58.45 -18.05 31.14
C PRO E 780 -57.58 -19.13 31.77
N VAL E 781 -57.83 -19.40 33.05
CA VAL E 781 -57.23 -20.52 33.78
C VAL E 781 -58.26 -21.66 33.74
N THR E 782 -58.24 -22.41 32.65
CA THR E 782 -59.21 -23.48 32.39
C THR E 782 -58.93 -24.82 33.08
N LEU E 783 -57.83 -24.90 33.84
CA LEU E 783 -57.41 -26.13 34.50
C LEU E 783 -56.34 -25.79 35.54
N TRP E 784 -56.57 -26.18 36.79
CA TRP E 784 -55.73 -25.73 37.91
C TRP E 784 -54.43 -26.50 38.13
N ILE E 785 -54.35 -27.73 37.63
CA ILE E 785 -53.06 -28.44 37.54
C ILE E 785 -52.08 -27.68 36.63
N PHE E 786 -52.57 -27.10 35.54
CA PHE E 786 -51.76 -26.28 34.62
C PHE E 786 -51.08 -25.07 35.27
N TYR E 787 -51.67 -24.48 36.31
CA TYR E 787 -51.08 -23.32 36.99
C TYR E 787 -50.06 -23.75 38.06
N ASP E 788 -49.22 -22.81 38.49
CA ASP E 788 -48.03 -23.13 39.32
C ASP E 788 -48.33 -23.47 40.80
N THR E 789 -47.28 -23.87 41.53
CA THR E 789 -47.40 -24.41 42.89
C THR E 789 -47.71 -23.35 43.97
N GLY E 790 -46.91 -22.29 43.99
CA GLY E 790 -47.04 -21.23 45.00
C GLY E 790 -48.39 -20.53 45.09
N TYR E 791 -49.09 -20.44 43.97
CA TYR E 791 -50.42 -19.83 43.90
C TYR E 791 -51.48 -20.86 44.25
N THR E 792 -51.57 -21.91 43.44
CA THR E 792 -52.69 -22.85 43.49
C THR E 792 -52.71 -23.66 44.79
N GLU E 793 -51.54 -24.12 45.26
CA GLU E 793 -51.46 -24.88 46.50
C GLU E 793 -51.67 -24.05 47.78
N ARG E 794 -51.61 -22.71 47.65
CA ARG E 794 -52.02 -21.80 48.72
C ARG E 794 -53.55 -21.73 48.83
N TYR E 795 -54.21 -21.62 47.68
CA TYR E 795 -55.67 -21.43 47.61
C TYR E 795 -56.47 -22.71 47.37
N MET E 796 -55.80 -23.80 47.00
CA MET E 796 -56.46 -25.09 46.73
C MET E 796 -55.82 -26.34 47.36
N GLY E 797 -54.67 -26.20 48.02
CA GLY E 797 -53.90 -27.35 48.53
C GLY E 797 -53.37 -28.25 47.42
N HIS E 798 -52.93 -29.46 47.78
CA HIS E 798 -52.43 -30.42 46.79
C HIS E 798 -53.62 -30.95 45.95
N PRO E 799 -53.40 -31.24 44.64
CA PRO E 799 -54.50 -31.77 43.80
C PRO E 799 -55.14 -33.10 44.26
N ASP E 800 -54.40 -33.89 45.04
CA ASP E 800 -54.92 -35.13 45.63
C ASP E 800 -55.67 -34.88 46.95
N GLN E 801 -55.14 -33.96 47.75
CA GLN E 801 -55.81 -33.51 48.99
C GLN E 801 -57.04 -32.63 48.76
N ASN E 802 -57.37 -32.34 47.50
CA ASN E 802 -58.57 -31.59 47.14
C ASN E 802 -59.12 -32.10 45.80
N GLU E 803 -59.23 -33.42 45.67
CA GLU E 803 -59.58 -34.07 44.39
C GLU E 803 -60.73 -33.43 43.61
N GLN E 804 -61.82 -33.11 44.31
CA GLN E 804 -63.02 -32.56 43.67
C GLN E 804 -63.00 -31.03 43.54
N GLY E 805 -62.37 -30.34 44.50
CA GLY E 805 -62.22 -28.89 44.45
C GLY E 805 -61.54 -28.39 43.19
N TYR E 806 -60.52 -29.14 42.74
CA TYR E 806 -59.82 -28.88 41.47
C TYR E 806 -60.68 -29.19 40.24
N TYR E 807 -61.45 -30.29 40.30
CA TYR E 807 -62.38 -30.62 39.22
C TYR E 807 -63.40 -29.51 39.02
N LEU E 808 -64.00 -29.06 40.12
CA LEU E 808 -65.06 -28.06 40.08
C LEU E 808 -64.59 -26.65 39.70
N GLY E 809 -63.28 -26.39 39.80
CA GLY E 809 -62.68 -25.13 39.33
C GLY E 809 -62.04 -25.15 37.95
N SER E 810 -62.31 -26.19 37.17
CA SER E 810 -61.68 -26.36 35.86
C SER E 810 -62.74 -26.49 34.75
N VAL E 811 -62.98 -25.38 34.06
CA VAL E 811 -63.95 -25.33 32.94
C VAL E 811 -63.65 -26.31 31.79
N ALA E 812 -62.38 -26.69 31.63
CA ALA E 812 -61.95 -27.66 30.61
C ALA E 812 -62.58 -29.05 30.80
N MET E 813 -62.60 -29.53 32.03
CA MET E 813 -63.32 -30.78 32.38
C MET E 813 -64.82 -30.64 32.14
N GLN E 814 -65.39 -29.51 32.57
CA GLN E 814 -66.83 -29.25 32.51
C GLN E 814 -67.23 -28.56 31.18
N ALA E 815 -66.66 -29.02 30.07
CA ALA E 815 -66.82 -28.37 28.77
C ALA E 815 -68.18 -28.68 28.09
N GLU E 816 -68.83 -29.76 28.53
CA GLU E 816 -70.17 -30.11 28.03
C GLU E 816 -71.28 -29.12 28.44
N LYS E 817 -71.02 -28.32 29.48
CA LYS E 817 -72.00 -27.37 30.03
C LYS E 817 -71.96 -25.95 29.42
N PHE E 818 -71.34 -25.81 28.24
CA PHE E 818 -71.30 -24.53 27.51
C PHE E 818 -72.44 -24.46 26.49
N PRO E 819 -72.85 -23.24 26.08
CA PRO E 819 -74.03 -23.06 25.22
C PRO E 819 -73.93 -23.70 23.83
N SER E 820 -74.98 -24.40 23.44
CA SER E 820 -75.13 -24.93 22.08
C SER E 820 -75.61 -23.88 21.07
N GLU E 821 -75.79 -22.64 21.50
CA GLU E 821 -76.01 -21.50 20.60
C GLU E 821 -74.69 -20.73 20.40
N PRO E 822 -74.40 -20.32 19.14
CA PRO E 822 -73.16 -19.62 18.83
C PRO E 822 -73.22 -18.12 19.07
N ASN E 823 -72.11 -17.44 18.80
CA ASN E 823 -71.96 -15.98 19.01
C ASN E 823 -72.03 -15.55 20.48
N ARG E 824 -71.83 -16.50 21.40
CA ARG E 824 -71.89 -16.26 22.84
C ARG E 824 -70.53 -16.37 23.55
N LEU E 825 -69.54 -16.92 22.86
CA LEU E 825 -68.22 -17.16 23.43
C LEU E 825 -67.13 -16.57 22.55
N LEU E 826 -66.34 -15.67 23.13
CA LEU E 826 -65.12 -15.16 22.51
C LEU E 826 -63.96 -15.46 23.44
N LEU E 827 -62.90 -16.06 22.89
CA LEU E 827 -61.70 -16.37 23.65
C LEU E 827 -60.54 -15.50 23.19
N LEU E 828 -59.89 -14.84 24.15
CA LEU E 828 -58.70 -14.03 23.92
C LEU E 828 -57.56 -14.64 24.71
N HIS E 829 -56.40 -14.80 24.07
CA HIS E 829 -55.18 -15.22 24.78
C HIS E 829 -53.93 -14.66 24.11
N GLY E 830 -52.99 -14.14 24.92
CA GLY E 830 -51.62 -13.89 24.47
C GLY E 830 -50.93 -15.23 24.19
N PHE E 831 -50.46 -15.41 22.96
CA PHE E 831 -49.87 -16.68 22.49
C PHE E 831 -48.62 -17.13 23.26
N LEU E 832 -47.86 -16.18 23.79
CA LEU E 832 -46.58 -16.43 24.45
C LEU E 832 -46.66 -16.28 25.98
N ASP E 833 -47.78 -16.70 26.56
CA ASP E 833 -48.05 -16.51 27.99
C ASP E 833 -47.20 -17.50 28.81
N GLU E 834 -46.55 -16.98 29.85
CA GLU E 834 -45.74 -17.79 30.77
C GLU E 834 -46.51 -18.20 32.04
N ASN E 835 -47.27 -17.27 32.62
CA ASN E 835 -48.04 -17.51 33.84
C ASN E 835 -49.25 -18.40 33.56
N VAL E 836 -50.15 -17.91 32.72
CA VAL E 836 -51.34 -18.64 32.30
C VAL E 836 -51.06 -19.16 30.89
N HIS E 837 -50.27 -20.24 30.81
CA HIS E 837 -49.83 -20.82 29.53
C HIS E 837 -50.98 -20.95 28.51
N PHE E 838 -50.67 -20.72 27.23
CA PHE E 838 -51.67 -20.76 26.15
C PHE E 838 -52.48 -22.07 26.06
N ALA E 839 -51.88 -23.18 26.50
CA ALA E 839 -52.52 -24.49 26.52
C ALA E 839 -53.87 -24.52 27.24
N HIS E 840 -54.04 -23.69 28.26
CA HIS E 840 -55.34 -23.47 28.91
C HIS E 840 -56.44 -23.28 27.89
N THR E 841 -56.27 -22.29 27.01
CA THR E 841 -57.22 -22.04 25.94
C THR E 841 -57.20 -23.19 24.91
N SER E 842 -56.01 -23.66 24.55
CA SER E 842 -55.88 -24.71 23.52
C SER E 842 -56.59 -26.03 23.90
N ILE E 843 -56.47 -26.44 25.15
CA ILE E 843 -57.11 -27.67 25.65
C ILE E 843 -58.62 -27.50 25.85
N LEU E 844 -59.05 -26.31 26.28
CA LEU E 844 -60.46 -25.95 26.37
C LEU E 844 -61.13 -26.01 24.99
N LEU E 845 -60.45 -25.43 24.00
CA LEU E 845 -60.88 -25.50 22.61
C LEU E 845 -61.02 -26.96 22.13
N SER E 846 -60.09 -27.82 22.55
CA SER E 846 -60.13 -29.25 22.18
C SER E 846 -61.39 -29.96 22.65
N PHE E 847 -61.70 -29.84 23.95
CA PHE E 847 -62.92 -30.44 24.52
C PHE E 847 -64.20 -29.79 23.98
N LEU E 848 -64.16 -28.48 23.77
CA LEU E 848 -65.25 -27.77 23.11
C LEU E 848 -65.55 -28.32 21.71
N VAL E 849 -64.51 -28.72 20.98
CA VAL E 849 -64.68 -29.29 19.62
C VAL E 849 -65.34 -30.67 19.64
N ARG E 850 -64.87 -31.56 20.52
CA ARG E 850 -65.45 -32.91 20.62
C ARG E 850 -66.80 -32.92 21.37
N ALA E 851 -67.01 -31.97 22.28
CA ALA E 851 -68.33 -31.74 22.88
C ALA E 851 -69.36 -31.22 21.87
N GLY E 852 -68.89 -30.47 20.87
CA GLY E 852 -69.72 -29.94 19.79
C GLY E 852 -70.23 -28.52 20.01
N LYS E 853 -69.45 -27.72 20.72
CA LYS E 853 -69.81 -26.34 21.07
C LYS E 853 -69.12 -25.36 20.11
N PRO E 854 -69.85 -24.33 19.63
CA PRO E 854 -69.20 -23.29 18.83
C PRO E 854 -68.41 -22.31 19.70
N TYR E 855 -67.45 -21.64 19.08
CA TYR E 855 -66.71 -20.56 19.73
C TYR E 855 -66.19 -19.55 18.70
N ASP E 856 -65.65 -18.46 19.22
CA ASP E 856 -64.89 -17.48 18.44
C ASP E 856 -63.57 -17.21 19.16
N LEU E 857 -62.54 -16.88 18.38
CA LEU E 857 -61.17 -16.81 18.90
C LEU E 857 -60.36 -15.66 18.29
N GLN E 858 -59.66 -14.95 19.17
CA GLN E 858 -58.64 -13.98 18.78
C GLN E 858 -57.37 -14.29 19.56
N ILE E 859 -56.25 -14.42 18.85
CA ILE E 859 -54.93 -14.58 19.46
C ILE E 859 -54.13 -13.32 19.19
N TYR E 860 -53.19 -13.01 20.08
CA TYR E 860 -52.26 -11.89 19.91
C TYR E 860 -50.82 -12.45 19.99
N PRO E 861 -50.28 -12.91 18.83
CA PRO E 861 -49.03 -13.70 18.74
C PRO E 861 -47.76 -13.14 19.39
N GLN E 862 -47.64 -11.82 19.49
CA GLN E 862 -46.46 -11.20 20.14
C GLN E 862 -46.58 -11.04 21.66
N GLU E 863 -47.78 -11.26 22.21
CA GLU E 863 -48.07 -10.91 23.61
C GLU E 863 -47.80 -12.04 24.60
N ARG E 864 -47.39 -11.66 25.80
CA ARG E 864 -47.13 -12.58 26.91
C ARG E 864 -48.42 -12.71 27.74
N HIS E 865 -48.38 -12.52 29.07
CA HIS E 865 -49.58 -12.61 29.90
C HIS E 865 -50.49 -11.40 29.66
N SER E 866 -49.96 -10.21 29.93
CA SER E 866 -50.64 -8.96 29.62
C SER E 866 -50.24 -8.50 28.22
N ILE E 867 -50.92 -7.47 27.72
CA ILE E 867 -50.66 -6.90 26.40
C ILE E 867 -49.81 -5.62 26.52
N ARG E 868 -48.60 -5.66 25.94
CA ARG E 868 -47.64 -4.53 25.99
C ARG E 868 -47.50 -3.76 24.66
N VAL E 869 -47.49 -4.48 23.53
CA VAL E 869 -47.36 -3.83 22.21
C VAL E 869 -48.63 -3.02 21.93
N PRO E 870 -48.52 -1.67 21.82
CA PRO E 870 -49.72 -0.83 21.66
C PRO E 870 -50.62 -1.17 20.46
N GLU E 871 -50.02 -1.42 19.30
CA GLU E 871 -50.77 -1.79 18.08
C GLU E 871 -51.69 -3.02 18.30
N SER E 872 -51.24 -3.96 19.12
CA SER E 872 -52.03 -5.15 19.51
C SER E 872 -53.13 -4.79 20.50
N GLY E 873 -52.76 -4.13 21.58
CA GLY E 873 -53.69 -3.66 22.61
C GLY E 873 -54.80 -2.75 22.12
N GLU E 874 -54.52 -2.00 21.06
CA GLU E 874 -55.53 -1.21 20.36
C GLU E 874 -56.47 -2.09 19.52
N HIS E 875 -55.92 -3.14 18.91
CA HIS E 875 -56.72 -4.13 18.17
C HIS E 875 -57.68 -4.92 19.06
N TYR E 876 -57.23 -5.27 20.26
CA TYR E 876 -58.09 -5.96 21.26
C TYR E 876 -59.31 -5.11 21.64
N GLU E 877 -59.10 -3.81 21.82
CA GLU E 877 -60.19 -2.87 22.09
C GLU E 877 -61.15 -2.77 20.90
N LEU E 878 -60.58 -2.65 19.70
CA LEU E 878 -61.37 -2.61 18.46
C LEU E 878 -62.30 -3.82 18.32
N HIS E 879 -61.74 -5.02 18.50
CA HIS E 879 -62.54 -6.24 18.36
C HIS E 879 -63.53 -6.43 19.51
N LEU E 880 -63.11 -6.12 20.74
CA LEU E 880 -63.96 -6.20 21.93
C LEU E 880 -65.26 -5.40 21.78
N LEU E 881 -65.13 -4.15 21.40
CA LEU E 881 -66.30 -3.26 21.22
C LEU E 881 -67.16 -3.66 20.01
N HIS E 882 -66.52 -4.09 18.93
CA HIS E 882 -67.25 -4.63 17.77
C HIS E 882 -67.98 -5.94 18.10
N TYR E 883 -67.38 -6.78 18.96
CA TYR E 883 -68.03 -8.02 19.41
C TYR E 883 -69.22 -7.72 20.32
N LEU E 884 -68.99 -6.86 21.31
CA LEU E 884 -70.06 -6.34 22.18
C LEU E 884 -71.16 -5.62 21.41
N GLN E 885 -70.78 -4.96 20.31
CA GLN E 885 -71.75 -4.37 19.40
C GLN E 885 -72.53 -5.45 18.65
N GLU E 886 -71.83 -6.24 17.84
CA GLU E 886 -72.47 -7.22 16.96
C GLU E 886 -73.19 -8.38 17.67
N ASN E 887 -72.81 -8.67 18.92
CA ASN E 887 -73.42 -9.77 19.69
C ASN E 887 -73.95 -9.35 21.08
N LEU E 888 -74.28 -8.07 21.27
CA LEU E 888 -74.99 -7.63 22.48
C LEU E 888 -75.75 -6.31 22.31
N GLY E 889 -75.01 -5.23 22.07
CA GLY E 889 -75.54 -3.86 22.16
C GLY E 889 -76.50 -3.40 21.07
N SER E 890 -76.11 -3.62 19.82
CA SER E 890 -76.83 -3.10 18.67
C SER E 890 -78.16 -3.82 18.40
N ARG E 891 -78.94 -3.26 17.47
CA ARG E 891 -80.23 -3.84 17.05
C ARG E 891 -80.04 -5.15 16.29
N ILE E 892 -79.01 -5.19 15.43
CA ILE E 892 -78.64 -6.42 14.71
C ILE E 892 -78.30 -7.59 15.67
N ALA E 893 -77.71 -7.28 16.82
CA ALA E 893 -77.37 -8.29 17.85
C ALA E 893 -78.61 -8.95 18.46
N ALA E 894 -79.65 -8.15 18.68
CA ALA E 894 -80.94 -8.64 19.16
C ALA E 894 -81.63 -9.58 18.14
N LEU E 895 -81.47 -9.27 16.86
CA LEU E 895 -82.07 -10.08 15.77
C LEU E 895 -81.47 -11.48 15.59
N LYS E 896 -80.27 -11.72 16.11
CA LYS E 896 -79.59 -13.01 15.99
C LYS E 896 -80.21 -14.15 16.80
N VAL E 897 -80.74 -13.84 17.98
CA VAL E 897 -81.17 -14.88 18.94
C VAL E 897 -82.42 -15.65 18.49
N LEU F 48 80.79 24.40 15.85
CA LEU F 48 80.72 23.91 14.43
C LEU F 48 80.50 25.06 13.45
N GLU F 49 81.05 24.92 12.25
CA GLU F 49 80.97 25.94 11.20
C GLU F 49 80.68 25.25 9.86
N PRO F 50 79.63 25.69 9.13
CA PRO F 50 79.22 24.97 7.92
C PRO F 50 80.20 25.03 6.74
N PHE F 51 80.61 23.85 6.27
CA PHE F 51 81.37 23.69 5.02
C PHE F 51 80.52 24.16 3.82
N TYR F 52 81.17 24.58 2.75
CA TYR F 52 80.49 24.96 1.50
C TYR F 52 81.19 24.31 0.31
N VAL F 53 80.41 23.95 -0.70
CA VAL F 53 80.90 23.20 -1.87
C VAL F 53 81.31 24.11 -3.02
N GLU F 54 81.99 23.53 -4.01
CA GLU F 54 82.49 24.26 -5.18
C GLU F 54 81.35 24.83 -6.05
N ARG F 55 81.23 26.15 -6.07
CA ARG F 55 80.32 26.85 -6.98
C ARG F 55 80.88 26.85 -8.40
N TYR F 56 80.68 25.75 -9.11
CA TYR F 56 81.04 25.67 -10.53
C TYR F 56 79.99 26.36 -11.40
N SER F 57 80.36 26.62 -12.65
CA SER F 57 79.41 27.03 -13.68
C SER F 57 78.63 25.81 -14.17
N TRP F 58 77.74 26.04 -15.13
CA TRP F 58 77.01 24.97 -15.79
C TRP F 58 77.94 24.10 -16.64
N SER F 59 78.72 24.75 -17.49
CA SER F 59 79.68 24.05 -18.36
C SER F 59 80.82 23.36 -17.59
N GLN F 60 81.25 23.98 -16.48
CA GLN F 60 82.29 23.40 -15.62
C GLN F 60 81.84 22.10 -14.94
N LEU F 61 80.56 22.00 -14.59
CA LEU F 61 79.99 20.75 -14.07
C LEU F 61 79.86 19.68 -15.16
N LYS F 62 79.49 20.10 -16.37
CA LYS F 62 79.47 19.20 -17.53
C LYS F 62 80.87 18.65 -17.84
N LYS F 63 81.89 19.45 -17.58
CA LYS F 63 83.30 19.03 -17.65
C LYS F 63 83.53 17.80 -16.78
N LEU F 64 83.24 17.94 -15.48
CA LEU F 64 83.55 16.92 -14.47
C LEU F 64 82.85 15.58 -14.70
N LEU F 65 81.60 15.61 -15.18
CA LEU F 65 80.87 14.39 -15.50
C LEU F 65 81.42 13.77 -16.77
N ALA F 66 81.42 14.57 -17.85
CA ALA F 66 81.93 14.15 -19.15
C ALA F 66 83.32 13.52 -19.04
N ASP F 67 84.16 14.09 -18.19
CA ASP F 67 85.50 13.56 -17.94
C ASP F 67 85.45 12.17 -17.32
N THR F 68 85.00 12.11 -16.07
CA THR F 68 84.94 10.87 -15.28
C THR F 68 84.16 9.77 -16.00
N ARG F 69 84.83 9.09 -16.94
CA ARG F 69 84.20 8.04 -17.74
C ARG F 69 85.16 7.49 -18.80
N LYS F 78 78.51 -5.55 -20.58
CA LYS F 78 77.98 -6.04 -19.31
C LYS F 78 78.64 -7.35 -18.89
N ALA F 79 78.57 -7.66 -17.59
CA ALA F 79 79.14 -8.89 -17.02
C ALA F 79 78.64 -10.18 -17.68
N PRO F 80 79.42 -11.28 -17.56
CA PRO F 80 78.95 -12.57 -18.11
C PRO F 80 77.71 -13.13 -17.42
N HIS F 81 76.92 -13.91 -18.15
CA HIS F 81 75.67 -14.47 -17.62
C HIS F 81 75.12 -15.61 -18.49
N ASP F 82 74.04 -16.23 -17.99
CA ASP F 82 73.29 -17.28 -18.70
C ASP F 82 74.11 -18.57 -18.94
N PHE F 83 74.95 -18.92 -17.96
CA PHE F 83 75.87 -20.07 -18.07
C PHE F 83 75.16 -21.40 -18.30
N MET F 84 75.90 -22.35 -18.86
CA MET F 84 75.39 -23.71 -19.09
C MET F 84 76.57 -24.68 -19.23
N PHE F 85 76.38 -25.91 -18.75
CA PHE F 85 77.45 -26.92 -18.66
C PHE F 85 77.20 -28.11 -19.59
N VAL F 86 78.24 -28.55 -20.31
CA VAL F 86 78.19 -29.75 -21.16
C VAL F 86 79.51 -30.53 -21.02
N LYS F 87 79.41 -31.77 -20.57
CA LYS F 87 80.59 -32.64 -20.38
C LYS F 87 81.04 -33.22 -21.72
N ARG F 88 82.31 -33.60 -21.79
CA ARG F 88 82.98 -33.84 -23.08
C ARG F 88 82.85 -35.25 -23.69
N ASN F 89 82.32 -36.21 -22.93
CA ASN F 89 82.25 -37.64 -23.34
C ASN F 89 83.61 -38.18 -23.81
N ASP F 90 84.67 -37.63 -23.23
CA ASP F 90 86.03 -37.74 -23.75
C ASP F 90 86.73 -38.92 -23.08
N PRO F 91 87.00 -40.02 -23.82
CA PRO F 91 87.58 -41.19 -23.14
C PRO F 91 88.96 -40.94 -22.52
N ASP F 92 89.89 -40.38 -23.31
CA ASP F 92 91.26 -40.12 -22.86
C ASP F 92 91.62 -38.64 -22.63
N GLY F 93 91.12 -37.75 -23.48
CA GLY F 93 91.58 -36.35 -23.55
C GLY F 93 91.44 -35.48 -22.32
N PRO F 94 92.04 -34.26 -22.33
CA PRO F 94 92.27 -33.44 -21.14
C PRO F 94 91.04 -32.70 -20.56
N HIS F 95 90.24 -32.08 -21.41
CA HIS F 95 89.16 -31.18 -20.94
C HIS F 95 87.92 -31.94 -20.46
N SER F 96 87.35 -31.47 -19.35
CA SER F 96 86.18 -32.10 -18.72
C SER F 96 84.87 -31.57 -19.27
N ASP F 97 84.72 -30.25 -19.19
CA ASP F 97 83.49 -29.56 -19.57
C ASP F 97 83.78 -28.50 -20.62
N ARG F 98 82.73 -28.16 -21.37
CA ARG F 98 82.72 -26.98 -22.22
C ARG F 98 81.45 -26.19 -21.92
N ILE F 99 81.61 -24.99 -21.35
CA ILE F 99 80.47 -24.14 -20.99
C ILE F 99 80.15 -23.12 -22.09
N TYR F 100 78.91 -22.67 -22.12
CA TYR F 100 78.45 -21.64 -23.07
C TYR F 100 77.67 -20.57 -22.31
N TYR F 101 78.02 -19.31 -22.55
CA TYR F 101 77.47 -18.18 -21.77
C TYR F 101 77.47 -16.89 -22.58
N LEU F 102 76.77 -15.89 -22.05
CA LEU F 102 76.60 -14.58 -22.73
C LEU F 102 77.39 -13.46 -22.05
N ALA F 103 78.20 -12.75 -22.84
CA ALA F 103 78.98 -11.59 -22.39
C ALA F 103 79.39 -10.73 -23.60
N MET F 104 80.30 -9.76 -23.40
CA MET F 104 80.71 -8.81 -24.47
C MET F 104 81.18 -9.49 -25.76
N GLU F 110 78.98 -5.67 -28.49
CA GLU F 110 77.59 -5.98 -28.83
C GLU F 110 76.83 -6.77 -27.75
N ASN F 111 77.51 -7.73 -27.11
CA ASN F 111 76.95 -8.68 -26.12
C ASN F 111 76.45 -9.96 -26.84
N THR F 112 77.33 -10.96 -26.93
CA THR F 112 77.13 -12.17 -27.75
C THR F 112 77.48 -13.46 -26.97
N LEU F 113 77.55 -14.60 -27.66
CA LEU F 113 77.86 -15.92 -27.06
C LEU F 113 79.36 -16.22 -26.99
N PHE F 114 79.87 -16.48 -25.78
CA PHE F 114 81.20 -17.03 -25.57
C PHE F 114 81.13 -18.51 -25.15
N TYR F 115 82.26 -19.19 -25.27
CA TYR F 115 82.46 -20.51 -24.65
C TYR F 115 83.85 -20.60 -24.03
N SER F 116 84.08 -21.63 -23.23
CA SER F 116 85.34 -21.83 -22.52
C SER F 116 85.61 -23.31 -22.24
N GLU F 117 86.81 -23.60 -21.77
CA GLU F 117 87.26 -24.97 -21.52
C GLU F 117 87.69 -25.15 -20.06
N ILE F 118 87.17 -26.21 -19.42
CA ILE F 118 87.44 -26.51 -18.01
C ILE F 118 88.43 -27.68 -17.96
N PRO F 119 89.68 -27.44 -17.48
CA PRO F 119 90.67 -28.52 -17.43
C PRO F 119 90.45 -29.49 -16.26
N LYS F 120 90.73 -30.78 -16.49
CA LYS F 120 90.53 -31.81 -15.45
C LYS F 120 91.48 -31.67 -14.25
N THR F 121 92.65 -31.06 -14.47
CA THR F 121 93.58 -30.75 -13.40
C THR F 121 94.16 -29.34 -13.59
N ILE F 122 94.52 -28.70 -12.48
CA ILE F 122 95.14 -27.37 -12.51
C ILE F 122 96.42 -27.33 -11.69
N ASN F 123 97.36 -26.50 -12.14
CA ASN F 123 98.51 -26.14 -11.32
C ASN F 123 98.00 -25.24 -10.20
N ARG F 124 97.93 -25.80 -8.99
CA ARG F 124 97.35 -25.10 -7.84
C ARG F 124 98.24 -23.99 -7.26
N ALA F 125 99.50 -23.89 -7.71
CA ALA F 125 100.37 -22.77 -7.34
C ALA F 125 99.89 -21.46 -8.00
N ALA F 126 99.74 -21.49 -9.32
CA ALA F 126 99.28 -20.33 -10.10
C ALA F 126 97.74 -20.28 -10.17
N VAL F 127 97.23 -19.12 -10.58
CA VAL F 127 95.79 -18.87 -10.72
C VAL F 127 95.40 -18.95 -12.20
N LEU F 128 94.59 -19.95 -12.55
CA LEU F 128 94.11 -20.12 -13.93
C LEU F 128 93.07 -19.06 -14.28
N MET F 129 93.37 -18.27 -15.32
CA MET F 129 92.37 -17.42 -15.97
C MET F 129 91.82 -18.20 -17.16
N LEU F 130 90.51 -18.46 -17.15
CA LEU F 130 89.85 -19.14 -18.28
C LEU F 130 89.76 -18.20 -19.48
N SER F 131 89.77 -18.79 -20.67
CA SER F 131 89.76 -18.03 -21.92
C SER F 131 88.34 -17.86 -22.48
N TRP F 132 88.04 -16.64 -22.92
CA TRP F 132 86.78 -16.34 -23.61
C TRP F 132 86.89 -16.75 -25.09
N LYS F 133 86.49 -17.98 -25.40
CA LYS F 133 86.48 -18.47 -26.79
C LYS F 133 85.16 -18.02 -27.45
N PRO F 134 85.23 -17.41 -28.65
CA PRO F 134 83.97 -16.95 -29.27
C PRO F 134 83.23 -18.08 -29.99
N LEU F 135 81.95 -18.27 -29.65
CA LEU F 135 81.12 -19.32 -30.24
C LEU F 135 80.63 -19.02 -31.66
N LEU F 136 80.62 -17.74 -32.06
CA LEU F 136 80.02 -17.31 -33.34
C LEU F 136 80.92 -16.40 -34.19
N ASP F 137 80.53 -16.30 -35.46
CA ASP F 137 81.34 -15.69 -36.53
C ASP F 137 81.07 -14.19 -36.81
N LEU F 138 79.99 -13.65 -36.22
CA LEU F 138 79.52 -12.28 -36.49
C LEU F 138 79.12 -12.09 -37.96
N GLY F 165 72.31 -6.98 -29.19
CA GLY F 165 73.06 -8.23 -29.30
C GLY F 165 72.20 -9.45 -28.97
N ILE F 166 72.82 -10.45 -28.34
CA ILE F 166 72.14 -11.68 -27.93
C ILE F 166 71.66 -11.51 -26.48
N ALA F 167 70.38 -11.81 -26.24
CA ALA F 167 69.73 -11.56 -24.94
C ALA F 167 69.51 -12.84 -24.13
N SER F 168 68.77 -13.79 -24.72
CA SER F 168 68.44 -15.06 -24.05
C SER F 168 68.38 -16.20 -25.05
N TYR F 169 69.18 -17.24 -24.81
CA TYR F 169 69.25 -18.41 -25.71
C TYR F 169 68.61 -19.67 -25.13
N ASP F 170 68.36 -20.64 -26.02
CA ASP F 170 67.78 -21.95 -25.67
C ASP F 170 68.75 -23.06 -26.08
N TYR F 171 68.43 -24.30 -25.70
CA TYR F 171 69.30 -25.45 -25.98
C TYR F 171 68.56 -26.79 -25.99
N HIS F 172 69.17 -27.78 -26.62
CA HIS F 172 68.72 -29.18 -26.57
C HIS F 172 69.97 -30.08 -26.60
N GLN F 173 70.30 -30.69 -25.46
CA GLN F 173 71.50 -31.53 -25.30
C GLN F 173 71.52 -32.78 -26.21
N GLY F 174 70.34 -33.38 -26.40
CA GLY F 174 70.19 -34.58 -27.25
C GLY F 174 70.60 -34.43 -28.71
N SER F 175 70.59 -33.19 -29.21
CA SER F 175 71.07 -32.83 -30.56
C SER F 175 72.29 -31.91 -30.56
N GLY F 176 72.33 -30.96 -29.61
CA GLY F 176 73.30 -29.86 -29.63
C GLY F 176 72.70 -28.56 -30.15
N THR F 177 71.42 -28.58 -30.51
CA THR F 177 70.73 -27.45 -31.16
C THR F 177 70.58 -26.22 -30.25
N PHE F 178 71.31 -25.16 -30.58
CA PHE F 178 71.07 -23.83 -29.97
C PHE F 178 69.93 -23.11 -30.69
N LEU F 179 69.49 -22.00 -30.11
CA LEU F 179 68.53 -21.06 -30.72
C LEU F 179 68.59 -19.74 -29.96
N PHE F 180 68.60 -18.61 -30.68
CA PHE F 180 68.68 -17.28 -30.05
C PHE F 180 68.21 -16.16 -30.97
N GLN F 181 67.99 -14.98 -30.37
CA GLN F 181 67.58 -13.78 -31.10
C GLN F 181 68.71 -12.74 -31.10
N ALA F 182 68.89 -12.07 -32.24
CA ALA F 182 69.87 -10.99 -32.39
C ALA F 182 69.37 -10.00 -33.44
N GLY F 183 68.82 -8.88 -32.97
CA GLY F 183 68.15 -7.90 -33.84
C GLY F 183 66.73 -8.34 -34.09
N SER F 184 66.35 -8.43 -35.38
CA SER F 184 65.06 -8.97 -35.80
C SER F 184 65.11 -10.48 -36.07
N GLY F 185 66.26 -10.96 -36.53
CA GLY F 185 66.43 -12.34 -36.96
C GLY F 185 66.72 -13.34 -35.85
N ILE F 186 66.56 -14.62 -36.19
CA ILE F 186 66.78 -15.75 -35.27
C ILE F 186 67.72 -16.77 -35.94
N TYR F 187 68.71 -17.24 -35.18
CA TYR F 187 69.80 -18.08 -35.69
C TYR F 187 69.97 -19.38 -34.89
N HIS F 188 70.77 -20.30 -35.41
CA HIS F 188 71.09 -21.57 -34.72
C HIS F 188 72.45 -22.17 -35.13
N VAL F 189 73.10 -22.84 -34.19
CA VAL F 189 74.38 -23.55 -34.40
C VAL F 189 74.29 -24.96 -33.76
N LYS F 190 75.42 -25.68 -33.68
CA LYS F 190 75.46 -26.97 -32.96
C LYS F 190 76.84 -27.24 -32.32
N ASP F 191 76.81 -27.62 -31.04
CA ASP F 191 78.03 -27.82 -30.24
C ASP F 191 77.72 -28.69 -29.02
N GLY F 192 78.20 -29.94 -29.03
CA GLY F 192 78.10 -30.86 -27.88
C GLY F 192 77.60 -32.26 -28.20
N GLY F 193 76.44 -32.32 -28.86
CA GLY F 193 75.69 -33.57 -29.05
C GLY F 193 76.17 -34.46 -30.20
N PRO F 194 75.23 -35.17 -30.87
CA PRO F 194 75.51 -36.03 -32.03
C PRO F 194 76.43 -35.47 -33.13
N GLN F 195 76.47 -34.15 -33.30
CA GLN F 195 77.37 -33.51 -34.27
C GLN F 195 78.49 -32.68 -33.61
N GLY F 196 79.22 -33.35 -32.71
CA GLY F 196 80.56 -32.95 -32.30
C GLY F 196 80.80 -31.67 -31.51
N PHE F 197 82.06 -31.53 -31.06
CA PHE F 197 82.56 -30.33 -30.39
C PHE F 197 83.43 -29.55 -31.38
N THR F 198 82.95 -28.39 -31.83
CA THR F 198 83.70 -27.55 -32.78
C THR F 198 84.88 -26.82 -32.11
N GLN F 199 86.05 -26.90 -32.73
CA GLN F 199 87.29 -26.30 -32.21
C GLN F 199 87.34 -24.77 -32.41
N GLN F 200 86.84 -24.33 -33.56
CA GLN F 200 86.86 -22.92 -33.97
C GLN F 200 85.44 -22.31 -33.85
N PRO F 201 85.30 -20.98 -34.05
CA PRO F 201 83.95 -20.37 -34.05
C PRO F 201 83.05 -20.82 -35.22
N LEU F 202 82.03 -21.63 -34.91
CA LEU F 202 81.05 -22.09 -35.93
C LEU F 202 80.14 -20.96 -36.39
N ARG F 203 79.70 -21.04 -37.65
CA ARG F 203 79.00 -19.95 -38.32
C ARG F 203 77.49 -19.95 -37.99
N PRO F 204 76.89 -18.77 -37.75
CA PRO F 204 75.47 -18.77 -37.37
C PRO F 204 74.55 -18.95 -38.58
N ASN F 205 73.79 -20.05 -38.60
CA ASN F 205 72.85 -20.34 -39.70
C ASN F 205 71.44 -19.85 -39.35
N LEU F 206 70.88 -19.04 -40.24
CA LEU F 206 69.63 -18.31 -39.99
C LEU F 206 68.39 -19.20 -40.14
N VAL F 207 67.32 -18.79 -39.45
CA VAL F 207 65.99 -19.37 -39.63
C VAL F 207 65.24 -18.44 -40.60
N GLU F 208 64.91 -18.96 -41.78
CA GLU F 208 64.19 -18.18 -42.79
C GLU F 208 62.71 -18.09 -42.47
N THR F 209 62.03 -17.11 -43.08
CA THR F 209 60.67 -16.72 -42.70
C THR F 209 59.81 -16.22 -43.88
N SER F 210 58.50 -16.43 -43.76
CA SER F 210 57.49 -15.82 -44.65
C SER F 210 56.56 -14.89 -43.86
N CYS F 211 57.13 -14.20 -42.86
CA CYS F 211 56.39 -13.36 -41.92
C CYS F 211 56.70 -11.88 -42.19
N PRO F 212 55.66 -11.02 -42.27
CA PRO F 212 55.91 -9.59 -42.58
C PRO F 212 56.52 -8.71 -41.47
N ASN F 213 56.57 -9.20 -40.23
CA ASN F 213 56.92 -8.37 -39.05
C ASN F 213 58.08 -8.98 -38.26
N ILE F 214 58.52 -8.27 -37.22
CA ILE F 214 59.56 -8.76 -36.31
C ILE F 214 59.10 -10.00 -35.54
N ARG F 215 60.03 -10.92 -35.33
CA ARG F 215 59.76 -12.20 -34.67
C ARG F 215 60.32 -12.20 -33.25
N MET F 216 59.43 -12.28 -32.26
CA MET F 216 59.78 -12.14 -30.84
C MET F 216 59.66 -13.48 -30.09
N ASP F 217 60.55 -13.69 -29.13
CA ASP F 217 60.49 -14.79 -28.16
C ASP F 217 60.56 -16.21 -28.79
N PRO F 218 61.74 -16.58 -29.33
CA PRO F 218 61.93 -17.94 -29.87
C PRO F 218 62.23 -18.97 -28.77
N LYS F 219 61.53 -20.12 -28.83
CA LYS F 219 61.75 -21.23 -27.89
C LYS F 219 61.82 -22.57 -28.62
N LEU F 220 62.82 -23.38 -28.27
CA LEU F 220 62.96 -24.75 -28.82
C LEU F 220 61.95 -25.70 -28.19
N CYS F 221 61.41 -26.61 -29.01
CA CYS F 221 60.69 -27.77 -28.50
C CYS F 221 61.74 -28.76 -27.98
N PRO F 222 61.60 -29.25 -26.73
CA PRO F 222 62.52 -30.32 -26.29
C PRO F 222 62.34 -31.66 -27.01
N ALA F 223 61.08 -32.07 -27.23
CA ALA F 223 60.76 -33.35 -27.88
C ALA F 223 61.44 -33.51 -29.24
N ASP F 224 61.14 -32.57 -30.14
CA ASP F 224 61.71 -32.54 -31.48
C ASP F 224 62.76 -31.41 -31.51
N PRO F 225 64.07 -31.76 -31.65
CA PRO F 225 65.09 -30.70 -31.74
C PRO F 225 65.01 -29.76 -32.97
N ASP F 226 64.28 -30.16 -34.00
CA ASP F 226 64.15 -29.40 -35.26
C ASP F 226 63.03 -28.34 -35.28
N TRP F 227 61.99 -28.49 -34.45
CA TRP F 227 60.89 -27.50 -34.35
C TRP F 227 61.20 -26.38 -33.35
N ILE F 228 60.83 -25.15 -33.71
CA ILE F 228 60.81 -24.00 -32.79
C ILE F 228 59.45 -23.28 -32.86
N ALA F 229 59.20 -22.43 -31.87
CA ALA F 229 58.00 -21.60 -31.81
C ALA F 229 58.37 -20.15 -31.53
N PHE F 230 57.58 -19.21 -32.07
CA PHE F 230 57.80 -17.77 -31.83
C PHE F 230 56.52 -16.94 -31.99
N ILE F 231 56.61 -15.69 -31.56
CA ILE F 231 55.51 -14.72 -31.63
C ILE F 231 55.66 -13.82 -32.86
N HIS F 232 54.53 -13.56 -33.52
CA HIS F 232 54.44 -12.62 -34.63
C HIS F 232 53.07 -11.92 -34.56
N SER F 233 53.08 -10.63 -34.22
CA SER F 233 51.87 -9.80 -34.14
C SER F 233 50.80 -10.40 -33.21
N ASN F 234 51.21 -10.69 -31.98
CA ASN F 234 50.35 -11.29 -30.93
C ASN F 234 49.70 -12.62 -31.33
N ASP F 235 50.47 -13.47 -32.02
CA ASP F 235 50.06 -14.83 -32.40
C ASP F 235 51.29 -15.73 -32.45
N ILE F 236 51.11 -17.02 -32.13
CA ILE F 236 52.21 -18.00 -32.13
C ILE F 236 52.32 -18.70 -33.48
N TRP F 237 53.53 -18.66 -34.06
CA TRP F 237 53.90 -19.46 -35.23
C TRP F 237 54.84 -20.59 -34.77
N ILE F 238 55.04 -21.58 -35.64
CA ILE F 238 56.15 -22.55 -35.50
C ILE F 238 56.91 -22.67 -36.83
N SER F 239 58.23 -22.81 -36.74
CA SER F 239 59.11 -22.90 -37.90
C SER F 239 60.08 -24.08 -37.73
N ASN F 240 60.27 -24.84 -38.81
CA ASN F 240 61.10 -26.05 -38.81
C ASN F 240 62.44 -25.73 -39.48
N ILE F 241 63.53 -25.72 -38.69
CA ILE F 241 64.84 -25.23 -39.18
C ILE F 241 65.66 -26.22 -40.04
N VAL F 242 65.04 -27.31 -40.49
CA VAL F 242 65.62 -28.19 -41.53
C VAL F 242 64.70 -28.39 -42.75
N THR F 243 63.41 -28.63 -42.52
CA THR F 243 62.43 -28.80 -43.62
C THR F 243 62.03 -27.47 -44.26
N ARG F 244 62.22 -26.36 -43.53
CA ARG F 244 61.82 -25.00 -43.96
C ARG F 244 60.32 -24.93 -44.22
N GLU F 245 59.56 -25.41 -43.24
CA GLU F 245 58.11 -25.49 -43.29
C GLU F 245 57.54 -24.68 -42.14
N GLU F 246 56.71 -23.69 -42.45
CA GLU F 246 56.17 -22.74 -41.47
C GLU F 246 54.64 -22.82 -41.41
N ARG F 247 54.07 -22.46 -40.27
CA ARG F 247 52.61 -22.47 -40.07
C ARG F 247 52.19 -21.60 -38.89
N ARG F 248 51.13 -20.81 -39.10
CA ARG F 248 50.52 -20.01 -38.04
C ARG F 248 49.58 -20.89 -37.22
N LEU F 249 49.77 -20.91 -35.89
CA LEU F 249 49.01 -21.79 -34.99
C LEU F 249 47.77 -21.10 -34.39
N THR F 250 47.96 -19.88 -33.89
CA THR F 250 46.86 -19.08 -33.30
C THR F 250 46.41 -17.99 -34.28
N TYR F 251 45.09 -17.87 -34.47
CA TYR F 251 44.49 -16.83 -35.32
C TYR F 251 43.56 -15.95 -34.48
N VAL F 252 44.16 -15.02 -33.73
CA VAL F 252 43.44 -14.22 -32.75
C VAL F 252 43.55 -12.72 -33.05
N HIS F 253 44.78 -12.19 -33.02
CA HIS F 253 45.01 -10.76 -33.26
C HIS F 253 44.96 -10.47 -34.76
N ASN F 254 43.97 -9.67 -35.16
CA ASN F 254 43.85 -9.18 -36.54
C ASN F 254 44.70 -7.90 -36.68
N GLU F 255 45.91 -8.06 -37.23
CA GLU F 255 46.90 -6.97 -37.28
C GLU F 255 46.56 -5.82 -38.25
N LEU F 256 45.63 -6.06 -39.19
CA LEU F 256 45.11 -5.01 -40.06
C LEU F 256 44.10 -4.10 -39.33
N ALA F 257 43.26 -4.69 -38.50
CA ALA F 257 42.32 -3.91 -37.65
C ALA F 257 43.05 -3.14 -36.57
N ASN F 258 42.44 -2.04 -36.10
CA ASN F 258 43.07 -1.13 -35.14
C ASN F 258 42.94 -1.59 -33.68
N MET F 259 43.69 -0.90 -32.82
CA MET F 259 43.72 -1.12 -31.36
C MET F 259 42.34 -1.16 -30.66
N GLU F 260 41.56 -0.10 -30.83
CA GLU F 260 40.30 0.09 -30.09
C GLU F 260 39.27 -1.04 -30.27
N GLU F 261 39.20 -1.60 -31.48
CA GLU F 261 38.27 -2.71 -31.78
C GLU F 261 38.86 -4.10 -31.49
N ASP F 262 40.17 -4.26 -31.70
CA ASP F 262 40.80 -5.60 -31.65
C ASP F 262 40.96 -6.17 -30.23
N ALA F 263 41.90 -5.63 -29.45
CA ALA F 263 42.12 -6.00 -28.02
C ALA F 263 42.89 -7.31 -27.73
N ARG F 264 42.50 -8.42 -28.36
CA ARG F 264 42.96 -9.76 -27.96
C ARG F 264 44.44 -10.05 -28.25
N SER F 265 44.97 -11.02 -27.51
CA SER F 265 46.31 -11.57 -27.69
C SER F 265 46.29 -13.06 -27.36
N ALA F 266 47.30 -13.78 -27.85
CA ALA F 266 47.43 -15.22 -27.61
C ALA F 266 48.90 -15.65 -27.65
N GLY F 267 49.44 -15.95 -26.47
CA GLY F 267 50.83 -16.43 -26.33
C GLY F 267 51.81 -15.43 -25.77
N VAL F 268 51.33 -14.20 -25.53
CA VAL F 268 52.13 -13.16 -24.89
C VAL F 268 51.48 -12.78 -23.57
N ALA F 269 52.31 -12.35 -22.62
CA ALA F 269 51.84 -11.82 -21.34
C ALA F 269 51.44 -10.37 -21.53
N THR F 270 50.49 -9.91 -20.71
CA THR F 270 49.99 -8.54 -20.79
C THR F 270 50.97 -7.59 -20.09
N PHE F 271 50.66 -6.29 -20.09
CA PHE F 271 51.47 -5.28 -19.40
C PHE F 271 51.75 -5.63 -17.93
N VAL F 272 50.71 -6.07 -17.23
CA VAL F 272 50.79 -6.28 -15.78
C VAL F 272 51.68 -7.48 -15.45
N LEU F 273 51.47 -8.58 -16.18
CA LEU F 273 52.20 -9.84 -15.96
C LEU F 273 53.71 -9.76 -16.28
N GLN F 274 54.14 -8.77 -17.05
CA GLN F 274 55.57 -8.55 -17.34
C GLN F 274 56.25 -7.56 -16.40
N GLU F 275 55.52 -6.51 -16.02
CA GLU F 275 56.04 -5.47 -15.12
C GLU F 275 56.09 -5.94 -13.66
N GLU F 276 54.96 -6.45 -13.19
CA GLU F 276 54.75 -6.75 -11.76
C GLU F 276 54.95 -8.22 -11.35
N PHE F 277 55.03 -9.13 -12.32
CA PHE F 277 55.22 -10.57 -12.07
C PHE F 277 56.41 -11.21 -12.80
N ASP F 278 57.21 -10.41 -13.51
CA ASP F 278 58.33 -10.89 -14.34
C ASP F 278 58.05 -12.22 -15.04
N ARG F 279 56.93 -12.26 -15.75
CA ARG F 279 56.46 -13.45 -16.45
C ARG F 279 56.40 -13.16 -17.94
N TYR F 280 57.58 -12.97 -18.51
CA TYR F 280 57.74 -12.34 -19.82
C TYR F 280 57.16 -13.16 -20.99
N SER F 281 57.36 -14.47 -20.97
CA SER F 281 56.77 -15.35 -21.99
C SER F 281 55.31 -15.67 -21.64
N GLY F 282 54.56 -16.15 -22.64
CA GLY F 282 53.19 -16.63 -22.45
C GLY F 282 52.82 -17.90 -23.21
N TYR F 283 53.83 -18.66 -23.65
CA TYR F 283 53.64 -20.00 -24.25
C TYR F 283 54.77 -20.92 -23.79
N TRP F 284 54.45 -22.20 -23.58
CA TRP F 284 55.40 -23.19 -23.06
C TRP F 284 55.27 -24.52 -23.82
N TRP F 285 56.40 -25.03 -24.32
CA TRP F 285 56.43 -26.30 -25.07
C TRP F 285 56.21 -27.50 -24.15
N CYS F 286 55.56 -28.55 -24.68
CA CYS F 286 55.53 -29.87 -24.04
C CYS F 286 56.80 -30.62 -24.42
N PRO F 287 57.51 -31.22 -23.44
CA PRO F 287 58.76 -31.93 -23.75
C PRO F 287 58.60 -33.35 -24.33
N LYS F 288 57.36 -33.84 -24.45
CA LYS F 288 57.09 -35.17 -25.03
C LYS F 288 56.14 -35.06 -26.22
N ALA F 289 55.83 -36.20 -26.82
CA ALA F 289 54.90 -36.28 -27.95
C ALA F 289 54.19 -37.62 -27.99
N GLU F 290 52.86 -37.59 -28.01
CA GLU F 290 52.03 -38.80 -28.15
C GLU F 290 52.10 -39.32 -29.59
N THR F 291 52.07 -40.64 -29.75
CA THR F 291 52.13 -41.30 -31.07
C THR F 291 50.73 -41.56 -31.63
N THR F 292 50.59 -41.43 -32.95
CA THR F 292 49.30 -41.61 -33.67
C THR F 292 49.19 -43.03 -34.26
N PRO F 293 47.98 -43.43 -34.72
CA PRO F 293 47.80 -44.69 -35.47
C PRO F 293 48.66 -44.87 -36.73
N SER F 294 49.04 -43.76 -37.39
CA SER F 294 49.94 -43.80 -38.56
C SER F 294 51.43 -43.96 -38.22
N GLY F 295 51.79 -43.88 -36.93
CA GLY F 295 53.16 -44.07 -36.49
C GLY F 295 54.02 -42.83 -36.71
N GLY F 296 53.74 -41.80 -35.91
CA GLY F 296 54.47 -40.52 -35.95
C GLY F 296 54.54 -39.88 -34.57
N LYS F 297 54.09 -38.63 -34.46
CA LYS F 297 54.02 -37.94 -33.16
C LYS F 297 53.07 -36.73 -33.14
N ILE F 298 52.77 -36.25 -31.94
CA ILE F 298 51.94 -35.04 -31.71
C ILE F 298 52.64 -34.13 -30.69
N LEU F 299 53.16 -32.99 -31.13
CA LEU F 299 53.77 -31.99 -30.24
C LEU F 299 52.69 -31.09 -29.64
N ARG F 300 52.99 -30.50 -28.48
CA ARG F 300 52.04 -29.69 -27.70
C ARG F 300 52.64 -28.36 -27.22
N ILE F 301 51.86 -27.29 -27.35
CA ILE F 301 52.24 -25.94 -26.88
C ILE F 301 51.10 -25.37 -26.03
N LEU F 302 51.37 -25.10 -24.75
CA LEU F 302 50.42 -24.39 -23.88
C LEU F 302 50.56 -22.88 -24.11
N TYR F 303 49.45 -22.15 -23.97
CA TYR F 303 49.45 -20.68 -24.04
C TYR F 303 48.16 -20.09 -23.46
N GLU F 304 48.25 -18.86 -22.95
CA GLU F 304 47.06 -18.12 -22.47
C GLU F 304 46.49 -17.21 -23.55
N GLU F 305 45.18 -16.97 -23.48
CA GLU F 305 44.48 -16.09 -24.43
C GLU F 305 43.87 -14.89 -23.71
N ASN F 306 44.63 -13.81 -23.66
CA ASN F 306 44.17 -12.54 -23.07
C ASN F 306 43.20 -11.83 -24.02
N ASP F 307 42.09 -11.35 -23.47
CA ASP F 307 41.15 -10.48 -24.17
C ASP F 307 41.02 -9.20 -23.36
N GLU F 308 41.64 -8.12 -23.85
CA GLU F 308 41.76 -6.85 -23.11
C GLU F 308 40.66 -5.83 -23.45
N SER F 309 39.43 -6.32 -23.66
CA SER F 309 38.33 -5.48 -24.16
C SER F 309 37.81 -4.48 -23.11
N GLU F 310 37.67 -4.96 -21.86
CA GLU F 310 37.24 -4.10 -20.75
C GLU F 310 38.34 -3.25 -20.13
N VAL F 311 39.61 -3.56 -20.43
CA VAL F 311 40.74 -2.85 -19.85
C VAL F 311 40.73 -1.40 -20.34
N GLU F 312 41.10 -0.49 -19.46
CA GLU F 312 41.09 0.94 -19.77
C GLU F 312 42.11 1.29 -20.84
N ILE F 313 41.68 2.08 -21.82
CA ILE F 313 42.57 2.62 -22.84
C ILE F 313 43.16 3.90 -22.27
N ILE F 314 44.46 4.08 -22.46
CA ILE F 314 45.17 5.26 -21.95
C ILE F 314 46.09 5.80 -23.05
N HIS F 315 46.25 7.12 -23.07
CA HIS F 315 47.00 7.81 -24.13
C HIS F 315 48.33 8.38 -23.63
N VAL F 316 49.42 7.68 -23.96
CA VAL F 316 50.78 8.22 -23.81
C VAL F 316 51.17 8.93 -25.10
N THR F 317 51.96 9.99 -25.00
CA THR F 317 52.46 10.72 -26.17
C THR F 317 53.43 9.84 -26.96
N SER F 318 53.35 9.92 -28.28
CA SER F 318 54.19 9.13 -29.19
C SER F 318 55.64 9.63 -29.15
N PRO F 319 56.64 8.74 -29.30
CA PRO F 319 58.05 9.18 -29.25
C PRO F 319 58.42 10.25 -30.28
N MET F 320 57.88 10.13 -31.48
CA MET F 320 58.02 11.14 -32.52
C MET F 320 57.09 12.30 -32.19
N LEU F 321 57.63 13.29 -31.47
CA LEU F 321 56.89 14.49 -31.09
C LEU F 321 56.45 15.36 -32.28
N GLU F 322 57.10 15.14 -33.43
CA GLU F 322 56.73 15.76 -34.71
C GLU F 322 55.25 15.56 -35.08
N THR F 323 54.77 14.32 -34.94
CA THR F 323 53.37 13.99 -35.25
C THR F 323 52.36 14.72 -34.36
N ARG F 324 52.75 14.97 -33.11
CA ARG F 324 51.88 15.60 -32.09
C ARG F 324 50.64 14.73 -31.85
N ARG F 325 50.88 13.43 -31.72
CA ARG F 325 49.83 12.44 -31.53
C ARG F 325 50.19 11.56 -30.33
N ALA F 326 49.24 10.74 -29.91
CA ALA F 326 49.39 9.86 -28.76
C ALA F 326 49.07 8.42 -29.14
N ASP F 327 49.77 7.48 -28.50
CA ASP F 327 49.54 6.05 -28.68
C ASP F 327 48.52 5.55 -27.66
N SER F 328 47.55 4.76 -28.13
CA SER F 328 46.58 4.11 -27.26
C SER F 328 47.14 2.76 -26.81
N PHE F 329 47.32 2.57 -25.49
CA PHE F 329 47.68 1.26 -24.95
C PHE F 329 46.93 0.92 -23.65
N ARG F 330 46.71 -0.38 -23.45
CA ARG F 330 45.88 -0.90 -22.37
C ARG F 330 46.62 -0.87 -21.03
N TYR F 331 45.97 -0.31 -20.01
CA TYR F 331 46.55 -0.13 -18.68
C TYR F 331 45.45 -0.40 -17.63
N PRO F 332 45.44 -1.60 -17.03
CA PRO F 332 44.46 -1.88 -15.98
C PRO F 332 44.80 -1.10 -14.70
N LYS F 333 44.17 0.06 -14.56
CA LYS F 333 44.32 0.91 -13.38
C LYS F 333 43.73 0.21 -12.15
N THR F 334 44.24 0.57 -10.98
CA THR F 334 43.72 0.06 -9.71
C THR F 334 42.20 0.12 -9.65
N GLY F 335 41.58 -1.00 -9.33
CA GLY F 335 40.12 -1.08 -9.16
C GLY F 335 39.30 -1.32 -10.42
N THR F 336 39.96 -1.38 -11.58
CA THR F 336 39.29 -1.62 -12.86
C THR F 336 39.57 -3.05 -13.33
N ALA F 337 38.93 -3.45 -14.43
CA ALA F 337 39.03 -4.83 -14.93
C ALA F 337 40.42 -5.16 -15.46
N ASN F 338 40.87 -6.38 -15.16
CA ASN F 338 42.09 -6.96 -15.73
C ASN F 338 41.70 -7.74 -16.99
N PRO F 339 42.68 -8.13 -17.82
CA PRO F 339 42.41 -8.88 -19.06
C PRO F 339 41.70 -10.23 -18.83
N LYS F 340 40.66 -10.51 -19.63
CA LYS F 340 39.95 -11.80 -19.56
C LYS F 340 40.90 -12.92 -19.97
N VAL F 341 41.56 -13.49 -18.96
CA VAL F 341 42.47 -14.62 -19.13
C VAL F 341 41.69 -15.92 -19.31
N THR F 342 42.25 -16.81 -20.14
CA THR F 342 41.81 -18.21 -20.23
C THR F 342 42.91 -19.05 -20.89
N PHE F 343 42.83 -20.37 -20.71
CA PHE F 343 43.87 -21.31 -21.18
C PHE F 343 43.54 -21.94 -22.52
N LYS F 344 44.60 -22.23 -23.28
CA LYS F 344 44.51 -22.94 -24.57
C LYS F 344 45.69 -23.92 -24.71
N MET F 345 45.61 -24.79 -25.72
CA MET F 345 46.70 -25.72 -26.05
C MET F 345 46.64 -26.19 -27.51
N SER F 346 47.80 -26.47 -28.09
CA SER F 346 47.92 -26.91 -29.49
C SER F 346 48.21 -28.42 -29.62
N GLU F 347 48.03 -28.93 -30.84
CA GLU F 347 48.37 -30.31 -31.21
C GLU F 347 48.81 -30.37 -32.68
N ILE F 348 50.10 -30.64 -32.91
CA ILE F 348 50.70 -30.65 -34.25
C ILE F 348 51.05 -32.09 -34.64
N MET F 349 50.23 -32.69 -35.50
CA MET F 349 50.48 -34.07 -35.99
C MET F 349 51.62 -34.09 -37.03
N ILE F 350 52.73 -34.73 -36.66
CA ILE F 350 53.87 -34.95 -37.57
C ILE F 350 53.85 -36.42 -38.03
N ASP F 351 53.70 -36.66 -39.33
CA ASP F 351 53.75 -38.03 -39.90
C ASP F 351 55.19 -38.58 -39.92
N ALA F 352 55.33 -39.84 -40.35
CA ALA F 352 56.64 -40.52 -40.40
C ALA F 352 57.75 -39.78 -41.16
N GLU F 353 57.37 -38.98 -42.16
CA GLU F 353 58.35 -38.24 -42.98
C GLU F 353 58.91 -37.01 -42.27
N GLY F 354 58.06 -36.28 -41.56
CA GLY F 354 58.45 -35.08 -40.81
C GLY F 354 57.69 -33.78 -41.08
N ARG F 355 56.72 -33.83 -42.00
CA ARG F 355 55.87 -32.66 -42.32
C ARG F 355 54.61 -32.67 -41.45
N ILE F 356 53.94 -31.51 -41.35
CA ILE F 356 52.71 -31.37 -40.56
C ILE F 356 51.53 -32.01 -41.30
N ILE F 357 50.89 -33.00 -40.66
CA ILE F 357 49.64 -33.58 -41.17
C ILE F 357 48.53 -32.53 -41.10
N ASP F 358 48.15 -32.19 -39.87
CA ASP F 358 46.93 -31.42 -39.59
C ASP F 358 46.97 -30.92 -38.15
N VAL F 359 46.61 -29.65 -37.94
CA VAL F 359 46.70 -28.99 -36.63
C VAL F 359 45.34 -28.90 -35.95
N ILE F 360 45.33 -29.06 -34.62
CA ILE F 360 44.11 -28.98 -33.80
C ILE F 360 44.34 -28.00 -32.64
N ASP F 361 43.56 -26.92 -32.60
CA ASP F 361 43.62 -25.89 -31.56
C ASP F 361 42.56 -26.17 -30.50
N LYS F 362 42.95 -26.19 -29.22
CA LYS F 362 42.10 -26.71 -28.13
C LYS F 362 41.89 -25.73 -26.96
N GLU F 363 40.62 -25.38 -26.71
CA GLU F 363 40.21 -24.58 -25.53
C GLU F 363 39.74 -25.48 -24.39
N LEU F 364 39.41 -24.86 -23.25
CA LEU F 364 38.99 -25.60 -22.06
C LEU F 364 37.61 -26.24 -22.22
N ILE F 365 37.39 -27.33 -21.48
CA ILE F 365 36.09 -28.03 -21.45
C ILE F 365 34.96 -27.13 -20.91
N GLN F 366 35.32 -26.22 -20.01
CA GLN F 366 34.36 -25.30 -19.37
C GLN F 366 35.00 -23.91 -19.18
N PRO F 367 34.19 -22.90 -18.76
CA PRO F 367 34.74 -21.55 -18.57
C PRO F 367 35.83 -21.46 -17.49
N PHE F 368 36.70 -20.45 -17.61
CA PHE F 368 37.77 -20.20 -16.63
C PHE F 368 37.21 -19.77 -15.26
N GLU F 369 36.05 -19.11 -15.28
CA GLU F 369 35.37 -18.68 -14.05
C GLU F 369 34.89 -19.86 -13.20
N ILE F 370 34.47 -20.94 -13.88
CA ILE F 370 33.87 -22.10 -13.22
C ILE F 370 34.93 -23.07 -12.69
N LEU F 371 35.93 -23.37 -13.52
CA LEU F 371 36.99 -24.32 -13.15
C LEU F 371 37.88 -23.76 -12.05
N PHE F 372 38.50 -22.62 -12.34
CA PHE F 372 39.44 -21.98 -11.43
C PHE F 372 38.72 -20.80 -10.77
N GLU F 373 37.92 -21.13 -9.75
CA GLU F 373 37.02 -20.17 -9.12
C GLU F 373 37.78 -19.09 -8.36
N GLY F 374 37.45 -17.83 -8.66
CA GLY F 374 38.04 -16.67 -7.98
C GLY F 374 39.45 -16.28 -8.36
N VAL F 375 39.99 -16.89 -9.42
CA VAL F 375 41.35 -16.60 -9.89
C VAL F 375 41.30 -15.37 -10.79
N GLU F 376 42.27 -14.48 -10.62
CA GLU F 376 42.39 -13.26 -11.42
C GLU F 376 43.78 -12.99 -12.03
N TYR F 377 44.74 -13.91 -11.84
CA TYR F 377 46.09 -13.81 -12.44
C TYR F 377 46.66 -15.22 -12.70
N ILE F 378 47.48 -15.34 -13.73
CA ILE F 378 48.19 -16.58 -14.06
C ILE F 378 49.68 -16.28 -13.89
N ALA F 379 50.18 -16.54 -12.68
CA ALA F 379 51.50 -16.10 -12.25
C ALA F 379 52.63 -16.80 -13.00
N ARG F 380 52.59 -18.13 -13.02
CA ARG F 380 53.51 -18.96 -13.79
C ARG F 380 52.78 -20.15 -14.37
N ALA F 381 53.42 -20.78 -15.36
CA ALA F 381 52.93 -22.04 -15.92
C ALA F 381 54.04 -22.78 -16.64
N GLY F 382 53.79 -24.06 -16.91
CA GLY F 382 54.77 -24.93 -17.53
C GLY F 382 54.30 -26.38 -17.55
N TRP F 383 55.25 -27.28 -17.82
CA TRP F 383 54.96 -28.71 -17.89
C TRP F 383 55.76 -29.49 -16.85
N THR F 384 55.23 -30.65 -16.46
CA THR F 384 55.96 -31.60 -15.63
C THR F 384 57.08 -32.22 -16.46
N PRO F 385 58.23 -32.54 -15.85
CA PRO F 385 59.27 -33.33 -16.54
C PRO F 385 58.73 -34.64 -17.16
N GLU F 386 57.73 -35.22 -16.50
CA GLU F 386 56.92 -36.32 -17.05
C GLU F 386 56.40 -35.98 -18.45
N GLY F 387 55.75 -34.83 -18.55
CA GLY F 387 55.07 -34.39 -19.78
C GLY F 387 53.61 -34.81 -19.82
N LYS F 388 53.15 -35.43 -18.72
CA LYS F 388 51.81 -36.00 -18.62
C LYS F 388 50.81 -34.93 -18.17
N TYR F 389 51.24 -34.10 -17.21
CA TYR F 389 50.47 -32.95 -16.72
C TYR F 389 51.18 -31.63 -17.04
N ALA F 390 50.39 -30.60 -17.33
CA ALA F 390 50.87 -29.22 -17.50
C ALA F 390 50.38 -28.38 -16.32
N TRP F 391 51.32 -27.74 -15.61
CA TRP F 391 51.02 -27.04 -14.34
C TRP F 391 50.88 -25.53 -14.51
N SER F 392 50.25 -24.89 -13.52
CA SER F 392 50.17 -23.43 -13.45
C SER F 392 49.84 -22.92 -12.04
N ILE F 393 50.61 -21.91 -11.60
CA ILE F 393 50.41 -21.24 -10.31
C ILE F 393 49.45 -20.05 -10.52
N LEU F 394 48.37 -20.02 -9.74
CA LEU F 394 47.24 -19.10 -9.97
C LEU F 394 46.84 -18.30 -8.72
N LEU F 395 46.83 -16.97 -8.82
CA LEU F 395 46.48 -16.07 -7.71
C LEU F 395 45.03 -15.57 -7.78
N ASP F 396 44.47 -15.24 -6.61
CA ASP F 396 43.20 -14.48 -6.54
C ASP F 396 43.49 -13.00 -6.81
N ARG F 397 42.44 -12.19 -6.90
CA ARG F 397 42.61 -10.77 -7.26
C ARG F 397 43.40 -9.97 -6.22
N SER F 398 43.07 -10.17 -4.95
CA SER F 398 43.77 -9.49 -3.85
C SER F 398 45.20 -10.00 -3.62
N GLN F 399 45.56 -11.11 -4.27
CA GLN F 399 46.92 -11.69 -4.24
C GLN F 399 47.30 -12.16 -2.82
N THR F 400 46.33 -12.79 -2.17
CA THR F 400 46.47 -13.36 -0.84
C THR F 400 46.12 -14.85 -0.83
N ARG F 401 46.10 -15.47 -2.01
CA ARG F 401 45.76 -16.89 -2.15
C ARG F 401 46.46 -17.49 -3.37
N LEU F 402 47.66 -18.04 -3.14
CA LEU F 402 48.36 -18.81 -4.19
C LEU F 402 47.73 -20.19 -4.29
N GLN F 403 47.67 -20.70 -5.53
CA GLN F 403 47.22 -22.06 -5.81
C GLN F 403 48.14 -22.66 -6.85
N ILE F 404 48.56 -23.90 -6.64
CA ILE F 404 49.30 -24.68 -7.64
C ILE F 404 48.31 -25.72 -8.18
N VAL F 405 48.05 -25.65 -9.48
CA VAL F 405 47.06 -26.52 -10.13
C VAL F 405 47.70 -27.32 -11.25
N LEU F 406 47.40 -28.61 -11.31
CA LEU F 406 47.80 -29.48 -12.42
C LEU F 406 46.66 -29.57 -13.44
N ILE F 407 47.04 -29.48 -14.71
CA ILE F 407 46.10 -29.42 -15.83
C ILE F 407 46.56 -30.42 -16.90
N SER F 408 45.90 -31.57 -16.94
CA SER F 408 46.21 -32.61 -17.93
C SER F 408 45.61 -32.21 -19.28
N PRO F 409 46.33 -32.45 -20.40
CA PRO F 409 45.80 -32.16 -21.75
C PRO F 409 44.44 -32.77 -22.11
N GLU F 410 44.03 -33.84 -21.40
CA GLU F 410 42.69 -34.41 -21.55
C GLU F 410 41.55 -33.53 -21.02
N LEU F 411 41.88 -32.49 -20.24
CA LEU F 411 40.91 -31.42 -19.90
C LEU F 411 40.48 -30.58 -21.12
N PHE F 412 41.39 -30.42 -22.09
CA PHE F 412 41.12 -29.62 -23.29
C PHE F 412 40.31 -30.39 -24.34
N ILE F 413 39.44 -29.67 -25.05
CA ILE F 413 38.74 -30.18 -26.24
C ILE F 413 38.99 -29.21 -27.41
N PRO F 414 38.90 -29.69 -28.66
CA PRO F 414 39.01 -28.77 -29.81
C PRO F 414 37.89 -27.71 -29.85
N VAL F 415 38.18 -26.59 -30.50
CA VAL F 415 37.21 -25.49 -30.63
C VAL F 415 36.25 -25.83 -31.78
N GLU F 416 34.99 -25.45 -31.64
CA GLU F 416 33.95 -25.71 -32.66
C GLU F 416 32.83 -24.66 -32.65
N ASP F 417 32.37 -24.29 -33.85
CA ASP F 417 31.22 -23.39 -34.02
C ASP F 417 29.89 -24.15 -33.99
N ASP F 418 29.90 -25.37 -34.52
CA ASP F 418 28.78 -26.31 -34.43
C ASP F 418 28.45 -26.57 -32.96
N VAL F 419 27.25 -26.17 -32.54
CA VAL F 419 26.87 -26.17 -31.12
C VAL F 419 26.72 -27.58 -30.51
N MET F 420 26.16 -28.51 -31.27
CA MET F 420 25.91 -29.89 -30.78
C MET F 420 27.08 -30.85 -31.01
N GLU F 421 28.05 -30.47 -31.84
CA GLU F 421 29.30 -31.22 -31.99
C GLU F 421 30.16 -31.11 -30.72
N ARG F 422 30.22 -29.92 -30.15
CA ARG F 422 30.91 -29.67 -28.87
C ARG F 422 30.23 -30.36 -27.67
N GLN F 423 28.90 -30.48 -27.72
CA GLN F 423 28.15 -31.29 -26.74
C GLN F 423 28.63 -32.74 -26.72
N ARG F 424 28.85 -33.30 -27.90
CA ARG F 424 29.37 -34.66 -28.07
C ARG F 424 30.83 -34.78 -27.60
N LEU F 425 31.64 -33.76 -27.88
CA LEU F 425 33.06 -33.73 -27.45
C LEU F 425 33.23 -33.66 -25.93
N ILE F 426 32.32 -32.98 -25.24
CA ILE F 426 32.39 -32.82 -23.78
C ILE F 426 32.04 -34.11 -23.03
N GLU F 427 30.99 -34.80 -23.47
CA GLU F 427 30.58 -36.08 -22.85
C GLU F 427 31.58 -37.22 -23.06
N SER F 428 32.31 -37.20 -24.18
CA SER F 428 33.34 -38.22 -24.46
C SER F 428 34.61 -38.07 -23.61
N VAL F 429 34.85 -36.85 -23.11
CA VAL F 429 35.91 -36.59 -22.12
C VAL F 429 35.33 -36.95 -20.74
N PRO F 430 36.08 -37.71 -19.91
CA PRO F 430 35.51 -38.17 -18.63
C PRO F 430 35.33 -37.08 -17.56
N ASP F 431 34.65 -37.44 -16.46
CA ASP F 431 34.42 -36.55 -15.32
C ASP F 431 35.62 -36.52 -14.36
N SER F 432 36.24 -37.69 -14.17
CA SER F 432 37.42 -37.85 -13.30
C SER F 432 38.66 -37.08 -13.78
N VAL F 433 38.77 -36.88 -15.10
CA VAL F 433 39.76 -35.97 -15.67
C VAL F 433 39.31 -34.55 -15.31
N THR F 434 39.94 -33.99 -14.28
CA THR F 434 39.47 -32.79 -13.60
C THR F 434 40.69 -31.99 -13.12
N PRO F 435 40.56 -30.65 -12.95
CA PRO F 435 41.71 -29.90 -12.40
C PRO F 435 42.04 -30.30 -10.97
N LEU F 436 43.32 -30.17 -10.59
CA LEU F 436 43.84 -30.69 -9.33
C LEU F 436 44.69 -29.64 -8.61
N ILE F 437 44.08 -28.94 -7.64
CA ILE F 437 44.81 -28.01 -6.79
C ILE F 437 45.69 -28.82 -5.83
N ILE F 438 46.94 -29.05 -6.23
CA ILE F 438 47.88 -29.86 -5.46
C ILE F 438 48.43 -29.16 -4.20
N TYR F 439 48.34 -27.83 -4.16
CA TYR F 439 48.78 -27.05 -2.99
C TYR F 439 48.18 -25.65 -2.99
N GLU F 440 47.36 -25.35 -1.98
CA GLU F 440 46.78 -24.02 -1.76
C GLU F 440 47.36 -23.40 -0.49
N GLU F 441 47.52 -22.08 -0.49
CA GLU F 441 48.03 -21.34 0.67
C GLU F 441 47.46 -19.93 0.69
N THR F 442 47.28 -19.38 1.90
CA THR F 442 46.82 -18.00 2.07
C THR F 442 47.68 -17.25 3.08
N THR F 443 47.52 -15.94 3.08
CA THR F 443 48.18 -15.07 4.06
C THR F 443 47.46 -13.73 4.10
N ASP F 444 47.57 -13.04 5.24
CA ASP F 444 46.98 -11.71 5.41
C ASP F 444 47.94 -10.55 5.02
N ILE F 445 49.08 -10.88 4.41
CA ILE F 445 49.99 -9.90 3.81
C ILE F 445 49.86 -10.01 2.27
N TRP F 446 50.69 -10.84 1.62
CA TRP F 446 50.60 -11.06 0.18
C TRP F 446 51.48 -12.22 -0.30
N ILE F 447 51.11 -12.75 -1.47
CA ILE F 447 51.91 -13.75 -2.15
C ILE F 447 52.95 -13.02 -2.98
N ASN F 448 54.23 -13.23 -2.68
CA ASN F 448 55.30 -12.85 -3.58
C ASN F 448 55.52 -14.02 -4.53
N ILE F 449 55.34 -13.77 -5.83
CA ILE F 449 55.50 -14.81 -6.84
C ILE F 449 56.97 -15.05 -7.11
N HIS F 450 57.32 -16.33 -7.23
CA HIS F 450 58.70 -16.77 -7.43
C HIS F 450 58.77 -17.91 -8.43
N ASP F 451 59.94 -18.08 -9.01
CA ASP F 451 60.18 -19.05 -10.07
C ASP F 451 60.25 -20.49 -9.55
N ILE F 452 60.63 -20.65 -8.29
CA ILE F 452 60.93 -21.96 -7.68
C ILE F 452 59.72 -22.89 -7.69
N PHE F 453 59.81 -23.96 -8.48
CA PHE F 453 58.84 -25.04 -8.49
C PHE F 453 59.45 -26.24 -9.20
N HIS F 454 60.37 -26.93 -8.52
CA HIS F 454 60.93 -28.18 -9.03
C HIS F 454 59.93 -29.31 -8.80
N VAL F 455 59.74 -30.13 -9.84
CA VAL F 455 58.89 -31.31 -9.75
C VAL F 455 59.75 -32.53 -10.08
N PHE F 456 59.53 -33.60 -9.31
CA PHE F 456 60.24 -34.86 -9.48
C PHE F 456 59.46 -35.77 -10.43
N PRO F 457 60.12 -36.81 -10.98
CA PRO F 457 59.41 -37.83 -11.76
C PRO F 457 58.28 -38.50 -10.96
N GLN F 458 57.26 -38.96 -11.68
CA GLN F 458 56.10 -39.63 -11.06
C GLN F 458 56.57 -40.85 -10.26
N SER F 459 56.72 -40.68 -8.95
CA SER F 459 57.24 -41.73 -8.08
C SER F 459 56.22 -42.86 -7.90
N HIS F 460 55.21 -42.65 -7.06
CA HIS F 460 54.09 -43.60 -6.93
C HIS F 460 53.05 -43.30 -8.03
N GLU F 461 52.01 -44.11 -8.11
CA GLU F 461 51.02 -44.01 -9.19
C GLU F 461 50.24 -42.69 -9.16
N GLU F 462 49.50 -42.47 -8.08
CA GLU F 462 48.66 -41.28 -7.92
C GLU F 462 49.26 -40.29 -6.92
N GLU F 463 50.54 -39.96 -7.14
CA GLU F 463 51.27 -38.98 -6.32
C GLU F 463 52.15 -38.11 -7.20
N ILE F 464 52.46 -36.91 -6.71
CA ILE F 464 53.45 -36.04 -7.32
C ILE F 464 54.32 -35.42 -6.21
N GLU F 465 55.58 -35.87 -6.16
CA GLU F 465 56.59 -35.28 -5.30
C GLU F 465 57.05 -33.98 -5.96
N PHE F 466 57.15 -32.90 -5.18
CA PHE F 466 57.67 -31.62 -5.69
C PHE F 466 58.15 -30.70 -4.57
N ILE F 467 59.19 -29.92 -4.85
CA ILE F 467 59.65 -28.85 -3.95
C ILE F 467 58.92 -27.55 -4.33
N PHE F 468 58.68 -26.71 -3.33
CA PHE F 468 58.08 -25.39 -3.52
C PHE F 468 58.51 -24.45 -2.38
N ALA F 469 58.56 -23.16 -2.69
CA ALA F 469 58.91 -22.13 -1.70
C ALA F 469 57.68 -21.38 -1.21
N SER F 470 57.70 -20.94 0.05
CA SER F 470 56.58 -20.19 0.64
C SER F 470 56.97 -19.39 1.88
N GLU F 471 56.48 -18.15 1.93
CA GLU F 471 56.58 -17.30 3.12
C GLU F 471 55.40 -17.52 4.08
N CYS F 472 54.32 -18.12 3.59
CA CYS F 472 53.06 -18.20 4.33
C CYS F 472 53.16 -18.86 5.70
N LYS F 473 53.90 -19.96 5.80
CA LYS F 473 53.96 -20.75 7.04
C LYS F 473 54.72 -20.02 8.15
N THR F 474 56.02 -19.80 7.94
CA THR F 474 56.89 -19.20 8.97
C THR F 474 56.91 -17.67 8.96
N GLY F 475 56.53 -17.06 7.84
CA GLY F 475 56.77 -15.63 7.59
C GLY F 475 58.07 -15.34 6.84
N PHE F 476 58.75 -16.40 6.39
CA PHE F 476 60.03 -16.32 5.67
C PHE F 476 60.02 -17.42 4.60
N ARG F 477 60.65 -17.15 3.45
CA ARG F 477 60.55 -18.06 2.29
C ARG F 477 61.46 -19.27 2.45
N HIS F 478 60.85 -20.45 2.54
CA HIS F 478 61.57 -21.70 2.78
C HIS F 478 61.05 -22.82 1.87
N LEU F 479 61.94 -23.75 1.52
CA LEU F 479 61.61 -24.86 0.63
C LEU F 479 60.85 -25.94 1.40
N TYR F 480 59.68 -26.34 0.88
CA TYR F 480 58.86 -27.41 1.48
C TYR F 480 58.68 -28.53 0.47
N LYS F 481 59.21 -29.72 0.77
CA LYS F 481 59.00 -30.91 -0.06
C LYS F 481 57.60 -31.44 0.24
N ILE F 482 56.74 -31.43 -0.78
CA ILE F 482 55.33 -31.81 -0.65
C ILE F 482 55.05 -33.03 -1.50
N THR F 483 54.16 -33.90 -1.00
CA THR F 483 53.64 -35.04 -1.76
C THR F 483 52.12 -35.01 -1.67
N SER F 484 51.48 -34.68 -2.80
CA SER F 484 50.03 -34.51 -2.86
C SER F 484 49.38 -35.71 -3.53
N ILE F 485 48.30 -36.21 -2.91
CA ILE F 485 47.56 -37.36 -3.44
C ILE F 485 46.71 -36.88 -4.63
N LEU F 486 47.05 -37.37 -5.82
CA LEU F 486 46.31 -37.07 -7.04
C LEU F 486 44.95 -37.79 -7.01
N LYS F 487 43.98 -37.14 -6.37
CA LYS F 487 42.67 -37.74 -6.08
C LYS F 487 41.65 -37.48 -7.18
N GLU F 488 40.72 -38.43 -7.34
CA GLU F 488 39.53 -38.26 -8.18
C GLU F 488 38.57 -37.28 -7.50
N SER F 489 37.99 -36.38 -8.29
CA SER F 489 37.20 -35.28 -7.74
C SER F 489 35.81 -35.69 -7.28
N LYS F 490 35.30 -34.96 -6.29
CA LYS F 490 33.93 -35.07 -5.82
C LYS F 490 32.93 -34.29 -6.69
N TYR F 491 33.46 -33.55 -7.67
CA TYR F 491 32.65 -32.87 -8.69
C TYR F 491 32.64 -33.66 -9.99
N LYS F 492 31.45 -34.08 -10.42
CA LYS F 492 31.22 -34.67 -11.73
C LYS F 492 30.45 -33.65 -12.56
N ARG F 493 31.03 -33.21 -13.68
CA ARG F 493 30.43 -32.18 -14.54
C ARG F 493 29.12 -32.62 -15.20
N SER F 494 28.97 -33.94 -15.40
CA SER F 494 27.72 -34.55 -15.91
C SER F 494 26.48 -34.11 -15.12
N SER F 495 26.62 -34.00 -13.81
CA SER F 495 25.55 -33.60 -12.88
C SER F 495 24.65 -32.49 -13.38
N GLY F 496 25.27 -31.39 -13.80
CA GLY F 496 24.55 -30.15 -14.13
C GLY F 496 24.77 -29.07 -13.08
N GLY F 497 24.90 -29.48 -11.82
CA GLY F 497 25.25 -28.58 -10.71
C GLY F 497 26.64 -27.98 -10.85
N LEU F 498 26.89 -26.95 -10.05
CA LEU F 498 28.14 -26.17 -10.10
C LEU F 498 29.04 -26.54 -8.91
N PRO F 499 30.38 -26.46 -9.07
CA PRO F 499 31.29 -26.98 -8.05
C PRO F 499 31.38 -26.12 -6.77
N ALA F 500 31.54 -26.80 -5.64
CA ALA F 500 31.80 -26.16 -4.34
C ALA F 500 33.29 -25.78 -4.26
N PRO F 501 33.70 -24.98 -3.24
CA PRO F 501 35.06 -24.43 -3.29
C PRO F 501 36.21 -25.44 -3.12
N SER F 502 35.94 -26.56 -2.45
CA SER F 502 36.97 -27.56 -2.12
C SER F 502 37.07 -28.77 -3.06
N ASP F 503 36.30 -28.77 -4.15
CA ASP F 503 36.15 -29.98 -4.99
C ASP F 503 37.38 -30.39 -5.82
N PHE F 504 38.31 -29.47 -6.03
CA PHE F 504 39.58 -29.76 -6.73
C PHE F 504 40.81 -29.73 -5.81
N LYS F 505 40.58 -29.60 -4.50
CA LYS F 505 41.66 -29.62 -3.49
C LYS F 505 42.16 -31.05 -3.27
N CYS F 506 43.42 -31.30 -3.60
CA CYS F 506 44.06 -32.59 -3.33
C CYS F 506 44.40 -32.70 -1.84
N PRO F 507 44.27 -33.91 -1.26
CA PRO F 507 44.83 -34.14 0.08
C PRO F 507 46.36 -34.12 0.09
N ILE F 508 46.94 -33.78 1.23
CA ILE F 508 48.39 -33.71 1.41
C ILE F 508 48.88 -34.95 2.19
N LYS F 509 49.77 -35.73 1.57
CA LYS F 509 50.40 -36.86 2.27
C LYS F 509 51.49 -36.37 3.22
N GLU F 510 52.29 -35.40 2.78
CA GLU F 510 53.29 -34.75 3.64
C GLU F 510 53.71 -33.36 3.14
N GLU F 511 54.39 -32.63 4.03
CA GLU F 511 54.91 -31.29 3.75
C GLU F 511 56.19 -31.10 4.57
N ILE F 512 57.26 -31.76 4.13
CA ILE F 512 58.56 -31.71 4.83
C ILE F 512 59.23 -30.37 4.58
N ALA F 513 59.41 -29.59 5.64
CA ALA F 513 60.15 -28.32 5.56
C ALA F 513 61.64 -28.62 5.38
N ILE F 514 62.15 -28.31 4.19
CA ILE F 514 63.56 -28.58 3.84
C ILE F 514 64.47 -27.56 4.54
N THR F 515 64.02 -26.31 4.63
CA THR F 515 64.72 -25.29 5.42
C THR F 515 63.76 -24.65 6.44
N SER F 516 64.35 -23.88 7.35
CA SER F 516 63.59 -23.15 8.38
C SER F 516 64.49 -22.13 9.06
N GLY F 517 63.91 -21.00 9.44
CA GLY F 517 64.64 -19.94 10.16
C GLY F 517 64.16 -18.54 9.86
N GLU F 518 64.93 -17.56 10.34
CA GLU F 518 64.69 -16.14 10.09
C GLU F 518 65.62 -15.64 8.98
N TRP F 519 65.34 -16.16 7.79
CA TRP F 519 66.09 -15.86 6.56
C TRP F 519 65.31 -16.49 5.41
N GLU F 520 65.51 -16.00 4.19
CA GLU F 520 64.74 -16.49 3.03
C GLU F 520 65.59 -17.14 1.94
N VAL F 521 64.96 -18.06 1.21
CA VAL F 521 65.48 -18.59 -0.05
C VAL F 521 65.04 -17.62 -1.15
N LEU F 522 65.97 -17.31 -2.08
CA LEU F 522 65.69 -16.41 -3.20
C LEU F 522 65.10 -17.18 -4.38
N GLY F 523 64.06 -16.64 -5.01
CA GLY F 523 63.37 -17.27 -6.14
C GLY F 523 62.99 -16.34 -7.27
N ARG F 524 63.77 -15.28 -7.46
CA ARG F 524 63.55 -14.28 -8.51
C ARG F 524 64.87 -13.80 -9.07
N HIS F 525 64.81 -13.20 -10.27
CA HIS F 525 65.98 -12.62 -10.96
C HIS F 525 67.09 -13.65 -11.22
N GLY F 526 66.70 -14.81 -11.73
CA GLY F 526 67.65 -15.89 -12.06
C GLY F 526 68.06 -16.82 -10.93
N SER F 527 67.61 -16.52 -9.70
CA SER F 527 67.81 -17.41 -8.56
C SER F 527 66.70 -18.46 -8.56
N ASN F 528 67.08 -19.70 -8.30
CA ASN F 528 66.13 -20.82 -8.27
C ASN F 528 66.77 -21.93 -7.42
N ILE F 529 66.65 -23.20 -7.83
CA ILE F 529 67.18 -24.33 -7.06
C ILE F 529 67.72 -25.40 -8.01
N GLN F 530 68.99 -25.76 -7.83
CA GLN F 530 69.58 -26.90 -8.54
C GLN F 530 69.32 -28.15 -7.70
N VAL F 531 68.75 -29.17 -8.34
CA VAL F 531 68.16 -30.33 -7.64
C VAL F 531 68.80 -31.64 -8.11
N ASP F 532 69.79 -32.11 -7.35
CA ASP F 532 70.42 -33.41 -7.56
C ASP F 532 69.46 -34.52 -7.11
N GLU F 533 69.15 -35.46 -8.00
CA GLU F 533 68.16 -36.53 -7.75
C GLU F 533 68.74 -37.93 -7.52
N VAL F 534 70.02 -38.13 -7.80
CA VAL F 534 70.73 -39.37 -7.46
C VAL F 534 71.23 -39.25 -6.02
N ARG F 535 72.01 -38.20 -5.75
CA ARG F 535 72.45 -37.87 -4.38
C ARG F 535 71.33 -37.33 -3.50
N ARG F 536 70.27 -36.81 -4.12
CA ARG F 536 69.05 -36.32 -3.44
C ARG F 536 69.32 -35.12 -2.53
N LEU F 537 69.96 -34.12 -3.13
CA LEU F 537 70.30 -32.84 -2.50
C LEU F 537 69.48 -31.71 -3.11
N VAL F 538 69.65 -30.50 -2.57
CA VAL F 538 69.16 -29.29 -3.22
C VAL F 538 70.04 -28.09 -2.84
N TYR F 539 70.44 -27.31 -3.86
CA TYR F 539 71.27 -26.12 -3.69
C TYR F 539 70.36 -24.89 -3.85
N PHE F 540 70.76 -23.78 -3.22
CA PHE F 540 69.97 -22.52 -3.30
C PHE F 540 70.75 -21.30 -2.82
N GLU F 541 70.24 -20.12 -3.19
CA GLU F 541 70.71 -18.85 -2.65
C GLU F 541 69.80 -18.45 -1.51
N GLY F 542 70.35 -17.75 -0.52
CA GLY F 542 69.57 -17.28 0.62
C GLY F 542 70.28 -16.28 1.51
N THR F 543 69.58 -15.85 2.56
CA THR F 543 70.07 -14.80 3.48
C THR F 543 70.47 -15.35 4.86
N LYS F 544 70.99 -16.57 4.92
CA LYS F 544 71.22 -17.26 6.20
C LYS F 544 72.38 -16.63 6.99
N ASP F 545 73.52 -16.46 6.34
CA ASP F 545 74.69 -15.81 6.96
C ASP F 545 74.45 -14.33 7.22
N SER F 546 73.87 -13.65 6.23
CA SER F 546 73.51 -12.25 6.34
C SER F 546 72.41 -11.89 5.33
N PRO F 547 71.55 -10.90 5.67
CA PRO F 547 70.64 -10.33 4.67
C PRO F 547 71.36 -9.51 3.58
N LEU F 548 72.58 -9.06 3.90
CA LEU F 548 73.39 -8.26 2.98
C LEU F 548 74.15 -9.09 1.93
N GLU F 549 74.19 -10.42 2.10
CA GLU F 549 74.95 -11.30 1.20
C GLU F 549 74.11 -12.50 0.78
N HIS F 550 74.16 -12.85 -0.51
CA HIS F 550 73.25 -13.81 -1.15
C HIS F 550 73.92 -15.18 -1.34
N HIS F 551 74.53 -15.70 -0.27
CA HIS F 551 75.42 -16.88 -0.36
C HIS F 551 74.75 -18.14 -0.88
N LEU F 552 75.55 -18.99 -1.51
CA LEU F 552 75.10 -20.28 -2.01
C LEU F 552 75.08 -21.29 -0.86
N TYR F 553 73.96 -22.01 -0.73
CA TYR F 553 73.76 -22.99 0.34
C TYR F 553 73.30 -24.33 -0.23
N VAL F 554 73.58 -25.41 0.51
CA VAL F 554 73.15 -26.77 0.13
C VAL F 554 72.61 -27.53 1.35
N VAL F 555 71.61 -28.37 1.09
CA VAL F 555 71.02 -29.27 2.10
C VAL F 555 70.25 -30.41 1.41
N SER F 556 70.09 -31.52 2.11
CA SER F 556 69.29 -32.66 1.63
C SER F 556 67.79 -32.35 1.65
N TYR F 557 67.04 -32.95 0.72
CA TYR F 557 65.56 -32.86 0.72
C TYR F 557 64.84 -34.05 1.37
N VAL F 558 65.52 -35.21 1.47
CA VAL F 558 64.93 -36.41 2.05
C VAL F 558 64.82 -36.27 3.58
N ASN F 559 65.98 -36.25 4.25
CA ASN F 559 66.06 -36.01 5.69
C ASN F 559 66.89 -34.76 5.90
N PRO F 560 66.22 -33.58 5.92
CA PRO F 560 66.92 -32.30 5.96
C PRO F 560 67.45 -31.98 7.36
N GLY F 561 68.50 -31.17 7.41
CA GLY F 561 69.10 -30.79 8.68
C GLY F 561 70.01 -29.58 8.58
N GLU F 562 71.32 -29.83 8.54
CA GLU F 562 72.32 -28.76 8.55
C GLU F 562 72.48 -28.15 7.16
N VAL F 563 72.62 -26.83 7.12
CA VAL F 563 72.68 -26.05 5.89
C VAL F 563 74.13 -25.61 5.65
N THR F 564 74.78 -26.22 4.65
CA THR F 564 76.21 -26.00 4.38
C THR F 564 76.43 -24.81 3.44
N ARG F 565 77.17 -23.80 3.90
CA ARG F 565 77.53 -22.64 3.08
C ARG F 565 78.57 -23.01 2.00
N LEU F 566 78.46 -22.38 0.84
CA LEU F 566 79.33 -22.66 -0.32
C LEU F 566 80.04 -21.45 -0.96
N THR F 567 80.03 -20.29 -0.30
CA THR F 567 80.71 -19.09 -0.78
C THR F 567 81.30 -18.28 0.38
N ASP F 568 82.44 -17.63 0.14
CA ASP F 568 83.20 -16.95 1.20
C ASP F 568 82.53 -15.67 1.69
N ARG F 569 82.54 -15.46 3.00
CA ARG F 569 81.90 -14.29 3.63
C ARG F 569 82.57 -12.97 3.25
N GLY F 570 81.83 -11.89 3.45
CA GLY F 570 82.26 -10.55 3.03
C GLY F 570 81.86 -10.13 1.62
N TYR F 571 81.45 -11.10 0.80
CA TYR F 571 80.99 -10.84 -0.57
C TYR F 571 79.54 -11.30 -0.73
N SER F 572 78.85 -10.76 -1.74
CA SER F 572 77.50 -11.18 -2.15
C SER F 572 77.59 -11.90 -3.49
N HIS F 573 76.81 -12.96 -3.68
CA HIS F 573 76.98 -13.88 -4.81
C HIS F 573 75.67 -14.22 -5.53
N SER F 574 75.65 -14.01 -6.85
CA SER F 574 74.57 -14.48 -7.72
C SER F 574 75.09 -15.70 -8.48
N CYS F 575 74.70 -16.89 -8.02
CA CYS F 575 75.37 -18.15 -8.42
C CYS F 575 74.57 -18.99 -9.42
N CYS F 576 75.31 -19.82 -10.17
CA CYS F 576 74.75 -20.77 -11.13
C CYS F 576 75.48 -22.10 -10.98
N ILE F 577 74.71 -23.15 -10.67
CA ILE F 577 75.26 -24.50 -10.47
C ILE F 577 75.04 -25.32 -11.74
N SER F 578 75.94 -26.25 -12.01
CA SER F 578 75.81 -27.19 -13.12
C SER F 578 74.52 -28.03 -13.03
N GLN F 579 74.01 -28.46 -14.19
CA GLN F 579 72.92 -29.43 -14.23
C GLN F 579 73.35 -30.84 -13.76
N HIS F 580 74.66 -31.10 -13.75
CA HIS F 580 75.24 -32.33 -13.18
C HIS F 580 75.83 -32.16 -11.76
N CYS F 581 75.72 -30.95 -11.21
CA CYS F 581 75.98 -30.63 -9.80
C CYS F 581 77.44 -30.74 -9.31
N ASP F 582 78.39 -30.83 -10.25
CA ASP F 582 79.82 -31.02 -9.91
C ASP F 582 80.63 -29.71 -9.89
N PHE F 583 80.26 -28.75 -10.74
CA PHE F 583 80.82 -27.38 -10.71
C PHE F 583 79.71 -26.35 -10.49
N PHE F 584 80.10 -25.18 -9.98
CA PHE F 584 79.20 -24.00 -9.92
C PHE F 584 79.97 -22.70 -10.12
N ILE F 585 79.31 -21.73 -10.77
CA ILE F 585 79.89 -20.42 -11.11
C ILE F 585 79.19 -19.34 -10.28
N SER F 586 79.96 -18.34 -9.86
CA SER F 586 79.52 -17.35 -8.87
C SER F 586 79.95 -15.93 -9.23
N LYS F 587 79.04 -15.17 -9.84
CA LYS F 587 79.23 -13.74 -10.07
C LYS F 587 79.15 -13.02 -8.72
N TYR F 588 80.26 -12.40 -8.31
CA TYR F 588 80.37 -11.87 -6.93
C TYR F 588 81.14 -10.55 -6.82
N SER F 589 80.78 -9.77 -5.80
CA SER F 589 81.47 -8.50 -5.47
C SER F 589 81.28 -8.13 -3.99
N ASN F 590 81.84 -6.98 -3.60
CA ASN F 590 81.58 -6.37 -2.30
C ASN F 590 81.75 -4.85 -2.36
N GLN F 591 81.65 -4.17 -1.22
CA GLN F 591 81.65 -2.70 -1.17
C GLN F 591 82.99 -2.06 -1.54
N LYS F 592 84.09 -2.69 -1.14
CA LYS F 592 85.45 -2.18 -1.40
C LYS F 592 85.99 -2.63 -2.77
N ASN F 593 85.93 -3.94 -3.04
CA ASN F 593 86.45 -4.52 -4.29
C ASN F 593 85.34 -4.68 -5.35
N PRO F 594 85.63 -4.40 -6.64
CA PRO F 594 84.60 -4.56 -7.69
C PRO F 594 84.18 -6.00 -8.01
N HIS F 595 83.29 -6.15 -8.99
CA HIS F 595 82.69 -7.44 -9.29
C HIS F 595 83.65 -8.35 -10.09
N CYS F 596 83.53 -9.65 -9.83
CA CYS F 596 84.28 -10.69 -10.52
C CYS F 596 83.34 -11.83 -10.88
N VAL F 597 83.89 -12.85 -11.52
CA VAL F 597 83.24 -14.15 -11.69
C VAL F 597 84.30 -15.21 -11.42
N SER F 598 83.90 -16.32 -10.81
CA SER F 598 84.81 -17.42 -10.48
C SER F 598 84.13 -18.78 -10.68
N LEU F 599 84.89 -19.74 -11.21
CA LEU F 599 84.42 -21.13 -11.34
C LEU F 599 84.90 -21.92 -10.11
N TYR F 600 83.99 -22.73 -9.55
CA TYR F 600 84.26 -23.54 -8.35
C TYR F 600 83.89 -25.00 -8.59
N LYS F 601 84.74 -25.91 -8.08
CA LYS F 601 84.50 -27.36 -8.16
C LYS F 601 83.93 -27.87 -6.83
N LEU F 602 82.83 -28.61 -6.90
CA LEU F 602 82.25 -29.28 -5.74
C LEU F 602 82.79 -30.70 -5.62
N SER F 603 83.26 -31.03 -4.42
CA SER F 603 83.70 -32.39 -4.09
C SER F 603 82.70 -33.02 -3.12
N SER F 604 82.83 -34.33 -2.94
CA SER F 604 81.94 -35.11 -2.06
C SER F 604 82.56 -36.47 -1.74
N PRO F 605 82.77 -36.77 -0.43
CA PRO F 605 83.25 -38.11 -0.04
C PRO F 605 82.37 -39.27 -0.53
N GLU F 606 83.00 -40.37 -0.93
CA GLU F 606 82.27 -41.53 -1.49
C GLU F 606 81.48 -42.33 -0.45
N ASP F 607 81.89 -42.23 0.81
CA ASP F 607 81.13 -42.79 1.94
C ASP F 607 79.77 -42.13 2.16
N ASP F 608 79.71 -40.80 1.97
CA ASP F 608 78.54 -39.98 2.31
C ASP F 608 78.20 -38.97 1.18
N PRO F 609 77.14 -39.24 0.40
CA PRO F 609 76.64 -38.28 -0.60
C PRO F 609 76.26 -36.88 -0.06
N THR F 610 75.66 -36.85 1.13
CA THR F 610 75.15 -35.60 1.74
C THR F 610 76.18 -34.47 1.82
N CYS F 611 77.41 -34.80 2.19
CA CYS F 611 78.45 -33.79 2.40
C CYS F 611 79.00 -33.24 1.09
N LYS F 612 79.21 -31.92 1.06
CA LYS F 612 79.74 -31.21 -0.12
C LYS F 612 80.74 -30.13 0.32
N THR F 613 81.90 -30.09 -0.34
CA THR F 613 82.91 -29.03 -0.14
C THR F 613 83.31 -28.41 -1.47
N LYS F 614 83.62 -27.12 -1.47
CA LYS F 614 84.00 -26.39 -2.69
C LYS F 614 85.52 -26.39 -2.91
N GLU F 615 85.94 -25.78 -4.02
CA GLU F 615 87.36 -25.61 -4.34
C GLU F 615 87.53 -24.50 -5.39
N PHE F 616 88.40 -23.53 -5.12
CA PHE F 616 88.71 -22.46 -6.10
C PHE F 616 89.35 -23.07 -7.35
N TRP F 617 88.55 -23.19 -8.42
CA TRP F 617 88.97 -23.88 -9.64
C TRP F 617 89.55 -22.93 -10.70
N ALA F 618 88.91 -21.78 -10.90
CA ALA F 618 89.30 -20.86 -11.97
C ALA F 618 88.71 -19.44 -11.80
N THR F 619 88.99 -18.58 -12.79
CA THR F 619 88.43 -17.23 -12.90
C THR F 619 87.89 -17.02 -14.32
N ILE F 620 86.65 -16.53 -14.42
CA ILE F 620 86.01 -16.17 -15.71
C ILE F 620 86.17 -14.67 -16.02
N LEU F 621 86.16 -13.84 -14.99
CA LEU F 621 86.46 -12.40 -15.14
C LEU F 621 87.23 -11.91 -13.92
N ASP F 622 88.39 -11.32 -14.18
CA ASP F 622 89.20 -10.69 -13.12
C ASP F 622 88.57 -9.34 -12.73
N SER F 623 88.95 -8.84 -11.56
CA SER F 623 88.37 -7.63 -10.99
C SER F 623 88.86 -6.36 -11.68
N ALA F 624 88.17 -5.25 -11.43
CA ALA F 624 88.62 -3.91 -11.86
C ALA F 624 89.52 -3.22 -10.83
N GLY F 625 89.82 -3.90 -9.72
CA GLY F 625 90.73 -3.40 -8.68
C GLY F 625 90.12 -2.29 -7.83
N PRO F 626 90.81 -1.88 -6.74
CA PRO F 626 90.42 -0.66 -6.03
C PRO F 626 90.35 0.52 -7.01
N LEU F 627 89.16 0.74 -7.55
CA LEU F 627 88.97 1.53 -8.78
C LEU F 627 89.36 2.99 -8.54
N PRO F 628 90.10 3.62 -9.49
CA PRO F 628 90.63 4.96 -9.26
C PRO F 628 89.57 6.03 -8.99
N ASP F 629 89.88 6.93 -8.06
CA ASP F 629 88.99 8.05 -7.64
C ASP F 629 87.68 7.63 -6.95
N TYR F 630 87.58 6.36 -6.54
CA TYR F 630 86.35 5.81 -5.93
C TYR F 630 86.60 5.41 -4.47
N THR F 631 86.09 6.22 -3.55
CA THR F 631 86.01 5.89 -2.12
C THR F 631 84.56 5.48 -1.81
N PRO F 632 84.31 4.17 -1.55
CA PRO F 632 82.95 3.68 -1.26
C PRO F 632 82.39 4.13 0.12
N PRO F 633 81.17 3.70 0.47
CA PRO F 633 80.59 3.94 1.79
C PRO F 633 80.82 2.75 2.74
N GLU F 634 81.05 3.04 4.02
CA GLU F 634 81.12 1.96 5.03
C GLU F 634 79.70 1.63 5.49
N ILE F 635 79.32 0.35 5.35
CA ILE F 635 77.97 -0.12 5.69
C ILE F 635 77.76 -0.05 7.19
N PHE F 636 76.68 0.62 7.60
CA PHE F 636 76.29 0.71 9.00
C PHE F 636 74.93 0.05 9.23
N SER F 637 74.70 -0.37 10.46
CA SER F 637 73.38 -0.82 10.92
C SER F 637 73.05 -0.16 12.26
N PHE F 638 71.76 -0.11 12.57
CA PHE F 638 71.29 0.41 13.85
C PHE F 638 70.02 -0.33 14.28
N GLU F 639 69.87 -0.53 15.58
CA GLU F 639 68.70 -1.20 16.13
C GLU F 639 67.56 -0.18 16.22
N SER F 640 66.51 -0.41 15.44
CA SER F 640 65.42 0.56 15.30
C SER F 640 64.48 0.54 16.50
N THR F 641 63.76 1.65 16.68
CA THR F 641 62.70 1.76 17.69
C THR F 641 61.45 0.93 17.36
N THR F 642 61.43 0.34 16.16
CA THR F 642 60.40 -0.60 15.73
C THR F 642 60.84 -2.08 15.82
N GLY F 643 61.97 -2.34 16.49
CA GLY F 643 62.45 -3.70 16.73
C GLY F 643 62.96 -4.43 15.50
N PHE F 644 63.71 -3.72 14.67
CA PHE F 644 64.36 -4.29 13.48
C PHE F 644 65.78 -3.72 13.33
N THR F 645 66.68 -4.54 12.81
CA THR F 645 68.05 -4.12 12.49
C THR F 645 68.08 -3.46 11.10
N LEU F 646 67.80 -2.15 11.05
CA LEU F 646 67.75 -1.41 9.78
C LEU F 646 69.15 -1.06 9.26
N TYR F 647 69.50 -1.60 8.09
CA TYR F 647 70.81 -1.39 7.49
C TYR F 647 70.90 -0.09 6.68
N GLY F 648 72.13 0.34 6.42
CA GLY F 648 72.39 1.60 5.69
C GLY F 648 73.81 1.74 5.16
N MET F 649 73.95 2.51 4.08
CA MET F 649 75.25 2.89 3.50
C MET F 649 75.55 4.36 3.83
N LEU F 650 76.79 4.64 4.21
CA LEU F 650 77.25 6.00 4.53
C LEU F 650 78.51 6.38 3.74
N TYR F 651 78.33 7.19 2.70
CA TYR F 651 79.44 7.84 2.01
C TYR F 651 79.86 9.06 2.82
N LYS F 652 81.15 9.13 3.18
CA LYS F 652 81.71 10.30 3.86
C LYS F 652 82.36 11.24 2.83
N PRO F 653 82.42 12.56 3.12
CA PRO F 653 83.13 13.51 2.25
C PRO F 653 84.60 13.14 2.01
N HIS F 654 85.03 13.13 0.75
CA HIS F 654 86.43 12.90 0.39
C HIS F 654 87.28 14.03 0.93
N ASP F 655 88.38 13.69 1.61
CA ASP F 655 89.27 14.65 2.29
C ASP F 655 88.50 15.38 3.40
N LEU F 656 88.36 14.70 4.54
CA LEU F 656 87.43 15.14 5.60
C LEU F 656 88.06 16.23 6.49
N GLN F 657 87.25 17.26 6.78
CA GLN F 657 87.64 18.39 7.64
C GLN F 657 86.89 18.37 8.97
N PRO F 658 87.56 17.98 10.08
CA PRO F 658 86.93 18.11 11.41
C PRO F 658 86.72 19.56 11.81
N GLY F 659 85.57 19.83 12.43
CA GLY F 659 85.13 21.20 12.76
C GLY F 659 84.13 21.72 11.75
N LYS F 660 84.44 21.56 10.47
CA LYS F 660 83.57 21.99 9.38
C LYS F 660 82.53 20.92 8.99
N LYS F 661 81.30 21.12 9.43
CA LYS F 661 80.17 20.22 9.10
C LYS F 661 79.73 20.36 7.64
N TYR F 662 79.44 19.22 7.00
CA TYR F 662 79.13 19.15 5.57
C TYR F 662 77.61 19.12 5.29
N PRO F 663 77.20 19.48 4.05
CA PRO F 663 75.81 19.29 3.61
C PRO F 663 75.50 17.82 3.31
N THR F 664 74.23 17.45 3.48
CA THR F 664 73.81 16.06 3.46
C THR F 664 72.75 15.79 2.38
N VAL F 665 72.98 14.73 1.61
CA VAL F 665 72.06 14.27 0.57
C VAL F 665 71.66 12.83 0.88
N LEU F 666 70.40 12.50 0.57
CA LEU F 666 69.83 11.20 0.91
C LEU F 666 69.17 10.56 -0.32
N PHE F 667 69.88 9.61 -0.93
CA PHE F 667 69.28 8.76 -1.98
C PHE F 667 68.29 7.80 -1.33
N ILE F 668 67.24 7.42 -2.07
CA ILE F 668 66.20 6.54 -1.54
C ILE F 668 65.39 5.85 -2.64
N TYR F 669 64.95 4.63 -2.35
CA TYR F 669 63.86 3.98 -3.09
C TYR F 669 62.81 3.54 -2.07
N GLY F 670 63.18 2.65 -1.17
CA GLY F 670 62.32 2.22 -0.05
C GLY F 670 60.92 1.76 -0.43
N GLY F 671 60.82 1.02 -1.52
CA GLY F 671 59.57 0.41 -1.97
C GLY F 671 59.76 -1.10 -1.93
N PRO F 672 58.68 -1.86 -2.18
CA PRO F 672 58.76 -3.32 -2.16
C PRO F 672 59.58 -3.90 -3.31
N GLN F 673 59.99 -5.16 -3.14
CA GLN F 673 60.74 -5.94 -4.14
C GLN F 673 62.20 -5.50 -4.36
N VAL F 674 62.71 -4.58 -3.53
CA VAL F 674 64.03 -3.95 -3.77
C VAL F 674 64.77 -3.64 -2.46
N GLN F 675 66.01 -4.13 -2.38
CA GLN F 675 66.97 -3.69 -1.35
C GLN F 675 68.15 -2.97 -2.00
N LEU F 676 68.39 -1.73 -1.55
CA LEU F 676 69.55 -0.95 -1.98
C LEU F 676 70.80 -1.35 -1.19
N VAL F 677 70.69 -1.28 0.13
CA VAL F 677 71.80 -1.55 1.04
C VAL F 677 72.09 -3.03 1.13
N ASN F 678 73.17 -3.45 0.49
CA ASN F 678 73.77 -4.75 0.69
C ASN F 678 75.27 -4.65 0.43
N ASN F 679 76.02 -5.70 0.77
CA ASN F 679 77.48 -5.71 0.66
C ASN F 679 77.86 -6.13 -0.77
N ARG F 680 77.69 -5.16 -1.68
CA ARG F 680 77.96 -5.34 -3.11
C ARG F 680 78.58 -4.04 -3.63
N PHE F 681 79.29 -4.14 -4.75
CA PHE F 681 79.93 -2.98 -5.37
C PHE F 681 78.90 -1.98 -5.91
N LYS F 682 78.77 -0.86 -5.20
CA LYS F 682 77.91 0.27 -5.63
C LYS F 682 78.72 1.39 -6.29
N GLY F 683 79.69 0.99 -7.12
CA GLY F 683 80.34 1.88 -8.08
C GLY F 683 79.84 1.69 -9.51
N VAL F 684 79.17 0.56 -9.79
CA VAL F 684 78.67 0.27 -11.14
C VAL F 684 77.45 1.16 -11.42
N LYS F 685 76.33 0.82 -10.79
CA LYS F 685 75.05 1.50 -11.03
C LYS F 685 74.93 2.80 -10.24
N TYR F 686 75.55 2.86 -9.07
CA TYR F 686 75.48 4.02 -8.18
C TYR F 686 76.82 4.79 -8.15
N PHE F 687 77.39 4.97 -9.34
CA PHE F 687 78.67 5.68 -9.54
C PHE F 687 78.57 7.16 -9.14
N ARG F 688 77.40 7.76 -9.36
CA ARG F 688 77.22 9.18 -9.03
C ARG F 688 77.20 9.51 -7.55
N LEU F 689 76.79 8.54 -6.74
CA LEU F 689 76.80 8.72 -5.28
C LEU F 689 78.22 9.02 -4.80
N ASN F 690 79.19 8.29 -5.37
CA ASN F 690 80.62 8.54 -5.16
C ASN F 690 81.05 9.93 -5.65
N THR F 691 80.53 10.34 -6.81
CA THR F 691 80.77 11.69 -7.36
C THR F 691 80.31 12.80 -6.41
N LEU F 692 79.16 12.61 -5.78
CA LEU F 692 78.66 13.54 -4.74
C LEU F 692 79.54 13.56 -3.51
N ALA F 693 80.02 12.38 -3.10
CA ALA F 693 80.98 12.24 -1.98
C ALA F 693 82.29 12.99 -2.21
N SER F 694 82.70 13.12 -3.47
CA SER F 694 83.88 13.92 -3.85
C SER F 694 83.57 15.38 -4.22
N LEU F 695 82.44 15.91 -3.75
CA LEU F 695 82.15 17.34 -3.81
C LEU F 695 81.83 17.94 -2.42
N GLY F 696 81.89 17.12 -1.36
CA GLY F 696 81.50 17.54 -0.02
C GLY F 696 80.04 17.30 0.37
N TYR F 697 79.34 16.44 -0.36
CA TYR F 697 77.99 16.01 0.03
C TYR F 697 78.06 14.69 0.78
N VAL F 698 77.41 14.63 1.94
CA VAL F 698 77.30 13.38 2.70
C VAL F 698 76.16 12.57 2.08
N VAL F 699 76.51 11.50 1.38
CA VAL F 699 75.52 10.63 0.73
C VAL F 699 75.16 9.48 1.68
N VAL F 700 73.87 9.43 2.04
CA VAL F 700 73.32 8.42 2.93
C VAL F 700 72.25 7.63 2.16
N VAL F 701 72.14 6.34 2.46
CA VAL F 701 71.13 5.46 1.85
C VAL F 701 70.64 4.50 2.92
N ILE F 702 69.31 4.34 3.02
CA ILE F 702 68.68 3.48 4.03
C ILE F 702 67.58 2.62 3.40
N ASP F 703 67.47 1.39 3.89
CA ASP F 703 66.38 0.47 3.56
C ASP F 703 65.38 0.41 4.70
N ASN F 704 64.36 1.26 4.59
CA ASN F 704 63.24 1.26 5.54
C ASN F 704 62.37 0.00 5.41
N ARG F 705 61.47 -0.16 6.39
CA ARG F 705 60.49 -1.25 6.38
C ARG F 705 59.73 -1.26 5.06
N GLY F 706 59.67 -2.43 4.43
CA GLY F 706 59.12 -2.57 3.08
C GLY F 706 60.09 -3.23 2.09
N SER F 707 61.38 -3.05 2.31
CA SER F 707 62.40 -3.61 1.42
C SER F 707 62.48 -5.14 1.50
N CYS F 708 62.87 -5.76 0.39
CA CYS F 708 62.91 -7.21 0.25
C CYS F 708 64.11 -7.84 0.97
N HIS F 709 64.25 -9.16 0.85
CA HIS F 709 65.36 -9.96 1.43
C HIS F 709 65.36 -10.06 2.96
N ARG F 710 64.24 -9.71 3.60
CA ARG F 710 64.13 -9.73 5.06
C ARG F 710 62.78 -10.24 5.56
N GLY F 711 62.19 -11.16 4.79
CA GLY F 711 60.95 -11.83 5.19
C GLY F 711 59.68 -11.04 4.94
N LEU F 712 58.55 -11.73 5.06
CA LEU F 712 57.24 -11.16 4.76
C LEU F 712 56.74 -10.17 5.81
N LYS F 713 57.14 -10.36 7.07
CA LYS F 713 56.64 -9.54 8.19
C LYS F 713 57.27 -8.14 8.19
N PHE F 714 58.56 -8.08 7.84
CA PHE F 714 59.29 -6.82 7.67
C PHE F 714 58.80 -6.04 6.45
N GLU F 715 58.68 -6.75 5.32
CA GLU F 715 58.13 -6.19 4.08
C GLU F 715 56.70 -5.69 4.29
N GLY F 716 55.90 -6.53 4.94
CA GLY F 716 54.47 -6.27 5.17
C GLY F 716 54.06 -5.10 6.05
N ALA F 717 55.03 -4.44 6.69
CA ALA F 717 54.79 -3.28 7.55
C ALA F 717 53.85 -2.23 6.96
N PHE F 718 54.12 -1.83 5.72
CA PHE F 718 53.34 -0.75 5.06
C PHE F 718 52.04 -1.15 4.35
N LYS F 719 51.59 -2.40 4.48
CA LYS F 719 50.36 -2.82 3.80
C LYS F 719 49.21 -1.88 4.14
N TYR F 720 48.51 -1.40 3.11
CA TYR F 720 47.46 -0.38 3.23
C TYR F 720 47.96 1.01 3.67
N LYS F 721 49.27 1.17 3.86
CA LYS F 721 49.87 2.35 4.50
C LYS F 721 51.10 2.89 3.75
N MET F 722 51.14 2.68 2.44
CA MET F 722 52.27 3.19 1.64
C MET F 722 52.30 4.70 1.75
N GLY F 723 53.51 5.23 1.94
CA GLY F 723 53.73 6.64 2.23
C GLY F 723 53.89 6.97 3.71
N GLN F 724 53.05 6.39 4.56
CA GLN F 724 52.91 6.83 5.95
C GLN F 724 54.11 6.54 6.86
N ILE F 725 54.75 5.38 6.68
CA ILE F 725 55.81 4.92 7.61
C ILE F 725 57.26 5.19 7.15
N GLU F 726 57.48 5.22 5.84
CA GLU F 726 58.83 5.07 5.26
C GLU F 726 59.84 6.15 5.66
N ILE F 727 59.39 7.40 5.67
CA ILE F 727 60.24 8.53 6.02
C ILE F 727 60.64 8.53 7.50
N ASP F 728 59.74 8.09 8.37
CA ASP F 728 60.04 7.97 9.80
C ASP F 728 61.22 7.02 10.07
N ASP F 729 61.31 5.94 9.31
CA ASP F 729 62.46 5.02 9.36
C ASP F 729 63.75 5.68 8.86
N GLN F 730 63.63 6.47 7.80
CA GLN F 730 64.77 7.20 7.22
C GLN F 730 65.26 8.31 8.15
N VAL F 731 64.33 9.10 8.69
CA VAL F 731 64.64 10.16 9.66
C VAL F 731 65.32 9.60 10.91
N GLU F 732 64.86 8.43 11.36
CA GLU F 732 65.45 7.74 12.52
C GLU F 732 66.88 7.30 12.22
N GLY F 733 67.06 6.58 11.12
CA GLY F 733 68.39 6.14 10.66
C GLY F 733 69.34 7.26 10.30
N LEU F 734 68.80 8.43 9.94
CA LEU F 734 69.61 9.63 9.74
C LEU F 734 70.10 10.20 11.07
N GLN F 735 69.23 10.21 12.08
CA GLN F 735 69.57 10.71 13.41
C GLN F 735 70.51 9.81 14.21
N TYR F 736 70.63 8.54 13.81
CA TYR F 736 71.71 7.66 14.30
C TYR F 736 73.06 8.12 13.76
N LEU F 737 73.10 8.48 12.48
CA LEU F 737 74.31 9.05 11.86
C LEU F 737 74.61 10.47 12.34
N ALA F 738 73.58 11.22 12.72
CA ALA F 738 73.73 12.58 13.25
C ALA F 738 74.42 12.62 14.61
N SER F 739 74.07 11.69 15.50
CA SER F 739 74.67 11.60 16.83
C SER F 739 76.12 11.10 16.76
N ARG F 740 76.31 9.95 16.11
CA ARG F 740 77.64 9.34 15.96
C ARG F 740 78.64 10.25 15.25
N TYR F 741 78.24 10.74 14.08
CA TYR F 741 79.09 11.57 13.22
C TYR F 741 78.48 12.97 13.08
N ASP F 742 78.94 13.89 13.92
CA ASP F 742 78.36 15.25 14.01
C ASP F 742 78.68 16.20 12.84
N PHE F 743 79.56 15.79 11.92
CA PHE F 743 79.82 16.56 10.69
C PHE F 743 78.63 16.59 9.71
N ILE F 744 77.68 15.66 9.86
CA ILE F 744 76.40 15.71 9.16
C ILE F 744 75.57 16.89 9.66
N ASP F 745 75.43 17.92 8.82
CA ASP F 745 74.63 19.11 9.14
C ASP F 745 73.16 18.83 8.86
N LEU F 746 72.32 18.90 9.90
CA LEU F 746 70.87 18.70 9.77
C LEU F 746 70.07 20.00 9.54
N ASP F 747 70.76 21.08 9.18
CA ASP F 747 70.13 22.28 8.59
C ASP F 747 70.26 22.29 7.06
N ARG F 748 70.91 21.28 6.48
CA ARG F 748 71.06 21.14 5.04
C ARG F 748 70.91 19.67 4.63
N VAL F 749 69.66 19.21 4.66
CA VAL F 749 69.30 17.83 4.34
C VAL F 749 68.53 17.77 3.01
N GLY F 750 69.07 17.02 2.06
CA GLY F 750 68.43 16.82 0.75
C GLY F 750 67.99 15.37 0.56
N ILE F 751 66.97 15.18 -0.28
CA ILE F 751 66.45 13.83 -0.60
C ILE F 751 66.16 13.68 -2.10
N HIS F 752 66.50 12.50 -2.64
CA HIS F 752 66.34 12.21 -4.07
C HIS F 752 66.06 10.73 -4.32
N GLY F 753 65.23 10.46 -5.33
CA GLY F 753 64.98 9.09 -5.77
C GLY F 753 64.17 8.98 -7.05
N TRP F 754 64.13 7.78 -7.62
CA TRP F 754 63.38 7.49 -8.85
C TRP F 754 62.26 6.47 -8.62
N SER F 755 61.22 6.56 -9.45
CA SER F 755 59.98 5.79 -9.28
C SER F 755 59.39 6.02 -7.87
N TYR F 756 59.23 4.94 -7.09
CA TYR F 756 58.90 5.02 -5.65
C TYR F 756 59.82 5.98 -4.88
N GLY F 757 61.09 6.04 -5.29
CA GLY F 757 62.08 6.94 -4.69
C GLY F 757 61.70 8.41 -4.74
N GLY F 758 61.20 8.85 -5.90
CA GLY F 758 60.71 10.21 -6.07
C GLY F 758 59.43 10.46 -5.30
N TYR F 759 58.58 9.45 -5.27
CA TYR F 759 57.35 9.45 -4.45
C TYR F 759 57.66 9.74 -2.98
N LEU F 760 58.56 8.97 -2.40
CA LEU F 760 58.99 9.19 -1.00
C LEU F 760 59.74 10.53 -0.81
N SER F 761 60.50 10.94 -1.82
CA SER F 761 61.18 12.24 -1.78
C SER F 761 60.18 13.40 -1.64
N LEU F 762 59.03 13.27 -2.29
CA LEU F 762 57.93 14.24 -2.14
C LEU F 762 57.27 14.11 -0.77
N MET F 763 57.03 12.87 -0.35
CA MET F 763 56.49 12.59 0.99
C MET F 763 57.40 13.13 2.10
N ALA F 764 58.71 13.09 1.89
CA ALA F 764 59.67 13.63 2.84
C ALA F 764 59.49 15.14 3.04
N LEU F 765 59.50 15.90 1.94
CA LEU F 765 59.28 17.35 1.99
C LEU F 765 57.87 17.73 2.44
N MET F 766 56.89 16.89 2.10
CA MET F 766 55.50 17.12 2.46
C MET F 766 55.26 16.89 3.96
N GLN F 767 55.70 15.74 4.45
CA GLN F 767 55.58 15.38 5.87
C GLN F 767 56.53 16.18 6.74
N ARG F 768 57.82 16.02 6.48
CA ARG F 768 58.89 16.57 7.32
C ARG F 768 59.57 17.78 6.64
N SER F 769 58.81 18.88 6.54
CA SER F 769 59.34 20.18 6.09
C SER F 769 60.48 20.68 6.98
N ASP F 770 60.34 20.41 8.28
CA ASP F 770 61.35 20.75 9.29
C ASP F 770 62.70 20.03 9.11
N ILE F 771 62.69 18.73 8.83
CA ILE F 771 63.93 17.97 8.61
C ILE F 771 64.51 18.31 7.25
N PHE F 772 63.70 18.09 6.21
CA PHE F 772 64.18 18.12 4.82
C PHE F 772 64.07 19.48 4.14
N ARG F 773 65.18 19.93 3.55
CA ARG F 773 65.24 21.21 2.84
C ARG F 773 64.72 21.06 1.43
N VAL F 774 65.44 20.30 0.61
CA VAL F 774 65.12 20.13 -0.82
C VAL F 774 64.76 18.69 -1.14
N ALA F 775 63.86 18.53 -2.11
CA ALA F 775 63.41 17.21 -2.57
C ALA F 775 63.44 17.18 -4.10
N ILE F 776 64.02 16.12 -4.64
CA ILE F 776 64.14 15.92 -6.10
C ILE F 776 63.45 14.61 -6.46
N ALA F 777 62.28 14.72 -7.08
CA ALA F 777 61.43 13.56 -7.35
C ALA F 777 61.55 13.07 -8.79
N GLY F 778 62.18 11.90 -8.95
CA GLY F 778 62.27 11.22 -10.24
C GLY F 778 61.07 10.30 -10.45
N ALA F 779 60.39 10.47 -11.58
CA ALA F 779 59.16 9.73 -11.91
C ALA F 779 58.26 9.42 -10.70
N PRO F 780 57.80 10.46 -9.97
CA PRO F 780 57.05 10.23 -8.74
C PRO F 780 55.66 9.63 -8.96
N VAL F 781 55.34 8.57 -8.22
CA VAL F 781 53.98 8.07 -8.10
C VAL F 781 53.27 9.03 -7.15
N THR F 782 52.59 10.01 -7.72
CA THR F 782 51.90 11.04 -6.94
C THR F 782 50.45 10.71 -6.55
N LEU F 783 49.90 9.59 -7.04
CA LEU F 783 48.47 9.33 -6.93
C LEU F 783 48.10 7.87 -7.25
N TRP F 784 47.99 7.05 -6.21
CA TRP F 784 47.90 5.58 -6.35
C TRP F 784 46.71 5.02 -7.15
N ILE F 785 45.66 5.82 -7.33
CA ILE F 785 44.59 5.46 -8.26
C ILE F 785 45.03 5.42 -9.75
N PHE F 786 46.16 6.04 -10.09
CA PHE F 786 46.72 6.02 -11.46
C PHE F 786 47.63 4.83 -11.77
N TYR F 787 48.11 4.13 -10.75
CA TYR F 787 49.03 3.00 -10.96
C TYR F 787 48.24 1.71 -11.20
N ASP F 788 48.91 0.71 -11.77
CA ASP F 788 48.25 -0.55 -12.18
C ASP F 788 47.73 -1.42 -11.03
N THR F 789 46.88 -2.39 -11.40
CA THR F 789 46.26 -3.31 -10.44
C THR F 789 47.28 -4.18 -9.72
N GLY F 790 48.02 -4.96 -10.51
CA GLY F 790 48.95 -5.98 -10.02
C GLY F 790 49.81 -5.56 -8.84
N TYR F 791 50.38 -4.35 -8.94
CA TYR F 791 51.23 -3.80 -7.89
C TYR F 791 50.39 -3.24 -6.76
N THR F 792 49.50 -2.30 -7.10
CA THR F 792 48.82 -1.46 -6.09
C THR F 792 47.81 -2.24 -5.25
N GLU F 793 47.03 -3.12 -5.88
CA GLU F 793 46.10 -3.99 -5.15
C GLU F 793 46.81 -4.97 -4.21
N ARG F 794 48.06 -5.32 -4.55
CA ARG F 794 48.88 -6.21 -3.72
C ARG F 794 49.26 -5.53 -2.40
N TYR F 795 49.74 -4.29 -2.49
CA TYR F 795 50.26 -3.56 -1.33
C TYR F 795 49.23 -2.62 -0.66
N MET F 796 48.19 -2.20 -1.38
CA MET F 796 47.16 -1.28 -0.86
C MET F 796 45.70 -1.77 -0.92
N GLY F 797 45.46 -2.95 -1.49
CA GLY F 797 44.10 -3.49 -1.65
C GLY F 797 43.30 -2.80 -2.73
N HIS F 798 42.03 -3.18 -2.84
CA HIS F 798 41.10 -2.52 -3.76
C HIS F 798 40.74 -1.14 -3.19
N PRO F 799 40.89 -0.06 -4.00
CA PRO F 799 40.67 1.35 -3.61
C PRO F 799 39.42 1.65 -2.77
N ASP F 800 38.31 0.99 -3.09
CA ASP F 800 37.04 1.16 -2.38
C ASP F 800 37.11 0.76 -0.90
N GLN F 801 37.85 -0.32 -0.60
CA GLN F 801 38.02 -0.81 0.79
C GLN F 801 39.24 -0.20 1.54
N ASN F 802 39.87 0.82 0.96
CA ASN F 802 41.00 1.51 1.60
C ASN F 802 41.13 2.95 1.11
N GLU F 803 40.03 3.69 1.14
CA GLU F 803 40.00 5.08 0.63
C GLU F 803 41.01 6.00 1.34
N GLN F 804 41.18 5.81 2.64
CA GLN F 804 42.12 6.62 3.44
C GLN F 804 43.58 6.31 3.13
N GLY F 805 43.91 5.02 3.06
CA GLY F 805 45.27 4.58 2.71
C GLY F 805 45.75 5.17 1.40
N TYR F 806 44.85 5.19 0.42
CA TYR F 806 45.10 5.82 -0.88
C TYR F 806 45.22 7.34 -0.74
N TYR F 807 44.28 7.96 -0.02
CA TYR F 807 44.33 9.41 0.24
C TYR F 807 45.65 9.82 0.88
N LEU F 808 45.98 9.20 2.01
CA LEU F 808 47.22 9.49 2.76
C LEU F 808 48.48 9.17 1.96
N GLY F 809 48.44 8.07 1.20
CA GLY F 809 49.56 7.66 0.35
C GLY F 809 49.71 8.39 -0.99
N SER F 810 48.80 9.31 -1.31
CA SER F 810 48.82 10.04 -2.58
C SER F 810 49.18 11.51 -2.35
N VAL F 811 50.42 11.87 -2.68
CA VAL F 811 50.91 13.26 -2.50
C VAL F 811 50.14 14.32 -3.30
N ALA F 812 49.54 13.93 -4.43
CA ALA F 812 48.73 14.83 -5.25
C ALA F 812 47.57 15.47 -4.48
N MET F 813 46.89 14.67 -3.67
CA MET F 813 45.82 15.16 -2.79
C MET F 813 46.33 16.19 -1.79
N GLN F 814 47.47 15.90 -1.17
CA GLN F 814 48.01 16.72 -0.09
C GLN F 814 48.99 17.79 -0.62
N ALA F 815 48.47 18.66 -1.49
CA ALA F 815 49.26 19.70 -2.15
C ALA F 815 49.52 20.90 -1.25
N GLU F 816 48.50 21.29 -0.49
CA GLU F 816 48.59 22.32 0.56
C GLU F 816 49.68 22.09 1.62
N LYS F 817 50.03 20.83 1.85
CA LYS F 817 51.05 20.44 2.84
C LYS F 817 52.50 20.67 2.38
N PHE F 818 52.69 20.97 1.09
CA PHE F 818 54.01 21.33 0.55
C PHE F 818 54.44 22.73 1.02
N PRO F 819 55.75 23.04 0.95
CA PRO F 819 56.26 24.37 1.34
C PRO F 819 55.70 25.54 0.55
N SER F 820 55.52 26.70 1.20
CA SER F 820 55.30 27.98 0.53
C SER F 820 56.64 28.72 0.34
N GLU F 821 57.66 27.95 -0.04
CA GLU F 821 59.03 28.43 -0.18
C GLU F 821 59.62 27.76 -1.41
N PRO F 822 60.06 28.56 -2.40
CA PRO F 822 60.64 27.97 -3.62
C PRO F 822 62.01 27.34 -3.36
N ASN F 823 62.61 26.80 -4.42
CA ASN F 823 63.94 26.15 -4.36
C ASN F 823 63.98 24.78 -3.65
N ARG F 824 62.84 24.30 -3.16
CA ARG F 824 62.77 23.10 -2.31
C ARG F 824 62.14 21.87 -2.99
N LEU F 825 61.57 22.05 -4.18
CA LEU F 825 60.84 20.99 -4.85
C LEU F 825 61.18 20.98 -6.35
N LEU F 826 62.06 20.05 -6.72
CA LEU F 826 62.31 19.76 -8.13
C LEU F 826 61.54 18.49 -8.51
N LEU F 827 60.98 18.51 -9.71
CA LEU F 827 60.28 17.36 -10.28
C LEU F 827 60.99 16.95 -11.57
N LEU F 828 61.38 15.69 -11.64
CA LEU F 828 62.01 15.12 -12.84
C LEU F 828 61.12 14.01 -13.35
N HIS F 829 60.84 14.01 -14.65
CA HIS F 829 59.93 13.02 -15.22
C HIS F 829 60.12 12.84 -16.73
N GLY F 830 60.12 11.59 -17.18
CA GLY F 830 60.18 11.25 -18.60
C GLY F 830 58.80 11.38 -19.23
N PHE F 831 58.69 12.23 -20.26
CA PHE F 831 57.39 12.58 -20.89
C PHE F 831 56.66 11.39 -21.55
N LEU F 832 57.41 10.37 -21.94
CA LEU F 832 56.88 9.17 -22.61
C LEU F 832 56.71 7.96 -21.67
N ASP F 833 56.52 8.21 -20.37
CA ASP F 833 56.53 7.15 -19.35
C ASP F 833 55.29 6.28 -19.47
N GLU F 834 55.50 4.99 -19.74
CA GLU F 834 54.40 4.01 -19.79
C GLU F 834 53.95 3.56 -18.39
N ASN F 835 54.92 3.41 -17.48
CA ASN F 835 54.68 2.83 -16.14
C ASN F 835 54.15 3.85 -15.15
N VAL F 836 54.99 4.80 -14.72
CA VAL F 836 54.57 5.90 -13.86
C VAL F 836 54.25 7.07 -14.79
N HIS F 837 53.01 7.12 -15.25
CA HIS F 837 52.54 8.09 -16.25
C HIS F 837 52.90 9.54 -15.90
N PHE F 838 53.13 10.36 -16.91
CA PHE F 838 53.38 11.80 -16.71
C PHE F 838 52.16 12.52 -16.09
N ALA F 839 50.99 11.91 -16.25
CA ALA F 839 49.76 12.35 -15.58
C ALA F 839 49.97 12.60 -14.08
N HIS F 840 50.70 11.71 -13.42
CA HIS F 840 51.11 11.89 -12.02
C HIS F 840 51.70 13.26 -11.77
N THR F 841 52.69 13.63 -12.58
CA THR F 841 53.36 14.92 -12.47
C THR F 841 52.39 16.06 -12.83
N SER F 842 51.70 15.95 -13.96
CA SER F 842 50.79 17.01 -14.41
C SER F 842 49.64 17.27 -13.42
N ILE F 843 49.04 16.19 -12.89
CA ILE F 843 47.94 16.31 -11.93
C ILE F 843 48.42 16.84 -10.56
N LEU F 844 49.63 16.44 -10.15
CA LEU F 844 50.28 17.01 -8.97
C LEU F 844 50.48 18.51 -9.14
N LEU F 845 51.08 18.89 -10.27
CA LEU F 845 51.31 20.29 -10.62
C LEU F 845 50.03 21.11 -10.63
N SER F 846 48.94 20.52 -11.13
CA SER F 846 47.63 21.19 -11.16
C SER F 846 47.18 21.64 -9.77
N PHE F 847 47.31 20.75 -8.80
CA PHE F 847 46.94 21.03 -7.40
C PHE F 847 47.97 21.94 -6.70
N LEU F 848 49.25 21.75 -7.01
CA LEU F 848 50.32 22.65 -6.55
C LEU F 848 50.06 24.10 -7.00
N VAL F 849 49.53 24.26 -8.22
CA VAL F 849 49.19 25.57 -8.77
C VAL F 849 48.05 26.23 -7.98
N ARG F 850 46.97 25.50 -7.73
CA ARG F 850 45.80 26.06 -7.04
C ARG F 850 45.99 26.19 -5.52
N ALA F 851 46.90 25.39 -4.96
CA ALA F 851 47.38 25.59 -3.57
C ALA F 851 48.28 26.84 -3.43
N GLY F 852 48.85 27.30 -4.54
CA GLY F 852 49.71 28.48 -4.56
C GLY F 852 51.12 28.13 -4.13
N LYS F 853 51.59 26.97 -4.59
CA LYS F 853 52.84 26.37 -4.10
C LYS F 853 53.86 26.29 -5.23
N PRO F 854 55.11 26.73 -4.97
CA PRO F 854 56.11 26.78 -6.03
C PRO F 854 56.71 25.41 -6.34
N TYR F 855 57.13 25.24 -7.58
CA TYR F 855 57.86 24.06 -8.02
C TYR F 855 58.91 24.48 -9.05
N ASP F 856 59.91 23.61 -9.18
CA ASP F 856 60.81 23.62 -10.33
C ASP F 856 60.57 22.30 -11.04
N LEU F 857 60.71 22.29 -12.36
CA LEU F 857 60.37 21.13 -13.16
C LEU F 857 61.27 21.02 -14.38
N GLN F 858 61.78 19.81 -14.61
CA GLN F 858 62.47 19.43 -15.85
C GLN F 858 61.71 18.26 -16.47
N ILE F 859 61.61 18.28 -17.79
CA ILE F 859 61.04 17.17 -18.56
C ILE F 859 62.11 16.64 -19.48
N TYR F 860 62.19 15.31 -19.58
CA TYR F 860 63.08 14.62 -20.51
C TYR F 860 62.17 14.00 -21.58
N PRO F 861 61.85 14.77 -22.66
CA PRO F 861 60.76 14.37 -23.56
C PRO F 861 61.00 13.14 -24.45
N GLN F 862 62.23 12.65 -24.50
CA GLN F 862 62.58 11.45 -25.28
C GLN F 862 62.75 10.18 -24.42
N GLU F 863 62.42 10.25 -23.13
CA GLU F 863 62.64 9.15 -22.19
C GLU F 863 61.34 8.52 -21.70
N ARG F 864 61.33 7.19 -21.63
CA ARG F 864 60.19 6.42 -21.13
C ARG F 864 60.23 6.39 -19.58
N HIS F 865 60.34 5.21 -18.95
CA HIS F 865 60.36 5.12 -17.49
C HIS F 865 61.70 5.57 -16.91
N SER F 866 62.77 4.90 -17.32
CA SER F 866 64.14 5.22 -16.91
C SER F 866 64.70 6.32 -17.83
N ILE F 867 66.03 6.41 -17.96
CA ILE F 867 66.68 7.27 -18.96
C ILE F 867 67.63 6.41 -19.79
N ARG F 868 67.23 6.14 -21.04
CA ARG F 868 67.96 5.22 -21.93
C ARG F 868 68.59 5.93 -23.14
N VAL F 869 69.05 7.17 -22.94
CA VAL F 869 69.76 7.96 -23.95
C VAL F 869 70.90 8.73 -23.26
N PRO F 870 72.14 8.66 -23.80
CA PRO F 870 73.29 9.39 -23.22
C PRO F 870 73.09 10.89 -22.97
N GLU F 871 72.53 11.60 -23.95
CA GLU F 871 72.37 13.06 -23.87
C GLU F 871 71.37 13.52 -22.78
N SER F 872 70.31 12.74 -22.59
CA SER F 872 69.33 12.99 -21.52
C SER F 872 69.95 12.74 -20.16
N GLY F 873 70.54 11.55 -20.00
CA GLY F 873 71.23 11.15 -18.77
C GLY F 873 72.29 12.15 -18.33
N GLU F 874 73.09 12.62 -19.29
CA GLU F 874 74.08 13.69 -19.04
C GLU F 874 73.43 14.94 -18.47
N HIS F 875 72.30 15.35 -19.07
CA HIS F 875 71.56 16.54 -18.62
C HIS F 875 70.92 16.36 -17.24
N TYR F 876 70.39 15.17 -16.98
CA TYR F 876 69.81 14.83 -15.65
C TYR F 876 70.85 15.01 -14.55
N GLU F 877 71.95 14.28 -14.67
CA GLU F 877 73.04 14.35 -13.69
C GLU F 877 73.53 15.80 -13.58
N LEU F 878 73.67 16.46 -14.74
CA LEU F 878 74.12 17.85 -14.79
C LEU F 878 73.19 18.80 -14.03
N HIS F 879 71.88 18.63 -14.20
CA HIS F 879 70.91 19.48 -13.47
C HIS F 879 70.79 19.06 -11.99
N LEU F 880 70.96 17.78 -11.71
CA LEU F 880 70.96 17.25 -10.33
C LEU F 880 72.04 17.93 -9.47
N LEU F 881 73.29 17.87 -9.94
CA LEU F 881 74.43 18.42 -9.21
C LEU F 881 74.40 19.94 -9.09
N HIS F 882 73.93 20.62 -10.14
CA HIS F 882 73.77 22.08 -10.13
C HIS F 882 72.61 22.52 -9.23
N TYR F 883 71.50 21.78 -9.25
CA TYR F 883 70.33 22.10 -8.42
C TYR F 883 70.66 21.96 -6.94
N LEU F 884 71.42 20.93 -6.59
CA LEU F 884 71.94 20.74 -5.24
C LEU F 884 72.89 21.87 -4.85
N GLN F 885 73.86 22.15 -5.73
CA GLN F 885 74.82 23.25 -5.54
C GLN F 885 74.12 24.58 -5.26
N GLU F 886 73.17 24.95 -6.12
CA GLU F 886 72.47 26.22 -6.00
C GLU F 886 71.44 26.31 -4.86
N ASN F 887 70.97 25.17 -4.35
CA ASN F 887 69.91 25.16 -3.30
C ASN F 887 70.21 24.34 -2.04
N LEU F 888 71.44 23.83 -1.89
CA LEU F 888 71.83 23.04 -0.71
C LEU F 888 73.28 23.31 -0.27
N GLY F 889 74.23 22.99 -1.14
CA GLY F 889 75.66 23.05 -0.81
C GLY F 889 76.24 24.41 -0.49
N SER F 890 76.55 25.18 -1.52
CA SER F 890 77.35 26.41 -1.41
C SER F 890 76.65 27.57 -0.69
N ARG F 891 77.42 28.59 -0.34
CA ARG F 891 76.94 29.74 0.45
C ARG F 891 75.86 30.58 -0.24
N ILE F 892 75.83 30.57 -1.57
CA ILE F 892 74.75 31.24 -2.33
C ILE F 892 73.38 30.62 -1.97
N ALA F 893 73.36 29.31 -1.74
CA ALA F 893 72.17 28.60 -1.28
C ALA F 893 71.81 28.98 0.16
N ALA F 894 72.82 29.08 1.01
CA ALA F 894 72.66 29.59 2.37
C ALA F 894 72.17 31.05 2.40
N LEU F 895 72.59 31.84 1.41
CA LEU F 895 72.11 33.22 1.23
C LEU F 895 70.63 33.34 0.84
N LYS F 896 70.11 32.37 0.09
CA LYS F 896 68.73 32.39 -0.39
C LYS F 896 67.64 32.36 0.70
N VAL F 897 67.98 31.83 1.89
CA VAL F 897 67.02 31.72 3.00
C VAL F 897 66.76 33.08 3.62
#